data_7QYS
#
_entry.id   7QYS
#
_cell.length_a   95.905
_cell.length_b   96.091
_cell.length_c   156.992
_cell.angle_alpha   88.940
_cell.angle_beta   84.370
_cell.angle_gamma   89.970
#
_symmetry.space_group_name_H-M   'P 1'
#
loop_
_entity.id
_entity.type
_entity.pdbx_description
1 polymer 'Probable alpha-L-glutamate ligase'
2 non-polymer "ADENOSINE-5'-DIPHOSPHATE"
#
_entity_poly.entity_id   1
_entity_poly.type   'polypeptide(L)'
_entity_poly.pdbx_seq_one_letter_code
;MKIAVLSRNPRLYSTRRLVEAGIERGHEMVVIDTLRAYMNIASHKPQIHYRGKPLEGFDAVIPRIGASVTFYGCAVLRQF
EMMGVFPLNESVAIARSRDKLRSLQLLSRRGIGLPVTGFAHSPDDIPDLIQMVNGAPLVIKVLEGTQGIGVVLCETATAA
ESVIEAFMGLKQDIMVQEYIKEAGGADIRCFVVGDKVIASMKRQAKPGEFRSNLHRGGSASLIKITPEERMTALRAAKVM
GLSVAGVDILRSNHGPLVMEVNSSPGLEGIEVTTSKDVAGMIIEYLEKNSGPHMTRTKGKGLEHHHHHH
;
_entity_poly.pdbx_strand_id   A,B,C,D,E,F,G,H,I,J,K,L,M,N,O,P
#
# COMPACT_ATOMS: atom_id res chain seq x y z
N MET A 1 -25.65 15.59 -3.51
CA MET A 1 -26.08 14.99 -2.21
C MET A 1 -27.00 15.95 -1.46
N LYS A 2 -27.95 15.40 -0.69
CA LYS A 2 -28.72 16.15 0.33
C LYS A 2 -28.08 15.85 1.69
N ILE A 3 -27.59 16.88 2.39
CA ILE A 3 -26.79 16.74 3.64
C ILE A 3 -27.50 17.51 4.76
N ALA A 4 -27.75 16.83 5.88
CA ALA A 4 -28.26 17.44 7.13
C ALA A 4 -27.06 17.91 7.96
N VAL A 5 -27.17 19.09 8.58
CA VAL A 5 -26.16 19.63 9.52
C VAL A 5 -26.85 19.83 10.87
N LEU A 6 -26.58 18.94 11.84
CA LEU A 6 -27.17 18.97 13.19
C LEU A 6 -26.44 20.04 14.02
N SER A 7 -27.01 21.24 14.12
CA SER A 7 -26.42 22.41 14.82
C SER A 7 -27.51 23.18 15.56
N ARG A 8 -27.24 23.55 16.82
CA ARG A 8 -28.15 24.36 17.68
C ARG A 8 -28.24 25.79 17.12
N ASN A 9 -27.17 26.29 16.50
CA ASN A 9 -27.09 27.68 15.98
C ASN A 9 -26.52 27.67 14.56
N PRO A 10 -27.35 27.98 13.53
CA PRO A 10 -26.89 28.04 12.14
C PRO A 10 -26.09 29.29 11.78
N ARG A 11 -26.00 30.26 12.69
CA ARG A 11 -25.33 31.57 12.48
C ARG A 11 -23.90 31.53 13.05
N LEU A 12 -23.47 30.40 13.62
CA LEU A 12 -22.09 30.18 14.14
C LEU A 12 -21.15 29.85 12.97
N TYR A 13 -19.92 30.35 13.03
CA TYR A 13 -18.91 30.30 11.95
C TYR A 13 -18.87 28.89 11.32
N SER A 14 -18.66 27.87 12.14
CA SER A 14 -18.37 26.48 11.72
C SER A 14 -19.55 25.89 10.92
N THR A 15 -20.78 26.20 11.32
CA THR A 15 -22.02 25.71 10.65
C THR A 15 -22.21 26.46 9.32
N ARG A 16 -22.10 27.80 9.34
CA ARG A 16 -22.17 28.66 8.13
C ARG A 16 -21.20 28.11 7.08
N ARG A 17 -19.94 27.87 7.48
CA ARG A 17 -18.86 27.43 6.57
C ARG A 17 -19.19 26.07 5.96
N LEU A 18 -19.81 25.18 6.74
CA LEU A 18 -20.15 23.81 6.27
C LEU A 18 -21.28 23.89 5.22
N VAL A 19 -22.24 24.79 5.38
CA VAL A 19 -23.36 24.95 4.38
C VAL A 19 -22.78 25.63 3.13
N GLU A 20 -21.92 26.66 3.29
CA GLU A 20 -21.22 27.35 2.17
C GLU A 20 -20.52 26.30 1.30
N ALA A 21 -19.53 25.61 1.87
CA ALA A 21 -18.68 24.60 1.20
C ALA A 21 -19.56 23.59 0.46
N GLY A 22 -20.67 23.20 1.08
CA GLY A 22 -21.65 22.26 0.51
C GLY A 22 -22.36 22.85 -0.69
N ILE A 23 -22.97 24.02 -0.53
CA ILE A 23 -23.70 24.77 -1.60
C ILE A 23 -22.72 24.99 -2.76
N GLU A 24 -21.52 25.49 -2.46
CA GLU A 24 -20.43 25.74 -3.44
C GLU A 24 -20.20 24.50 -4.32
N ARG A 25 -20.31 23.31 -3.73
CA ARG A 25 -19.98 22.01 -4.40
C ARG A 25 -21.26 21.33 -4.89
N GLY A 26 -22.38 22.07 -4.90
CA GLY A 26 -23.62 21.71 -5.63
C GLY A 26 -24.56 20.85 -4.82
N HIS A 27 -24.36 20.76 -3.49
CA HIS A 27 -25.16 19.91 -2.57
C HIS A 27 -26.31 20.73 -1.97
N GLU A 28 -27.38 20.05 -1.53
CA GLU A 28 -28.52 20.66 -0.80
C GLU A 28 -28.25 20.53 0.70
N MET A 29 -28.06 21.66 1.38
CA MET A 29 -27.65 21.72 2.80
C MET A 29 -28.85 22.16 3.64
N VAL A 30 -29.25 21.34 4.62
CA VAL A 30 -30.37 21.63 5.56
C VAL A 30 -29.79 21.64 6.98
N VAL A 31 -29.99 22.74 7.71
CA VAL A 31 -29.59 22.89 9.14
C VAL A 31 -30.76 22.45 10.02
N ILE A 32 -30.51 21.49 10.93
CA ILE A 32 -31.53 20.87 11.82
C ILE A 32 -31.11 21.13 13.28
N ASP A 33 -31.92 21.85 14.05
CA ASP A 33 -31.80 21.94 15.53
C ASP A 33 -32.34 20.63 16.11
N THR A 34 -31.45 19.74 16.56
CA THR A 34 -31.78 18.34 16.97
C THR A 34 -32.94 18.34 17.97
N LEU A 35 -33.00 19.32 18.88
CA LEU A 35 -34.03 19.40 19.96
C LEU A 35 -35.43 19.57 19.33
N ARG A 36 -35.52 20.22 18.17
CA ARG A 36 -36.81 20.55 17.49
C ARG A 36 -37.22 19.40 16.56
N ALA A 37 -36.35 18.40 16.39
CA ALA A 37 -36.65 17.12 15.72
C ALA A 37 -37.38 16.20 16.72
N TYR A 38 -38.42 15.52 16.25
CA TYR A 38 -39.19 14.49 17.01
C TYR A 38 -39.40 13.31 16.07
N MET A 39 -39.48 12.10 16.60
CA MET A 39 -39.43 10.87 15.78
C MET A 39 -40.31 9.76 16.37
N ASN A 40 -40.68 8.83 15.50
CA ASN A 40 -41.34 7.53 15.81
C ASN A 40 -40.29 6.45 15.53
N ILE A 41 -39.94 5.64 16.53
CA ILE A 41 -39.02 4.48 16.37
C ILE A 41 -39.86 3.26 15.96
N ALA A 42 -39.39 2.51 14.97
CA ALA A 42 -40.16 1.39 14.35
C ALA A 42 -39.25 0.60 13.41
N SER A 43 -39.44 -0.72 13.34
CA SER A 43 -38.74 -1.65 12.42
C SER A 43 -38.98 -1.24 10.96
N HIS A 44 -40.26 -1.23 10.53
CA HIS A 44 -40.68 -0.94 9.13
C HIS A 44 -40.36 0.52 8.76
N LYS A 45 -41.28 1.46 9.06
CA LYS A 45 -41.22 2.86 8.56
C LYS A 45 -40.86 3.81 9.71
N PRO A 46 -39.57 3.90 10.12
CA PRO A 46 -39.14 4.84 11.16
C PRO A 46 -39.06 6.28 10.62
N GLN A 47 -39.72 7.23 11.28
CA GLN A 47 -39.87 8.62 10.82
C GLN A 47 -39.05 9.57 11.71
N ILE A 48 -38.47 10.61 11.12
CA ILE A 48 -38.07 11.87 11.80
C ILE A 48 -38.89 13.00 11.18
N HIS A 49 -39.61 13.76 12.01
CA HIS A 49 -40.37 14.97 11.62
C HIS A 49 -39.66 16.20 12.21
N TYR A 50 -39.89 17.37 11.59
CA TYR A 50 -39.25 18.67 11.93
C TYR A 50 -40.19 19.80 11.50
N ARG A 51 -40.69 20.58 12.47
CA ARG A 51 -41.64 21.70 12.23
C ARG A 51 -42.81 21.23 11.35
N GLY A 52 -43.37 20.06 11.63
CA GLY A 52 -44.64 19.57 11.05
C GLY A 52 -44.43 18.69 9.83
N LYS A 53 -43.27 18.77 9.18
CA LYS A 53 -42.95 18.06 7.91
C LYS A 53 -41.94 16.96 8.18
N PRO A 54 -41.98 15.83 7.43
CA PRO A 54 -40.97 14.77 7.58
C PRO A 54 -39.61 15.13 6.97
N LEU A 55 -38.52 14.58 7.52
CA LEU A 55 -37.14 14.69 6.98
C LEU A 55 -36.83 13.43 6.16
N GLU A 56 -36.78 13.56 4.82
CA GLU A 56 -36.62 12.42 3.86
C GLU A 56 -35.42 12.67 2.96
N GLY A 57 -34.96 11.61 2.28
CA GLY A 57 -34.05 11.66 1.13
C GLY A 57 -32.69 12.25 1.46
N PHE A 58 -32.28 12.21 2.73
CA PHE A 58 -30.94 12.67 3.18
C PHE A 58 -29.92 11.57 2.86
N ASP A 59 -28.78 11.95 2.30
CA ASP A 59 -27.68 11.04 1.88
C ASP A 59 -26.63 10.97 3.00
N ALA A 60 -26.38 12.09 3.70
CA ALA A 60 -25.36 12.19 4.76
C ALA A 60 -25.82 13.20 5.83
N VAL A 61 -25.26 13.07 7.04
CA VAL A 61 -25.54 13.97 8.20
C VAL A 61 -24.19 14.33 8.85
N ILE A 62 -23.98 15.62 9.12
CA ILE A 62 -22.78 16.15 9.84
C ILE A 62 -23.21 16.50 11.26
N PRO A 63 -22.89 15.66 12.27
CA PRO A 63 -23.29 15.93 13.64
C PRO A 63 -22.33 16.95 14.29
N ARG A 64 -22.85 18.13 14.63
CA ARG A 64 -22.14 19.14 15.48
C ARG A 64 -22.85 19.19 16.83
N ILE A 65 -22.71 18.12 17.62
CA ILE A 65 -23.35 17.97 18.96
C ILE A 65 -22.54 18.82 19.96
N GLY A 66 -23.22 19.71 20.68
CA GLY A 66 -22.61 20.56 21.73
C GLY A 66 -22.44 19.82 23.04
N ALA A 67 -21.65 20.35 23.96
CA ALA A 67 -21.40 19.81 25.31
C ALA A 67 -22.54 20.22 26.25
N SER A 68 -23.75 19.68 25.98
CA SER A 68 -25.00 19.93 26.74
C SER A 68 -25.38 18.67 27.55
N VAL A 69 -26.53 18.70 28.23
CA VAL A 69 -27.14 17.53 28.94
C VAL A 69 -27.98 16.75 27.92
N THR A 70 -27.38 16.40 26.78
CA THR A 70 -28.07 16.05 25.51
C THR A 70 -27.76 14.59 25.12
N PHE A 71 -28.46 13.65 25.76
CA PHE A 71 -28.64 12.25 25.28
C PHE A 71 -29.52 12.27 24.02
N TYR A 72 -30.39 13.28 23.90
CA TYR A 72 -31.40 13.42 22.81
C TYR A 72 -30.70 13.64 21.47
N GLY A 73 -29.67 14.51 21.44
CA GLY A 73 -28.91 14.83 20.21
C GLY A 73 -28.35 13.57 19.57
N CYS A 74 -27.75 12.69 20.38
CA CYS A 74 -27.19 11.37 19.94
C CYS A 74 -28.32 10.49 19.40
N ALA A 75 -29.51 10.54 20.01
CA ALA A 75 -30.70 9.74 19.63
C ALA A 75 -31.18 10.15 18.23
N VAL A 76 -31.19 11.45 17.94
CA VAL A 76 -31.58 12.01 16.60
C VAL A 76 -30.55 11.54 15.57
N LEU A 77 -29.26 11.60 15.89
CA LEU A 77 -28.17 11.11 15.01
C LEU A 77 -28.34 9.60 14.77
N ARG A 78 -28.70 8.85 15.81
CA ARG A 78 -28.88 7.37 15.74
C ARG A 78 -30.02 7.05 14.77
N GLN A 79 -31.15 7.76 14.84
CA GLN A 79 -32.30 7.55 13.92
C GLN A 79 -31.80 7.69 12.47
N PHE A 80 -31.08 8.78 12.18
CA PHE A 80 -30.52 9.06 10.83
C PHE A 80 -29.70 7.83 10.38
N GLU A 81 -28.80 7.36 11.24
CA GLU A 81 -27.92 6.18 10.97
C GLU A 81 -28.77 4.96 10.61
N MET A 82 -29.79 4.69 11.43
CA MET A 82 -30.68 3.50 11.32
C MET A 82 -31.58 3.64 10.09
N MET A 83 -31.84 4.87 9.64
CA MET A 83 -32.64 5.16 8.42
C MET A 83 -31.73 5.20 7.18
N GLY A 84 -30.45 4.79 7.33
CA GLY A 84 -29.53 4.54 6.20
C GLY A 84 -28.65 5.72 5.86
N VAL A 85 -28.85 6.88 6.51
CA VAL A 85 -28.10 8.13 6.24
C VAL A 85 -26.66 7.96 6.76
N PHE A 86 -25.67 8.34 5.95
CA PHE A 86 -24.22 8.23 6.27
C PHE A 86 -23.83 9.34 7.24
N PRO A 87 -23.30 9.00 8.44
CA PRO A 87 -22.81 10.01 9.37
C PRO A 87 -21.33 10.34 9.16
N LEU A 88 -20.95 11.60 9.30
CA LEU A 88 -19.54 12.07 9.22
C LEU A 88 -18.75 11.36 10.33
N ASN A 89 -19.31 11.38 11.55
CA ASN A 89 -18.83 10.60 12.72
C ASN A 89 -20.01 9.77 13.28
N GLU A 90 -19.77 8.49 13.57
CA GLU A 90 -20.81 7.56 14.11
C GLU A 90 -21.18 7.99 15.53
N SER A 91 -22.46 7.86 15.90
CA SER A 91 -22.98 8.16 17.26
C SER A 91 -22.17 7.40 18.31
N VAL A 92 -21.81 6.15 18.02
CA VAL A 92 -21.01 5.25 18.91
C VAL A 92 -19.72 5.98 19.29
N ALA A 93 -19.01 6.49 18.29
CA ALA A 93 -17.69 7.16 18.42
C ALA A 93 -17.85 8.47 19.19
N ILE A 94 -18.90 9.24 18.92
CA ILE A 94 -19.16 10.58 19.54
C ILE A 94 -19.38 10.39 21.05
N ALA A 95 -20.16 9.36 21.43
CA ALA A 95 -20.44 8.98 22.83
C ALA A 95 -19.13 8.66 23.57
N ARG A 96 -18.20 7.96 22.90
CA ARG A 96 -16.85 7.64 23.44
C ARG A 96 -16.07 8.92 23.74
N SER A 97 -16.06 9.87 22.80
CA SER A 97 -15.27 11.14 22.84
C SER A 97 -15.78 12.07 23.95
N ARG A 98 -17.09 12.19 24.10
CA ARG A 98 -17.75 13.20 24.97
C ARG A 98 -17.58 12.78 26.43
N ASP A 99 -17.46 11.48 26.72
CA ASP A 99 -17.15 10.95 28.07
C ASP A 99 -15.64 11.04 28.26
N LYS A 100 -15.15 12.13 28.86
CA LYS A 100 -13.69 12.44 28.96
C LYS A 100 -12.98 11.36 29.79
N LEU A 101 -13.63 10.85 30.84
CA LEU A 101 -13.11 9.73 31.68
C LEU A 101 -12.86 8.51 30.80
N ARG A 102 -13.91 8.07 30.10
CA ARG A 102 -13.88 6.88 29.21
C ARG A 102 -12.84 7.08 28.11
N SER A 103 -12.80 8.28 27.54
CA SER A 103 -11.92 8.67 26.42
C SER A 103 -10.45 8.43 26.82
N LEU A 104 -10.03 8.95 27.97
CA LEU A 104 -8.63 8.85 28.46
C LEU A 104 -8.32 7.38 28.80
N GLN A 105 -9.26 6.66 29.41
CA GLN A 105 -9.10 5.22 29.75
C GLN A 105 -8.82 4.44 28.46
N LEU A 106 -9.52 4.75 27.38
CA LEU A 106 -9.45 3.99 26.11
C LEU A 106 -8.10 4.27 25.43
N LEU A 107 -7.67 5.53 25.42
CA LEU A 107 -6.38 5.97 24.86
C LEU A 107 -5.25 5.31 25.65
N SER A 108 -5.35 5.30 26.99
CA SER A 108 -4.37 4.70 27.92
C SER A 108 -4.19 3.22 27.60
N ARG A 109 -5.28 2.49 27.40
CA ARG A 109 -5.28 1.01 27.19
C ARG A 109 -4.61 0.67 25.85
N ARG A 110 -4.78 1.53 24.82
CA ARG A 110 -4.22 1.29 23.47
C ARG A 110 -2.81 1.91 23.35
N GLY A 111 -2.25 2.40 24.47
CA GLY A 111 -0.84 2.80 24.58
C GLY A 111 -0.54 4.15 23.93
N ILE A 112 -1.55 5.01 23.78
CA ILE A 112 -1.38 6.42 23.33
C ILE A 112 -0.73 7.18 24.49
N GLY A 113 0.29 7.99 24.20
CA GLY A 113 0.98 8.81 25.21
C GLY A 113 0.00 9.78 25.86
N LEU A 114 -0.14 9.72 27.18
CA LEU A 114 -0.94 10.66 27.98
C LEU A 114 -0.09 11.22 29.11
N PRO A 115 -0.46 12.37 29.70
CA PRO A 115 0.09 12.79 30.99
C PRO A 115 -0.31 11.74 32.03
N VAL A 116 0.47 11.61 33.10
CA VAL A 116 0.10 10.79 34.29
C VAL A 116 -1.21 11.38 34.83
N THR A 117 -2.25 10.55 34.98
CA THR A 117 -3.65 11.01 35.20
C THR A 117 -4.32 10.18 36.30
N GLY A 118 -5.03 10.86 37.20
CA GLY A 118 -5.86 10.24 38.25
C GLY A 118 -7.30 10.74 38.17
N PHE A 119 -8.25 9.91 38.59
CA PHE A 119 -9.69 10.24 38.72
C PHE A 119 -10.13 10.05 40.17
N ALA A 120 -11.09 10.87 40.62
CA ALA A 120 -11.67 10.84 41.98
C ALA A 120 -13.08 11.46 41.93
N HIS A 121 -13.92 11.19 42.92
CA HIS A 121 -15.21 11.89 43.15
C HIS A 121 -15.30 12.28 44.62
N SER A 122 -15.34 11.28 45.51
CA SER A 122 -15.42 11.42 46.99
C SER A 122 -14.29 10.62 47.63
N PRO A 123 -13.00 10.90 47.30
CA PRO A 123 -11.87 10.19 47.91
C PRO A 123 -11.74 10.53 49.40
N ASP A 124 -11.43 9.52 50.22
CA ASP A 124 -11.30 9.67 51.70
C ASP A 124 -9.86 10.06 52.05
N ASP A 125 -8.88 9.58 51.26
CA ASP A 125 -7.43 9.85 51.46
C ASP A 125 -6.89 10.63 50.26
N ILE A 126 -7.06 11.96 50.26
CA ILE A 126 -6.62 12.86 49.15
C ILE A 126 -5.10 12.86 49.04
N PRO A 127 -4.33 12.91 50.15
CA PRO A 127 -2.87 12.74 50.07
C PRO A 127 -2.47 11.50 49.26
N ASP A 128 -3.20 10.40 49.42
CA ASP A 128 -2.93 9.11 48.71
C ASP A 128 -3.16 9.30 47.21
N LEU A 129 -4.24 9.99 46.83
CA LEU A 129 -4.57 10.33 45.41
C LEU A 129 -3.41 11.12 44.80
N ILE A 130 -2.91 12.15 45.52
CA ILE A 130 -1.82 13.05 45.06
C ILE A 130 -0.55 12.22 44.86
N GLN A 131 -0.23 11.34 45.81
CA GLN A 131 0.96 10.45 45.78
C GLN A 131 0.90 9.55 44.53
N MET A 132 -0.29 9.06 44.16
CA MET A 132 -0.52 8.11 43.04
C MET A 132 -0.16 8.76 41.69
N VAL A 133 -0.17 10.09 41.62
CA VAL A 133 0.05 10.88 40.38
C VAL A 133 1.41 11.60 40.46
N ASN A 134 2.32 11.08 41.29
CA ASN A 134 3.73 11.55 41.44
C ASN A 134 3.76 12.97 42.02
N GLY A 135 2.73 13.38 42.76
CA GLY A 135 2.71 14.61 43.57
C GLY A 135 2.64 15.88 42.73
N ALA A 136 2.75 17.04 43.39
CA ALA A 136 2.72 18.39 42.80
C ALA A 136 3.99 18.61 41.97
N PRO A 137 3.99 19.53 40.96
CA PRO A 137 2.81 20.31 40.60
C PRO A 137 1.78 19.50 39.81
N LEU A 138 0.49 19.71 40.13
CA LEU A 138 -0.67 18.98 39.53
C LEU A 138 -1.63 19.99 38.91
N VAL A 139 -2.16 19.66 37.73
CA VAL A 139 -3.33 20.35 37.10
C VAL A 139 -4.59 19.60 37.56
N ILE A 140 -5.61 20.33 38.01
CA ILE A 140 -6.85 19.78 38.60
C ILE A 140 -8.05 20.34 37.84
N LYS A 141 -8.72 19.50 37.05
CA LYS A 141 -9.92 19.84 36.24
C LYS A 141 -11.16 19.27 36.94
N VAL A 142 -12.27 19.99 36.89
CA VAL A 142 -13.63 19.50 37.24
C VAL A 142 -14.33 19.09 35.94
N LEU A 143 -15.21 18.09 36.00
CA LEU A 143 -15.99 17.59 34.84
C LEU A 143 -17.49 17.70 35.16
N GLU A 144 -18.24 18.41 34.30
CA GLU A 144 -19.73 18.42 34.31
C GLU A 144 -20.21 17.69 33.05
N GLY A 145 -20.04 16.36 33.01
CA GLY A 145 -20.41 15.50 31.88
C GLY A 145 -19.37 15.50 30.77
N THR A 146 -19.45 16.47 29.85
CA THR A 146 -18.57 16.62 28.66
C THR A 146 -17.54 17.74 28.88
N GLN A 147 -17.99 18.87 29.47
CA GLN A 147 -17.19 20.12 29.64
C GLN A 147 -16.20 19.95 30.80
N GLY A 148 -14.97 20.46 30.60
CA GLY A 148 -13.91 20.57 31.63
C GLY A 148 -13.99 21.91 32.34
N ILE A 149 -15.05 22.10 33.13
CA ILE A 149 -15.65 23.39 33.59
C ILE A 149 -14.57 24.33 34.13
N GLY A 150 -13.74 23.84 35.06
CA GLY A 150 -12.65 24.60 35.72
C GLY A 150 -11.33 23.89 35.58
N VAL A 151 -10.22 24.64 35.52
CA VAL A 151 -8.83 24.10 35.47
C VAL A 151 -7.95 24.95 36.39
N VAL A 152 -7.24 24.32 37.32
CA VAL A 152 -6.37 25.00 38.32
C VAL A 152 -5.00 24.30 38.34
N LEU A 153 -3.92 25.08 38.18
CA LEU A 153 -2.53 24.63 38.42
C LEU A 153 -2.26 24.78 39.92
N CYS A 154 -1.90 23.69 40.59
CA CYS A 154 -1.56 23.62 42.03
C CYS A 154 -0.07 23.28 42.18
N GLU A 155 0.70 24.22 42.74
CA GLU A 155 2.20 24.21 42.74
C GLU A 155 2.66 23.22 43.85
N THR A 156 1.95 23.22 44.99
CA THR A 156 2.26 22.44 46.22
C THR A 156 1.12 21.46 46.50
N ALA A 157 1.41 20.37 47.20
CA ALA A 157 0.44 19.31 47.58
C ALA A 157 -0.62 19.89 48.53
N THR A 158 -0.28 20.93 49.30
CA THR A 158 -1.20 21.66 50.21
C THR A 158 -2.33 22.28 49.37
N ALA A 159 -1.97 23.02 48.31
CA ALA A 159 -2.91 23.69 47.38
C ALA A 159 -3.76 22.64 46.66
N ALA A 160 -3.12 21.56 46.18
CA ALA A 160 -3.78 20.43 45.48
C ALA A 160 -4.88 19.87 46.39
N GLU A 161 -4.55 19.55 47.64
CA GLU A 161 -5.48 18.97 48.63
C GLU A 161 -6.63 19.95 48.89
N SER A 162 -6.31 21.24 49.03
CA SER A 162 -7.28 22.33 49.34
C SER A 162 -8.30 22.48 48.22
N VAL A 163 -7.84 22.40 46.97
CA VAL A 163 -8.68 22.60 45.74
C VAL A 163 -9.55 21.36 45.52
N ILE A 164 -8.99 20.16 45.69
CA ILE A 164 -9.73 18.87 45.51
C ILE A 164 -10.88 18.84 46.52
N GLU A 165 -10.63 19.22 47.77
CA GLU A 165 -11.64 19.25 48.86
C GLU A 165 -12.79 20.19 48.48
N ALA A 166 -12.47 21.33 47.86
CA ALA A 166 -13.47 22.33 47.42
C ALA A 166 -14.38 21.72 46.35
N PHE A 167 -13.78 21.09 45.33
CA PHE A 167 -14.50 20.49 44.17
C PHE A 167 -15.33 19.29 44.63
N MET A 168 -14.83 18.53 45.62
CA MET A 168 -15.58 17.44 46.30
C MET A 168 -16.92 17.99 46.82
N GLY A 169 -16.87 19.14 47.51
CA GLY A 169 -18.05 19.84 48.04
C GLY A 169 -19.12 20.04 46.98
N LEU A 170 -18.73 20.28 45.72
CA LEU A 170 -19.65 20.56 44.58
C LEU A 170 -20.13 19.25 43.94
N LYS A 171 -19.76 18.09 44.51
CA LYS A 171 -20.21 16.74 44.10
C LYS A 171 -19.93 16.52 42.61
N GLN A 172 -18.77 16.97 42.13
CA GLN A 172 -18.35 16.88 40.71
C GLN A 172 -17.24 15.82 40.57
N ASP A 173 -17.20 15.14 39.42
CA ASP A 173 -16.10 14.22 39.03
C ASP A 173 -14.83 15.04 38.89
N ILE A 174 -13.74 14.63 39.53
CA ILE A 174 -12.45 15.39 39.60
C ILE A 174 -11.38 14.63 38.82
N MET A 175 -10.61 15.35 38.00
CA MET A 175 -9.45 14.82 37.26
C MET A 175 -8.17 15.50 37.76
N VAL A 176 -7.17 14.69 38.14
CA VAL A 176 -5.85 15.13 38.65
C VAL A 176 -4.80 14.69 37.63
N GLN A 177 -4.01 15.63 37.11
CA GLN A 177 -3.10 15.38 35.95
C GLN A 177 -1.72 15.99 36.23
N GLU A 178 -0.68 15.23 35.91
CA GLU A 178 0.75 15.66 35.90
C GLU A 178 0.85 16.94 35.07
N TYR A 179 1.40 18.02 35.65
CA TYR A 179 1.68 19.31 34.95
C TYR A 179 2.96 19.18 34.13
N ILE A 180 2.85 19.45 32.83
CA ILE A 180 3.98 19.34 31.86
C ILE A 180 4.50 20.76 31.58
N LYS A 181 5.46 21.20 32.39
CA LYS A 181 6.03 22.57 32.43
C LYS A 181 6.86 22.83 31.16
N GLU A 182 7.37 21.78 30.51
CA GLU A 182 8.27 21.88 29.32
C GLU A 182 7.51 22.49 28.13
N ALA A 183 6.18 22.30 28.09
CA ALA A 183 5.27 22.75 27.01
C ALA A 183 5.29 24.28 26.88
N GLY A 184 5.50 24.99 27.99
CA GLY A 184 5.60 26.47 28.04
C GLY A 184 4.25 27.11 27.81
N GLY A 185 3.16 26.44 28.20
CA GLY A 185 1.77 26.88 27.96
C GLY A 185 1.43 26.91 26.48
N ALA A 186 1.84 25.89 25.75
CA ALA A 186 1.60 25.74 24.29
C ALA A 186 1.14 24.30 23.98
N ASP A 187 0.22 24.16 23.03
CA ASP A 187 -0.27 22.84 22.54
C ASP A 187 -0.37 22.90 21.01
N ILE A 188 -0.22 21.74 20.37
CA ILE A 188 -0.49 21.51 18.92
C ILE A 188 -1.94 21.04 18.81
N ARG A 189 -2.78 21.76 18.05
CA ARG A 189 -4.12 21.26 17.64
C ARG A 189 -4.00 20.69 16.22
N CYS A 190 -4.04 19.37 16.10
CA CYS A 190 -4.05 18.63 14.80
C CYS A 190 -5.49 18.35 14.39
N PHE A 191 -5.80 18.55 13.11
CA PHE A 191 -7.16 18.44 12.54
C PHE A 191 -7.20 17.23 11.59
N VAL A 192 -7.89 16.17 12.00
CA VAL A 192 -7.97 14.86 11.30
C VAL A 192 -9.23 14.82 10.43
N VAL A 193 -9.08 14.43 9.17
CA VAL A 193 -10.19 14.05 8.23
C VAL A 193 -9.75 12.79 7.50
N GLY A 194 -10.45 11.67 7.70
CA GLY A 194 -10.04 10.35 7.19
C GLY A 194 -8.72 9.91 7.77
N ASP A 195 -7.79 9.49 6.93
CA ASP A 195 -6.46 8.92 7.32
C ASP A 195 -5.38 10.00 7.31
N LYS A 196 -5.75 11.29 7.34
CA LYS A 196 -4.82 12.41 7.10
C LYS A 196 -5.05 13.52 8.14
N VAL A 197 -3.95 14.09 8.64
CA VAL A 197 -3.92 15.40 9.36
C VAL A 197 -3.84 16.49 8.31
N ILE A 198 -4.98 17.12 7.99
CA ILE A 198 -5.13 18.07 6.85
C ILE A 198 -4.65 19.46 7.25
N ALA A 199 -4.62 19.77 8.54
CA ALA A 199 -4.24 21.10 9.07
C ALA A 199 -3.78 20.97 10.53
N SER A 200 -2.85 21.84 10.95
CA SER A 200 -2.27 21.90 12.31
C SER A 200 -2.01 23.36 12.69
N MET A 201 -1.92 23.65 13.99
CA MET A 201 -1.56 25.00 14.49
C MET A 201 -1.11 24.90 15.96
N LYS A 202 -0.13 25.73 16.32
CA LYS A 202 0.32 25.92 17.73
C LYS A 202 -0.58 26.98 18.38
N ARG A 203 -1.00 26.76 19.62
CA ARG A 203 -1.68 27.76 20.47
C ARG A 203 -0.71 28.17 21.58
N GLN A 204 -0.70 29.44 21.98
CA GLN A 204 0.24 30.00 22.98
C GLN A 204 -0.55 30.82 24.03
N ALA A 205 -0.12 30.73 25.30
CA ALA A 205 -0.71 31.49 26.44
C ALA A 205 -0.09 32.90 26.45
N LYS A 206 -0.64 33.79 27.28
CA LYS A 206 -0.16 35.19 27.49
C LYS A 206 1.21 35.14 28.17
N PRO A 207 1.94 36.28 28.27
CA PRO A 207 3.28 36.30 28.86
C PRO A 207 3.48 35.55 30.18
N GLY A 208 2.44 35.40 31.01
CA GLY A 208 2.51 34.86 32.38
C GLY A 208 1.88 33.48 32.54
N GLU A 209 0.71 33.24 31.95
CA GLU A 209 -0.19 32.10 32.31
C GLU A 209 0.16 30.84 31.49
N PHE A 210 -0.59 29.75 31.71
CA PHE A 210 -0.39 28.40 31.13
C PHE A 210 -1.57 28.00 30.24
N ARG A 211 -2.71 28.72 30.31
CA ARG A 211 -3.97 28.38 29.58
C ARG A 211 -3.82 28.81 28.12
N SER A 212 -3.64 27.84 27.21
CA SER A 212 -3.27 28.04 25.79
C SER A 212 -4.50 28.39 24.93
N ASN A 213 -5.71 28.29 25.48
CA ASN A 213 -7.01 28.52 24.80
C ASN A 213 -6.95 29.82 23.96
N LEU A 214 -7.56 29.78 22.77
CA LEU A 214 -7.65 30.92 21.80
C LEU A 214 -8.47 32.06 22.40
N HIS A 215 -9.58 31.74 23.09
CA HIS A 215 -10.56 32.70 23.66
C HIS A 215 -10.17 33.06 25.11
N ARG A 216 -8.87 33.27 25.37
CA ARG A 216 -8.33 33.69 26.70
C ARG A 216 -7.11 34.61 26.49
N GLY A 217 -7.11 35.40 25.42
CA GLY A 217 -5.97 36.26 25.02
C GLY A 217 -4.75 35.45 24.61
N GLY A 218 -4.85 34.70 23.51
CA GLY A 218 -3.92 33.63 23.13
C GLY A 218 -3.64 33.60 21.63
N SER A 219 -2.36 33.68 21.25
CA SER A 219 -1.87 33.67 19.84
C SER A 219 -1.91 32.24 19.29
N ALA A 220 -2.38 32.07 18.04
CA ALA A 220 -2.25 30.84 17.22
C ALA A 220 -1.30 31.13 16.05
N SER A 221 -0.53 30.13 15.62
CA SER A 221 0.47 30.26 14.53
C SER A 221 0.64 28.93 13.79
N LEU A 222 1.22 28.98 12.59
CA LEU A 222 1.56 27.80 11.76
C LEU A 222 2.67 27.00 12.47
N ILE A 223 2.68 25.67 12.29
CA ILE A 223 3.71 24.77 12.88
C ILE A 223 3.87 23.53 12.00
N LYS A 224 5.12 23.16 11.70
CA LYS A 224 5.47 21.87 11.04
C LYS A 224 5.47 20.80 12.13
N ILE A 225 4.55 19.83 12.05
CA ILE A 225 4.42 18.73 13.06
C ILE A 225 5.37 17.59 12.67
N THR A 226 5.92 16.90 13.69
CA THR A 226 6.84 15.75 13.53
C THR A 226 6.04 14.57 12.97
N PRO A 227 6.69 13.56 12.34
CA PRO A 227 5.99 12.36 11.89
C PRO A 227 5.30 11.60 13.02
N GLU A 228 5.85 11.64 14.24
CA GLU A 228 5.32 10.90 15.42
C GLU A 228 4.10 11.66 15.98
N GLU A 229 4.07 12.98 15.84
CA GLU A 229 2.93 13.84 16.27
C GLU A 229 1.74 13.58 15.34
N ARG A 230 1.99 13.52 14.03
CA ARG A 230 0.99 13.16 13.00
C ARG A 230 0.42 11.77 13.31
N MET A 231 1.31 10.80 13.51
CA MET A 231 0.96 9.37 13.75
C MET A 231 0.12 9.26 15.03
N THR A 232 0.43 10.02 16.07
CA THR A 232 -0.28 10.06 17.38
C THR A 232 -1.71 10.58 17.17
N ALA A 233 -1.86 11.68 16.44
CA ALA A 233 -3.15 12.35 16.14
C ALA A 233 -4.08 11.38 15.41
N LEU A 234 -3.58 10.73 14.36
CA LEU A 234 -4.35 9.75 13.55
C LEU A 234 -4.76 8.55 14.41
N ARG A 235 -3.84 8.02 15.20
CA ARG A 235 -4.06 6.83 16.07
C ARG A 235 -5.10 7.17 17.15
N ALA A 236 -5.01 8.36 17.74
CA ALA A 236 -5.95 8.86 18.78
C ALA A 236 -7.37 8.87 18.21
N ALA A 237 -7.54 9.44 17.02
CA ALA A 237 -8.84 9.54 16.30
C ALA A 237 -9.36 8.14 15.98
N LYS A 238 -8.48 7.22 15.57
CA LYS A 238 -8.86 5.86 15.12
C LYS A 238 -9.32 5.03 16.33
N VAL A 239 -8.68 5.21 17.48
CA VAL A 239 -9.04 4.55 18.77
C VAL A 239 -10.45 4.97 19.20
N MET A 240 -10.78 6.26 19.06
CA MET A 240 -12.13 6.78 19.38
C MET A 240 -13.12 6.33 18.30
N GLY A 241 -12.63 6.04 17.09
CA GLY A 241 -13.43 5.59 15.93
C GLY A 241 -14.05 6.76 15.20
N LEU A 242 -13.36 7.91 15.19
CA LEU A 242 -13.82 9.16 14.55
C LEU A 242 -13.17 9.29 13.18
N SER A 243 -13.93 9.75 12.18
CA SER A 243 -13.43 10.05 10.81
C SER A 243 -12.92 11.51 10.78
N VAL A 244 -13.60 12.40 11.50
CA VAL A 244 -13.22 13.84 11.65
C VAL A 244 -13.06 14.14 13.15
N ALA A 245 -11.91 14.68 13.55
CA ALA A 245 -11.59 15.00 14.96
C ALA A 245 -10.52 16.08 15.05
N GLY A 246 -10.59 16.90 16.09
CA GLY A 246 -9.49 17.75 16.58
C GLY A 246 -8.77 17.06 17.72
N VAL A 247 -7.45 16.85 17.59
CA VAL A 247 -6.60 16.20 18.62
C VAL A 247 -5.63 17.25 19.18
N ASP A 248 -5.72 17.57 20.47
CA ASP A 248 -4.80 18.49 21.17
C ASP A 248 -3.62 17.68 21.72
N ILE A 249 -2.39 18.15 21.47
CA ILE A 249 -1.13 17.43 21.79
C ILE A 249 -0.18 18.39 22.51
N LEU A 250 0.53 17.87 23.53
CA LEU A 250 1.62 18.58 24.26
C LEU A 250 2.95 18.00 23.83
N ARG A 251 3.91 18.85 23.45
CA ARG A 251 5.32 18.48 23.23
C ARG A 251 5.99 18.33 24.60
N SER A 252 6.29 17.10 25.01
CA SER A 252 6.91 16.78 26.32
C SER A 252 8.31 16.20 26.11
N ASN A 253 9.10 16.12 27.18
CA ASN A 253 10.47 15.54 27.19
C ASN A 253 10.42 14.09 26.70
N HIS A 254 9.35 13.35 27.00
CA HIS A 254 9.18 11.90 26.72
C HIS A 254 8.20 11.69 25.56
N GLY A 255 8.06 12.69 24.67
CA GLY A 255 7.33 12.56 23.39
C GLY A 255 6.01 13.31 23.38
N PRO A 256 5.18 13.14 22.32
CA PRO A 256 3.88 13.79 22.24
C PRO A 256 2.84 13.13 23.15
N LEU A 257 2.07 13.95 23.88
CA LEU A 257 1.02 13.52 24.83
C LEU A 257 -0.32 14.13 24.40
N VAL A 258 -1.36 13.29 24.26
CA VAL A 258 -2.73 13.72 23.85
C VAL A 258 -3.44 14.31 25.09
N MET A 259 -4.01 15.50 24.95
CA MET A 259 -4.80 16.18 26.01
C MET A 259 -6.28 15.85 25.83
N GLU A 260 -6.80 16.11 24.62
CA GLU A 260 -8.25 15.95 24.29
C GLU A 260 -8.39 15.43 22.86
N VAL A 261 -9.48 14.70 22.60
CA VAL A 261 -9.96 14.34 21.24
C VAL A 261 -11.39 14.85 21.13
N ASN A 262 -11.62 15.85 20.27
CA ASN A 262 -12.91 16.56 20.08
C ASN A 262 -13.58 16.02 18.80
N SER A 263 -14.81 15.51 18.92
CA SER A 263 -15.56 14.83 17.84
C SER A 263 -16.19 15.84 16.88
N SER A 264 -16.33 17.10 17.29
CA SER A 264 -16.79 18.22 16.40
C SER A 264 -15.94 19.46 16.67
N PRO A 265 -14.70 19.51 16.15
CA PRO A 265 -13.80 20.64 16.43
C PRO A 265 -14.21 21.92 15.70
N GLY A 266 -14.01 23.07 16.32
CA GLY A 266 -14.27 24.41 15.72
C GLY A 266 -13.43 24.62 14.46
N LEU A 267 -13.91 25.44 13.53
CA LEU A 267 -13.26 25.65 12.21
C LEU A 267 -12.62 27.06 12.11
N GLU A 268 -13.09 28.03 12.89
CA GLU A 268 -12.66 29.45 12.78
C GLU A 268 -11.15 29.55 13.07
N GLY A 269 -10.70 29.03 14.20
CA GLY A 269 -9.29 29.05 14.63
C GLY A 269 -8.37 28.49 13.55
N ILE A 270 -8.62 27.25 13.13
CA ILE A 270 -7.74 26.49 12.18
C ILE A 270 -7.74 27.17 10.81
N GLU A 271 -8.89 27.65 10.32
CA GLU A 271 -9.03 28.20 8.94
C GLU A 271 -8.36 29.58 8.85
N VAL A 272 -8.57 30.46 9.84
CA VAL A 272 -7.96 31.81 9.91
C VAL A 272 -6.43 31.68 9.89
N THR A 273 -5.88 30.70 10.63
CA THR A 273 -4.42 30.52 10.84
C THR A 273 -3.78 29.93 9.57
N THR A 274 -4.40 28.92 8.96
CA THR A 274 -3.81 28.10 7.86
C THR A 274 -4.27 28.58 6.49
N SER A 275 -5.40 29.29 6.40
CA SER A 275 -6.05 29.75 5.14
C SER A 275 -6.46 28.54 4.28
N LYS A 276 -6.70 27.39 4.90
CA LYS A 276 -7.13 26.14 4.22
C LYS A 276 -8.67 26.06 4.24
N ASP A 277 -9.27 25.50 3.18
CA ASP A 277 -10.72 25.23 3.08
C ASP A 277 -11.00 23.90 3.81
N VAL A 278 -11.00 23.94 5.15
CA VAL A 278 -11.21 22.75 6.01
C VAL A 278 -12.66 22.28 5.85
N ALA A 279 -13.61 23.21 5.90
CA ALA A 279 -15.05 22.96 5.61
C ALA A 279 -15.19 22.22 4.28
N GLY A 280 -14.46 22.67 3.26
CA GLY A 280 -14.44 22.07 1.91
C GLY A 280 -13.99 20.61 1.94
N MET A 281 -12.88 20.34 2.64
CA MET A 281 -12.25 18.98 2.69
C MET A 281 -13.17 18.01 3.45
N ILE A 282 -13.93 18.49 4.43
CA ILE A 282 -14.95 17.69 5.18
C ILE A 282 -16.03 17.26 4.18
N ILE A 283 -16.55 18.20 3.39
CA ILE A 283 -17.61 17.94 2.36
C ILE A 283 -17.04 16.97 1.32
N GLU A 284 -15.77 17.19 0.93
CA GLU A 284 -15.04 16.36 -0.07
C GLU A 284 -14.91 14.92 0.46
N TYR A 285 -14.72 14.75 1.78
CA TYR A 285 -14.63 13.42 2.43
C TYR A 285 -15.98 12.71 2.34
N LEU A 286 -17.08 13.42 2.60
CA LEU A 286 -18.47 12.87 2.51
C LEU A 286 -18.73 12.38 1.08
N GLU A 287 -18.27 13.15 0.08
CA GLU A 287 -18.47 12.85 -1.36
C GLU A 287 -17.90 11.47 -1.70
N LYS A 288 -16.75 11.12 -1.12
CA LYS A 288 -15.96 9.90 -1.47
C LYS A 288 -16.48 8.68 -0.68
N ASN A 289 -16.76 8.86 0.61
CA ASN A 289 -17.04 7.75 1.56
C ASN A 289 -18.55 7.55 1.77
N SER A 290 -19.39 8.44 1.23
CA SER A 290 -20.86 8.31 1.24
C SER A 290 -21.28 7.09 0.42
N MET B 1 -13.16 -17.49 45.22
CA MET B 1 -13.03 -16.22 44.44
C MET B 1 -13.06 -15.03 45.39
N LYS B 2 -12.35 -13.95 45.02
CA LYS B 2 -12.48 -12.61 45.62
C LYS B 2 -13.37 -11.78 44.70
N ILE B 3 -14.52 -11.31 45.19
CA ILE B 3 -15.55 -10.61 44.36
C ILE B 3 -15.81 -9.21 44.94
N ALA B 4 -15.70 -8.19 44.09
CA ALA B 4 -16.08 -6.80 44.42
C ALA B 4 -17.56 -6.61 44.08
N VAL B 5 -18.29 -5.90 44.96
CA VAL B 5 -19.71 -5.50 44.72
C VAL B 5 -19.76 -3.97 44.72
N LEU B 6 -19.86 -3.36 43.53
CA LEU B 6 -19.93 -1.90 43.35
C LEU B 6 -21.35 -1.44 43.65
N SER B 7 -21.59 -0.93 44.87
CA SER B 7 -22.94 -0.43 45.28
C SER B 7 -22.84 0.97 45.89
N ARG B 8 -23.70 1.86 45.37
CA ARG B 8 -23.81 3.27 45.84
C ARG B 8 -24.37 3.28 47.27
N ASN B 9 -25.21 2.30 47.62
CA ASN B 9 -25.75 2.18 49.01
C ASN B 9 -25.55 0.76 49.56
N PRO B 10 -24.59 0.56 50.48
CA PRO B 10 -24.13 -0.80 50.83
C PRO B 10 -25.06 -1.53 51.81
N ARG B 11 -26.05 -0.84 52.35
CA ARG B 11 -26.98 -1.32 53.42
C ARG B 11 -28.27 -1.90 52.80
N LEU B 12 -28.40 -1.79 51.45
CA LEU B 12 -29.65 -2.13 50.72
C LEU B 12 -29.74 -3.64 50.52
N TYR B 13 -30.97 -4.16 50.57
CA TYR B 13 -31.33 -5.60 50.45
C TYR B 13 -30.47 -6.30 49.41
N SER B 14 -30.47 -5.80 48.16
CA SER B 14 -29.87 -6.49 46.97
C SER B 14 -28.36 -6.69 47.15
N THR B 15 -27.68 -5.71 47.75
CA THR B 15 -26.21 -5.73 47.97
C THR B 15 -25.90 -6.70 49.12
N ARG B 16 -26.61 -6.56 50.24
CA ARG B 16 -26.51 -7.45 51.42
C ARG B 16 -26.64 -8.91 50.97
N ARG B 17 -27.68 -9.21 50.18
CA ARG B 17 -27.99 -10.58 49.69
C ARG B 17 -26.86 -11.11 48.82
N LEU B 18 -26.22 -10.26 48.01
CA LEU B 18 -25.13 -10.67 47.11
C LEU B 18 -23.88 -11.03 47.93
N VAL B 19 -23.61 -10.32 49.03
CA VAL B 19 -22.44 -10.64 49.90
C VAL B 19 -22.75 -11.93 50.69
N GLU B 20 -23.98 -12.06 51.21
CA GLU B 20 -24.45 -13.29 51.91
C GLU B 20 -24.19 -14.51 51.02
N ALA B 21 -24.87 -14.57 49.87
CA ALA B 21 -24.80 -15.68 48.89
C ALA B 21 -23.35 -16.03 48.58
N GLY B 22 -22.50 -15.01 48.46
CA GLY B 22 -21.06 -15.16 48.20
C GLY B 22 -20.35 -15.81 49.36
N ILE B 23 -20.48 -15.23 50.57
CA ILE B 23 -19.87 -15.72 51.83
C ILE B 23 -20.34 -17.17 52.04
N GLU B 24 -21.64 -17.43 51.91
CA GLU B 24 -22.27 -18.77 52.03
C GLU B 24 -21.53 -19.79 51.16
N ARG B 25 -21.07 -19.38 49.97
CA ARG B 25 -20.46 -20.26 48.95
C ARG B 25 -18.93 -20.16 49.00
N GLY B 26 -18.40 -19.55 50.06
CA GLY B 26 -16.97 -19.63 50.46
C GLY B 26 -16.10 -18.59 49.80
N HIS B 27 -16.70 -17.54 49.22
CA HIS B 27 -16.00 -16.45 48.49
C HIS B 27 -15.70 -15.29 49.43
N GLU B 28 -14.70 -14.46 49.11
CA GLU B 28 -14.36 -13.21 49.84
C GLU B 28 -15.08 -12.04 49.16
N MET B 29 -16.02 -11.42 49.85
CA MET B 29 -16.93 -10.39 49.30
C MET B 29 -16.53 -9.02 49.86
N VAL B 30 -16.20 -8.08 48.97
CA VAL B 30 -15.86 -6.66 49.34
C VAL B 30 -16.89 -5.73 48.68
N VAL B 31 -17.54 -4.90 49.47
CA VAL B 31 -18.51 -3.86 49.01
C VAL B 31 -17.71 -2.56 48.79
N ILE B 32 -17.80 -1.98 47.60
CA ILE B 32 -17.09 -0.74 47.17
C ILE B 32 -18.13 0.34 46.80
N ASP B 33 -18.15 1.45 47.52
CA ASP B 33 -18.83 2.71 47.10
C ASP B 33 -18.03 3.34 45.99
N THR B 34 -18.48 3.22 44.72
CA THR B 34 -17.69 3.59 43.52
C THR B 34 -17.16 5.02 43.64
N LEU B 35 -17.94 5.94 44.23
CA LEU B 35 -17.57 7.37 44.37
C LEU B 35 -16.32 7.54 45.24
N ARG B 36 -16.12 6.64 46.21
CA ARG B 36 -15.01 6.70 47.21
C ARG B 36 -13.77 5.96 46.66
N ALA B 37 -13.91 5.29 45.52
CA ALA B 37 -12.78 4.71 44.73
C ALA B 37 -12.14 5.83 43.91
N TYR B 38 -10.81 5.87 43.89
CA TYR B 38 -9.99 6.80 43.06
C TYR B 38 -8.90 5.97 42.40
N MET B 39 -8.44 6.37 41.22
CA MET B 39 -7.54 5.51 40.40
C MET B 39 -6.54 6.35 39.62
N ASN B 40 -5.45 5.70 39.23
CA ASN B 40 -4.43 6.17 38.27
C ASN B 40 -4.58 5.31 37.01
N ILE B 41 -4.85 5.92 35.86
CA ILE B 41 -4.93 5.20 34.54
C ILE B 41 -3.52 5.15 33.96
N ALA B 42 -3.12 3.98 33.44
CA ALA B 42 -1.74 3.70 33.01
C ALA B 42 -1.70 2.38 32.23
N SER B 43 -0.85 2.31 31.19
CA SER B 43 -0.62 1.09 30.36
C SER B 43 -0.11 -0.05 31.25
N HIS B 44 1.05 0.14 31.88
CA HIS B 44 1.76 -0.88 32.71
C HIS B 44 0.92 -1.19 33.97
N LYS B 45 1.09 -0.42 35.06
CA LYS B 45 0.55 -0.74 36.41
C LYS B 45 -0.61 0.20 36.74
N PRO B 46 -1.83 -0.02 36.18
CA PRO B 46 -3.00 0.79 36.53
C PRO B 46 -3.56 0.42 37.91
N GLN B 47 -3.75 1.41 38.77
CA GLN B 47 -4.15 1.21 40.20
C GLN B 47 -5.59 1.68 40.42
N ILE B 48 -6.34 0.97 41.27
CA ILE B 48 -7.55 1.48 41.99
C ILE B 48 -7.23 1.46 43.48
N HIS B 49 -7.38 2.60 44.15
CA HIS B 49 -7.23 2.75 45.62
C HIS B 49 -8.61 3.02 46.23
N TYR B 50 -8.77 2.70 47.51
CA TYR B 50 -10.04 2.81 48.29
C TYR B 50 -9.70 3.00 49.76
N ARG B 51 -10.06 4.15 50.34
CA ARG B 51 -9.79 4.51 51.75
C ARG B 51 -8.31 4.29 52.09
N GLY B 52 -7.40 4.71 51.19
CA GLY B 52 -5.95 4.77 51.45
C GLY B 52 -5.20 3.53 50.99
N LYS B 53 -5.90 2.40 50.81
CA LYS B 53 -5.30 1.09 50.47
C LYS B 53 -5.64 0.72 49.03
N PRO B 54 -4.76 0.00 48.31
CA PRO B 54 -5.06 -0.46 46.95
C PRO B 54 -6.06 -1.64 46.91
N LEU B 55 -6.84 -1.74 45.84
CA LEU B 55 -7.76 -2.88 45.57
C LEU B 55 -7.07 -3.86 44.61
N GLU B 56 -6.65 -5.03 45.11
CA GLU B 56 -5.86 -6.05 44.35
C GLU B 56 -6.57 -7.40 44.36
N GLY B 57 -6.15 -8.30 43.48
CA GLY B 57 -6.43 -9.75 43.54
C GLY B 57 -7.90 -10.09 43.41
N PHE B 58 -8.70 -9.19 42.82
CA PHE B 58 -10.15 -9.41 42.56
C PHE B 58 -10.28 -10.30 41.32
N ASP B 59 -11.16 -11.31 41.40
CA ASP B 59 -11.42 -12.29 40.31
C ASP B 59 -12.63 -11.84 39.49
N ALA B 60 -13.63 -11.23 40.15
CA ALA B 60 -14.90 -10.79 39.51
C ALA B 60 -15.44 -9.54 40.20
N VAL B 61 -16.26 -8.78 39.50
CA VAL B 61 -16.92 -7.55 40.01
C VAL B 61 -18.40 -7.59 39.59
N ILE B 62 -19.31 -7.31 40.54
CA ILE B 62 -20.77 -7.21 40.31
C ILE B 62 -21.14 -5.74 40.31
N PRO B 63 -21.36 -5.10 39.14
CA PRO B 63 -21.72 -3.70 39.09
C PRO B 63 -23.23 -3.51 39.37
N ARG B 64 -23.53 -2.84 40.48
CA ARG B 64 -24.87 -2.33 40.86
C ARG B 64 -24.88 -0.82 40.73
N ILE B 65 -24.81 -0.33 39.50
CA ILE B 65 -24.75 1.14 39.19
C ILE B 65 -26.17 1.71 39.35
N GLY B 66 -26.33 2.76 40.16
CA GLY B 66 -27.60 3.47 40.37
C GLY B 66 -27.92 4.42 39.23
N ALA B 67 -29.18 4.85 39.12
CA ALA B 67 -29.69 5.79 38.08
C ALA B 67 -29.36 7.24 38.50
N SER B 68 -28.06 7.56 38.59
CA SER B 68 -27.51 8.87 39.03
C SER B 68 -26.91 9.62 37.83
N VAL B 69 -26.28 10.79 38.08
CA VAL B 69 -25.50 11.56 37.06
C VAL B 69 -24.06 11.02 37.08
N THR B 70 -23.91 9.69 36.93
CA THR B 70 -22.70 8.91 37.32
C THR B 70 -22.06 8.27 36.07
N PHE B 71 -21.30 9.07 35.32
CA PHE B 71 -20.29 8.58 34.35
C PHE B 71 -19.13 7.92 35.11
N TYR B 72 -18.90 8.35 36.34
CA TYR B 72 -17.77 7.91 37.22
C TYR B 72 -17.92 6.42 37.56
N GLY B 73 -19.13 5.98 37.92
CA GLY B 73 -19.41 4.58 38.28
C GLY B 73 -18.98 3.63 37.17
N CYS B 74 -19.32 3.94 35.91
CA CYS B 74 -18.93 3.17 34.70
C CYS B 74 -17.40 3.17 34.55
N ALA B 75 -16.73 4.29 34.88
CA ALA B 75 -15.27 4.47 34.79
C ALA B 75 -14.57 3.52 35.77
N VAL B 76 -15.10 3.39 36.99
CA VAL B 76 -14.54 2.48 38.04
C VAL B 76 -14.70 1.03 37.55
N LEU B 77 -15.87 0.68 36.99
CA LEU B 77 -16.12 -0.66 36.40
C LEU B 77 -15.15 -0.91 35.25
N ARG B 78 -14.91 0.10 34.42
CA ARG B 78 -14.02 -0.01 33.23
C ARG B 78 -12.59 -0.33 33.70
N GLN B 79 -12.09 0.35 34.74
CA GLN B 79 -10.73 0.08 35.31
C GLN B 79 -10.62 -1.39 35.68
N PHE B 80 -11.61 -1.91 36.43
CA PHE B 80 -11.66 -3.32 36.88
C PHE B 80 -11.53 -4.22 35.65
N GLU B 81 -12.33 -3.97 34.61
CA GLU B 81 -12.34 -4.75 33.33
C GLU B 81 -10.93 -4.76 32.72
N MET B 82 -10.33 -3.58 32.62
CA MET B 82 -8.99 -3.36 31.98
C MET B 82 -7.88 -3.97 32.84
N MET B 83 -8.12 -4.12 34.15
CA MET B 83 -7.17 -4.75 35.10
C MET B 83 -7.42 -6.26 35.17
N GLY B 84 -8.27 -6.81 34.28
CA GLY B 84 -8.43 -8.25 34.04
C GLY B 84 -9.57 -8.87 34.82
N VAL B 85 -10.23 -8.09 35.69
CA VAL B 85 -11.34 -8.58 36.58
C VAL B 85 -12.57 -8.85 35.70
N PHE B 86 -13.22 -10.01 35.91
CA PHE B 86 -14.42 -10.45 35.15
C PHE B 86 -15.65 -9.69 35.64
N PRO B 87 -16.35 -8.94 34.76
CA PRO B 87 -17.58 -8.25 35.15
C PRO B 87 -18.83 -9.13 34.93
N LEU B 88 -19.80 -9.05 35.84
CA LEU B 88 -21.10 -9.76 35.72
C LEU B 88 -21.80 -9.27 34.45
N ASN B 89 -21.84 -7.95 34.27
CA ASN B 89 -22.27 -7.24 33.04
C ASN B 89 -21.16 -6.28 32.61
N GLU B 90 -20.83 -6.27 31.31
CA GLU B 90 -19.78 -5.39 30.74
C GLU B 90 -20.26 -3.94 30.78
N SER B 91 -19.33 -3.01 31.02
CA SER B 91 -19.59 -1.54 31.06
C SER B 91 -20.27 -1.11 29.76
N VAL B 92 -19.83 -1.65 28.63
CA VAL B 92 -20.37 -1.36 27.27
C VAL B 92 -21.89 -1.60 27.29
N ALA B 93 -22.31 -2.76 27.79
CA ALA B 93 -23.72 -3.21 27.83
C ALA B 93 -24.54 -2.32 28.78
N ILE B 94 -23.96 -1.97 29.94
CA ILE B 94 -24.64 -1.17 31.00
C ILE B 94 -24.95 0.22 30.44
N ALA B 95 -24.00 0.82 29.72
CA ALA B 95 -24.13 2.15 29.06
C ALA B 95 -25.30 2.11 28.06
N ARG B 96 -25.44 1.02 27.31
CA ARG B 96 -26.56 0.81 26.35
C ARG B 96 -27.90 0.82 27.08
N SER B 97 -28.00 0.08 28.19
CA SER B 97 -29.25 -0.14 28.98
C SER B 97 -29.72 1.16 29.64
N ARG B 98 -28.80 1.94 30.20
CA ARG B 98 -29.13 3.11 31.06
C ARG B 98 -29.62 4.27 30.18
N ASP B 99 -29.20 4.33 28.92
CA ASP B 99 -29.72 5.30 27.93
C ASP B 99 -31.03 4.73 27.37
N LYS B 100 -32.18 5.11 27.96
CA LYS B 100 -33.50 4.51 27.67
C LYS B 100 -33.87 4.79 26.20
N LEU B 101 -33.54 5.97 25.67
CA LEU B 101 -33.76 6.33 24.25
C LEU B 101 -33.02 5.33 23.36
N ARG B 102 -31.71 5.20 23.57
CA ARG B 102 -30.82 4.31 22.78
C ARG B 102 -31.28 2.87 22.92
N SER B 103 -31.67 2.47 24.13
CA SER B 103 -32.11 1.09 24.48
C SER B 103 -33.30 0.70 23.60
N LEU B 104 -34.35 1.53 23.55
CA LEU B 104 -35.58 1.27 22.77
C LEU B 104 -35.26 1.26 21.26
N GLN B 105 -34.41 2.19 20.81
CA GLN B 105 -33.98 2.27 19.38
C GLN B 105 -33.32 0.94 18.98
N LEU B 106 -32.49 0.36 19.87
CA LEU B 106 -31.68 -0.84 19.57
C LEU B 106 -32.60 -2.06 19.53
N LEU B 107 -33.55 -2.15 20.47
CA LEU B 107 -34.56 -3.24 20.54
C LEU B 107 -35.45 -3.17 19.29
N SER B 108 -35.87 -1.97 18.90
CA SER B 108 -36.72 -1.70 17.72
C SER B 108 -36.02 -2.20 16.46
N ARG B 109 -34.73 -1.91 16.30
CA ARG B 109 -33.96 -2.23 15.07
C ARG B 109 -33.79 -3.75 14.95
N ARG B 110 -33.66 -4.47 16.06
CA ARG B 110 -33.46 -5.95 16.08
C ARG B 110 -34.82 -6.68 16.12
N GLY B 111 -35.92 -5.94 15.98
CA GLY B 111 -37.28 -6.51 15.76
C GLY B 111 -37.91 -7.07 17.03
N ILE B 112 -37.47 -6.62 18.21
CA ILE B 112 -38.12 -6.96 19.51
C ILE B 112 -39.45 -6.21 19.56
N GLY B 113 -40.52 -6.88 19.97
CA GLY B 113 -41.86 -6.27 20.13
C GLY B 113 -41.81 -5.13 21.12
N LEU B 114 -42.19 -3.91 20.71
CA LEU B 114 -42.33 -2.73 21.58
C LEU B 114 -43.70 -2.12 21.37
N PRO B 115 -44.21 -1.31 22.33
CA PRO B 115 -45.36 -0.45 22.05
C PRO B 115 -44.94 0.55 20.97
N VAL B 116 -45.90 1.08 20.20
CA VAL B 116 -45.65 2.21 19.26
C VAL B 116 -45.14 3.38 20.11
N THR B 117 -43.98 3.94 19.78
CA THR B 117 -43.21 4.86 20.65
C THR B 117 -42.69 6.06 19.84
N GLY B 118 -42.82 7.25 20.41
CA GLY B 118 -42.27 8.51 19.88
C GLY B 118 -41.37 9.19 20.91
N PHE B 119 -40.38 9.95 20.43
CA PHE B 119 -39.47 10.79 21.23
C PHE B 119 -39.60 12.25 20.78
N ALA B 120 -39.42 13.18 21.72
CA ALA B 120 -39.47 14.64 21.50
C ALA B 120 -38.67 15.34 22.60
N HIS B 121 -38.27 16.60 22.39
CA HIS B 121 -37.70 17.49 23.43
C HIS B 121 -38.39 18.85 23.33
N SER B 122 -38.20 19.54 22.20
CA SER B 122 -38.80 20.88 21.90
C SER B 122 -39.52 20.82 20.56
N PRO B 123 -40.54 19.94 20.41
CA PRO B 123 -41.29 19.83 19.16
C PRO B 123 -42.13 21.09 18.92
N ASP B 124 -42.20 21.55 17.67
CA ASP B 124 -42.92 22.78 17.26
C ASP B 124 -44.37 22.43 16.93
N ASP B 125 -44.61 21.22 16.38
CA ASP B 125 -45.95 20.72 15.97
C ASP B 125 -46.29 19.49 16.81
N ILE B 126 -46.83 19.69 18.02
CA ILE B 126 -47.17 18.61 18.98
C ILE B 126 -48.31 17.74 18.40
N PRO B 127 -49.37 18.33 17.80
CA PRO B 127 -50.38 17.54 17.11
C PRO B 127 -49.77 16.52 16.12
N ASP B 128 -48.71 16.92 15.41
CA ASP B 128 -48.01 16.07 14.41
C ASP B 128 -47.35 14.89 15.15
N LEU B 129 -46.71 15.16 16.30
CA LEU B 129 -46.06 14.11 17.15
C LEU B 129 -47.13 13.09 17.57
N ILE B 130 -48.30 13.57 18.04
CA ILE B 130 -49.42 12.71 18.53
C ILE B 130 -49.92 11.83 17.37
N GLN B 131 -50.09 12.42 16.18
CA GLN B 131 -50.55 11.73 14.95
C GLN B 131 -49.58 10.60 14.59
N MET B 132 -48.27 10.82 14.76
CA MET B 132 -47.18 9.87 14.38
C MET B 132 -47.26 8.59 15.23
N VAL B 133 -47.88 8.65 16.41
CA VAL B 133 -47.98 7.54 17.40
C VAL B 133 -49.42 7.01 17.44
N ASN B 134 -50.19 7.24 16.37
CA ASN B 134 -51.57 6.71 16.17
C ASN B 134 -52.54 7.34 17.20
N GLY B 135 -52.22 8.52 17.72
CA GLY B 135 -53.13 9.35 18.54
C GLY B 135 -53.38 8.76 19.92
N ALA B 136 -54.31 9.39 20.66
CA ALA B 136 -54.73 9.02 22.04
C ALA B 136 -55.51 7.70 21.99
N PRO B 137 -55.58 6.93 23.09
CA PRO B 137 -54.93 7.27 24.36
C PRO B 137 -53.41 7.02 24.32
N LEU B 138 -52.63 7.93 24.91
CA LEU B 138 -51.15 7.92 24.93
C LEU B 138 -50.66 7.95 26.39
N VAL B 139 -49.64 7.15 26.69
CA VAL B 139 -48.84 7.26 27.95
C VAL B 139 -47.66 8.19 27.65
N ILE B 140 -47.41 9.15 28.54
CA ILE B 140 -46.38 10.22 28.36
C ILE B 140 -45.44 10.19 29.57
N LYS B 141 -44.19 9.76 29.36
CA LYS B 141 -43.12 9.66 30.37
C LYS B 141 -42.14 10.81 30.15
N VAL B 142 -41.61 11.38 31.24
CA VAL B 142 -40.43 12.31 31.22
C VAL B 142 -39.20 11.47 31.55
N LEU B 143 -38.04 11.84 31.00
CA LEU B 143 -36.74 11.13 31.21
C LEU B 143 -35.72 12.10 31.79
N GLU B 144 -35.18 11.78 32.97
CA GLU B 144 -34.04 12.51 33.59
C GLU B 144 -32.82 11.58 33.55
N GLY B 145 -32.25 11.38 32.35
CA GLY B 145 -31.07 10.53 32.10
C GLY B 145 -31.44 9.06 31.98
N THR B 146 -31.50 8.36 33.12
CA THR B 146 -31.78 6.89 33.22
C THR B 146 -33.21 6.64 33.69
N GLN B 147 -33.70 7.44 34.66
CA GLN B 147 -35.02 7.26 35.33
C GLN B 147 -36.14 7.79 34.42
N GLY B 148 -37.28 7.08 34.36
CA GLY B 148 -38.56 7.54 33.79
C GLY B 148 -39.41 8.25 34.83
N ILE B 149 -38.98 9.42 35.25
CA ILE B 149 -39.32 10.11 36.56
C ILE B 149 -40.86 10.13 36.77
N GLY B 150 -41.59 10.61 35.76
CA GLY B 150 -43.05 10.80 35.80
C GLY B 150 -43.73 10.09 34.65
N VAL B 151 -44.98 9.66 34.85
CA VAL B 151 -45.80 8.89 33.87
C VAL B 151 -47.25 9.37 33.97
N VAL B 152 -47.85 9.77 32.85
CA VAL B 152 -49.26 10.26 32.77
C VAL B 152 -49.98 9.54 31.63
N LEU B 153 -51.15 8.96 31.92
CA LEU B 153 -52.09 8.47 30.89
C LEU B 153 -52.96 9.65 30.42
N CYS B 154 -52.94 9.93 29.12
CA CYS B 154 -53.75 11.00 28.46
C CYS B 154 -54.78 10.34 27.54
N GLU B 155 -56.07 10.50 27.86
CA GLU B 155 -57.21 9.82 27.19
C GLU B 155 -57.50 10.48 25.85
N THR B 156 -57.38 11.80 25.77
CA THR B 156 -57.69 12.64 24.58
C THR B 156 -56.42 13.35 24.10
N ALA B 157 -56.36 13.70 22.81
CA ALA B 157 -55.23 14.42 22.17
C ALA B 157 -55.06 15.81 22.79
N THR B 158 -56.14 16.41 23.29
CA THR B 158 -56.14 17.73 24.00
C THR B 158 -55.26 17.62 25.25
N ALA B 159 -55.51 16.59 26.08
CA ALA B 159 -54.76 16.30 27.33
C ALA B 159 -53.30 15.99 27.00
N ALA B 160 -53.07 15.16 25.97
CA ALA B 160 -51.72 14.77 25.48
C ALA B 160 -50.92 16.04 25.16
N GLU B 161 -51.51 16.93 24.35
CA GLU B 161 -50.87 18.19 23.91
C GLU B 161 -50.56 19.07 25.13
N SER B 162 -51.51 19.16 26.07
CA SER B 162 -51.43 20.01 27.28
C SER B 162 -50.28 19.54 28.19
N VAL B 163 -50.12 18.22 28.34
CA VAL B 163 -49.11 17.58 29.23
C VAL B 163 -47.73 17.69 28.59
N ILE B 164 -47.61 17.45 27.27
CA ILE B 164 -46.32 17.53 26.52
C ILE B 164 -45.79 18.97 26.63
N GLU B 165 -46.66 19.97 26.48
CA GLU B 165 -46.31 21.41 26.56
C GLU B 165 -45.74 21.72 27.95
N ALA B 166 -46.32 21.14 29.01
CA ALA B 166 -45.88 21.32 30.41
C ALA B 166 -44.46 20.77 30.58
N PHE B 167 -44.21 19.55 30.11
CA PHE B 167 -42.92 18.84 30.24
C PHE B 167 -41.85 19.53 29.41
N MET B 168 -42.23 20.08 28.25
CA MET B 168 -41.35 20.93 27.39
C MET B 168 -40.80 22.08 28.23
N GLY B 169 -41.66 22.75 28.99
CA GLY B 169 -41.31 23.84 29.92
C GLY B 169 -40.16 23.46 30.85
N LEU B 170 -40.11 22.19 31.27
CA LEU B 170 -39.09 21.66 32.22
C LEU B 170 -37.82 21.23 31.49
N LYS B 171 -37.75 21.46 30.17
CA LYS B 171 -36.56 21.20 29.30
C LYS B 171 -36.10 19.74 29.46
N GLN B 172 -37.05 18.81 29.53
CA GLN B 172 -36.78 17.35 29.74
C GLN B 172 -37.06 16.61 28.43
N ASP B 173 -36.32 15.52 28.18
CA ASP B 173 -36.57 14.56 27.07
C ASP B 173 -37.93 13.89 27.34
N ILE B 174 -38.82 13.89 26.35
CA ILE B 174 -40.22 13.40 26.47
C ILE B 174 -40.39 12.12 25.65
N MET B 175 -41.03 11.11 26.23
CA MET B 175 -41.38 9.84 25.55
C MET B 175 -42.91 9.71 25.48
N VAL B 176 -43.42 9.47 24.27
CA VAL B 176 -44.86 9.31 23.96
C VAL B 176 -45.08 7.87 23.48
N GLN B 177 -45.95 7.13 24.15
CA GLN B 177 -46.11 5.66 23.94
C GLN B 177 -47.59 5.28 23.84
N GLU B 178 -47.90 4.41 22.87
CA GLU B 178 -49.21 3.71 22.71
C GLU B 178 -49.61 3.09 24.06
N TYR B 179 -50.79 3.44 24.57
CA TYR B 179 -51.38 2.86 25.81
C TYR B 179 -51.99 1.49 25.49
N ILE B 180 -51.53 0.47 26.20
CA ILE B 180 -51.98 -0.95 26.05
C ILE B 180 -52.95 -1.27 27.19
N LYS B 181 -54.24 -1.01 26.95
CA LYS B 181 -55.36 -1.14 27.91
C LYS B 181 -55.61 -2.59 28.29
N GLU B 182 -55.23 -3.54 27.42
CA GLU B 182 -55.47 -5.00 27.58
C GLU B 182 -54.70 -5.54 28.78
N ALA B 183 -53.58 -4.90 29.14
CA ALA B 183 -52.63 -5.31 30.20
C ALA B 183 -53.32 -5.24 31.57
N GLY B 184 -54.29 -4.33 31.73
CA GLY B 184 -55.08 -4.15 32.97
C GLY B 184 -54.24 -3.60 34.11
N GLY B 185 -53.24 -2.78 33.78
CA GLY B 185 -52.26 -2.20 34.73
C GLY B 185 -51.40 -3.26 35.38
N ALA B 186 -50.93 -4.23 34.57
CA ALA B 186 -50.08 -5.37 35.02
C ALA B 186 -48.93 -5.56 34.03
N ASP B 187 -47.76 -5.97 34.53
CA ASP B 187 -46.58 -6.31 33.71
C ASP B 187 -45.92 -7.57 34.28
N ILE B 188 -45.26 -8.34 33.42
CA ILE B 188 -44.39 -9.50 33.78
C ILE B 188 -42.97 -8.95 33.93
N ARG B 189 -42.34 -9.12 35.10
CA ARG B 189 -40.89 -8.90 35.30
C ARG B 189 -40.17 -10.25 35.21
N CYS B 190 -39.48 -10.50 34.11
CA CYS B 190 -38.63 -11.70 33.88
C CYS B 190 -37.19 -11.41 34.29
N PHE B 191 -36.56 -12.34 34.99
CA PHE B 191 -35.21 -12.19 35.59
C PHE B 191 -34.24 -13.13 34.86
N VAL B 192 -33.34 -12.56 34.06
CA VAL B 192 -32.39 -13.29 33.16
C VAL B 192 -31.03 -13.42 33.87
N VAL B 193 -30.48 -14.64 33.88
CA VAL B 193 -29.07 -14.95 34.26
C VAL B 193 -28.53 -15.95 33.24
N GLY B 194 -27.52 -15.57 32.47
CA GLY B 194 -27.01 -16.35 31.33
C GLY B 194 -28.08 -16.53 30.27
N ASP B 195 -28.31 -17.77 29.81
CA ASP B 195 -29.24 -18.11 28.71
C ASP B 195 -30.60 -18.54 29.26
N LYS B 196 -30.92 -18.19 30.51
CA LYS B 196 -32.11 -18.72 31.22
C LYS B 196 -32.86 -17.59 31.94
N VAL B 197 -34.19 -17.63 31.88
CA VAL B 197 -35.11 -16.86 32.76
C VAL B 197 -35.29 -17.69 34.04
N ILE B 198 -34.58 -17.33 35.11
CA ILE B 198 -34.46 -18.14 36.36
C ILE B 198 -35.68 -17.87 37.26
N ALA B 199 -36.34 -16.72 37.10
CA ALA B 199 -37.47 -16.28 37.96
C ALA B 199 -38.33 -15.27 37.20
N SER B 200 -39.63 -15.25 37.50
CA SER B 200 -40.63 -14.34 36.89
C SER B 200 -41.69 -13.96 37.94
N MET B 201 -42.38 -12.84 37.75
CA MET B 201 -43.51 -12.43 38.63
C MET B 201 -44.37 -11.38 37.92
N LYS B 202 -45.69 -11.43 38.16
CA LYS B 202 -46.65 -10.39 37.73
C LYS B 202 -46.68 -9.29 38.77
N ARG B 203 -46.70 -8.03 38.34
CA ARG B 203 -46.94 -6.83 39.20
C ARG B 203 -48.33 -6.29 38.84
N GLN B 204 -49.08 -5.77 39.82
CA GLN B 204 -50.48 -5.31 39.65
C GLN B 204 -50.63 -3.92 40.30
N ALA B 205 -51.41 -3.04 39.68
CA ALA B 205 -51.76 -1.69 40.19
C ALA B 205 -52.85 -1.79 41.25
N LYS B 206 -53.09 -0.70 41.98
CA LYS B 206 -54.13 -0.63 43.05
C LYS B 206 -55.52 -0.69 42.41
N GLY B 218 -48.20 -2.13 43.63
CA GLY B 218 -49.22 -2.84 44.44
C GLY B 218 -48.81 -4.27 44.74
N SER B 219 -49.66 -5.24 44.36
CA SER B 219 -49.47 -6.70 44.59
C SER B 219 -48.47 -7.26 43.57
N ALA B 220 -47.55 -8.12 44.01
CA ALA B 220 -46.74 -9.03 43.14
C ALA B 220 -47.19 -10.47 43.41
N SER B 221 -47.17 -11.34 42.39
CA SER B 221 -47.63 -12.75 42.48
C SER B 221 -46.85 -13.62 41.49
N LEU B 222 -46.88 -14.94 41.69
CA LEU B 222 -46.27 -15.96 40.80
C LEU B 222 -47.02 -15.96 39.47
N ILE B 223 -46.34 -16.28 38.36
CA ILE B 223 -46.95 -16.37 37.00
C ILE B 223 -46.16 -17.36 36.15
N LYS B 224 -46.85 -18.27 35.47
CA LYS B 224 -46.27 -19.16 34.42
C LYS B 224 -46.17 -18.34 33.13
N ILE B 225 -44.96 -18.08 32.64
CA ILE B 225 -44.71 -17.28 31.42
C ILE B 225 -44.80 -18.18 30.19
N THR B 226 -45.28 -17.64 29.07
CA THR B 226 -45.41 -18.34 27.77
C THR B 226 -44.01 -18.59 27.21
N PRO B 227 -43.82 -19.57 26.30
CA PRO B 227 -42.52 -19.78 25.65
C PRO B 227 -42.02 -18.55 24.88
N GLU B 228 -42.94 -17.75 24.32
CA GLU B 228 -42.59 -16.56 23.50
C GLU B 228 -42.20 -15.39 24.41
N GLU B 229 -42.77 -15.34 25.63
CA GLU B 229 -42.41 -14.32 26.66
C GLU B 229 -41.00 -14.60 27.18
N ARG B 230 -40.67 -15.87 27.44
CA ARG B 230 -39.31 -16.32 27.83
C ARG B 230 -38.32 -15.94 26.71
N MET B 231 -38.64 -16.31 25.48
CA MET B 231 -37.78 -16.09 24.28
C MET B 231 -37.53 -14.59 24.09
N THR B 232 -38.54 -13.76 24.32
CA THR B 232 -38.48 -12.27 24.19
C THR B 232 -37.52 -11.71 25.24
N ALA B 233 -37.65 -12.15 26.49
CA ALA B 233 -36.83 -11.70 27.64
C ALA B 233 -35.35 -12.00 27.36
N LEU B 234 -35.04 -13.22 26.95
CA LEU B 234 -33.65 -13.67 26.65
C LEU B 234 -33.08 -12.85 25.48
N ARG B 235 -33.87 -12.67 24.41
CA ARG B 235 -33.45 -11.93 23.18
C ARG B 235 -33.19 -10.47 23.52
N ALA B 236 -34.06 -9.87 24.35
CA ALA B 236 -33.95 -8.44 24.79
C ALA B 236 -32.61 -8.25 25.52
N ALA B 237 -32.30 -9.14 26.46
CA ALA B 237 -31.05 -9.11 27.25
C ALA B 237 -29.84 -9.30 26.33
N LYS B 238 -29.94 -10.19 25.34
CA LYS B 238 -28.81 -10.54 24.42
C LYS B 238 -28.52 -9.34 23.50
N VAL B 239 -29.55 -8.64 23.04
CA VAL B 239 -29.45 -7.42 22.18
C VAL B 239 -28.71 -6.32 22.94
N MET B 240 -29.00 -6.13 24.24
CA MET B 240 -28.31 -5.14 25.10
C MET B 240 -26.89 -5.65 25.42
N GLY B 241 -26.69 -6.97 25.36
CA GLY B 241 -25.39 -7.63 25.65
C GLY B 241 -25.18 -7.83 27.13
N LEU B 242 -26.26 -8.05 27.88
CA LEU B 242 -26.26 -8.25 29.35
C LEU B 242 -26.31 -9.75 29.66
N SER B 243 -25.55 -10.20 30.64
CA SER B 243 -25.58 -11.59 31.17
C SER B 243 -26.66 -11.69 32.25
N VAL B 244 -26.83 -10.65 33.06
CA VAL B 244 -27.87 -10.54 34.12
C VAL B 244 -28.71 -9.29 33.85
N ALA B 245 -30.03 -9.44 33.75
CA ALA B 245 -30.96 -8.33 33.46
C ALA B 245 -32.37 -8.65 33.95
N GLY B 246 -33.11 -7.62 34.36
CA GLY B 246 -34.57 -7.64 34.53
C GLY B 246 -35.25 -7.08 33.30
N VAL B 247 -36.14 -7.84 32.67
CA VAL B 247 -36.90 -7.44 31.46
C VAL B 247 -38.37 -7.31 31.84
N ASP B 248 -38.95 -6.11 31.74
CA ASP B 248 -40.39 -5.85 31.99
C ASP B 248 -41.14 -6.03 30.68
N ILE B 249 -42.25 -6.77 30.71
CA ILE B 249 -43.04 -7.19 29.52
C ILE B 249 -44.52 -6.90 29.77
N LEU B 250 -45.23 -6.43 28.74
CA LEU B 250 -46.70 -6.24 28.72
C LEU B 250 -47.32 -7.35 27.85
N ARG B 251 -48.35 -8.03 28.37
CA ARG B 251 -49.19 -8.96 27.60
C ARG B 251 -50.18 -8.14 26.77
N SER B 252 -49.97 -8.09 25.45
CA SER B 252 -50.81 -7.33 24.50
C SER B 252 -51.55 -8.31 23.57
N ASN B 253 -52.55 -7.80 22.86
CA ASN B 253 -53.36 -8.55 21.86
C ASN B 253 -52.44 -9.10 20.77
N HIS B 254 -51.37 -8.37 20.42
CA HIS B 254 -50.43 -8.72 19.30
C HIS B 254 -49.11 -9.25 19.87
N GLY B 255 -49.12 -9.82 21.08
CA GLY B 255 -47.99 -10.57 21.66
C GLY B 255 -47.30 -9.82 22.80
N PRO B 256 -46.16 -10.33 23.31
CA PRO B 256 -45.42 -9.68 24.39
C PRO B 256 -44.64 -8.46 23.89
N LEU B 257 -44.71 -7.36 24.64
CA LEU B 257 -44.03 -6.07 24.33
C LEU B 257 -43.11 -5.70 25.49
N VAL B 258 -41.84 -5.41 25.20
CA VAL B 258 -40.80 -5.05 26.21
C VAL B 258 -40.99 -3.57 26.58
N MET B 259 -41.04 -3.28 27.89
CA MET B 259 -41.16 -1.90 28.44
C MET B 259 -39.76 -1.38 28.76
N GLU B 260 -38.99 -2.14 29.54
CA GLU B 260 -37.64 -1.75 30.02
C GLU B 260 -36.73 -2.98 30.08
N VAL B 261 -35.43 -2.77 29.93
CA VAL B 261 -34.36 -3.76 30.24
C VAL B 261 -33.41 -3.10 31.26
N ASN B 262 -33.38 -3.62 32.48
CA ASN B 262 -32.62 -3.08 33.64
C ASN B 262 -31.36 -3.93 33.84
N SER B 263 -30.18 -3.29 33.81
CA SER B 263 -28.84 -3.93 33.85
C SER B 263 -28.47 -4.35 35.27
N SER B 264 -29.13 -3.78 36.30
CA SER B 264 -28.96 -4.19 37.72
C SER B 264 -30.33 -4.25 38.39
N PRO B 265 -31.14 -5.29 38.14
CA PRO B 265 -32.50 -5.35 38.68
C PRO B 265 -32.52 -5.62 40.18
N GLY B 266 -33.49 -5.05 40.92
CA GLY B 266 -33.66 -5.27 42.36
C GLY B 266 -33.95 -6.73 42.66
N LEU B 267 -33.61 -7.21 43.85
CA LEU B 267 -33.72 -8.64 44.24
C LEU B 267 -34.84 -8.87 45.26
N GLU B 268 -35.22 -7.85 46.04
CA GLU B 268 -36.20 -7.98 47.14
C GLU B 268 -37.55 -8.47 46.58
N GLY B 269 -38.09 -7.77 45.59
CA GLY B 269 -39.38 -8.11 44.95
C GLY B 269 -39.42 -9.54 44.48
N ILE B 270 -38.47 -9.94 43.63
CA ILE B 270 -38.45 -11.26 42.94
C ILE B 270 -38.25 -12.38 43.98
N GLU B 271 -37.38 -12.17 44.99
CA GLU B 271 -37.00 -13.24 45.97
C GLU B 271 -38.16 -13.48 46.94
N VAL B 272 -38.78 -12.42 47.47
CA VAL B 272 -39.93 -12.51 48.41
C VAL B 272 -41.07 -13.28 47.73
N THR B 273 -41.32 -13.02 46.45
CA THR B 273 -42.47 -13.58 45.68
C THR B 273 -42.23 -15.05 45.34
N THR B 274 -41.02 -15.40 44.88
CA THR B 274 -40.69 -16.73 44.30
C THR B 274 -40.02 -17.64 45.34
N SER B 275 -39.42 -17.08 46.40
CA SER B 275 -38.66 -17.82 47.44
C SER B 275 -37.44 -18.50 46.82
N LYS B 276 -36.92 -17.97 45.70
CA LYS B 276 -35.72 -18.49 45.00
C LYS B 276 -34.49 -17.74 45.50
N ASP B 277 -33.35 -18.43 45.58
CA ASP B 277 -32.01 -17.83 45.90
C ASP B 277 -31.46 -17.22 44.62
N VAL B 278 -31.99 -16.07 44.21
CA VAL B 278 -31.59 -15.36 42.96
C VAL B 278 -30.16 -14.84 43.12
N ALA B 279 -29.86 -14.21 44.27
CA ALA B 279 -28.49 -13.79 44.67
C ALA B 279 -27.52 -14.97 44.49
N GLY B 280 -27.92 -16.15 44.97
CA GLY B 280 -27.14 -17.41 44.87
C GLY B 280 -26.82 -17.77 43.44
N MET B 281 -27.82 -17.75 42.56
CA MET B 281 -27.71 -18.16 41.13
C MET B 281 -26.80 -17.19 40.36
N ILE B 282 -26.80 -15.91 40.76
CA ILE B 282 -25.89 -14.86 40.20
C ILE B 282 -24.45 -15.24 40.55
N ILE B 283 -24.19 -15.56 41.82
CA ILE B 283 -22.84 -15.98 42.31
C ILE B 283 -22.44 -17.28 41.61
N GLU B 284 -23.39 -18.19 41.45
CA GLU B 284 -23.21 -19.51 40.77
C GLU B 284 -22.82 -19.29 39.31
N TYR B 285 -23.38 -18.26 38.66
CA TYR B 285 -23.06 -17.88 37.26
C TYR B 285 -21.60 -17.40 37.18
N LEU B 286 -21.17 -16.55 38.12
CA LEU B 286 -19.78 -16.03 38.21
C LEU B 286 -18.81 -17.20 38.35
N GLU B 287 -19.16 -18.21 39.16
CA GLU B 287 -18.31 -19.40 39.45
C GLU B 287 -17.98 -20.11 38.14
N LYS B 288 -18.93 -20.21 37.21
CA LYS B 288 -18.82 -21.02 35.96
C LYS B 288 -18.13 -20.22 34.86
N ASN B 289 -18.47 -18.94 34.69
CA ASN B 289 -18.07 -18.10 33.53
C ASN B 289 -16.88 -17.21 33.87
N SER B 290 -16.44 -17.17 35.13
CA SER B 290 -15.21 -16.47 35.57
C SER B 290 -13.98 -17.13 34.93
N GLY B 291 -13.99 -18.46 34.79
CA GLY B 291 -13.02 -19.22 33.99
C GLY B 291 -11.69 -19.36 34.70
N PRO B 292 -10.56 -19.45 33.95
CA PRO B 292 -9.22 -19.45 34.57
C PRO B 292 -9.05 -18.35 35.64
N MET C 1 -49.61 24.95 75.62
CA MET C 1 -49.57 25.39 74.22
C MET C 1 -49.53 24.18 73.28
N LYS C 2 -50.14 24.31 72.10
CA LYS C 2 -49.94 23.39 70.95
C LYS C 2 -48.93 24.03 70.00
N ILE C 3 -47.78 23.38 69.77
CA ILE C 3 -46.63 23.96 69.02
C ILE C 3 -46.32 23.04 67.83
N ALA C 4 -46.27 23.62 66.63
CA ALA C 4 -45.82 22.96 65.39
C ALA C 4 -44.30 23.13 65.28
N VAL C 5 -43.59 22.08 64.87
CA VAL C 5 -42.13 22.10 64.57
C VAL C 5 -41.96 21.72 63.10
N LEU C 6 -41.66 22.71 62.25
CA LEU C 6 -41.47 22.53 60.79
C LEU C 6 -40.08 21.95 60.55
N SER C 7 -39.96 20.63 60.37
CA SER C 7 -38.69 19.90 60.19
C SER C 7 -38.85 18.78 59.17
N ARG C 8 -37.90 18.66 58.24
CA ARG C 8 -37.87 17.60 57.19
C ARG C 8 -37.61 16.24 57.86
N ASN C 9 -36.87 16.21 58.97
CA ASN C 9 -36.45 14.96 59.67
C ASN C 9 -36.70 15.11 61.17
N PRO C 10 -37.69 14.39 61.74
CA PRO C 10 -37.96 14.44 63.18
C PRO C 10 -36.98 13.65 64.05
N ARG C 11 -36.08 12.89 63.43
CA ARG C 11 -35.10 12.00 64.12
C ARG C 11 -33.74 12.72 64.26
N LEU C 12 -33.63 13.96 63.79
CA LEU C 12 -32.41 14.80 63.93
C LEU C 12 -32.37 15.41 65.35
N TYR C 13 -31.18 15.50 65.93
CA TYR C 13 -30.93 15.90 67.34
C TYR C 13 -31.78 17.14 67.69
N SER C 14 -31.65 18.21 66.92
CA SER C 14 -32.21 19.55 67.21
C SER C 14 -33.74 19.51 67.28
N THR C 15 -34.39 18.71 66.41
CA THR C 15 -35.87 18.57 66.36
C THR C 15 -36.33 17.72 67.56
N ARG C 16 -35.69 16.57 67.78
CA ARG C 16 -35.95 15.68 68.94
C ARG C 16 -35.91 16.50 70.23
N ARG C 17 -34.86 17.29 70.41
CA ARG C 17 -34.62 18.10 71.65
C ARG C 17 -35.75 19.14 71.81
N LEU C 18 -36.23 19.73 70.71
CA LEU C 18 -37.29 20.77 70.77
C LEU C 18 -38.62 20.11 71.20
N VAL C 19 -38.92 18.89 70.75
CA VAL C 19 -40.17 18.19 71.16
C VAL C 19 -40.03 17.74 72.62
N GLU C 20 -38.87 17.21 73.01
CA GLU C 20 -38.55 16.81 74.42
C GLU C 20 -38.87 17.99 75.34
N ALA C 21 -38.12 19.10 75.20
CA ALA C 21 -38.21 20.32 76.02
C ALA C 21 -39.66 20.77 76.12
N GLY C 22 -40.39 20.69 75.01
CA GLY C 22 -41.82 21.06 74.92
C GLY C 22 -42.69 20.12 75.75
N ILE C 23 -42.59 18.82 75.50
CA ILE C 23 -43.35 17.75 76.22
C ILE C 23 -43.04 17.88 77.71
N GLU C 24 -41.76 17.99 78.07
CA GLU C 24 -41.27 18.16 79.47
C GLU C 24 -42.04 19.30 80.16
N ARG C 25 -42.34 20.37 79.43
CA ARG C 25 -42.95 21.62 79.97
C ARG C 25 -44.46 21.63 79.71
N GLY C 26 -45.03 20.48 79.31
CA GLY C 26 -46.48 20.19 79.33
C GLY C 26 -47.18 20.63 78.06
N HIS C 27 -46.45 20.90 76.99
CA HIS C 27 -46.97 21.38 75.68
C HIS C 27 -47.23 20.18 74.75
N GLU C 28 -48.13 20.34 73.78
CA GLU C 28 -48.42 19.35 72.71
C GLU C 28 -47.55 19.69 71.50
N MET C 29 -46.62 18.81 71.16
CA MET C 29 -45.59 19.06 70.11
C MET C 29 -45.94 18.20 68.88
N VAL C 30 -46.14 18.83 67.73
CA VAL C 30 -46.42 18.16 66.43
C VAL C 30 -45.31 18.52 65.45
N VAL C 31 -44.64 17.50 64.88
CA VAL C 31 -43.60 17.66 63.84
C VAL C 31 -44.29 17.60 62.47
N ILE C 32 -44.08 18.63 61.64
CA ILE C 32 -44.71 18.80 60.29
C ILE C 32 -43.60 18.87 59.25
N ASP C 33 -43.56 17.91 58.31
CA ASP C 33 -42.73 17.99 57.08
C ASP C 33 -43.43 18.97 56.13
N THR C 34 -42.91 20.18 55.99
CA THR C 34 -43.57 21.32 55.29
C THR C 34 -44.00 20.89 53.87
N LEU C 35 -43.20 20.06 53.20
CA LEU C 35 -43.47 19.61 51.81
C LEU C 35 -44.77 18.78 51.74
N ARG C 36 -45.11 18.07 52.82
CA ARG C 36 -46.29 17.17 52.89
C ARG C 36 -47.53 17.94 53.35
N ALA C 37 -47.35 19.21 53.74
CA ALA C 37 -48.45 20.17 54.00
C ALA C 37 -48.92 20.74 52.65
N TYR C 38 -50.24 20.85 52.48
CA TYR C 38 -50.90 21.48 51.31
C TYR C 38 -52.01 22.38 51.87
N MET C 39 -52.33 23.47 51.17
CA MET C 39 -53.20 24.53 51.72
C MET C 39 -54.06 25.16 50.64
N ASN C 40 -55.15 25.77 51.09
CA ASN C 40 -56.06 26.66 50.33
C ASN C 40 -55.84 28.07 50.86
N ILE C 41 -55.43 29.02 50.02
CA ILE C 41 -55.26 30.45 50.39
C ILE C 41 -56.61 31.14 50.19
N ALA C 42 -57.01 31.97 51.15
CA ALA C 42 -58.37 32.58 51.20
C ALA C 42 -58.41 33.63 52.31
N SER C 43 -59.13 34.74 52.07
CA SER C 43 -59.39 35.82 53.06
C SER C 43 -60.11 35.24 54.29
N HIS C 44 -61.31 34.68 54.08
CA HIS C 44 -62.20 34.12 55.14
C HIS C 44 -61.53 32.90 55.81
N LYS C 45 -61.71 31.69 55.27
CA LYS C 45 -61.34 30.41 55.95
C LYS C 45 -60.11 29.80 55.28
N PRO C 46 -58.88 30.30 55.54
CA PRO C 46 -57.66 29.72 54.99
C PRO C 46 -57.27 28.42 55.72
N GLN C 47 -57.07 27.33 54.98
CA GLN C 47 -56.82 25.97 55.54
C GLN C 47 -55.37 25.55 55.28
N ILE C 48 -54.76 24.84 56.23
CA ILE C 48 -53.60 23.94 56.00
C ILE C 48 -54.05 22.52 56.34
N HIS C 49 -53.90 21.59 55.39
CA HIS C 49 -54.16 20.14 55.58
C HIS C 49 -52.83 19.39 55.57
N TYR C 50 -52.80 18.20 56.18
CA TYR C 50 -51.60 17.33 56.35
C TYR C 50 -52.06 15.87 56.48
N ARG C 51 -51.67 15.03 55.52
CA ARG C 51 -52.05 13.60 55.46
C ARG C 51 -53.56 13.43 55.62
N GLY C 52 -54.36 14.28 54.93
CA GLY C 52 -55.82 14.11 54.81
C GLY C 52 -56.61 14.91 55.84
N LYS C 53 -55.98 15.28 56.96
CA LYS C 53 -56.63 15.95 58.11
C LYS C 53 -56.17 17.41 58.17
N PRO C 54 -57.03 18.35 58.65
CA PRO C 54 -56.62 19.75 58.82
C PRO C 54 -55.71 19.97 60.02
N LEU C 55 -54.82 20.98 59.95
CA LEU C 55 -53.96 21.44 61.07
C LEU C 55 -54.63 22.64 61.75
N GLU C 56 -55.16 22.45 62.97
CA GLU C 56 -55.96 23.46 63.72
C GLU C 56 -55.34 23.73 65.10
N GLY C 57 -55.76 24.82 65.73
CA GLY C 57 -55.58 25.09 67.17
C GLY C 57 -54.12 25.20 67.58
N PHE C 58 -53.22 25.51 66.65
CA PHE C 58 -51.77 25.73 66.93
C PHE C 58 -51.61 27.13 67.51
N ASP C 59 -50.82 27.25 68.58
CA ASP C 59 -50.55 28.52 69.30
C ASP C 59 -49.24 29.13 68.80
N ALA C 60 -48.25 28.31 68.46
CA ALA C 60 -46.91 28.74 68.01
C ALA C 60 -46.33 27.72 67.02
N VAL C 61 -45.38 28.18 66.20
CA VAL C 61 -44.67 27.34 65.19
C VAL C 61 -43.17 27.68 65.30
N ILE C 62 -42.33 26.63 65.35
CA ILE C 62 -40.84 26.73 65.33
C ILE C 62 -40.37 26.33 63.93
N PRO C 63 -40.01 27.31 63.06
CA PRO C 63 -39.56 27.00 61.73
C PRO C 63 -38.09 26.56 61.73
N ARG C 64 -37.83 25.29 61.37
CA ARG C 64 -36.47 24.76 61.15
C ARG C 64 -36.30 24.48 59.66
N ILE C 65 -36.30 25.55 58.84
CA ILE C 65 -36.23 25.47 57.35
C ILE C 65 -34.79 25.15 56.97
N GLY C 66 -34.60 24.09 56.18
CA GLY C 66 -33.28 23.63 55.69
C GLY C 66 -32.83 24.45 54.49
N ALA C 67 -31.55 24.32 54.13
CA ALA C 67 -30.90 25.04 53.02
C ALA C 67 -31.19 24.32 51.70
N SER C 68 -32.47 24.27 51.30
CA SER C 68 -32.97 23.56 50.09
C SER C 68 -33.40 24.58 49.02
N VAL C 69 -33.95 24.10 47.90
CA VAL C 69 -34.57 24.94 46.81
C VAL C 69 -36.04 25.18 47.21
N THR C 70 -36.27 25.66 48.43
CA THR C 70 -37.57 25.57 49.17
C THR C 70 -38.14 26.97 49.41
N PHE C 71 -38.76 27.55 48.39
CA PHE C 71 -39.71 28.70 48.50
C PHE C 71 -40.98 28.22 49.20
N TYR C 72 -41.31 26.91 49.07
CA TYR C 72 -42.55 26.28 49.59
C TYR C 72 -42.54 26.31 51.12
N GLY C 73 -41.41 25.98 51.75
CA GLY C 73 -41.24 25.98 53.21
C GLY C 73 -41.64 27.30 53.84
N CYS C 74 -41.17 28.41 53.27
CA CYS C 74 -41.50 29.80 53.70
C CYS C 74 -43.01 30.04 53.52
N ALA C 75 -43.62 29.51 52.45
CA ALA C 75 -45.06 29.66 52.14
C ALA C 75 -45.91 28.99 53.22
N VAL C 76 -45.51 27.80 53.67
CA VAL C 76 -46.20 27.04 54.75
C VAL C 76 -46.09 27.83 56.06
N LEU C 77 -44.91 28.37 56.37
CA LEU C 77 -44.69 29.23 57.56
C LEU C 77 -45.58 30.48 57.46
N ARG C 78 -45.69 31.06 56.27
CA ARG C 78 -46.48 32.30 56.03
C ARG C 78 -47.96 32.02 56.31
N GLN C 79 -48.50 30.89 55.85
CA GLN C 79 -49.91 30.49 56.10
C GLN C 79 -50.15 30.48 57.62
N PHE C 80 -49.27 29.81 58.38
CA PHE C 80 -49.36 29.70 59.85
C PHE C 80 -49.45 31.11 60.44
N GLU C 81 -48.56 32.00 60.03
CA GLU C 81 -48.49 33.42 60.49
C GLU C 81 -49.83 34.11 60.24
N MET C 82 -50.34 33.97 59.02
CA MET C 82 -51.59 34.63 58.53
C MET C 82 -52.82 34.03 59.23
N MET C 83 -52.71 32.77 59.69
CA MET C 83 -53.79 32.07 60.43
C MET C 83 -53.64 32.34 61.94
N GLY C 84 -52.77 33.27 62.33
CA GLY C 84 -52.69 33.83 63.69
C GLY C 84 -51.67 33.13 64.58
N VAL C 85 -51.03 32.06 64.09
CA VAL C 85 -50.03 31.25 64.85
C VAL C 85 -48.76 32.08 65.03
N PHE C 86 -48.21 32.12 66.25
CA PHE C 86 -47.00 32.90 66.61
C PHE C 86 -45.76 32.16 66.11
N PRO C 87 -44.93 32.79 65.26
CA PRO C 87 -43.68 32.19 64.82
C PRO C 87 -42.49 32.53 65.73
N LEU C 88 -41.60 31.58 65.96
CA LEU C 88 -40.35 31.80 66.75
C LEU C 88 -39.52 32.87 66.04
N ASN C 89 -39.36 32.71 64.73
CA ASN C 89 -38.75 33.70 63.80
C ASN C 89 -39.75 33.95 62.66
N GLU C 90 -39.96 35.21 62.30
CA GLU C 90 -40.93 35.63 61.24
C GLU C 90 -40.35 35.20 59.88
N SER C 91 -41.21 34.80 58.95
CA SER C 91 -40.84 34.39 57.57
C SER C 91 -40.02 35.50 56.90
N VAL C 92 -40.40 36.76 57.12
CA VAL C 92 -39.71 37.96 56.56
C VAL C 92 -38.22 37.90 56.93
N ALA C 93 -37.93 37.68 58.22
CA ALA C 93 -36.57 37.66 58.79
C ALA C 93 -35.79 36.46 58.24
N ILE C 94 -36.43 35.29 58.13
CA ILE C 94 -35.80 34.03 57.68
C ILE C 94 -35.33 34.19 56.23
N ALA C 95 -36.17 34.80 55.38
CA ALA C 95 -35.88 35.10 53.96
C ALA C 95 -34.64 35.98 53.85
N ARG C 96 -34.50 36.98 54.74
CA ARG C 96 -33.32 37.89 54.82
C ARG C 96 -32.05 37.08 55.12
N SER C 97 -32.11 36.17 56.10
CA SER C 97 -30.97 35.38 56.63
C SER C 97 -30.46 34.38 55.59
N ARG C 98 -31.38 33.71 54.89
CA ARG C 98 -31.04 32.57 54.00
C ARG C 98 -30.39 33.09 52.72
N ASP C 99 -30.69 34.33 52.31
CA ASP C 99 -30.01 35.01 51.18
C ASP C 99 -28.70 35.60 51.71
N LYS C 100 -27.60 34.86 51.60
CA LYS C 100 -26.29 35.20 52.22
C LYS C 100 -25.77 36.52 51.64
N LEU C 101 -25.97 36.76 50.35
CA LEU C 101 -25.61 38.03 49.67
C LEU C 101 -26.33 39.19 50.35
N ARG C 102 -27.66 39.11 50.41
CA ARG C 102 -28.55 40.15 51.00
C ARG C 102 -28.20 40.35 52.47
N SER C 103 -27.95 39.25 53.18
CA SER C 103 -27.64 39.23 54.64
C SER C 103 -26.42 40.09 54.91
N LEU C 104 -25.31 39.86 54.20
CA LEU C 104 -24.03 40.60 54.39
C LEU C 104 -24.22 42.07 53.98
N GLN C 105 -24.94 42.34 52.90
CA GLN C 105 -25.23 43.73 52.44
C GLN C 105 -25.95 44.48 53.56
N LEU C 106 -26.89 43.84 54.26
CA LEU C 106 -27.76 44.49 55.27
C LEU C 106 -26.93 44.78 56.53
N LEU C 107 -26.08 43.82 56.93
CA LEU C 107 -25.17 43.95 58.09
C LEU C 107 -24.17 45.07 57.80
N SER C 108 -23.62 45.12 56.59
CA SER C 108 -22.65 46.14 56.11
C SER C 108 -23.26 47.54 56.23
N ARG C 109 -24.51 47.70 55.79
CA ARG C 109 -25.20 49.02 55.73
C ARG C 109 -25.46 49.53 57.15
N ARG C 110 -25.73 48.64 58.11
CA ARG C 110 -26.04 49.01 59.52
C ARG C 110 -24.75 49.05 60.35
N GLY C 111 -23.58 48.93 59.71
CA GLY C 111 -22.27 49.19 60.33
C GLY C 111 -21.80 48.07 61.25
N ILE C 112 -22.31 46.85 61.07
CA ILE C 112 -21.81 45.63 61.77
C ILE C 112 -20.43 45.30 61.19
N GLY C 113 -19.45 45.01 62.05
CA GLY C 113 -18.09 44.60 61.62
C GLY C 113 -18.15 43.37 60.76
N LEU C 114 -17.65 43.43 59.52
CA LEU C 114 -17.51 42.26 58.62
C LEU C 114 -16.08 42.19 58.11
N PRO C 115 -15.62 41.03 57.62
CA PRO C 115 -14.40 40.97 56.82
C PRO C 115 -14.64 41.80 55.54
N VAL C 116 -13.58 42.31 54.93
CA VAL C 116 -13.67 42.95 53.59
C VAL C 116 -14.17 41.88 52.62
N THR C 117 -15.25 42.15 51.89
CA THR C 117 -16.04 41.14 51.14
C THR C 117 -16.39 41.65 49.74
N GLY C 118 -16.22 40.78 48.75
CA GLY C 118 -16.62 41.02 47.35
C GLY C 118 -17.54 39.93 46.84
N PHE C 119 -18.41 40.28 45.90
CA PHE C 119 -19.36 39.37 45.20
C PHE C 119 -19.10 39.43 43.69
N ALA C 120 -19.30 38.30 43.00
CA ALA C 120 -19.10 38.16 41.55
C ALA C 120 -19.93 36.96 41.05
N HIS C 121 -20.21 36.91 39.75
CA HIS C 121 -20.81 35.73 39.07
C HIS C 121 -20.02 35.42 37.81
N SER C 122 -20.04 36.34 36.85
CA SER C 122 -19.34 36.26 35.54
C SER C 122 -18.47 37.50 35.34
N PRO C 123 -17.52 37.81 36.25
CA PRO C 123 -16.65 38.97 36.12
C PRO C 123 -15.69 38.82 34.93
N ASP C 124 -15.48 39.90 34.16
CA ASP C 124 -14.61 39.91 32.96
C ASP C 124 -13.17 40.24 33.36
N ASP C 125 -13.00 41.06 34.41
CA ASP C 125 -11.67 41.48 34.95
C ASP C 125 -11.53 40.95 36.38
N ILE C 126 -11.08 39.70 36.53
CA ILE C 126 -10.92 39.02 37.85
C ILE C 126 -9.82 39.71 38.65
N PRO C 127 -8.66 40.06 38.05
CA PRO C 127 -7.66 40.87 38.74
C PRO C 127 -8.25 42.11 39.42
N ASP C 128 -9.21 42.78 38.76
CA ASP C 128 -9.88 44.00 39.28
C ASP C 128 -10.70 43.63 40.53
N LEU C 129 -11.42 42.50 40.49
CA LEU C 129 -12.21 41.97 41.64
C LEU C 129 -11.27 41.75 42.83
N ILE C 130 -10.13 41.11 42.59
CA ILE C 130 -9.13 40.77 43.65
C ILE C 130 -8.58 42.07 44.26
N GLN C 131 -8.26 43.05 43.43
CA GLN C 131 -7.74 44.39 43.84
C GLN C 131 -8.77 45.09 44.75
N MET C 132 -10.06 44.95 44.45
CA MET C 132 -11.18 45.62 45.17
C MET C 132 -11.26 45.12 46.63
N VAL C 133 -10.74 43.92 46.90
CA VAL C 133 -10.82 43.23 48.22
C VAL C 133 -9.42 43.23 48.88
N ASN C 134 -8.55 44.16 48.48
CA ASN C 134 -7.19 44.37 49.05
C ASN C 134 -6.28 43.16 48.81
N GLY C 135 -6.56 42.37 47.76
CA GLY C 135 -5.68 41.30 47.25
C GLY C 135 -5.59 40.11 48.18
N ALA C 136 -4.69 39.18 47.84
CA ALA C 136 -4.43 37.90 48.56
C ALA C 136 -3.75 38.22 49.89
N PRO C 137 -3.83 37.34 50.92
CA PRO C 137 -4.57 36.08 50.83
C PRO C 137 -6.09 36.29 50.92
N LEU C 138 -6.85 35.54 50.11
CA LEU C 138 -8.33 35.63 49.99
C LEU C 138 -8.94 34.25 50.27
N VAL C 139 -10.05 34.22 51.01
CA VAL C 139 -10.95 33.05 51.13
C VAL C 139 -12.03 33.19 50.05
N ILE C 140 -12.29 32.10 49.32
CA ILE C 140 -13.21 32.09 48.15
C ILE C 140 -14.26 31.00 48.37
N LYS C 141 -15.51 31.41 48.62
CA LYS C 141 -16.68 30.50 48.84
C LYS C 141 -17.55 30.53 47.59
N VAL C 142 -18.14 29.38 47.24
CA VAL C 142 -19.24 29.26 46.24
C VAL C 142 -20.56 29.25 47.01
N LEU C 143 -21.64 29.78 46.42
CA LEU C 143 -22.99 29.82 47.02
C LEU C 143 -23.98 29.09 46.11
N GLU C 144 -24.68 28.07 46.64
CA GLU C 144 -25.81 27.40 45.97
C GLU C 144 -27.09 27.78 46.74
N GLY C 145 -27.53 29.04 46.59
CA GLY C 145 -28.70 29.62 47.27
C GLY C 145 -28.37 30.06 48.69
N THR C 146 -28.50 29.13 49.64
CA THR C 146 -28.34 29.35 51.12
C THR C 146 -26.99 28.78 51.61
N GLN C 147 -26.59 27.60 51.09
CA GLN C 147 -25.38 26.86 51.52
C GLN C 147 -24.13 27.50 50.92
N GLY C 148 -23.04 27.60 51.70
CA GLY C 148 -21.68 27.98 51.26
C GLY C 148 -20.87 26.75 50.87
N ILE C 149 -21.26 26.13 49.76
CA ILE C 149 -20.99 24.68 49.40
C ILE C 149 -19.48 24.36 49.57
N GLY C 150 -18.63 25.18 48.95
CA GLY C 150 -17.16 24.99 48.93
C GLY C 150 -16.42 26.21 49.46
N VAL C 151 -15.24 26.01 50.06
CA VAL C 151 -14.40 27.10 50.65
C VAL C 151 -12.93 26.80 50.36
N VAL C 152 -12.20 27.75 49.78
CA VAL C 152 -10.76 27.62 49.43
C VAL C 152 -10.00 28.85 49.93
N LEU C 153 -8.91 28.63 50.68
CA LEU C 153 -7.91 29.67 51.01
C LEU C 153 -6.91 29.76 49.85
N CYS C 154 -6.78 30.96 49.25
CA CYS C 154 -5.84 31.26 48.14
C CYS C 154 -4.79 32.24 48.63
N GLU C 155 -3.52 31.80 48.67
CA GLU C 155 -2.38 32.54 49.27
C GLU C 155 -1.93 33.66 48.33
N THR C 156 -1.93 33.40 47.02
CA THR C 156 -1.46 34.34 45.95
C THR C 156 -2.63 34.72 45.05
N ALA C 157 -2.54 35.88 44.38
CA ALA C 157 -3.57 36.39 43.45
C ALA C 157 -3.69 35.47 42.23
N THR C 158 -2.62 34.76 41.86
CA THR C 158 -2.59 33.76 40.76
C THR C 158 -3.58 32.63 41.09
N ALA C 159 -3.47 32.07 42.30
CA ALA C 159 -4.33 30.98 42.81
C ALA C 159 -5.78 31.47 42.91
N ALA C 160 -5.98 32.67 43.44
CA ALA C 160 -7.31 33.33 43.58
C ALA C 160 -7.98 33.40 42.20
N GLU C 161 -7.27 33.92 41.21
CA GLU C 161 -7.77 34.09 39.81
C GLU C 161 -8.11 32.71 39.23
N SER C 162 -7.25 31.72 39.46
CA SER C 162 -7.39 30.34 38.92
C SER C 162 -8.64 29.65 39.49
N VAL C 163 -8.91 29.86 40.77
CA VAL C 163 -10.05 29.22 41.52
C VAL C 163 -11.36 29.92 41.13
N ILE C 164 -11.36 31.25 41.03
CA ILE C 164 -12.56 32.05 40.64
C ILE C 164 -13.00 31.63 39.23
N GLU C 165 -12.04 31.48 38.31
CA GLU C 165 -12.30 31.06 36.91
C GLU C 165 -12.98 29.69 36.88
N ALA C 166 -12.55 28.77 37.76
CA ALA C 166 -13.10 27.41 37.87
C ALA C 166 -14.57 27.49 38.30
N PHE C 167 -14.85 28.26 39.35
CA PHE C 167 -16.20 28.41 39.96
C PHE C 167 -17.14 29.12 38.98
N MET C 168 -16.60 30.08 38.21
CA MET C 168 -17.32 30.76 37.10
C MET C 168 -17.88 29.70 36.14
N GLY C 169 -17.05 28.73 35.75
CA GLY C 169 -17.41 27.60 34.88
C GLY C 169 -18.66 26.89 35.37
N LEU C 170 -18.86 26.80 36.69
CA LEU C 170 -20.00 26.08 37.33
C LEU C 170 -21.22 27.00 37.45
N LYS C 171 -21.15 28.22 36.91
CA LYS C 171 -22.26 29.21 36.82
C LYS C 171 -22.84 29.45 38.23
N GLN C 172 -21.97 29.54 39.25
CA GLN C 172 -22.38 29.73 40.67
C GLN C 172 -22.01 31.15 41.11
N ASP C 173 -22.81 31.74 42.02
CA ASP C 173 -22.52 33.02 42.70
C ASP C 173 -21.25 32.83 43.54
N ILE C 174 -20.26 33.71 43.39
CA ILE C 174 -18.92 33.59 44.03
C ILE C 174 -18.76 34.70 45.08
N MET C 175 -18.26 34.34 46.26
CA MET C 175 -17.94 35.27 47.36
C MET C 175 -16.43 35.27 47.61
N VAL C 176 -15.83 36.46 47.59
CA VAL C 176 -14.37 36.69 47.81
C VAL C 176 -14.23 37.49 49.10
N GLN C 177 -13.48 36.96 50.08
CA GLN C 177 -13.42 37.52 51.45
C GLN C 177 -11.96 37.61 51.93
N GLU C 178 -11.62 38.74 52.56
CA GLU C 178 -10.35 38.99 53.28
C GLU C 178 -10.13 37.83 54.27
N TYR C 179 -8.98 37.15 54.18
CA TYR C 179 -8.56 36.06 55.11
C TYR C 179 -8.00 36.70 56.38
N ILE C 180 -8.57 36.33 57.52
CA ILE C 180 -8.20 36.85 58.87
C ILE C 180 -7.35 35.77 59.56
N LYS C 181 -6.03 35.85 59.35
CA LYS C 181 -5.02 34.87 59.80
C LYS C 181 -4.89 34.88 61.33
N GLU C 182 -5.24 35.99 61.98
CA GLU C 182 -5.09 36.21 63.45
C GLU C 182 -6.01 35.24 64.22
N ALA C 183 -7.12 34.82 63.61
CA ALA C 183 -8.18 33.96 64.19
C ALA C 183 -7.61 32.59 64.54
N GLY C 184 -6.60 32.12 63.78
CA GLY C 184 -5.91 30.83 63.99
C GLY C 184 -6.80 29.65 63.65
N GLY C 185 -7.72 29.84 62.69
CA GLY C 185 -8.74 28.84 62.29
C GLY C 185 -9.71 28.55 63.42
N ALA C 186 -10.19 29.60 64.10
CA ALA C 186 -11.15 29.52 65.23
C ALA C 186 -12.22 30.59 65.06
N ASP C 187 -13.46 30.28 65.46
CA ASP C 187 -14.60 31.24 65.47
C ASP C 187 -15.39 31.05 66.77
N ILE C 188 -16.03 32.12 67.23
CA ILE C 188 -17.02 32.12 68.35
C ILE C 188 -18.41 31.92 67.73
N ARG C 189 -19.14 30.88 68.13
CA ARG C 189 -20.59 30.72 67.81
C ARG C 189 -21.40 31.20 69.03
N CYS C 190 -22.01 32.38 68.93
CA CYS C 190 -22.93 32.95 69.95
C CYS C 190 -24.37 32.57 69.62
N PHE C 191 -25.13 32.18 70.63
CA PHE C 191 -26.52 31.67 70.51
C PHE C 191 -27.49 32.67 71.13
N VAL C 192 -28.27 33.36 70.28
CA VAL C 192 -29.19 34.46 70.68
C VAL C 192 -30.61 33.89 70.86
N VAL C 193 -31.26 34.23 71.96
CA VAL C 193 -32.71 34.02 72.22
C VAL C 193 -33.25 35.29 72.89
N GLY C 194 -34.17 36.01 72.22
CA GLY C 194 -34.64 37.33 72.67
C GLY C 194 -33.49 38.33 72.68
N ASP C 195 -33.32 39.07 73.78
CA ASP C 195 -32.33 40.17 73.92
C ASP C 195 -31.04 39.67 74.60
N LYS C 196 -30.80 38.35 74.60
CA LYS C 196 -29.73 37.72 75.40
C LYS C 196 -28.96 36.70 74.57
N VAL C 197 -27.63 36.68 74.73
CA VAL C 197 -26.74 35.57 74.29
C VAL C 197 -26.73 34.54 75.42
N ILE C 198 -27.51 33.46 75.27
CA ILE C 198 -27.79 32.46 76.34
C ILE C 198 -26.65 31.44 76.42
N ALA C 199 -25.88 31.26 75.35
CA ALA C 199 -24.79 30.27 75.25
C ALA C 199 -23.78 30.69 74.18
N SER C 200 -22.51 30.31 74.36
CA SER C 200 -21.38 30.61 73.43
C SER C 200 -20.41 29.44 73.43
N MET C 201 -19.60 29.29 72.37
CA MET C 201 -18.53 28.26 72.31
C MET C 201 -17.53 28.60 71.20
N LYS C 202 -16.25 28.30 71.42
CA LYS C 202 -15.17 28.40 70.40
C LYS C 202 -15.16 27.10 69.60
N ARG C 203 -14.99 27.20 68.27
CA ARG C 203 -14.72 26.05 67.37
C ARG C 203 -13.26 26.18 66.89
N GLN C 204 -12.56 25.05 66.71
CA GLN C 204 -11.12 25.01 66.37
C GLN C 204 -10.90 24.02 65.21
N ALA C 205 -9.98 24.35 64.28
CA ALA C 205 -9.55 23.50 63.16
C ALA C 205 -8.52 22.47 63.66
N LYS C 206 -8.14 21.51 62.80
CA LYS C 206 -7.09 20.48 63.05
C LYS C 206 -5.73 21.17 63.17
N PRO C 207 -4.67 20.46 63.64
CA PRO C 207 -3.36 21.07 63.89
C PRO C 207 -2.81 22.00 62.78
N GLY C 208 -3.18 21.78 61.52
CA GLY C 208 -2.59 22.45 60.33
C GLY C 208 -3.55 23.43 59.65
N GLU C 209 -4.82 23.04 59.46
CA GLU C 209 -5.77 23.68 58.51
C GLU C 209 -6.52 24.85 59.18
N PHE C 210 -7.45 25.47 58.43
CA PHE C 210 -8.15 26.74 58.77
C PHE C 210 -9.67 26.52 58.92
N SER C 219 -12.88 20.47 66.98
CA SER C 219 -13.01 20.52 68.47
C SER C 219 -13.69 21.81 68.92
N ALA C 220 -14.66 21.71 69.82
CA ALA C 220 -15.42 22.82 70.43
C ALA C 220 -15.08 22.89 71.92
N SER C 221 -15.08 24.10 72.51
CA SER C 221 -14.75 24.34 73.94
C SER C 221 -15.51 25.57 74.45
N LEU C 222 -15.60 25.69 75.79
CA LEU C 222 -16.22 26.83 76.50
C LEU C 222 -15.37 28.09 76.25
N ILE C 223 -16.00 29.27 76.22
CA ILE C 223 -15.27 30.57 76.04
C ILE C 223 -16.07 31.70 76.71
N LYS C 224 -15.40 32.54 77.49
CA LYS C 224 -15.95 33.81 78.03
C LYS C 224 -15.87 34.85 76.92
N ILE C 225 -17.02 35.33 76.42
CA ILE C 225 -17.09 36.34 75.32
C ILE C 225 -16.98 37.75 75.92
N THR C 226 -16.35 38.67 75.18
CA THR C 226 -16.18 40.09 75.55
C THR C 226 -17.55 40.78 75.51
N PRO C 227 -17.73 41.93 76.21
CA PRO C 227 -18.98 42.69 76.11
C PRO C 227 -19.30 43.15 74.68
N GLU C 228 -18.26 43.43 73.86
CA GLU C 228 -18.45 43.94 72.47
C GLU C 228 -18.83 42.78 71.55
N GLU C 229 -18.37 41.56 71.85
CA GLU C 229 -18.73 40.32 71.10
C GLU C 229 -20.21 40.00 71.34
N ARG C 230 -20.65 40.09 72.60
CA ARG C 230 -22.08 39.91 73.00
C ARG C 230 -22.92 40.96 72.24
N MET C 231 -22.52 42.22 72.33
CA MET C 231 -23.26 43.37 71.73
C MET C 231 -23.37 43.19 70.21
N THR C 232 -22.32 42.69 69.56
CA THR C 232 -22.24 42.44 68.10
C THR C 232 -23.25 41.35 67.71
N ALA C 233 -23.27 40.25 68.46
CA ALA C 233 -24.16 39.07 68.23
C ALA C 233 -25.62 39.52 68.30
N LEU C 234 -25.99 40.26 69.35
CA LEU C 234 -27.38 40.75 69.57
C LEU C 234 -27.77 41.71 68.43
N ARG C 235 -26.88 42.64 68.07
CA ARG C 235 -27.13 43.66 67.03
C ARG C 235 -27.30 42.98 65.66
N ALA C 236 -26.47 41.96 65.37
CA ALA C 236 -26.51 41.20 64.10
C ALA C 236 -27.88 40.53 63.95
N ALA C 237 -28.35 39.88 65.02
CA ALA C 237 -29.66 39.18 65.07
C ALA C 237 -30.80 40.21 64.91
N LYS C 238 -30.67 41.39 65.53
CA LYS C 238 -31.74 42.43 65.53
C LYS C 238 -31.86 43.04 64.14
N VAL C 239 -30.73 43.22 63.43
CA VAL C 239 -30.67 43.76 62.04
C VAL C 239 -31.40 42.80 61.09
N MET C 240 -31.21 41.49 61.25
CA MET C 240 -31.91 40.45 60.44
C MET C 240 -33.38 40.38 60.88
N GLY C 241 -33.68 40.77 62.11
CA GLY C 241 -35.03 40.76 62.70
C GLY C 241 -35.40 39.38 63.24
N LEU C 242 -34.40 38.65 63.74
CA LEU C 242 -34.55 37.28 64.29
C LEU C 242 -34.65 37.36 65.81
N SER C 243 -35.52 36.55 66.41
CA SER C 243 -35.66 36.38 67.88
C SER C 243 -34.68 35.30 68.35
N VAL C 244 -34.50 34.25 67.54
CA VAL C 244 -33.55 33.13 67.82
C VAL C 244 -32.60 33.04 66.62
N ALA C 245 -31.28 33.06 66.87
CA ALA C 245 -30.25 33.01 65.83
C ALA C 245 -28.93 32.50 66.40
N GLY C 246 -28.15 31.81 65.57
CA GLY C 246 -26.72 31.56 65.78
C GLY C 246 -25.88 32.55 65.00
N VAL C 247 -25.00 33.28 65.69
CA VAL C 247 -24.11 34.32 65.08
C VAL C 247 -22.66 33.82 65.19
N ASP C 248 -22.00 33.57 64.05
CA ASP C 248 -20.57 33.17 64.00
C ASP C 248 -19.71 34.44 63.93
N ILE C 249 -18.68 34.52 64.77
CA ILE C 249 -17.82 35.72 64.96
C ILE C 249 -16.35 35.30 64.88
N LEU C 250 -15.52 36.13 64.24
CA LEU C 250 -14.04 36.00 64.20
C LEU C 250 -13.43 37.08 65.11
N ARG C 251 -12.52 36.67 65.99
CA ARG C 251 -11.66 37.60 66.78
C ARG C 251 -10.55 38.12 65.87
N SER C 252 -10.63 39.39 65.47
CA SER C 252 -9.65 40.05 64.57
C SER C 252 -8.89 41.14 65.35
N ASN C 253 -7.81 41.64 64.77
CA ASN C 253 -6.97 42.74 65.32
C ASN C 253 -7.83 43.99 65.49
N HIS C 254 -8.81 44.22 64.61
CA HIS C 254 -9.66 45.44 64.59
C HIS C 254 -11.07 45.12 65.12
N GLY C 255 -11.20 44.10 65.97
CA GLY C 255 -12.43 43.80 66.74
C GLY C 255 -13.16 42.56 66.24
N PRO C 256 -14.38 42.28 66.76
CA PRO C 256 -15.17 41.14 66.32
C PRO C 256 -15.81 41.36 64.95
N LEU C 257 -15.74 40.36 64.07
CA LEU C 257 -16.29 40.37 62.69
C LEU C 257 -17.29 39.22 62.54
N VAL C 258 -18.51 39.51 62.08
CA VAL C 258 -19.59 38.52 61.87
C VAL C 258 -19.33 37.77 60.55
N MET C 259 -19.36 36.44 60.59
CA MET C 259 -19.20 35.55 59.41
C MET C 259 -20.57 35.20 58.85
N GLU C 260 -21.46 34.69 59.70
CA GLU C 260 -22.81 34.19 59.31
C GLU C 260 -23.82 34.53 60.42
N VAL C 261 -25.08 34.70 60.04
CA VAL C 261 -26.25 34.74 60.96
C VAL C 261 -27.23 33.67 60.49
N ASN C 262 -27.41 32.62 61.29
CA ASN C 262 -28.22 31.41 60.98
C ASN C 262 -29.57 31.52 61.70
N SER C 263 -30.67 31.47 60.96
CA SER C 263 -32.06 31.68 61.46
C SER C 263 -32.58 30.42 62.15
N SER C 264 -31.98 29.25 61.92
CA SER C 264 -32.30 27.98 62.62
C SER C 264 -31.02 27.24 62.98
N PRO C 265 -30.27 27.70 64.00
CA PRO C 265 -28.98 27.11 64.33
C PRO C 265 -29.11 25.71 64.95
N GLY C 266 -28.15 24.83 64.68
CA GLY C 266 -28.04 23.50 65.29
C GLY C 266 -27.91 23.59 66.80
N LEU C 267 -28.36 22.57 67.53
CA LEU C 267 -28.39 22.54 69.02
C LEU C 267 -27.36 21.55 69.57
N GLU C 268 -26.96 20.52 68.81
CA GLU C 268 -26.08 19.43 69.30
C GLU C 268 -24.75 20.00 69.77
N GLY C 269 -24.06 20.77 68.91
CA GLY C 269 -22.75 21.37 69.22
C GLY C 269 -22.80 22.18 70.50
N ILE C 270 -23.70 23.17 70.56
CA ILE C 270 -23.77 24.15 71.69
C ILE C 270 -24.15 23.44 72.99
N GLU C 271 -25.08 22.47 72.95
CA GLU C 271 -25.64 21.82 74.17
C GLU C 271 -24.60 20.85 74.77
N VAL C 272 -23.95 20.05 73.92
CA VAL C 272 -22.89 19.07 74.36
C VAL C 272 -21.76 19.83 75.06
N THR C 273 -21.37 20.99 74.53
CA THR C 273 -20.22 21.79 75.00
C THR C 273 -20.56 22.52 76.31
N THR C 274 -21.74 23.13 76.40
CA THR C 274 -22.12 24.04 77.52
C THR C 274 -22.96 23.31 78.59
N SER C 275 -23.60 22.20 78.24
CA SER C 275 -24.52 21.42 79.12
C SER C 275 -25.73 22.28 79.50
N LYS C 276 -26.08 23.26 78.68
CA LYS C 276 -27.26 24.15 78.89
C LYS C 276 -28.47 23.57 78.16
N ASP C 277 -29.66 23.74 78.73
CA ASP C 277 -30.95 23.35 78.11
C ASP C 277 -31.37 24.47 77.15
N VAL C 278 -30.71 24.55 75.99
CA VAL C 278 -30.94 25.60 74.96
C VAL C 278 -32.35 25.38 74.37
N ALA C 279 -32.68 24.13 74.01
CA ALA C 279 -34.03 23.72 73.56
C ALA C 279 -35.07 24.23 74.56
N GLY C 280 -34.82 24.06 75.85
CA GLY C 280 -35.70 24.50 76.95
C GLY C 280 -35.93 25.99 76.92
N MET C 281 -34.87 26.79 76.79
CA MET C 281 -34.91 28.27 76.82
C MET C 281 -35.66 28.82 75.61
N ILE C 282 -35.58 28.13 74.47
CA ILE C 282 -36.36 28.45 73.23
C ILE C 282 -37.85 28.28 73.54
N ILE C 283 -38.23 27.15 74.12
CA ILE C 283 -39.65 26.85 74.50
C ILE C 283 -40.10 27.87 75.54
N GLU C 284 -39.22 28.20 76.50
CA GLU C 284 -39.47 29.18 77.59
C GLU C 284 -39.73 30.57 76.97
N TYR C 285 -39.03 30.92 75.89
CA TYR C 285 -39.20 32.20 75.16
C TYR C 285 -40.60 32.24 74.52
N LEU C 286 -41.02 31.15 73.88
CA LEU C 286 -42.36 31.01 73.25
C LEU C 286 -43.44 31.21 74.31
N GLU C 287 -43.25 30.66 75.50
CA GLU C 287 -44.22 30.72 76.64
C GLU C 287 -44.51 32.18 76.99
N LYS C 288 -43.50 33.04 76.96
CA LYS C 288 -43.58 34.45 77.44
C LYS C 288 -44.10 35.38 76.33
N ASN C 289 -43.63 35.19 75.09
CA ASN C 289 -43.87 36.14 73.96
C ASN C 289 -45.02 35.65 73.07
N SER C 290 -45.54 34.44 73.29
CA SER C 290 -46.75 33.91 72.60
C SER C 290 -47.96 34.74 73.04
N MET D 1 -30.57 62.99 33.14
CA MET D 1 -30.32 61.86 34.08
C MET D 1 -29.40 60.82 33.42
N LYS D 2 -28.59 60.15 34.23
CA LYS D 2 -27.85 58.92 33.85
C LYS D 2 -28.65 57.73 34.42
N ILE D 3 -29.13 56.83 33.55
CA ILE D 3 -30.05 55.72 33.91
C ILE D 3 -29.40 54.39 33.51
N ALA D 4 -29.31 53.46 34.46
CA ALA D 4 -28.88 52.07 34.24
C ALA D 4 -30.12 51.23 33.88
N VAL D 5 -29.98 50.33 32.90
CA VAL D 5 -31.04 49.36 32.51
C VAL D 5 -30.45 47.96 32.73
N LEU D 6 -30.89 47.27 33.79
CA LEU D 6 -30.43 45.91 34.16
C LEU D 6 -31.14 44.90 33.27
N SER D 7 -30.49 44.45 32.20
CA SER D 7 -31.08 43.51 31.19
C SER D 7 -30.02 42.50 30.75
N ARG D 8 -30.40 41.22 30.69
CA ARG D 8 -29.53 40.10 30.21
C ARG D 8 -29.28 40.27 28.70
N ASN D 9 -30.24 40.82 27.97
CA ASN D 9 -30.19 40.96 26.48
C ASN D 9 -30.60 42.38 26.08
N PRO D 10 -29.64 43.22 25.60
CA PRO D 10 -29.96 44.58 25.17
C PRO D 10 -30.63 44.67 23.78
N ARG D 11 -30.74 43.54 23.06
CA ARG D 11 -31.28 43.47 21.69
C ARG D 11 -32.76 43.05 21.72
N LEU D 12 -33.33 42.83 22.92
CA LEU D 12 -34.76 42.50 23.12
C LEU D 12 -35.60 43.78 23.05
N TYR D 13 -36.79 43.70 22.44
CA TYR D 13 -37.68 44.86 22.12
C TYR D 13 -37.76 45.82 23.32
N SER D 14 -38.14 45.30 24.49
CA SER D 14 -38.48 46.08 25.71
C SER D 14 -37.27 46.89 26.19
N THR D 15 -36.07 46.33 26.12
CA THR D 15 -34.82 47.01 26.56
C THR D 15 -34.44 48.08 25.52
N ARG D 16 -34.43 47.73 24.23
CA ARG D 16 -34.19 48.68 23.11
C ARG D 16 -35.08 49.90 23.27
N ARG D 17 -36.38 49.68 23.48
CA ARG D 17 -37.42 50.75 23.58
C ARG D 17 -37.13 51.65 24.78
N LEU D 18 -36.65 51.09 25.89
CA LEU D 18 -36.37 51.86 27.13
C LEU D 18 -35.15 52.76 26.89
N VAL D 19 -34.13 52.31 26.15
CA VAL D 19 -32.93 53.15 25.87
C VAL D 19 -33.34 54.22 24.84
N GLU D 20 -34.12 53.87 23.80
CA GLU D 20 -34.66 54.83 22.80
C GLU D 20 -35.35 55.98 23.53
N ALA D 21 -36.44 55.69 24.24
CA ALA D 21 -37.29 56.66 24.96
C ALA D 21 -36.42 57.56 25.85
N GLY D 22 -35.41 56.99 26.48
CA GLY D 22 -34.45 57.70 27.34
C GLY D 22 -33.59 58.66 26.54
N ILE D 23 -32.91 58.15 25.51
CA ILE D 23 -32.02 58.94 24.59
C ILE D 23 -32.86 60.07 23.99
N GLU D 24 -34.05 59.74 23.47
CA GLU D 24 -35.02 60.70 22.87
C GLU D 24 -35.25 61.88 23.82
N ARG D 25 -35.30 61.62 25.14
CA ARG D 25 -35.65 62.63 26.18
C ARG D 25 -34.37 63.17 26.83
N GLY D 26 -33.21 62.91 26.24
CA GLY D 26 -31.94 63.61 26.52
C GLY D 26 -31.15 62.99 27.65
N HIS D 27 -31.48 61.75 28.04
CA HIS D 27 -30.84 61.02 29.17
C HIS D 27 -29.70 60.15 28.64
N GLU D 28 -28.73 59.82 29.50
CA GLU D 28 -27.62 58.88 29.21
C GLU D 28 -28.05 57.48 29.66
N MET D 29 -28.21 56.55 28.73
CA MET D 29 -28.76 55.19 28.98
C MET D 29 -27.62 54.18 28.87
N VAL D 30 -27.38 53.42 29.94
CA VAL D 30 -26.34 52.36 30.01
C VAL D 30 -27.04 51.02 30.30
N VAL D 31 -26.83 50.02 29.43
CA VAL D 31 -27.35 48.64 29.60
C VAL D 31 -26.31 47.83 30.36
N ILE D 32 -26.71 47.21 31.49
CA ILE D 32 -25.83 46.43 32.41
C ILE D 32 -26.36 44.99 32.48
N ASP D 33 -25.55 44.01 32.04
CA ASP D 33 -25.81 42.57 32.30
C ASP D 33 -25.42 42.31 33.77
N THR D 34 -26.40 42.16 34.65
CA THR D 34 -26.21 42.11 36.13
C THR D 34 -25.16 41.05 36.49
N LEU D 35 -25.10 39.93 35.78
CA LEU D 35 -24.17 38.81 36.07
C LEU D 35 -22.71 39.26 35.88
N ARG D 36 -22.46 40.21 34.97
CA ARG D 36 -21.10 40.70 34.62
C ARG D 36 -20.69 41.86 35.53
N ALA D 37 -21.62 42.34 36.37
CA ALA D 37 -21.36 43.28 37.48
C ALA D 37 -20.79 42.50 38.67
N TYR D 38 -19.75 43.04 39.31
CA TYR D 38 -19.15 42.51 40.55
C TYR D 38 -18.93 43.70 41.49
N MET D 39 -19.00 43.48 42.80
CA MET D 39 -19.05 44.58 43.79
C MET D 39 -18.31 44.23 45.07
N ASN D 40 -17.92 45.28 45.79
CA ASN D 40 -17.37 45.27 47.16
C ASN D 40 -18.45 45.89 48.06
N ILE D 41 -18.92 45.15 49.06
CA ILE D 41 -19.89 45.65 50.08
C ILE D 41 -19.08 46.30 51.21
N ALA D 42 -19.51 47.47 51.67
CA ALA D 42 -18.76 48.30 52.64
C ALA D 42 -19.64 49.49 53.08
N SER D 43 -19.53 49.87 54.36
CA SER D 43 -20.26 51.02 54.97
C SER D 43 -19.91 52.32 54.23
N HIS D 44 -18.63 52.69 54.23
CA HIS D 44 -18.09 53.96 53.63
C HIS D 44 -18.27 53.93 52.10
N LYS D 45 -17.31 53.37 51.36
CA LYS D 45 -17.23 53.48 49.88
C LYS D 45 -17.60 52.14 49.22
N PRO D 46 -18.91 51.80 49.13
CA PRO D 46 -19.34 50.59 48.43
C PRO D 46 -19.27 50.76 46.90
N GLN D 47 -18.60 49.82 46.22
CA GLN D 47 -18.31 49.89 44.76
C GLN D 47 -19.13 48.87 44.00
N ILE D 48 -19.58 49.23 42.79
CA ILE D 48 -19.97 48.27 41.70
C ILE D 48 -19.01 48.53 40.54
N HIS D 49 -18.31 47.49 40.08
CA HIS D 49 -17.43 47.50 38.89
C HIS D 49 -18.10 46.68 37.78
N TYR D 50 -17.73 46.96 36.52
CA TYR D 50 -18.29 46.35 35.29
C TYR D 50 -17.24 46.41 34.18
N ARG D 51 -16.77 45.25 33.71
CA ARG D 51 -15.72 45.13 32.66
C ARG D 51 -14.51 46.02 33.02
N GLY D 52 -14.07 46.00 34.28
CA GLY D 52 -12.79 46.59 34.72
C GLY D 52 -12.94 48.00 35.26
N LYS D 53 -14.03 48.69 34.90
CA LYS D 53 -14.28 50.12 35.25
C LYS D 53 -15.40 50.20 36.29
N PRO D 54 -15.37 51.20 37.21
CA PRO D 54 -16.47 51.40 38.16
C PRO D 54 -17.73 52.00 37.52
N LEU D 55 -18.90 51.68 38.07
CA LEU D 55 -20.22 52.27 37.69
C LEU D 55 -20.55 53.40 38.68
N GLU D 56 -20.47 54.66 38.22
CA GLU D 56 -20.62 55.88 39.06
C GLU D 56 -21.72 56.78 38.49
N GLY D 57 -22.19 57.73 39.31
CA GLY D 57 -22.98 58.90 38.88
C GLY D 57 -24.32 58.53 38.27
N PHE D 58 -24.84 57.34 38.57
CA PHE D 58 -26.18 56.88 38.12
C PHE D 58 -27.24 57.55 39.00
N ASP D 59 -28.29 58.09 38.38
CA ASP D 59 -29.42 58.80 39.05
C ASP D 59 -30.56 57.82 39.30
N ALA D 60 -30.80 56.89 38.38
CA ALA D 60 -31.91 55.91 38.43
C ALA D 60 -31.50 54.59 37.77
N VAL D 61 -32.17 53.51 38.15
CA VAL D 61 -31.95 52.15 37.58
C VAL D 61 -33.33 51.54 37.27
N ILE D 62 -33.47 50.96 36.07
CA ILE D 62 -34.68 50.22 35.62
C ILE D 62 -34.35 48.73 35.69
N PRO D 63 -34.83 47.99 36.72
CA PRO D 63 -34.54 46.57 36.84
C PRO D 63 -35.48 45.76 35.93
N ARG D 64 -34.91 45.09 34.93
CA ARG D 64 -35.63 44.10 34.07
C ARG D 64 -35.07 42.71 34.40
N ILE D 65 -35.34 42.23 35.62
CA ILE D 65 -34.81 40.93 36.12
C ILE D 65 -35.64 39.80 35.49
N GLY D 66 -34.96 38.84 34.85
CA GLY D 66 -35.59 37.68 34.19
C GLY D 66 -35.92 36.60 35.21
N ALA D 67 -36.75 35.62 34.79
CA ALA D 67 -37.21 34.49 35.62
C ALA D 67 -36.15 33.39 35.64
N SER D 68 -34.98 33.69 36.23
CA SER D 68 -33.80 32.78 36.31
C SER D 68 -33.60 32.29 37.76
N VAL D 69 -32.54 31.53 38.02
CA VAL D 69 -32.10 31.12 39.39
C VAL D 69 -31.19 32.23 39.94
N THR D 70 -31.69 33.47 39.94
CA THR D 70 -30.89 34.73 40.03
C THR D 70 -31.26 35.49 41.31
N PHE D 71 -30.70 35.05 42.44
CA PHE D 71 -30.59 35.85 43.69
C PHE D 71 -29.60 37.00 43.46
N TYR D 72 -28.63 36.80 42.54
CA TYR D 72 -27.53 37.75 42.24
C TYR D 72 -28.08 39.04 41.63
N GLY D 73 -29.02 38.93 40.70
CA GLY D 73 -29.66 40.08 40.03
C GLY D 73 -30.25 41.07 41.02
N CYS D 74 -30.98 40.56 42.02
CA CYS D 74 -31.59 41.34 43.12
C CYS D 74 -30.48 42.00 43.95
N ALA D 75 -29.35 41.30 44.16
CA ALA D 75 -28.19 41.79 44.95
C ALA D 75 -27.57 43.01 44.27
N VAL D 76 -27.43 42.96 42.93
CA VAL D 76 -26.87 44.08 42.12
C VAL D 76 -27.82 45.28 42.22
N LEU D 77 -29.14 45.05 42.11
CA LEU D 77 -30.18 46.10 42.28
C LEU D 77 -30.08 46.69 43.69
N ARG D 78 -29.87 45.85 44.70
CA ARG D 78 -29.80 46.27 46.13
C ARG D 78 -28.60 47.21 46.31
N GLN D 79 -27.43 46.88 45.75
CA GLN D 79 -26.22 47.74 45.83
C GLN D 79 -26.56 49.13 45.29
N PHE D 80 -27.17 49.20 44.11
CA PHE D 80 -27.58 50.47 43.45
C PHE D 80 -28.43 51.27 44.43
N GLU D 81 -29.45 50.64 45.03
CA GLU D 81 -30.39 51.26 46.00
C GLU D 81 -29.59 51.85 47.18
N MET D 82 -28.68 51.05 47.73
CA MET D 82 -27.87 51.39 48.94
C MET D 82 -26.86 52.49 48.59
N MET D 83 -26.46 52.59 47.32
CA MET D 83 -25.53 53.63 46.81
C MET D 83 -26.31 54.88 46.37
N GLY D 84 -27.62 54.94 46.68
CA GLY D 84 -28.45 56.16 46.56
C GLY D 84 -29.21 56.25 45.24
N VAL D 85 -29.00 55.31 44.33
CA VAL D 85 -29.62 55.30 42.97
C VAL D 85 -31.11 54.97 43.13
N PHE D 86 -31.99 55.73 42.47
CA PHE D 86 -33.47 55.57 42.53
C PHE D 86 -33.88 54.39 41.66
N PRO D 87 -34.55 53.36 42.23
CA PRO D 87 -35.06 52.24 41.44
C PRO D 87 -36.49 52.48 40.94
N LEU D 88 -36.79 52.04 39.71
CA LEU D 88 -38.16 52.12 39.12
C LEU D 88 -39.10 51.30 40.00
N ASN D 89 -38.68 50.07 40.34
CA ASN D 89 -39.31 49.16 41.33
C ASN D 89 -38.25 48.75 42.34
N GLU D 90 -38.60 48.81 43.64
CA GLU D 90 -37.68 48.47 44.76
C GLU D 90 -37.43 46.96 44.74
N SER D 91 -36.22 46.54 45.10
CA SER D 91 -35.80 45.10 45.19
C SER D 91 -36.77 44.33 46.09
N VAL D 92 -37.20 44.96 47.19
CA VAL D 92 -38.15 44.38 48.19
C VAL D 92 -39.41 43.93 47.44
N ALA D 93 -39.98 44.82 46.64
CA ALA D 93 -41.24 44.61 45.89
C ALA D 93 -41.06 43.53 44.82
N ILE D 94 -39.92 43.53 44.12
CA ILE D 94 -39.62 42.58 43.01
C ILE D 94 -39.55 41.16 43.57
N ALA D 95 -38.90 40.99 44.74
CA ALA D 95 -38.77 39.71 45.47
C ALA D 95 -40.17 39.16 45.81
N ARG D 96 -41.09 40.03 46.23
CA ARG D 96 -42.51 39.68 46.54
C ARG D 96 -43.20 39.12 45.28
N SER D 97 -43.04 39.81 44.15
CA SER D 97 -43.72 39.52 42.84
C SER D 97 -43.24 38.19 42.26
N ARG D 98 -41.94 37.93 42.31
CA ARG D 98 -41.30 36.80 41.59
C ARG D 98 -41.63 35.48 42.31
N ASP D 99 -41.87 35.53 43.63
CA ASP D 99 -42.36 34.38 44.41
C ASP D 99 -43.87 34.28 44.23
N LYS D 100 -44.33 33.47 43.26
CA LYS D 100 -45.75 33.39 42.83
C LYS D 100 -46.61 32.90 44.01
N LEU D 101 -46.11 31.96 44.82
CA LEU D 101 -46.79 31.45 46.04
C LEU D 101 -47.05 32.62 46.98
N ARG D 102 -45.98 33.33 47.36
CA ARG D 102 -46.02 34.49 48.30
C ARG D 102 -46.92 35.58 47.75
N SER D 103 -46.82 35.83 46.44
CA SER D 103 -47.57 36.89 45.71
C SER D 103 -49.07 36.67 45.91
N LEU D 104 -49.56 35.46 45.61
CA LEU D 104 -51.00 35.11 45.70
C LEU D 104 -51.46 35.15 47.16
N GLN D 105 -50.63 34.66 48.09
CA GLN D 105 -50.95 34.70 49.55
C GLN D 105 -51.17 36.15 49.99
N LEU D 106 -50.35 37.08 49.49
CA LEU D 106 -50.38 38.51 49.92
C LEU D 106 -51.62 39.19 49.35
N LEU D 107 -51.95 38.91 48.09
CA LEU D 107 -53.14 39.44 47.39
C LEU D 107 -54.40 38.91 48.10
N SER D 108 -54.41 37.61 48.44
CA SER D 108 -55.52 36.91 49.14
C SER D 108 -55.80 37.59 50.48
N ARG D 109 -54.74 37.90 51.25
CA ARG D 109 -54.87 38.45 52.62
C ARG D 109 -55.43 39.87 52.56
N ARG D 110 -55.11 40.64 51.52
CA ARG D 110 -55.55 42.06 51.36
C ARG D 110 -56.88 42.11 50.59
N GLY D 111 -57.50 40.95 50.32
CA GLY D 111 -58.89 40.85 49.82
C GLY D 111 -59.01 41.15 48.33
N ILE D 112 -57.93 41.03 47.57
CA ILE D 112 -57.95 41.11 46.08
C ILE D 112 -58.65 39.84 45.55
N GLY D 113 -59.57 39.99 44.61
CA GLY D 113 -60.28 38.86 43.97
C GLY D 113 -59.29 37.93 43.30
N LEU D 114 -59.27 36.66 43.69
CA LEU D 114 -58.46 35.59 43.04
C LEU D 114 -59.37 34.42 42.69
N PRO D 115 -58.98 33.54 41.75
CA PRO D 115 -59.63 32.25 41.60
C PRO D 115 -59.41 31.46 42.90
N VAL D 116 -60.29 30.51 43.22
CA VAL D 116 -60.09 29.55 44.34
C VAL D 116 -58.80 28.78 44.02
N THR D 117 -57.84 28.78 44.95
CA THR D 117 -56.43 28.36 44.69
C THR D 117 -55.93 27.46 45.82
N GLY D 118 -55.25 26.39 45.45
CA GLY D 118 -54.55 25.46 46.37
C GLY D 118 -53.08 25.33 46.01
N PHE D 119 -52.23 25.06 47.00
CA PHE D 119 -50.79 24.78 46.85
C PHE D 119 -50.48 23.39 47.41
N ALA D 120 -49.51 22.70 46.81
CA ALA D 120 -49.04 21.36 47.21
C ALA D 120 -47.60 21.17 46.74
N HIS D 121 -46.86 20.23 47.33
CA HIS D 121 -45.54 19.76 46.83
C HIS D 121 -45.55 18.22 46.81
N SER D 122 -45.65 17.61 47.99
CA SER D 122 -45.69 16.14 48.20
C SER D 122 -46.91 15.78 49.04
N PRO D 123 -48.15 16.10 48.57
CA PRO D 123 -49.36 15.76 49.31
C PRO D 123 -49.58 14.23 49.32
N ASP D 124 -50.03 13.71 50.47
CA ASP D 124 -50.27 12.25 50.67
C ASP D 124 -51.71 11.92 50.25
N ASP D 125 -52.65 12.86 50.44
CA ASP D 125 -54.09 12.70 50.11
C ASP D 125 -54.46 13.70 49.01
N ILE D 126 -54.21 13.35 47.75
CA ILE D 126 -54.47 14.23 46.57
C ILE D 126 -55.98 14.44 46.41
N PRO D 127 -56.84 13.41 46.55
CA PRO D 127 -58.29 13.61 46.55
C PRO D 127 -58.72 14.72 47.53
N ASP D 128 -58.09 14.79 48.70
CA ASP D 128 -58.38 15.81 49.75
C ASP D 128 -58.02 17.21 49.21
N LEU D 129 -56.87 17.34 48.55
CA LEU D 129 -56.41 18.61 47.91
C LEU D 129 -57.45 19.06 46.89
N ILE D 130 -57.92 18.15 46.04
CA ILE D 130 -58.91 18.44 44.96
C ILE D 130 -60.22 18.91 45.59
N GLN D 131 -60.68 18.23 46.64
CA GLN D 131 -61.93 18.56 47.39
C GLN D 131 -61.83 19.99 47.96
N MET D 132 -60.65 20.38 48.45
CA MET D 132 -60.40 21.70 49.12
C MET D 132 -60.60 22.86 48.13
N VAL D 133 -60.48 22.60 46.82
CA VAL D 133 -60.54 23.62 45.74
C VAL D 133 -61.86 23.44 44.95
N ASN D 134 -62.87 22.82 45.57
CA ASN D 134 -64.25 22.64 45.03
C ASN D 134 -64.22 21.73 43.80
N GLY D 135 -63.24 20.85 43.69
CA GLY D 135 -63.19 19.76 42.69
C GLY D 135 -62.97 20.25 41.28
N ALA D 136 -63.04 19.32 40.31
CA ALA D 136 -62.85 19.53 38.86
C ALA D 136 -64.02 20.35 38.31
N PRO D 137 -63.88 21.08 37.18
CA PRO D 137 -62.62 21.16 36.45
C PRO D 137 -61.60 22.08 37.13
N LEU D 138 -60.33 21.65 37.13
CA LEU D 138 -59.19 22.34 37.79
C LEU D 138 -58.09 22.63 36.76
N VAL D 139 -57.50 23.82 36.83
CA VAL D 139 -56.23 24.18 36.12
C VAL D 139 -55.08 23.87 37.07
N ILE D 140 -54.05 23.19 36.55
CA ILE D 140 -52.89 22.68 37.35
C ILE D 140 -51.60 23.21 36.72
N LYS D 141 -50.94 24.14 37.41
CA LYS D 141 -49.66 24.78 36.98
C LYS D 141 -48.52 24.20 37.81
N VAL D 142 -47.35 23.99 37.20
CA VAL D 142 -46.08 23.68 37.90
C VAL D 142 -45.31 25.00 38.04
N LEU D 143 -44.51 25.14 39.10
CA LEU D 143 -43.67 26.34 39.37
C LEU D 143 -42.20 25.91 39.48
N GLU D 144 -41.33 26.51 38.66
CA GLU D 144 -39.85 26.39 38.77
C GLU D 144 -39.31 27.76 39.21
N GLY D 145 -39.55 28.10 40.49
CA GLY D 145 -39.16 29.38 41.11
C GLY D 145 -40.13 30.50 40.78
N THR D 146 -39.90 31.18 39.64
CA THR D 146 -40.66 32.36 39.15
C THR D 146 -41.60 31.98 38.02
N GLN D 147 -41.15 31.11 37.10
CA GLN D 147 -41.87 30.72 35.86
C GLN D 147 -42.98 29.70 36.20
N GLY D 148 -44.16 29.86 35.58
CA GLY D 148 -45.29 28.91 35.64
C GLY D 148 -45.20 27.92 34.48
N ILE D 149 -44.17 27.04 34.52
CA ILE D 149 -43.55 26.38 33.33
C ILE D 149 -44.61 25.67 32.48
N GLY D 150 -45.48 24.88 33.11
CA GLY D 150 -46.54 24.10 32.44
C GLY D 150 -47.92 24.41 33.03
N VAL D 151 -48.97 24.30 32.20
CA VAL D 151 -50.39 24.56 32.60
C VAL D 151 -51.26 23.50 31.91
N VAL D 152 -52.10 22.79 32.68
CA VAL D 152 -52.99 21.70 32.18
C VAL D 152 -54.39 21.93 32.74
N LEU D 153 -55.40 21.94 31.87
CA LEU D 153 -56.84 21.88 32.25
C LEU D 153 -57.20 20.40 32.45
N CYS D 154 -57.68 20.05 33.65
CA CYS D 154 -58.15 18.69 34.02
C CYS D 154 -59.67 18.72 34.26
N GLU D 155 -60.42 18.01 33.42
CA GLU D 155 -61.90 18.06 33.35
C GLU D 155 -62.51 17.25 34.51
N THR D 156 -61.89 16.12 34.85
CA THR D 156 -62.35 15.15 35.89
C THR D 156 -61.31 15.07 37.00
N ALA D 157 -61.73 14.69 38.22
CA ALA D 157 -60.86 14.53 39.41
C ALA D 157 -59.83 13.41 39.18
N THR D 158 -60.17 12.41 38.35
CA THR D 158 -59.26 11.29 37.95
C THR D 158 -58.04 11.88 37.23
N ALA D 159 -58.27 12.73 36.22
CA ALA D 159 -57.23 13.40 35.42
C ALA D 159 -56.40 14.33 36.31
N ALA D 160 -57.06 15.10 37.18
CA ALA D 160 -56.43 16.02 38.15
C ALA D 160 -55.44 15.24 39.01
N GLU D 161 -55.89 14.13 39.61
CA GLU D 161 -55.08 13.26 40.50
C GLU D 161 -53.89 12.70 39.71
N SER D 162 -54.12 12.26 38.48
CA SER D 162 -53.12 11.61 37.59
C SER D 162 -52.00 12.61 37.24
N VAL D 163 -52.36 13.87 36.97
CA VAL D 163 -51.43 14.95 36.54
C VAL D 163 -50.63 15.43 37.76
N ILE D 164 -51.28 15.60 38.91
CA ILE D 164 -50.62 16.06 40.16
C ILE D 164 -49.56 15.03 40.55
N GLU D 165 -49.88 13.73 40.46
CA GLU D 165 -48.95 12.61 40.80
C GLU D 165 -47.72 12.68 39.90
N ALA D 166 -47.90 13.01 38.62
CA ALA D 166 -46.80 13.14 37.63
C ALA D 166 -45.87 14.26 38.04
N PHE D 167 -46.42 15.44 38.34
CA PHE D 167 -45.67 16.67 38.70
C PHE D 167 -44.96 16.48 40.05
N MET D 168 -45.58 15.74 40.98
CA MET D 168 -44.97 15.32 42.26
C MET D 168 -43.65 14.60 41.98
N GLY D 169 -43.66 13.66 41.04
CA GLY D 169 -42.48 12.89 40.58
C GLY D 169 -41.31 13.81 40.23
N LEU D 170 -41.59 14.99 39.66
CA LEU D 170 -40.58 15.98 39.20
C LEU D 170 -40.14 16.89 40.35
N LYS D 171 -40.62 16.63 41.58
CA LYS D 171 -40.25 17.35 42.83
C LYS D 171 -40.45 18.85 42.65
N GLN D 172 -41.54 19.27 42.00
CA GLN D 172 -41.86 20.70 41.69
C GLN D 172 -43.01 21.16 42.59
N ASP D 173 -43.02 22.43 42.97
CA ASP D 173 -44.14 23.12 43.66
C ASP D 173 -45.34 23.12 42.71
N ILE D 174 -46.51 22.67 43.17
CA ILE D 174 -47.74 22.49 42.33
C ILE D 174 -48.80 23.49 42.76
N MET D 175 -49.43 24.15 41.80
CA MET D 175 -50.57 25.08 42.03
C MET D 175 -51.83 24.50 41.39
N VAL D 176 -52.91 24.41 42.17
CA VAL D 176 -54.24 23.88 41.75
C VAL D 176 -55.24 25.04 41.84
N GLN D 177 -55.91 25.34 40.73
CA GLN D 177 -56.74 26.56 40.59
C GLN D 177 -58.09 26.23 39.95
N GLU D 178 -59.16 26.80 40.51
CA GLU D 178 -60.56 26.81 39.96
C GLU D 178 -60.48 27.28 38.50
N TYR D 179 -61.00 26.48 37.56
CA TYR D 179 -61.11 26.83 36.12
C TYR D 179 -62.30 27.78 35.91
N ILE D 180 -62.04 28.95 35.32
CA ILE D 180 -63.05 30.00 35.05
C ILE D 180 -63.40 29.96 33.57
N LYS D 181 -64.41 29.13 33.23
CA LYS D 181 -64.84 28.81 31.85
C LYS D 181 -65.49 30.04 31.19
N GLU D 182 -66.03 30.97 31.99
CA GLU D 182 -66.79 32.16 31.50
C GLU D 182 -65.86 33.10 30.72
N ALA D 183 -64.55 33.08 31.04
CA ALA D 183 -63.50 33.95 30.46
C ALA D 183 -63.37 33.70 28.95
N GLY D 184 -63.63 32.47 28.50
CA GLY D 184 -63.59 32.05 27.08
C GLY D 184 -62.17 32.03 26.55
N GLY D 185 -61.19 31.73 27.42
CA GLY D 185 -59.75 31.74 27.11
C GLY D 185 -59.26 33.15 26.77
N ALA D 186 -59.69 34.14 27.53
CA ALA D 186 -59.32 35.57 27.35
C ALA D 186 -58.98 36.20 28.69
N ASP D 187 -58.00 37.11 28.71
CA ASP D 187 -57.59 37.88 29.92
C ASP D 187 -57.34 39.33 29.53
N ILE D 188 -57.54 40.24 30.48
CA ILE D 188 -57.18 41.69 30.39
C ILE D 188 -55.76 41.83 30.97
N ARG D 189 -54.81 42.35 30.19
CA ARG D 189 -53.49 42.79 30.72
C ARG D 189 -53.54 44.31 30.92
N CYS D 190 -53.61 44.75 32.17
CA CYS D 190 -53.55 46.19 32.57
C CYS D 190 -52.11 46.57 32.90
N PHE D 191 -51.67 47.73 32.42
CA PHE D 191 -50.28 48.23 32.53
C PHE D 191 -50.25 49.44 33.47
N VAL D 192 -49.69 49.25 34.66
CA VAL D 192 -49.65 50.26 35.76
C VAL D 192 -48.32 51.01 35.73
N VAL D 193 -48.38 52.34 35.79
CA VAL D 193 -47.23 53.26 36.03
C VAL D 193 -47.69 54.32 37.02
N GLY D 194 -47.09 54.36 38.22
CA GLY D 194 -47.54 55.22 39.33
C GLY D 194 -48.96 54.83 39.76
N ASP D 195 -49.85 55.82 39.88
CA ASP D 195 -51.23 55.65 40.40
C ASP D 195 -52.23 55.47 39.24
N LYS D 196 -51.76 55.10 38.05
CA LYS D 196 -52.58 55.12 36.80
C LYS D 196 -52.36 53.83 36.00
N VAL D 197 -53.45 53.28 35.46
CA VAL D 197 -53.45 52.26 34.37
C VAL D 197 -53.33 53.01 33.05
N ILE D 198 -52.13 53.09 32.48
CA ILE D 198 -51.79 53.94 31.30
C ILE D 198 -52.21 53.25 30.01
N ALA D 199 -52.33 51.91 30.02
CA ALA D 199 -52.65 51.10 28.83
C ALA D 199 -53.25 49.75 29.25
N SER D 200 -54.12 49.20 28.42
CA SER D 200 -54.83 47.90 28.64
C SER D 200 -55.00 47.18 27.30
N MET D 201 -55.17 45.86 27.31
CA MET D 201 -55.47 45.07 26.09
C MET D 201 -56.04 43.70 26.48
N LYS D 202 -56.96 43.18 25.67
CA LYS D 202 -57.50 41.79 25.77
C LYS D 202 -56.56 40.88 24.99
N ARG D 203 -56.25 39.70 25.54
CA ARG D 203 -55.56 38.58 24.85
C ARG D 203 -56.57 37.47 24.63
N GLN D 204 -56.48 36.76 23.50
CA GLN D 204 -57.43 35.68 23.10
C GLN D 204 -56.64 34.44 22.67
N ALA D 205 -57.16 33.25 23.01
CA ALA D 205 -56.58 31.93 22.63
C ALA D 205 -56.98 31.61 21.18
N LYS D 206 -56.34 30.58 20.60
CA LYS D 206 -56.60 30.08 19.22
C LYS D 206 -58.01 29.48 19.17
N PRO D 207 -58.54 29.15 17.97
CA PRO D 207 -59.90 28.62 17.83
C PRO D 207 -60.33 27.52 18.82
N GLY D 208 -59.39 26.71 19.32
CA GLY D 208 -59.67 25.50 20.14
C GLY D 208 -59.30 25.66 21.61
N GLU D 209 -58.13 26.22 21.92
CA GLU D 209 -57.47 26.12 23.25
C GLU D 209 -57.97 27.22 24.21
N PHE D 210 -57.43 27.23 25.44
CA PHE D 210 -57.80 28.12 26.57
C PHE D 210 -56.59 29.00 26.97
N ARG D 211 -55.38 28.67 26.48
CA ARG D 211 -54.11 29.37 26.83
C ARG D 211 -54.03 30.71 26.06
N SER D 212 -54.23 31.82 26.77
CA SER D 212 -54.46 33.18 26.19
C SER D 212 -53.15 33.87 25.80
N ASN D 213 -51.99 33.31 26.17
CA ASN D 213 -50.65 33.97 26.06
C ASN D 213 -50.45 34.52 24.64
N LEU D 214 -49.83 35.70 24.53
CA LEU D 214 -49.55 36.41 23.23
C LEU D 214 -48.53 35.60 22.41
N HIS D 215 -47.50 35.05 23.06
CA HIS D 215 -46.37 34.30 22.43
C HIS D 215 -46.69 32.80 22.33
N ARG D 216 -47.95 32.45 22.01
CA ARG D 216 -48.45 31.05 21.86
C ARG D 216 -49.55 31.02 20.79
N GLY D 217 -49.44 31.85 19.76
CA GLY D 217 -50.44 31.99 18.67
C GLY D 217 -51.74 32.58 19.18
N GLY D 218 -51.72 33.84 19.61
CA GLY D 218 -52.80 34.51 20.34
C GLY D 218 -53.00 35.95 19.90
N SER D 219 -54.23 36.31 19.50
CA SER D 219 -54.65 37.67 19.06
C SER D 219 -54.82 38.60 20.27
N ALA D 220 -54.30 39.83 20.17
CA ALA D 220 -54.47 40.92 21.16
C ALA D 220 -55.30 42.03 20.50
N SER D 221 -56.12 42.74 21.28
CA SER D 221 -57.01 43.82 20.79
C SER D 221 -57.25 44.86 21.89
N LEU D 222 -57.72 46.06 21.49
CA LEU D 222 -58.09 47.17 22.40
C LEU D 222 -59.30 46.74 23.24
N ILE D 223 -59.40 47.26 24.48
CA ILE D 223 -60.55 46.98 25.39
C ILE D 223 -60.72 48.17 26.35
N LYS D 224 -61.95 48.66 26.50
CA LYS D 224 -62.34 49.65 27.54
C LYS D 224 -62.55 48.86 28.85
N ILE D 225 -61.71 49.11 29.86
CA ILE D 225 -61.77 48.39 31.17
C ILE D 225 -62.79 49.09 32.08
N THR D 226 -63.47 48.32 32.92
CA THR D 226 -64.47 48.81 33.91
C THR D 226 -63.73 49.58 35.00
N PRO D 227 -64.41 50.47 35.75
CA PRO D 227 -63.79 51.16 36.88
C PRO D 227 -63.26 50.20 37.97
N GLU D 228 -63.91 49.04 38.15
CA GLU D 228 -63.52 48.05 39.20
C GLU D 228 -62.30 47.25 38.72
N GLU D 229 -62.16 47.06 37.41
CA GLU D 229 -60.97 46.39 36.80
C GLU D 229 -59.74 47.29 36.96
N ARG D 230 -59.89 48.58 36.69
CA ARG D 230 -58.84 49.62 36.91
C ARG D 230 -58.43 49.60 38.38
N MET D 231 -59.42 49.70 39.28
CA MET D 231 -59.22 49.79 40.75
C MET D 231 -58.48 48.54 41.24
N THR D 232 -58.81 47.35 40.70
CA THR D 232 -58.21 46.04 41.05
C THR D 232 -56.72 46.05 40.65
N ALA D 233 -56.42 46.48 39.43
CA ALA D 233 -55.05 46.52 38.86
C ALA D 233 -54.16 47.41 39.72
N LEU D 234 -54.62 48.61 40.05
CA LEU D 234 -53.87 49.60 40.88
C LEU D 234 -53.63 49.02 42.28
N ARG D 235 -54.68 48.44 42.89
CA ARG D 235 -54.62 47.88 44.26
C ARG D 235 -53.65 46.69 44.29
N ALA D 236 -53.68 45.84 43.27
CA ALA D 236 -52.81 44.65 43.14
C ALA D 236 -51.35 45.10 43.13
N ALA D 237 -51.02 46.11 42.32
CA ALA D 237 -49.66 46.68 42.19
C ALA D 237 -49.24 47.32 43.52
N LYS D 238 -50.15 48.00 44.21
CA LYS D 238 -49.85 48.74 45.47
C LYS D 238 -49.56 47.73 46.60
N VAL D 239 -50.29 46.62 46.63
CA VAL D 239 -50.10 45.52 47.62
C VAL D 239 -48.71 44.89 47.45
N MET D 240 -48.25 44.70 46.21
CA MET D 240 -46.89 44.17 45.92
C MET D 240 -45.85 45.25 46.21
N GLY D 241 -46.26 46.53 46.14
CA GLY D 241 -45.40 47.70 46.38
C GLY D 241 -44.61 48.08 45.13
N LEU D 242 -45.20 47.85 43.95
CA LEU D 242 -44.58 48.13 42.63
C LEU D 242 -45.09 49.47 42.11
N SER D 243 -44.21 50.27 41.51
CA SER D 243 -44.55 51.54 40.82
C SER D 243 -44.93 51.24 39.37
N VAL D 244 -44.25 50.28 38.75
CA VAL D 244 -44.54 49.80 37.36
C VAL D 244 -44.80 48.30 37.42
N ALA D 245 -45.95 47.85 36.88
CA ALA D 245 -46.35 46.43 36.88
C ALA D 245 -47.34 46.15 35.74
N GLY D 246 -47.30 44.93 35.22
CA GLY D 246 -48.38 44.34 34.41
C GLY D 246 -49.26 43.45 35.27
N VAL D 247 -50.57 43.72 35.32
CA VAL D 247 -51.56 42.93 36.10
C VAL D 247 -52.48 42.20 35.11
N ASP D 248 -52.47 40.86 35.12
CA ASP D 248 -53.36 40.01 34.29
C ASP D 248 -54.64 39.75 35.08
N ILE D 249 -55.80 39.93 34.44
CA ILE D 249 -57.14 39.88 35.07
C ILE D 249 -58.05 38.98 34.21
N LEU D 250 -58.90 38.18 34.86
CA LEU D 250 -59.97 37.38 34.23
C LEU D 250 -61.31 38.03 34.54
N ARG D 251 -62.14 38.24 33.52
CA ARG D 251 -63.56 38.64 33.67
C ARG D 251 -64.37 37.40 34.06
N SER D 252 -64.82 37.34 35.32
CA SER D 252 -65.59 36.20 35.89
C SER D 252 -67.02 36.68 36.21
N ASN D 253 -67.92 35.73 36.47
CA ASN D 253 -69.32 35.98 36.87
C ASN D 253 -69.37 36.81 38.16
N HIS D 254 -68.40 36.61 39.06
CA HIS D 254 -68.35 37.26 40.40
C HIS D 254 -67.28 38.36 40.43
N GLY D 255 -66.95 38.94 39.27
CA GLY D 255 -66.11 40.15 39.16
C GLY D 255 -64.72 39.86 38.60
N PRO D 256 -63.80 40.85 38.61
CA PRO D 256 -62.44 40.67 38.11
C PRO D 256 -61.57 39.88 39.08
N LEU D 257 -60.81 38.91 38.56
CA LEU D 257 -59.89 38.03 39.32
C LEU D 257 -58.47 38.19 38.78
N VAL D 258 -57.50 38.48 39.66
CA VAL D 258 -56.07 38.68 39.30
C VAL D 258 -55.42 37.31 39.11
N MET D 259 -54.72 37.12 37.98
CA MET D 259 -53.98 35.88 37.64
C MET D 259 -52.52 36.04 38.07
N GLU D 260 -51.88 37.12 37.62
CA GLU D 260 -50.44 37.40 37.85
C GLU D 260 -50.22 38.90 38.04
N VAL D 261 -49.19 39.26 38.80
CA VAL D 261 -48.61 40.64 38.87
C VAL D 261 -47.14 40.53 38.51
N ASN D 262 -46.75 41.09 37.36
CA ASN D 262 -45.40 41.01 36.76
C ASN D 262 -44.67 42.33 37.03
N SER D 263 -43.49 42.25 37.67
CA SER D 263 -42.70 43.42 38.15
C SER D 263 -41.90 44.04 37.00
N SER D 264 -41.70 43.31 35.90
CA SER D 264 -41.05 43.84 34.66
C SER D 264 -41.83 43.34 33.44
N PRO D 265 -43.00 43.92 33.13
CA PRO D 265 -43.84 43.43 32.04
C PRO D 265 -43.26 43.75 30.66
N GLY D 266 -43.47 42.87 29.69
CA GLY D 266 -43.10 43.09 28.27
C GLY D 266 -43.78 44.31 27.70
N LEU D 267 -43.16 44.96 26.71
CA LEU D 267 -43.65 46.23 26.12
C LEU D 267 -44.15 46.01 24.68
N GLU D 268 -43.69 44.96 23.98
CA GLU D 268 -43.99 44.74 22.55
C GLU D 268 -45.51 44.57 22.36
N GLY D 269 -46.12 43.64 23.10
CA GLY D 269 -47.57 43.36 23.03
C GLY D 269 -48.39 44.61 23.20
N ILE D 270 -48.20 45.31 24.33
CA ILE D 270 -49.04 46.47 24.75
C ILE D 270 -48.85 47.64 23.75
N GLU D 271 -47.63 47.89 23.29
CA GLU D 271 -47.30 49.07 22.44
C GLU D 271 -47.84 48.86 21.02
N VAL D 272 -47.65 47.67 20.45
CA VAL D 272 -48.15 47.33 19.09
C VAL D 272 -49.67 47.50 19.05
N THR D 273 -50.37 47.07 20.10
CA THR D 273 -51.86 47.03 20.18
C THR D 273 -52.42 48.46 20.37
N THR D 274 -51.83 49.24 21.27
CA THR D 274 -52.38 50.54 21.74
C THR D 274 -51.74 51.73 20.99
N SER D 275 -50.55 51.54 20.41
CA SER D 275 -49.76 52.59 19.73
C SER D 275 -49.36 53.70 20.71
N LYS D 276 -49.27 53.36 22.01
CA LYS D 276 -48.87 54.30 23.09
C LYS D 276 -47.37 54.18 23.33
N ASP D 277 -46.71 55.28 23.66
CA ASP D 277 -45.27 55.34 24.05
C ASP D 277 -45.18 54.94 25.53
N VAL D 278 -45.32 53.65 25.82
CA VAL D 278 -45.29 53.09 27.21
C VAL D 278 -43.88 53.26 27.77
N ALA D 279 -42.86 52.88 26.99
CA ALA D 279 -41.43 53.11 27.31
C ALA D 279 -41.22 54.57 27.71
N GLY D 280 -41.79 55.51 26.94
CA GLY D 280 -41.73 56.96 27.19
C GLY D 280 -42.29 57.34 28.54
N MET D 281 -43.48 56.83 28.88
CA MET D 281 -44.21 57.17 30.12
C MET D 281 -43.47 56.62 31.35
N ILE D 282 -42.77 55.49 31.20
CA ILE D 282 -41.90 54.90 32.26
C ILE D 282 -40.75 55.88 32.53
N ILE D 283 -40.07 56.36 31.48
CA ILE D 283 -38.95 57.34 31.58
C ILE D 283 -39.49 58.63 32.19
N GLU D 284 -40.68 59.04 31.77
CA GLU D 284 -41.37 60.28 32.23
C GLU D 284 -41.67 60.16 33.74
N TYR D 285 -42.00 58.95 34.22
CA TYR D 285 -42.27 58.67 35.65
C TYR D 285 -40.97 58.84 36.45
N LEU D 286 -39.84 58.31 35.94
CA LEU D 286 -38.50 58.43 36.58
C LEU D 286 -38.14 59.92 36.71
N GLU D 287 -38.43 60.73 35.68
CA GLU D 287 -38.11 62.18 35.62
C GLU D 287 -38.75 62.89 36.81
N LYS D 288 -39.98 62.52 37.18
CA LYS D 288 -40.81 63.23 38.19
C LYS D 288 -40.48 62.74 39.61
N ASN D 289 -40.30 61.43 39.79
CA ASN D 289 -40.21 60.78 41.13
C ASN D 289 -38.74 60.52 41.51
N SER D 290 -37.80 60.75 40.60
CA SER D 290 -36.33 60.68 40.86
C SER D 290 -35.95 61.76 41.89
N GLY D 291 -36.56 62.95 41.82
CA GLY D 291 -36.38 64.05 42.78
C GLY D 291 -35.05 64.76 42.58
N MET E 1 64.07 37.96 55.12
CA MET E 1 62.65 37.55 55.04
C MET E 1 62.55 36.01 54.97
N LYS E 2 61.46 35.46 55.51
CA LYS E 2 61.04 34.06 55.25
C LYS E 2 59.92 34.11 54.20
N ILE E 3 60.12 33.48 53.05
CA ILE E 3 59.19 33.56 51.88
C ILE E 3 58.73 32.15 51.51
N ALA E 4 57.41 31.97 51.42
CA ALA E 4 56.76 30.74 50.91
C ALA E 4 56.61 30.85 49.39
N VAL E 5 56.87 29.78 48.67
CA VAL E 5 56.64 29.66 47.20
C VAL E 5 55.63 28.55 46.96
N LEU E 6 54.39 28.91 46.65
CA LEU E 6 53.28 27.95 46.40
C LEU E 6 53.43 27.39 44.98
N SER E 7 54.04 26.20 44.84
CA SER E 7 54.29 25.55 43.51
C SER E 7 54.02 24.05 43.61
N ARG E 8 53.32 23.49 42.62
CA ARG E 8 53.02 22.04 42.50
C ARG E 8 54.31 21.27 42.22
N ASN E 9 55.27 21.88 41.52
CA ASN E 9 56.56 21.22 41.15
C ASN E 9 57.73 22.16 41.47
N PRO E 10 58.56 21.83 42.49
CA PRO E 10 59.73 22.64 42.84
C PRO E 10 60.93 22.48 41.90
N ARG E 11 60.86 21.52 40.96
CA ARG E 11 61.97 21.18 40.03
C ARG E 11 61.78 21.91 38.68
N LEU E 12 60.70 22.69 38.54
CA LEU E 12 60.42 23.51 37.33
C LEU E 12 61.24 24.79 37.38
N TYR E 13 61.73 25.24 36.22
CA TYR E 13 62.68 26.37 36.04
C TYR E 13 62.27 27.55 36.92
N SER E 14 61.02 28.01 36.77
CA SER E 14 60.50 29.29 37.35
C SER E 14 60.55 29.24 38.88
N THR E 15 60.25 28.09 39.49
CA THR E 15 60.24 27.90 40.96
C THR E 15 61.67 27.83 41.46
N ARG E 16 62.52 27.01 40.82
CA ARG E 16 63.98 26.91 41.13
C ARG E 16 64.59 28.31 41.15
N ARG E 17 64.34 29.10 40.11
CA ARG E 17 64.92 30.45 39.92
C ARG E 17 64.46 31.38 41.06
N LEU E 18 63.21 31.25 41.51
CA LEU E 18 62.65 32.11 42.59
C LEU E 18 63.32 31.78 43.92
N VAL E 19 63.63 30.50 44.19
CA VAL E 19 64.32 30.11 45.46
C VAL E 19 65.79 30.54 45.36
N GLU E 20 66.44 30.35 44.21
CA GLU E 20 67.83 30.81 43.94
C GLU E 20 67.94 32.30 44.30
N ALA E 21 67.22 33.15 43.56
CA ALA E 21 67.23 34.63 43.68
C ALA E 21 67.03 35.02 45.15
N GLY E 22 66.13 34.32 45.84
CA GLY E 22 65.83 34.53 47.27
C GLY E 22 67.01 34.20 48.15
N ILE E 23 67.54 32.97 48.04
CA ILE E 23 68.70 32.46 48.80
C ILE E 23 69.88 33.40 48.55
N GLU E 24 70.15 33.74 47.28
CA GLU E 24 71.22 34.67 46.84
C GLU E 24 71.15 35.97 47.64
N ARG E 25 69.94 36.46 47.94
CA ARG E 25 69.68 37.78 48.57
C ARG E 25 69.43 37.60 50.08
N GLY E 26 69.72 36.40 50.62
CA GLY E 26 69.87 36.14 52.07
C GLY E 26 68.55 35.78 52.73
N HIS E 27 67.53 35.42 51.96
CA HIS E 27 66.16 35.09 52.45
C HIS E 27 66.05 33.57 52.67
N GLU E 28 65.12 33.15 53.54
CA GLU E 28 64.78 31.72 53.77
C GLU E 28 63.61 31.36 52.87
N MET E 29 63.82 30.47 51.91
CA MET E 29 62.85 30.10 50.85
C MET E 29 62.29 28.71 51.13
N VAL E 30 60.97 28.60 51.30
CA VAL E 30 60.25 27.31 51.52
C VAL E 30 59.28 27.08 50.36
N VAL E 31 59.39 25.95 49.68
CA VAL E 31 58.47 25.52 48.58
C VAL E 31 57.35 24.69 49.20
N ILE E 32 56.10 25.09 48.96
CA ILE E 32 54.86 24.45 49.53
C ILE E 32 54.00 23.96 48.36
N ASP E 33 53.75 22.65 48.28
CA ASP E 33 52.71 22.05 47.39
C ASP E 33 51.35 22.32 48.04
N THR E 34 50.58 23.28 47.52
CA THR E 34 49.35 23.81 48.17
C THR E 34 48.40 22.66 48.54
N LEU E 35 48.32 21.62 47.71
CA LEU E 35 47.40 20.46 47.93
C LEU E 35 47.77 19.71 49.22
N ARG E 36 49.05 19.70 49.60
CA ARG E 36 49.58 18.94 50.76
C ARG E 36 49.50 19.82 52.03
N ALA E 37 49.15 21.09 51.88
CA ALA E 37 48.80 22.02 52.99
C ALA E 37 47.36 21.74 53.43
N TYR E 38 47.13 21.71 54.74
CA TYR E 38 45.79 21.56 55.36
C TYR E 38 45.71 22.60 56.48
N MET E 39 44.52 23.12 56.76
CA MET E 39 44.36 24.29 57.65
C MET E 39 43.08 24.22 58.48
N ASN E 40 43.11 24.92 59.60
CA ASN E 40 42.04 25.15 60.58
C ASN E 40 41.66 26.63 60.46
N ILE E 41 40.40 26.92 60.12
CA ILE E 41 39.79 28.27 60.11
C ILE E 41 39.14 28.43 61.49
N ALA E 42 39.15 29.63 62.11
CA ALA E 42 38.10 30.08 63.07
C ALA E 42 38.10 29.30 64.38
N SER E 43 39.26 28.74 64.78
CA SER E 43 39.52 28.10 66.10
C SER E 43 40.56 28.95 66.84
N HIS E 44 40.16 30.17 67.25
CA HIS E 44 41.05 31.12 68.00
C HIS E 44 42.08 31.62 66.98
N LYS E 45 43.27 30.99 66.89
CA LYS E 45 44.42 31.38 66.06
C LYS E 45 44.37 30.47 64.81
N PRO E 46 44.19 31.04 63.60
CA PRO E 46 44.08 30.26 62.37
C PRO E 46 45.41 29.62 61.93
N GLN E 47 45.42 28.31 61.70
CA GLN E 47 46.64 27.51 61.44
C GLN E 47 46.68 27.07 59.97
N ILE E 48 47.89 27.01 59.40
CA ILE E 48 48.23 26.14 58.23
C ILE E 48 49.28 25.15 58.70
N HIS E 49 49.04 23.85 58.50
CA HIS E 49 49.99 22.74 58.76
C HIS E 49 50.44 22.15 57.43
N TYR E 50 51.61 21.50 57.42
CA TYR E 50 52.27 20.91 56.23
C TYR E 50 53.16 19.75 56.69
N ARG E 51 52.84 18.53 56.27
CA ARG E 51 53.58 17.29 56.63
C ARG E 51 53.77 17.21 58.15
N GLY E 52 52.73 17.50 58.93
CA GLY E 52 52.67 17.27 60.38
C GLY E 52 53.08 18.48 61.21
N LYS E 53 53.82 19.43 60.62
CA LYS E 53 54.37 20.61 61.31
C LYS E 53 53.62 21.87 60.86
N PRO E 54 53.46 22.88 61.74
CA PRO E 54 52.82 24.15 61.37
C PRO E 54 53.71 25.03 60.50
N LEU E 55 53.11 25.85 59.62
CA LEU E 55 53.81 26.89 58.82
C LEU E 55 53.66 28.25 59.53
N GLU E 56 54.74 28.75 60.14
CA GLU E 56 54.76 29.99 60.95
C GLU E 56 55.81 30.96 60.43
N GLY E 57 55.72 32.22 60.87
CA GLY E 57 56.78 33.24 60.76
C GLY E 57 57.11 33.60 59.32
N PHE E 58 56.20 33.35 58.38
CA PHE E 58 56.34 33.72 56.95
C PHE E 58 56.03 35.22 56.82
N ASP E 59 56.89 35.94 56.07
CA ASP E 59 56.79 37.40 55.85
C ASP E 59 56.06 37.67 54.52
N ALA E 60 56.27 36.82 53.53
CA ALA E 60 55.68 36.96 52.17
C ALA E 60 55.44 35.58 51.55
N VAL E 61 54.52 35.52 50.58
CA VAL E 61 54.18 34.30 49.81
C VAL E 61 54.11 34.66 48.33
N ILE E 62 54.75 33.85 47.47
CA ILE E 62 54.72 33.97 45.98
C ILE E 62 53.80 32.88 45.46
N PRO E 63 52.55 33.22 45.07
CA PRO E 63 51.61 32.22 44.55
C PRO E 63 51.91 31.91 43.07
N ARG E 64 52.32 30.68 42.79
CA ARG E 64 52.46 30.14 41.42
C ARG E 64 51.36 29.10 41.20
N ILE E 65 50.11 29.55 41.15
CA ILE E 65 48.91 28.66 41.01
C ILE E 65 48.80 28.24 39.54
N GLY E 66 48.74 26.94 39.26
CA GLY E 66 48.57 26.37 37.92
C GLY E 66 47.12 26.42 37.46
N ALA E 67 46.88 26.21 36.17
CA ALA E 67 45.54 26.19 35.54
C ALA E 67 44.90 24.81 35.75
N SER E 68 44.59 24.48 37.01
CA SER E 68 43.97 23.20 37.44
C SER E 68 42.51 23.44 37.88
N VAL E 69 41.83 22.40 38.39
CA VAL E 69 40.46 22.47 38.98
C VAL E 69 40.62 22.83 40.47
N THR E 70 41.35 23.92 40.75
CA THR E 70 42.00 24.24 42.05
C THR E 70 41.38 25.53 42.64
N PHE E 71 40.21 25.40 43.25
CA PHE E 71 39.66 26.39 44.22
C PHE E 71 40.49 26.34 45.51
N TYR E 72 41.09 25.17 45.79
CA TYR E 72 41.87 24.89 47.03
C TYR E 72 43.13 25.74 47.07
N GLY E 73 43.86 25.86 45.96
CA GLY E 73 45.10 26.64 45.85
C GLY E 73 44.88 28.08 46.29
N CYS E 74 43.79 28.71 45.81
CA CYS E 74 43.39 30.10 46.17
C CYS E 74 43.07 30.16 47.67
N ALA E 75 42.46 29.11 48.24
CA ALA E 75 42.07 29.02 49.67
C ALA E 75 43.32 29.03 50.54
N VAL E 76 44.37 28.30 50.15
CA VAL E 76 45.67 28.24 50.88
C VAL E 76 46.31 29.63 50.85
N LEU E 77 46.31 30.30 49.68
CA LEU E 77 46.82 31.68 49.52
C LEU E 77 46.02 32.63 50.42
N ARG E 78 44.69 32.46 50.48
CA ARG E 78 43.78 33.32 51.26
C ARG E 78 44.13 33.20 52.75
N GLN E 79 44.36 31.97 53.26
CA GLN E 79 44.75 31.75 54.68
C GLN E 79 46.01 32.57 54.99
N PHE E 80 47.03 32.45 54.14
CA PHE E 80 48.32 33.19 54.28
C PHE E 80 48.01 34.68 54.43
N GLU E 81 47.19 35.23 53.53
CA GLU E 81 46.80 36.67 53.51
C GLU E 81 46.15 37.05 54.84
N MET E 82 45.20 36.23 55.30
CA MET E 82 44.39 36.45 56.54
C MET E 82 45.28 36.30 57.77
N MET E 83 46.36 35.52 57.67
CA MET E 83 47.35 35.32 58.77
C MET E 83 48.45 36.39 58.70
N GLY E 84 48.28 37.41 57.85
CA GLY E 84 49.11 38.64 57.84
C GLY E 84 50.26 38.58 56.85
N VAL E 85 50.46 37.44 56.18
CA VAL E 85 51.58 37.23 55.21
C VAL E 85 51.30 38.05 53.95
N PHE E 86 52.31 38.78 53.44
CA PHE E 86 52.21 39.66 52.25
C PHE E 86 52.24 38.79 50.99
N PRO E 87 51.20 38.85 50.14
CA PRO E 87 51.21 38.13 48.87
C PRO E 87 51.80 38.96 47.71
N LEU E 88 52.56 38.32 46.82
CA LEU E 88 53.13 38.97 45.62
C LEU E 88 51.97 39.48 44.76
N ASN E 89 50.97 38.61 44.55
CA ASN E 89 49.66 38.94 43.94
C ASN E 89 48.54 38.50 44.88
N GLU E 90 47.54 39.36 45.11
CA GLU E 90 46.40 39.09 46.01
C GLU E 90 45.52 38.00 45.40
N SER E 91 44.95 37.11 46.23
CA SER E 91 44.01 36.04 45.82
C SER E 91 42.86 36.64 45.00
N VAL E 92 42.37 37.81 45.42
CA VAL E 92 41.26 38.56 44.76
C VAL E 92 41.63 38.74 43.28
N ALA E 93 42.82 39.26 43.03
CA ALA E 93 43.34 39.59 41.68
C ALA E 93 43.54 38.32 40.86
N ILE E 94 44.06 37.26 41.46
CA ILE E 94 44.37 35.96 40.79
C ILE E 94 43.07 35.33 40.29
N ALA E 95 42.02 35.37 41.11
CA ALA E 95 40.66 34.87 40.79
C ALA E 95 40.10 35.62 39.57
N ARG E 96 40.33 36.93 39.49
CA ARG E 96 39.93 37.78 38.33
C ARG E 96 40.63 37.31 37.05
N SER E 97 41.94 37.06 37.12
CA SER E 97 42.82 36.71 35.97
C SER E 97 42.47 35.33 35.41
N ARG E 98 42.23 34.36 36.30
CA ARG E 98 42.09 32.93 35.93
C ARG E 98 40.74 32.71 35.26
N ASP E 99 39.73 33.52 35.57
CA ASP E 99 38.41 33.52 34.88
C ASP E 99 38.55 34.33 33.60
N LYS E 100 38.85 33.68 32.47
CA LYS E 100 39.21 34.36 31.19
C LYS E 100 38.00 35.17 30.69
N LEU E 101 36.78 34.67 30.87
CA LEU E 101 35.52 35.39 30.53
C LEU E 101 35.47 36.71 31.29
N ARG E 102 35.56 36.63 32.62
CA ARG E 102 35.50 37.80 33.54
C ARG E 102 36.64 38.77 33.23
N SER E 103 37.83 38.24 32.97
CA SER E 103 39.06 39.00 32.69
C SER E 103 38.84 39.92 31.49
N LEU E 104 38.36 39.38 30.37
CA LEU E 104 38.13 40.13 29.11
C LEU E 104 37.01 41.15 29.32
N GLN E 105 35.94 40.78 30.02
CA GLN E 105 34.81 41.70 30.34
C GLN E 105 35.34 42.92 31.10
N LEU E 106 36.27 42.71 32.04
CA LEU E 106 36.77 43.78 32.94
C LEU E 106 37.67 44.71 32.15
N LEU E 107 38.53 44.16 31.30
CA LEU E 107 39.45 44.92 30.40
C LEU E 107 38.61 45.74 29.42
N SER E 108 37.56 45.14 28.86
CA SER E 108 36.62 45.78 27.89
C SER E 108 35.96 47.01 28.54
N ARG E 109 35.50 46.87 29.78
CA ARG E 109 34.74 47.93 30.49
C ARG E 109 35.66 49.12 30.81
N ARG E 110 36.94 48.87 31.08
CA ARG E 110 37.93 49.93 31.43
C ARG E 110 38.62 50.45 30.15
N GLY E 111 38.15 50.04 28.97
CA GLY E 111 38.54 50.62 27.67
C GLY E 111 39.91 50.18 27.18
N ILE E 112 40.42 49.04 27.67
CA ILE E 112 41.67 48.40 27.15
C ILE E 112 41.36 47.84 25.76
N GLY E 113 42.24 48.07 24.79
CA GLY E 113 42.07 47.54 23.43
C GLY E 113 42.05 46.02 23.45
N LEU E 114 40.98 45.42 22.93
CA LEU E 114 40.84 43.95 22.75
C LEU E 114 40.47 43.66 21.31
N PRO E 115 40.69 42.41 20.82
CA PRO E 115 40.05 41.96 19.60
C PRO E 115 38.54 41.95 19.82
N VAL E 116 37.76 42.08 18.74
CA VAL E 116 36.28 41.90 18.79
C VAL E 116 36.03 40.48 19.27
N THR E 117 35.24 40.31 20.32
CA THR E 117 35.13 39.04 21.09
C THR E 117 33.66 38.71 21.40
N GLY E 118 33.28 37.45 21.21
CA GLY E 118 31.96 36.91 21.57
C GLY E 118 32.10 35.70 22.49
N PHE E 119 31.10 35.50 23.36
CA PHE E 119 30.99 34.32 24.27
C PHE E 119 29.69 33.57 23.97
N ALA E 120 29.72 32.25 24.15
CA ALA E 120 28.58 31.33 23.93
C ALA E 120 28.78 30.08 24.77
N HIS E 121 27.70 29.32 25.03
CA HIS E 121 27.76 27.95 25.60
C HIS E 121 26.86 27.03 24.77
N SER E 122 25.56 27.30 24.77
CA SER E 122 24.51 26.56 24.03
C SER E 122 23.69 27.52 23.18
N PRO E 123 24.32 28.28 22.25
CA PRO E 123 23.59 29.20 21.38
C PRO E 123 22.69 28.45 20.40
N ASP E 124 21.49 28.97 20.16
CA ASP E 124 20.45 28.36 19.29
C ASP E 124 20.66 28.85 17.84
N ASP E 125 21.13 30.10 17.67
CA ASP E 125 21.37 30.74 16.36
C ASP E 125 22.86 31.07 16.23
N ILE E 126 23.67 30.09 15.80
CA ILE E 126 25.14 30.22 15.65
C ILE E 126 25.47 31.23 14.56
N PRO E 127 24.78 31.21 13.39
CA PRO E 127 24.97 32.27 12.40
C PRO E 127 24.88 33.68 13.00
N ASP E 128 23.94 33.89 13.93
CA ASP E 128 23.72 35.19 14.61
C ASP E 128 24.95 35.54 15.47
N LEU E 129 25.50 34.56 16.19
CA LEU E 129 26.73 34.71 17.00
C LEU E 129 27.89 35.17 16.10
N ILE E 130 28.06 34.51 14.95
CA ILE E 130 29.15 34.79 13.97
C ILE E 130 28.99 36.22 13.44
N GLN E 131 27.76 36.61 13.09
CA GLN E 131 27.42 37.96 12.56
C GLN E 131 27.79 39.03 13.60
N MET E 132 27.57 38.75 14.90
CA MET E 132 27.80 39.70 16.02
C MET E 132 29.29 40.05 16.15
N VAL E 133 30.18 39.18 15.65
CA VAL E 133 31.66 39.31 15.77
C VAL E 133 32.26 39.66 14.39
N ASN E 134 31.44 40.24 13.49
CA ASN E 134 31.84 40.75 12.15
C ASN E 134 32.31 39.59 11.25
N GLY E 135 31.82 38.37 11.51
CA GLY E 135 31.99 37.21 10.61
C GLY E 135 33.41 36.68 10.56
N ALA E 136 33.66 35.71 9.66
CA ALA E 136 34.96 35.05 9.42
C ALA E 136 35.93 36.03 8.77
N PRO E 137 37.27 35.84 8.89
CA PRO E 137 37.84 34.73 9.65
C PRO E 137 37.76 34.94 11.17
N LEU E 138 37.46 33.87 11.91
CA LEU E 138 37.28 33.86 13.38
C LEU E 138 38.24 32.85 14.01
N VAL E 139 38.85 33.20 15.14
CA VAL E 139 39.56 32.26 16.05
C VAL E 139 38.55 31.79 17.09
N ILE E 140 38.50 30.48 17.34
CA ILE E 140 37.49 29.83 18.23
C ILE E 140 38.23 29.00 19.28
N LYS E 141 38.20 29.47 20.53
CA LYS E 141 38.86 28.82 21.69
C LYS E 141 37.76 28.14 22.54
N VAL E 142 38.07 26.97 23.11
CA VAL E 142 37.28 26.31 24.17
C VAL E 142 37.91 26.66 25.51
N LEU E 143 37.10 26.76 26.57
CA LEU E 143 37.55 27.05 27.95
C LEU E 143 37.14 25.90 28.88
N GLU E 144 38.11 25.29 29.58
CA GLU E 144 37.87 24.36 30.72
C GLU E 144 38.32 25.08 32.00
N GLY E 145 37.54 26.08 32.44
CA GLY E 145 37.83 26.90 33.63
C GLY E 145 38.84 28.00 33.35
N THR E 146 40.14 27.69 33.46
CA THR E 146 41.28 28.64 33.30
C THR E 146 41.97 28.41 31.93
N GLN E 147 42.14 27.13 31.55
CA GLN E 147 42.92 26.67 30.38
C GLN E 147 42.11 26.92 29.10
N GLY E 148 42.80 27.41 28.04
CA GLY E 148 42.24 27.61 26.68
C GLY E 148 42.50 26.38 25.83
N ILE E 149 41.80 25.28 26.16
CA ILE E 149 42.15 23.86 25.87
C ILE E 149 42.46 23.68 24.38
N GLY E 150 41.60 24.19 23.50
CA GLY E 150 41.74 24.10 22.02
C GLY E 150 41.64 25.48 21.40
N VAL E 151 42.34 25.71 20.28
CA VAL E 151 42.26 26.97 19.49
C VAL E 151 42.23 26.58 17.99
N VAL E 152 41.23 27.08 17.27
CA VAL E 152 41.03 26.78 15.81
C VAL E 152 40.80 28.09 15.06
N LEU E 153 41.59 28.33 14.00
CA LEU E 153 41.35 29.40 13.01
C LEU E 153 40.34 28.87 11.98
N CYS E 154 39.21 29.56 11.84
CA CYS E 154 38.12 29.21 10.88
C CYS E 154 38.04 30.31 9.82
N GLU E 155 38.32 29.96 8.57
CA GLU E 155 38.52 30.90 7.44
C GLU E 155 37.14 31.38 6.94
N THR E 156 36.16 30.47 6.90
CA THR E 156 34.79 30.68 6.38
C THR E 156 33.79 30.49 7.52
N ALA E 157 32.61 31.11 7.40
CA ALA E 157 31.50 31.04 8.39
C ALA E 157 30.96 29.61 8.49
N THR E 158 31.08 28.81 7.41
CA THR E 158 30.70 27.38 7.36
C THR E 158 31.55 26.60 8.38
N ALA E 159 32.87 26.77 8.33
CA ALA E 159 33.85 26.12 9.23
C ALA E 159 33.61 26.59 10.66
N ALA E 160 33.41 27.89 10.87
CA ALA E 160 33.13 28.51 12.18
C ALA E 160 31.92 27.82 12.81
N GLU E 161 30.81 27.74 12.06
CA GLU E 161 29.54 27.13 12.52
C GLU E 161 29.77 25.65 12.86
N SER E 162 30.52 24.94 12.02
CA SER E 162 30.79 23.48 12.15
C SER E 162 31.59 23.20 13.42
N VAL E 163 32.58 24.05 13.73
CA VAL E 163 33.50 23.89 14.89
C VAL E 163 32.76 24.26 16.18
N ILE E 164 31.97 25.34 16.17
CA ILE E 164 31.19 25.80 17.36
C ILE E 164 30.21 24.69 17.75
N GLU E 165 29.53 24.08 16.76
CA GLU E 165 28.55 22.98 16.98
C GLU E 165 29.24 21.80 17.66
N ALA E 166 30.48 21.48 17.25
CA ALA E 166 31.28 20.37 17.81
C ALA E 166 31.56 20.65 19.29
N PHE E 167 32.04 21.85 19.60
CA PHE E 167 32.45 22.27 20.97
C PHE E 167 31.21 22.34 21.87
N MET E 168 30.07 22.77 21.32
CA MET E 168 28.75 22.74 22.02
C MET E 168 28.48 21.33 22.54
N GLY E 169 28.67 20.32 21.68
CA GLY E 169 28.51 18.90 22.02
C GLY E 169 29.27 18.52 23.28
N LEU E 170 30.44 19.13 23.51
CA LEU E 170 31.35 18.82 24.65
C LEU E 170 30.96 19.65 25.89
N LYS E 171 29.85 20.41 25.81
CA LYS E 171 29.26 21.19 26.93
C LYS E 171 30.32 22.13 27.53
N GLN E 172 31.14 22.75 26.70
CA GLN E 172 32.25 23.65 27.11
C GLN E 172 31.87 25.10 26.78
N ASP E 173 32.32 26.05 27.61
CA ASP E 173 32.23 27.52 27.35
C ASP E 173 33.06 27.83 26.11
N ILE E 174 32.48 28.54 25.14
CA ILE E 174 33.10 28.81 23.80
C ILE E 174 33.40 30.31 23.70
N MET E 175 34.60 30.65 23.21
CA MET E 175 35.02 32.04 22.92
C MET E 175 35.26 32.18 21.42
N VAL E 176 34.63 33.19 20.81
CA VAL E 176 34.73 33.51 19.35
C VAL E 176 35.39 34.88 19.24
N GLN E 177 36.50 34.97 18.52
CA GLN E 177 37.37 36.18 18.49
C GLN E 177 37.77 36.53 17.06
N GLU E 178 37.70 37.82 16.73
CA GLU E 178 38.19 38.43 15.47
C GLU E 178 39.65 38.00 15.28
N TYR E 179 39.97 37.38 14.14
CA TYR E 179 41.35 36.99 13.74
C TYR E 179 42.09 38.22 13.22
N ILE E 180 43.24 38.53 13.84
CA ILE E 180 44.09 39.70 13.49
C ILE E 180 45.28 39.21 12.66
N LYS E 181 45.07 39.18 11.34
CA LYS E 181 45.99 38.61 10.32
C LYS E 181 47.22 39.50 10.19
N GLU E 182 47.14 40.79 10.54
CA GLU E 182 48.24 41.78 10.41
C GLU E 182 49.42 41.40 11.31
N ALA E 183 49.15 40.72 12.43
CA ALA E 183 50.13 40.31 13.47
C ALA E 183 51.19 39.35 12.87
N GLY E 184 50.80 38.55 11.87
CA GLY E 184 51.67 37.59 11.17
C GLY E 184 52.06 36.43 12.06
N GLY E 185 51.17 36.05 12.99
CA GLY E 185 51.41 34.99 13.99
C GLY E 185 52.53 35.37 14.96
N ALA E 186 52.52 36.63 15.42
CA ALA E 186 53.52 37.18 16.37
C ALA E 186 52.81 37.99 17.45
N ASP E 187 53.32 37.93 18.69
CA ASP E 187 52.78 38.69 19.85
C ASP E 187 53.95 39.22 20.67
N ILE E 188 53.74 40.34 21.36
CA ILE E 188 54.65 40.92 22.38
C ILE E 188 54.22 40.35 23.73
N ARG E 189 55.12 39.67 24.45
CA ARG E 189 54.91 39.31 25.88
C ARG E 189 55.65 40.34 26.74
N CYS E 190 54.90 41.25 27.39
CA CYS E 190 55.42 42.25 28.34
C CYS E 190 55.34 41.70 29.76
N PHE E 191 56.39 41.90 30.54
CA PHE E 191 56.55 41.34 31.91
C PHE E 191 56.51 42.49 32.92
N VAL E 192 55.42 42.58 33.69
CA VAL E 192 55.13 43.67 34.65
C VAL E 192 55.57 43.25 36.06
N VAL E 193 56.30 44.13 36.74
CA VAL E 193 56.61 44.05 38.21
C VAL E 193 56.44 45.46 38.78
N GLY E 194 55.48 45.66 39.67
CA GLY E 194 55.10 46.99 40.18
C GLY E 194 54.59 47.87 39.06
N ASP E 195 55.10 49.09 38.95
CA ASP E 195 54.64 50.14 37.99
C ASP E 195 55.50 50.13 36.72
N LYS E 196 56.23 49.05 36.45
CA LYS E 196 57.26 48.99 35.38
C LYS E 196 57.11 47.69 34.58
N VAL E 197 57.26 47.81 33.26
CA VAL E 197 57.54 46.68 32.32
C VAL E 197 59.05 46.45 32.33
N ILE E 198 59.51 45.45 33.09
CA ILE E 198 60.96 45.22 33.38
C ILE E 198 61.60 44.45 32.22
N ALA E 199 60.82 43.73 31.42
CA ALA E 199 61.31 42.88 30.31
C ALA E 199 60.19 42.66 29.29
N SER E 200 60.56 42.50 28.01
CA SER E 200 59.65 42.28 26.87
C SER E 200 60.32 41.34 25.87
N MET E 201 59.53 40.66 25.03
CA MET E 201 60.06 39.80 23.94
C MET E 201 58.95 39.55 22.90
N LYS E 202 59.33 39.47 21.63
CA LYS E 202 58.46 39.05 20.51
C LYS E 202 58.50 37.52 20.43
N ARG E 203 57.35 36.88 20.23
CA ARG E 203 57.24 35.43 19.92
C ARG E 203 56.80 35.32 18.45
N GLN E 204 57.28 34.30 17.73
CA GLN E 204 56.98 34.07 16.29
C GLN E 204 56.56 32.61 16.08
N ALA E 205 55.60 32.37 15.19
CA ALA E 205 55.11 31.03 14.79
C ALA E 205 56.07 30.43 13.76
N LYS E 206 55.91 29.14 13.44
CA LYS E 206 56.72 28.40 12.42
C LYS E 206 56.37 28.95 11.04
N PRO E 207 57.13 28.58 9.97
CA PRO E 207 56.89 29.10 8.62
C PRO E 207 55.44 29.12 8.13
N GLY E 208 54.58 28.22 8.64
CA GLY E 208 53.19 28.02 8.15
C GLY E 208 52.11 28.52 9.09
N GLU E 209 52.22 28.25 10.40
CA GLU E 209 51.09 28.34 11.37
C GLU E 209 50.99 29.75 11.95
N PHE E 210 50.03 29.95 12.86
CA PHE E 210 49.66 31.24 13.51
C PHE E 210 49.89 31.18 15.02
N ARG E 211 50.09 29.98 15.59
CA ARG E 211 50.25 29.75 17.05
C ARG E 211 51.66 30.16 17.47
N SER E 212 51.77 31.30 18.17
CA SER E 212 53.05 32.01 18.47
C SER E 212 53.76 31.41 19.68
N ASN E 213 53.11 30.50 20.43
CA ASN E 213 53.62 29.92 21.71
C ASN E 213 55.08 29.46 21.55
N LEU E 214 55.90 29.67 22.60
CA LEU E 214 57.33 29.27 22.69
C LEU E 214 57.45 27.73 22.63
N HIS E 215 56.57 27.01 23.33
CA HIS E 215 56.60 25.52 23.48
C HIS E 215 55.76 24.86 22.39
N ARG E 216 55.83 25.36 21.15
CA ARG E 216 55.12 24.83 19.95
C ARG E 216 55.99 25.07 18.70
N GLY E 217 57.32 24.99 18.84
CA GLY E 217 58.31 25.25 17.77
C GLY E 217 58.29 26.70 17.32
N GLY E 218 58.69 27.63 18.20
CA GLY E 218 58.50 29.07 18.04
C GLY E 218 59.69 29.88 18.52
N SER E 219 60.23 30.75 17.66
CA SER E 219 61.37 31.66 17.93
C SER E 219 60.93 32.85 18.79
N ALA E 220 61.71 33.19 19.82
CA ALA E 220 61.58 34.42 20.65
C ALA E 220 62.78 35.32 20.38
N SER E 221 62.61 36.65 20.44
CA SER E 221 63.66 37.65 20.17
C SER E 221 63.40 38.93 20.97
N LEU E 222 64.44 39.77 21.11
CA LEU E 222 64.38 41.11 21.76
C LEU E 222 63.50 42.02 20.92
N ILE E 223 62.80 42.97 21.56
CA ILE E 223 61.93 43.96 20.86
C ILE E 223 61.84 45.24 21.70
N LYS E 224 62.03 46.41 21.06
CA LYS E 224 61.76 47.74 21.65
C LYS E 224 60.25 47.98 21.57
N ILE E 225 59.57 48.06 22.71
CA ILE E 225 58.09 48.27 22.77
C ILE E 225 57.81 49.78 22.72
N THR E 226 56.68 50.16 22.09
CA THR E 226 56.21 51.56 21.95
C THR E 226 55.77 52.07 23.33
N PRO E 227 55.73 53.40 23.57
CA PRO E 227 55.20 53.93 24.82
C PRO E 227 53.74 53.51 25.10
N GLU E 228 52.94 53.33 24.05
CA GLU E 228 51.49 52.99 24.19
C GLU E 228 51.35 51.49 24.51
N GLU E 229 52.29 50.66 24.04
CA GLU E 229 52.34 49.20 24.34
C GLU E 229 52.71 49.00 25.81
N ARG E 230 53.69 49.76 26.30
CA ARG E 230 54.10 49.77 27.74
C ARG E 230 52.90 50.19 28.58
N MET E 231 52.26 51.30 28.22
CA MET E 231 51.13 51.91 28.95
C MET E 231 49.96 50.92 29.01
N THR E 232 49.71 50.18 27.93
CA THR E 232 48.62 49.17 27.81
C THR E 232 48.90 48.01 28.77
N ALA E 233 50.13 47.51 28.79
CA ALA E 233 50.57 46.37 29.63
C ALA E 233 50.38 46.72 31.12
N LEU E 234 50.85 47.90 31.53
CA LEU E 234 50.73 48.38 32.94
C LEU E 234 49.27 48.54 33.32
N ARG E 235 48.46 49.15 32.44
CA ARG E 235 47.02 49.42 32.69
C ARG E 235 46.26 48.10 32.79
N ALA E 236 46.58 47.13 31.94
CA ALA E 236 45.95 45.79 31.91
C ALA E 236 46.17 45.10 33.27
N ALA E 237 47.42 45.12 33.75
CA ALA E 237 47.83 44.51 35.04
C ALA E 237 47.12 45.24 36.20
N LYS E 238 46.99 46.57 36.12
CA LYS E 238 46.41 47.40 37.21
C LYS E 238 44.90 47.14 37.30
N VAL E 239 44.23 46.96 36.16
CA VAL E 239 42.76 46.64 36.06
C VAL E 239 42.50 45.30 36.74
N MET E 240 43.36 44.30 36.52
CA MET E 240 43.24 42.96 37.16
C MET E 240 43.63 43.08 38.64
N GLY E 241 44.44 44.07 38.99
CA GLY E 241 44.92 44.33 40.37
C GLY E 241 46.13 43.47 40.71
N LEU E 242 46.96 43.15 39.71
CA LEU E 242 48.17 42.31 39.85
C LEU E 242 49.39 43.21 39.98
N SER E 243 50.32 42.85 40.87
CA SER E 243 51.63 43.52 41.03
C SER E 243 52.64 42.90 40.06
N VAL E 244 52.56 41.59 39.83
CA VAL E 244 53.41 40.83 38.87
C VAL E 244 52.49 40.13 37.88
N ALA E 245 52.70 40.34 36.58
CA ALA E 245 51.87 39.75 35.51
C ALA E 245 52.64 39.70 34.20
N GLY E 246 52.35 38.68 33.37
CA GLY E 246 52.68 38.65 31.94
C GLY E 246 51.48 39.08 31.12
N VAL E 247 51.65 40.11 30.28
CA VAL E 247 50.59 40.65 29.39
C VAL E 247 50.97 40.35 27.94
N ASP E 248 50.17 39.54 27.23
CA ASP E 248 50.37 39.22 25.80
C ASP E 248 49.62 40.28 24.97
N ILE E 249 50.29 40.85 23.97
CA ILE E 249 49.79 41.99 23.14
C ILE E 249 49.98 41.65 21.66
N LEU E 250 49.00 42.01 20.84
CA LEU E 250 49.05 41.92 19.35
C LEU E 250 49.23 43.33 18.79
N ARG E 251 50.20 43.52 17.89
CA ARG E 251 50.34 44.74 17.07
C ARG E 251 49.31 44.68 15.95
N SER E 252 48.26 45.51 16.03
CA SER E 252 47.14 45.55 15.05
C SER E 252 47.15 46.90 14.32
N ASN E 253 46.38 47.00 13.23
CA ASN E 253 46.21 48.23 12.43
C ASN E 253 45.66 49.36 13.31
N HIS E 254 44.82 49.04 14.30
CA HIS E 254 44.12 50.02 15.18
C HIS E 254 44.77 50.05 16.57
N GLY E 255 46.05 49.67 16.69
CA GLY E 255 46.85 49.82 17.93
C GLY E 255 47.13 48.50 18.63
N PRO E 256 47.68 48.54 19.87
CA PRO E 256 47.95 47.32 20.63
C PRO E 256 46.66 46.72 21.23
N LEU E 257 46.50 45.41 21.12
CA LEU E 257 45.35 44.63 21.63
C LEU E 257 45.85 43.57 22.61
N VAL E 258 45.27 43.53 23.81
CA VAL E 258 45.63 42.54 24.88
C VAL E 258 44.96 41.20 24.55
N MET E 259 45.73 40.11 24.56
CA MET E 259 45.22 38.73 24.36
C MET E 259 44.92 38.09 25.72
N GLU E 260 45.92 38.09 26.60
CA GLU E 260 45.85 37.43 27.92
C GLU E 260 46.59 38.28 28.95
N VAL E 261 46.16 38.17 30.22
CA VAL E 261 46.91 38.66 31.42
C VAL E 261 47.08 37.46 32.35
N ASN E 262 48.33 37.01 32.52
CA ASN E 262 48.73 35.80 33.28
C ASN E 262 49.27 36.25 34.64
N SER E 263 48.67 35.74 35.73
CA SER E 263 48.95 36.16 37.13
C SER E 263 50.22 35.48 37.65
N SER E 264 50.69 34.41 37.01
CA SER E 264 51.98 33.74 37.33
C SER E 264 52.70 33.36 36.03
N PRO E 265 53.31 34.33 35.33
CA PRO E 265 53.93 34.07 34.03
C PRO E 265 55.24 33.27 34.16
N GLY E 266 55.53 32.39 33.19
CA GLY E 266 56.79 31.62 33.12
C GLY E 266 58.00 32.54 33.05
N LEU E 267 59.16 32.07 33.52
CA LEU E 267 60.40 32.88 33.62
C LEU E 267 61.46 32.40 32.60
N GLU E 268 61.41 31.14 32.16
CA GLU E 268 62.46 30.54 31.29
C GLU E 268 62.55 31.32 29.97
N GLY E 269 61.43 31.49 29.27
CA GLY E 269 61.35 32.21 27.99
C GLY E 269 61.95 33.60 28.07
N ILE E 270 61.44 34.41 29.00
CA ILE E 270 61.81 35.86 29.14
C ILE E 270 63.28 35.99 29.54
N GLU E 271 63.78 35.14 30.45
CA GLU E 271 65.14 35.26 31.02
C GLU E 271 66.19 34.84 29.98
N VAL E 272 65.96 33.72 29.28
CA VAL E 272 66.87 33.21 28.21
C VAL E 272 67.04 34.27 27.12
N THR E 273 65.95 34.95 26.75
CA THR E 273 65.90 35.92 25.61
C THR E 273 66.58 37.23 26.01
N THR E 274 66.31 37.75 27.22
CA THR E 274 66.72 39.11 27.68
C THR E 274 68.00 39.07 28.51
N SER E 275 68.33 37.92 29.11
CA SER E 275 69.48 37.73 30.04
C SER E 275 69.30 38.60 31.29
N LYS E 276 68.06 38.94 31.65
CA LYS E 276 67.73 39.76 32.85
C LYS E 276 67.42 38.82 34.02
N ASP E 277 67.78 39.24 35.24
CA ASP E 277 67.46 38.54 36.50
C ASP E 277 66.03 38.91 36.90
N VAL E 278 65.03 38.35 36.21
CA VAL E 278 63.59 38.64 36.43
C VAL E 278 63.19 38.09 37.80
N ALA E 279 63.58 36.84 38.11
CA ALA E 279 63.41 36.22 39.44
C ALA E 279 63.94 37.16 40.52
N GLY E 280 65.13 37.73 40.30
CA GLY E 280 65.77 38.69 41.22
C GLY E 280 64.90 39.91 41.48
N MET E 281 64.38 40.52 40.42
CA MET E 281 63.58 41.78 40.48
C MET E 281 62.24 41.53 41.20
N ILE E 282 61.69 40.32 41.08
CA ILE E 282 60.45 39.90 41.81
C ILE E 282 60.77 39.88 43.31
N ILE E 283 61.88 39.26 43.71
CA ILE E 283 62.33 39.17 45.13
C ILE E 283 62.61 40.60 45.63
N GLU E 284 63.24 41.42 44.79
CA GLU E 284 63.60 42.83 45.09
C GLU E 284 62.32 43.64 45.33
N TYR E 285 61.24 43.34 44.60
CA TYR E 285 59.92 44.00 44.76
C TYR E 285 59.33 43.65 46.13
N LEU E 286 59.40 42.37 46.52
CA LEU E 286 58.91 41.87 47.83
C LEU E 286 59.66 42.60 48.96
N GLU E 287 60.96 42.80 48.80
CA GLU E 287 61.85 43.46 49.80
C GLU E 287 61.31 44.87 50.13
N LYS E 288 60.83 45.60 49.12
CA LYS E 288 60.45 47.03 49.23
C LYS E 288 59.00 47.16 49.73
N ASN E 289 58.08 46.34 49.21
CA ASN E 289 56.62 46.50 49.42
C ASN E 289 56.11 45.57 50.53
N SER E 290 56.95 44.66 51.04
CA SER E 290 56.62 43.79 52.20
C SER E 290 56.44 44.66 53.45
N GLY E 291 57.27 45.71 53.59
CA GLY E 291 57.44 46.48 54.85
C GLY E 291 58.17 45.66 55.91
N PRO E 292 57.89 45.86 57.22
CA PRO E 292 58.46 45.01 58.27
C PRO E 292 58.30 43.50 57.96
N MET F 1 8.18 47.72 35.35
CA MET F 1 9.60 47.28 35.10
C MET F 1 9.61 46.08 34.16
N LYS F 2 10.65 45.97 33.34
CA LYS F 2 11.00 44.74 32.58
C LYS F 2 12.10 44.02 33.36
N ILE F 3 11.84 42.79 33.81
CA ILE F 3 12.75 42.02 34.72
C ILE F 3 13.13 40.70 34.04
N ALA F 4 14.44 40.43 33.95
CA ALA F 4 14.99 39.14 33.49
C ALA F 4 15.14 38.22 34.72
N VAL F 5 14.79 36.94 34.56
CA VAL F 5 15.00 35.89 35.58
C VAL F 5 15.95 34.84 34.98
N LEU F 6 17.21 34.84 35.40
CA LEU F 6 18.26 33.90 34.93
C LEU F 6 18.07 32.56 35.64
N SER F 7 17.41 31.60 35.00
CA SER F 7 17.15 30.25 35.58
C SER F 7 17.33 29.16 34.53
N ARG F 8 18.02 28.07 34.89
CA ARG F 8 18.26 26.90 34.03
C ARG F 8 16.94 26.17 33.77
N ASN F 9 15.99 26.21 34.71
CA ASN F 9 14.67 25.54 34.59
C ASN F 9 13.55 26.51 34.97
N PRO F 10 12.72 26.97 34.00
CA PRO F 10 11.60 27.86 34.28
C PRO F 10 10.37 27.18 34.91
N ARG F 11 10.39 25.85 34.99
CA ARG F 11 9.26 25.02 35.50
C ARG F 11 9.46 24.68 36.97
N LEU F 12 10.57 25.12 37.58
CA LEU F 12 10.88 24.93 39.03
C LEU F 12 10.11 25.98 39.83
N TYR F 13 9.62 25.56 41.02
CA TYR F 13 8.72 26.34 41.90
C TYR F 13 9.21 27.79 42.02
N SER F 14 10.47 27.98 42.41
CA SER F 14 11.06 29.29 42.80
C SER F 14 11.03 30.28 41.62
N THR F 15 11.27 29.79 40.41
CA THR F 15 11.31 30.63 39.17
C THR F 15 9.86 30.97 38.78
N ARG F 16 8.96 29.98 38.74
CA ARG F 16 7.51 30.17 38.48
C ARG F 16 6.98 31.27 39.40
N ARG F 17 7.24 31.15 40.70
CA ARG F 17 6.74 32.07 41.75
C ARG F 17 7.27 33.49 41.51
N LEU F 18 8.52 33.63 41.04
CA LEU F 18 9.14 34.97 40.80
C LEU F 18 8.46 35.63 39.60
N VAL F 19 8.08 34.87 38.56
CA VAL F 19 7.39 35.46 37.36
C VAL F 19 5.95 35.80 37.77
N GLU F 20 5.27 34.91 38.53
CA GLU F 20 3.90 35.16 39.07
C GLU F 20 3.89 36.51 39.80
N ALA F 21 4.64 36.61 40.89
CA ALA F 21 4.72 37.79 41.79
C ALA F 21 4.96 39.05 40.95
N GLY F 22 5.82 38.94 39.93
CA GLY F 22 6.15 40.04 39.01
C GLY F 22 4.95 40.43 38.16
N ILE F 23 4.36 39.47 37.45
CA ILE F 23 3.18 39.65 36.56
C ILE F 23 2.05 40.26 37.42
N GLU F 24 1.79 39.67 38.60
CA GLU F 24 0.77 40.12 39.58
C GLU F 24 0.92 41.62 39.85
N ARG F 25 2.17 42.11 39.91
CA ARG F 25 2.50 43.52 40.30
C ARG F 25 2.75 44.37 39.05
N GLY F 26 2.40 43.85 37.87
CA GLY F 26 2.25 44.62 36.62
C GLY F 26 3.55 44.73 35.84
N HIS F 27 4.55 43.90 36.15
CA HIS F 27 5.89 43.92 35.51
C HIS F 27 5.93 42.92 34.34
N GLU F 28 6.84 43.15 33.39
CA GLU F 28 7.10 42.22 32.24
C GLU F 28 8.23 41.29 32.64
N MET F 29 7.94 39.99 32.77
CA MET F 29 8.88 38.97 33.30
C MET F 29 9.34 38.08 32.15
N VAL F 30 10.66 38.03 31.92
CA VAL F 30 11.31 37.17 30.88
C VAL F 30 12.24 36.19 31.58
N VAL F 31 12.06 34.89 31.35
CA VAL F 31 12.93 33.80 31.86
C VAL F 31 14.02 33.54 30.81
N ILE F 32 15.29 33.61 31.21
CA ILE F 32 16.49 33.42 30.34
C ILE F 32 17.29 32.23 30.87
N ASP F 33 17.45 31.17 30.07
CA ASP F 33 18.44 30.08 30.29
C ASP F 33 19.82 30.63 29.96
N THR F 34 20.63 30.96 30.95
CA THR F 34 21.91 31.71 30.79
C THR F 34 22.79 31.05 29.72
N LEU F 35 22.79 29.71 29.64
CA LEU F 35 23.65 28.94 28.71
C LEU F 35 23.25 29.22 27.25
N ARG F 36 21.98 29.54 27.00
CA ARG F 36 21.42 29.78 25.63
C ARG F 36 21.56 31.26 25.26
N ALA F 37 22.01 32.10 26.20
CA ALA F 37 22.42 33.50 25.96
C ALA F 37 23.85 33.49 25.39
N TYR F 38 24.09 34.32 24.38
CA TYR F 38 25.43 34.55 23.77
C TYR F 38 25.58 36.06 23.58
N MET F 39 26.80 36.57 23.65
CA MET F 39 27.03 38.03 23.74
C MET F 39 28.31 38.45 23.00
N ASN F 40 28.35 39.72 22.64
CA ASN F 40 29.54 40.46 22.13
C ASN F 40 29.95 41.44 23.24
N ILE F 41 31.18 41.32 23.75
CA ILE F 41 31.73 42.28 24.75
C ILE F 41 32.37 43.44 24.00
N ALA F 42 32.11 44.67 24.44
CA ALA F 42 32.49 45.91 23.73
C ALA F 42 32.24 47.13 24.62
N SER F 43 33.12 48.14 24.56
CA SER F 43 33.01 49.41 25.31
C SER F 43 31.71 50.13 24.94
N HIS F 44 31.54 50.48 23.65
CA HIS F 44 30.38 51.23 23.11
C HIS F 44 29.10 50.39 23.23
N LYS F 45 28.79 49.54 22.24
CA LYS F 45 27.46 48.87 22.11
C LYS F 45 27.57 47.39 22.45
N PRO F 46 27.66 47.01 23.75
CA PRO F 46 27.72 45.60 24.14
C PRO F 46 26.35 44.93 24.04
N GLN F 47 26.28 43.78 23.35
CA GLN F 47 25.01 43.07 23.04
C GLN F 47 24.91 41.78 23.86
N ILE F 48 23.70 41.43 24.31
CA ILE F 48 23.29 40.03 24.66
C ILE F 48 22.18 39.63 23.69
N HIS F 49 22.36 38.51 23.00
CA HIS F 49 21.34 37.89 22.10
C HIS F 49 20.85 36.60 22.74
N TYR F 50 19.63 36.17 22.37
CA TYR F 50 18.92 34.99 22.90
C TYR F 50 17.95 34.46 21.84
N ARG F 51 18.18 33.23 21.37
CA ARG F 51 17.36 32.58 20.30
C ARG F 51 17.19 33.53 19.11
N GLY F 52 18.26 34.20 18.68
CA GLY F 52 18.32 34.95 17.41
C GLY F 52 18.01 36.44 17.58
N LYS F 53 17.35 36.81 18.68
CA LYS F 53 16.87 38.20 18.94
C LYS F 53 17.71 38.82 20.07
N PRO F 54 17.95 40.15 20.04
CA PRO F 54 18.65 40.82 21.13
C PRO F 54 17.80 41.00 22.39
N LEU F 55 18.44 41.02 23.57
CA LEU F 55 17.79 41.31 24.89
C LEU F 55 18.02 42.77 25.24
N GLU F 56 16.97 43.60 25.18
CA GLU F 56 17.03 45.07 25.37
C GLU F 56 16.07 45.53 26.48
N GLY F 57 16.27 46.74 26.98
CA GLY F 57 15.29 47.51 27.78
C GLY F 57 14.96 46.85 29.10
N PHE F 58 15.84 45.99 29.62
CA PHE F 58 15.69 45.35 30.94
C PHE F 58 16.07 46.37 32.03
N ASP F 59 15.26 46.45 33.08
CA ASP F 59 15.45 47.39 34.23
C ASP F 59 16.17 46.67 35.36
N ALA F 60 15.90 45.38 35.56
CA ALA F 60 16.48 44.56 36.66
C ALA F 60 16.62 43.10 36.20
N VAL F 61 17.52 42.37 36.86
CA VAL F 61 17.79 40.93 36.61
C VAL F 61 17.86 40.21 37.97
N ILE F 62 17.16 39.08 38.08
CA ILE F 62 17.18 38.18 39.28
C ILE F 62 18.02 36.97 38.93
N PRO F 63 19.29 36.90 39.39
CA PRO F 63 20.14 35.75 39.11
C PRO F 63 19.82 34.57 40.03
N ARG F 64 19.34 33.48 39.43
CA ARG F 64 19.14 32.17 40.09
C ARG F 64 20.16 31.19 39.53
N ILE F 65 21.44 31.40 39.83
CA ILE F 65 22.57 30.59 39.28
C ILE F 65 22.61 29.27 40.05
N GLY F 66 22.58 28.14 39.34
CA GLY F 66 22.66 26.79 39.92
C GLY F 66 24.09 26.40 40.26
N ALA F 67 24.25 25.35 41.08
CA ALA F 67 25.55 24.84 41.58
C ALA F 67 26.19 23.93 40.51
N SER F 68 26.53 24.51 39.35
CA SER F 68 27.10 23.81 38.17
C SER F 68 28.59 24.19 38.00
N VAL F 69 29.23 23.72 36.92
CA VAL F 69 30.61 24.11 36.50
C VAL F 69 30.49 25.37 35.63
N THR F 70 29.80 26.39 36.14
CA THR F 70 29.20 27.52 35.37
C THR F 70 29.85 28.85 35.77
N PHE F 71 31.05 29.11 35.22
CA PHE F 71 31.65 30.48 35.15
C PHE F 71 30.85 31.34 34.16
N TYR F 72 30.20 30.69 33.19
CA TYR F 72 29.42 31.33 32.10
C TYR F 72 28.21 32.08 32.66
N GLY F 73 27.48 31.47 33.60
CA GLY F 73 26.30 32.07 34.25
C GLY F 73 26.62 33.42 34.85
N CYS F 74 27.72 33.52 35.58
CA CYS F 74 28.24 34.77 36.22
C CYS F 74 28.59 35.79 35.12
N ALA F 75 29.13 35.33 33.98
CA ALA F 75 29.52 36.18 32.83
C ALA F 75 28.29 36.85 32.21
N VAL F 76 27.20 36.10 32.07
CA VAL F 76 25.90 36.61 31.53
C VAL F 76 25.35 37.66 32.49
N LEU F 77 25.38 37.39 33.81
CA LEU F 77 24.96 38.36 34.86
C LEU F 77 25.84 39.61 34.78
N ARG F 78 27.15 39.44 34.57
CA ARG F 78 28.12 40.56 34.52
C ARG F 78 27.78 41.48 33.34
N GLN F 79 27.47 40.91 32.17
CA GLN F 79 27.07 41.70 30.96
C GLN F 79 25.88 42.58 31.32
N PHE F 80 24.84 42.00 31.91
CA PHE F 80 23.61 42.71 32.34
C PHE F 80 24.01 43.90 33.21
N GLU F 81 24.85 43.67 34.22
CA GLU F 81 25.35 44.71 35.17
C GLU F 81 26.02 45.84 34.40
N MET F 82 26.92 45.49 33.48
CA MET F 82 27.75 46.42 32.68
C MET F 82 26.87 47.18 31.66
N MET F 83 25.74 46.59 31.27
CA MET F 83 24.75 47.20 30.35
C MET F 83 23.73 48.02 31.14
N GLY F 84 23.95 48.21 32.45
CA GLY F 84 23.21 49.17 33.30
C GLY F 84 22.05 48.54 34.04
N VAL F 85 21.77 47.26 33.80
CA VAL F 85 20.62 46.51 34.43
C VAL F 85 20.93 46.29 35.91
N PHE F 86 19.97 46.56 36.79
CA PHE F 86 20.12 46.43 38.27
C PHE F 86 20.01 44.95 38.65
N PRO F 87 21.05 44.38 39.30
CA PRO F 87 21.00 43.00 39.78
C PRO F 87 20.44 42.90 41.21
N LEU F 88 19.64 41.86 41.48
CA LEU F 88 19.10 41.56 42.84
C LEU F 88 20.29 41.32 43.77
N ASN F 89 21.23 40.49 43.32
CA ASN F 89 22.55 40.25 43.96
C ASN F 89 23.65 40.49 42.92
N GLU F 90 24.71 41.19 43.29
CA GLU F 90 25.85 41.52 42.39
C GLU F 90 26.64 40.24 42.10
N SER F 91 27.16 40.10 40.89
CA SER F 91 28.00 38.95 40.44
C SER F 91 29.17 38.75 41.40
N VAL F 92 29.77 39.85 41.85
CA VAL F 92 30.94 39.86 42.80
C VAL F 92 30.54 39.06 44.05
N ALA F 93 29.39 39.37 44.63
CA ALA F 93 28.87 38.77 45.87
C ALA F 93 28.55 37.28 45.65
N ILE F 94 27.95 36.95 44.50
CA ILE F 94 27.51 35.55 44.17
C ILE F 94 28.74 34.65 44.08
N ALA F 95 29.82 35.14 43.44
CA ALA F 95 31.11 34.44 43.29
C ALA F 95 31.69 34.12 44.67
N ARG F 96 31.59 35.06 45.62
CA ARG F 96 32.05 34.89 47.02
C ARG F 96 31.28 33.74 47.70
N SER F 97 29.94 33.72 47.54
CA SER F 97 29.00 32.78 48.21
C SER F 97 29.21 31.34 47.70
N ARG F 98 29.38 31.19 46.38
CA ARG F 98 29.38 29.85 45.72
C ARG F 98 30.67 29.12 46.02
N ASP F 99 31.77 29.84 46.28
CA ASP F 99 33.05 29.26 46.76
C ASP F 99 32.94 29.04 48.27
N LYS F 100 32.54 27.83 48.69
CA LYS F 100 32.21 27.51 50.11
C LYS F 100 33.46 27.70 50.98
N LEU F 101 34.65 27.33 50.47
CA LEU F 101 35.94 27.53 51.17
C LEU F 101 36.13 29.01 51.46
N ARG F 102 36.08 29.84 50.41
CA ARG F 102 36.29 31.31 50.48
C ARG F 102 35.22 31.93 51.40
N SER F 103 33.98 31.47 51.28
CA SER F 103 32.81 31.96 52.04
C SER F 103 33.08 31.84 53.54
N LEU F 104 33.46 30.66 54.00
CA LEU F 104 33.73 30.37 55.44
C LEU F 104 34.94 31.18 55.91
N GLN F 105 35.99 31.27 55.09
CA GLN F 105 37.21 32.07 55.42
C GLN F 105 36.82 33.52 55.66
N LEU F 106 35.91 34.07 54.85
CA LEU F 106 35.52 35.51 54.89
C LEU F 106 34.67 35.76 56.14
N LEU F 107 33.75 34.85 56.45
CA LEU F 107 32.88 34.92 57.65
C LEU F 107 33.77 34.83 58.90
N SER F 108 34.74 33.91 58.90
CA SER F 108 35.70 33.68 60.00
C SER F 108 36.49 34.97 60.29
N ARG F 109 36.97 35.64 59.24
CA ARG F 109 37.84 36.85 59.37
C ARG F 109 37.04 38.01 59.96
N ARG F 110 35.74 38.11 59.64
CA ARG F 110 34.87 39.22 60.11
C ARG F 110 34.19 38.84 61.44
N GLY F 111 34.59 37.71 62.05
CA GLY F 111 34.22 37.33 63.42
C GLY F 111 32.80 36.80 63.55
N ILE F 112 32.21 36.31 62.45
CA ILE F 112 30.89 35.60 62.47
C ILE F 112 31.11 34.25 63.14
N GLY F 113 30.22 33.87 64.06
CA GLY F 113 30.28 32.56 64.74
C GLY F 113 30.19 31.43 63.73
N LEU F 114 31.18 30.55 63.70
CA LEU F 114 31.17 29.31 62.87
C LEU F 114 31.48 28.12 63.76
N PRO F 115 31.14 26.88 63.34
CA PRO F 115 31.72 25.69 63.97
C PRO F 115 33.24 25.72 63.74
N VAL F 116 34.01 25.07 64.60
CA VAL F 116 35.47 24.86 64.38
C VAL F 116 35.59 24.05 63.09
N THR F 117 36.37 24.54 62.12
CA THR F 117 36.37 24.05 60.73
C THR F 117 37.80 23.91 60.21
N GLY F 118 38.07 22.79 59.53
CA GLY F 118 39.35 22.52 58.85
C GLY F 118 39.12 22.19 57.38
N PHE F 119 40.11 22.50 56.54
CA PHE F 119 40.14 22.19 55.09
C PHE F 119 41.37 21.34 54.79
N ALA F 120 41.26 20.44 53.80
CA ALA F 120 42.33 19.53 53.34
C ALA F 120 42.03 19.09 51.91
N HIS F 121 43.03 18.60 51.17
CA HIS F 121 42.87 17.94 49.85
C HIS F 121 43.67 16.64 49.86
N SER F 122 45.00 16.75 49.97
CA SER F 122 45.96 15.61 50.01
C SER F 122 46.85 15.74 51.24
N PRO F 123 46.26 15.77 52.46
CA PRO F 123 47.06 15.87 53.69
C PRO F 123 47.89 14.60 53.92
N ASP F 124 49.13 14.78 54.39
CA ASP F 124 50.09 13.67 54.63
C ASP F 124 49.89 13.16 56.07
N ASP F 125 49.54 14.05 57.00
CA ASP F 125 49.34 13.74 58.45
C ASP F 125 47.87 14.00 58.82
N ILE F 126 46.99 13.03 58.56
CA ILE F 126 45.52 13.14 58.82
C ILE F 126 45.27 13.25 60.32
N PRO F 127 45.94 12.44 61.18
CA PRO F 127 45.82 12.62 62.63
C PRO F 127 46.06 14.08 63.06
N ASP F 128 47.00 14.77 62.43
CA ASP F 128 47.34 16.19 62.73
C ASP F 128 46.16 17.09 62.35
N LEU F 129 45.53 16.83 61.20
CA LEU F 129 44.32 17.57 60.73
C LEU F 129 43.20 17.41 61.77
N ILE F 130 42.96 16.18 62.24
CA ILE F 130 41.89 15.84 63.21
C ILE F 130 42.17 16.59 64.53
N GLN F 131 43.42 16.58 65.00
CA GLN F 131 43.87 17.26 66.24
C GLN F 131 43.60 18.77 66.14
N MET F 132 43.80 19.37 64.95
CA MET F 132 43.66 20.83 64.71
C MET F 132 42.20 21.28 64.90
N VAL F 133 41.24 20.36 64.79
CA VAL F 133 39.78 20.63 64.84
C VAL F 133 39.21 20.07 66.15
N ASN F 134 40.05 19.87 67.17
CA ASN F 134 39.69 19.44 68.54
C ASN F 134 39.12 18.01 68.53
N GLY F 135 39.50 17.20 67.53
CA GLY F 135 39.25 15.75 67.48
C GLY F 135 37.78 15.41 67.27
N ALA F 136 37.47 14.11 67.35
CA ALA F 136 36.12 13.52 67.16
C ALA F 136 35.23 13.93 68.33
N PRO F 137 33.88 13.93 68.18
CA PRO F 137 33.21 13.60 66.92
C PRO F 137 33.32 14.74 65.89
N LEU F 138 33.53 14.38 64.62
CA LEU F 138 33.72 15.31 63.48
C LEU F 138 32.70 15.00 62.38
N VAL F 139 32.13 16.04 61.78
CA VAL F 139 31.35 15.94 60.51
C VAL F 139 32.33 16.17 59.36
N ILE F 140 32.28 15.32 58.33
CA ILE F 140 33.23 15.33 57.19
C ILE F 140 32.43 15.43 55.89
N LYS F 141 32.51 16.58 55.22
CA LYS F 141 31.84 16.88 53.93
C LYS F 141 32.88 16.80 52.82
N VAL F 142 32.48 16.32 51.64
CA VAL F 142 33.25 16.48 50.36
C VAL F 142 32.66 17.69 49.63
N LEU F 143 33.48 18.40 48.86
CA LEU F 143 33.07 19.60 48.07
C LEU F 143 33.36 19.35 46.59
N GLU F 144 32.33 19.44 45.74
CA GLU F 144 32.48 19.46 44.26
C GLU F 144 32.13 20.87 43.77
N GLY F 145 33.01 21.84 44.03
CA GLY F 145 32.85 23.26 43.66
C GLY F 145 31.97 24.01 44.64
N THR F 146 30.65 23.98 44.43
CA THR F 146 29.62 24.72 45.21
C THR F 146 28.89 23.74 46.16
N GLN F 147 28.57 22.52 45.69
CA GLN F 147 27.75 21.52 46.42
C GLN F 147 28.61 20.82 47.50
N GLY F 148 28.03 20.58 48.68
CA GLY F 148 28.56 19.72 49.75
C GLY F 148 28.10 18.27 49.58
N ILE F 149 28.61 17.61 48.52
CA ILE F 149 28.03 16.41 47.83
C ILE F 149 27.65 15.32 48.85
N GLY F 150 28.58 14.97 49.74
CA GLY F 150 28.41 13.90 50.76
C GLY F 150 28.73 14.42 52.14
N VAL F 151 28.09 13.86 53.18
CA VAL F 151 28.26 14.27 54.61
C VAL F 151 28.27 12.99 55.47
N VAL F 152 29.28 12.84 56.33
CA VAL F 152 29.43 11.67 57.25
C VAL F 152 29.75 12.20 58.66
N LEU F 153 28.98 11.76 59.66
CA LEU F 153 29.32 11.92 61.09
C LEU F 153 30.26 10.79 61.50
N CYS F 154 31.46 11.14 61.99
CA CYS F 154 32.51 10.20 62.46
C CYS F 154 32.68 10.36 63.97
N GLU F 155 32.34 9.31 64.73
CA GLU F 155 32.26 9.33 66.22
C GLU F 155 33.67 9.27 66.82
N THR F 156 34.56 8.49 66.21
CA THR F 156 35.95 8.22 66.68
C THR F 156 36.94 8.74 65.64
N ALA F 157 38.17 9.07 66.06
CA ALA F 157 39.27 9.57 65.21
C ALA F 157 39.68 8.48 64.19
N THR F 158 39.50 7.20 64.52
CA THR F 158 39.75 6.05 63.62
C THR F 158 38.85 6.16 62.39
N ALA F 159 37.54 6.35 62.61
CA ALA F 159 36.51 6.48 61.55
C ALA F 159 36.79 7.74 60.73
N ALA F 160 37.10 8.86 61.40
CA ALA F 160 37.44 10.15 60.75
C ALA F 160 38.60 9.94 59.77
N GLU F 161 39.69 9.33 60.24
CA GLU F 161 40.91 9.07 59.43
C GLU F 161 40.55 8.18 58.23
N SER F 162 39.74 7.14 58.46
CA SER F 162 39.35 6.12 57.45
C SER F 162 38.52 6.78 56.33
N VAL F 163 37.62 7.69 56.69
CA VAL F 163 36.68 8.38 55.75
C VAL F 163 37.46 9.44 54.95
N ILE F 164 38.35 10.20 55.61
CA ILE F 164 39.17 11.26 54.95
C ILE F 164 40.05 10.59 53.88
N GLU F 165 40.66 9.45 54.21
CA GLU F 165 41.53 8.68 53.29
C GLU F 165 40.74 8.26 52.04
N ALA F 166 39.48 7.86 52.22
CA ALA F 166 38.57 7.43 51.13
C ALA F 166 38.32 8.61 50.19
N PHE F 167 37.97 9.77 50.74
CA PHE F 167 37.62 11.01 50.00
C PHE F 167 38.86 11.55 49.28
N MET F 168 40.03 11.42 49.91
CA MET F 168 41.35 11.74 49.30
C MET F 168 41.48 10.99 47.96
N GLY F 169 41.18 9.69 47.97
CA GLY F 169 41.18 8.81 46.79
C GLY F 169 40.41 9.40 45.63
N LEU F 170 39.31 10.11 45.91
CA LEU F 170 38.40 10.71 44.89
C LEU F 170 38.90 12.10 44.45
N LYS F 171 40.08 12.52 44.95
CA LYS F 171 40.78 13.78 44.57
C LYS F 171 39.83 14.98 44.75
N GLN F 172 39.04 14.98 45.83
CA GLN F 172 38.05 16.05 46.14
C GLN F 172 38.55 16.89 47.31
N ASP F 173 38.19 18.19 47.32
CA ASP F 173 38.43 19.11 48.46
C ASP F 173 37.60 18.59 49.65
N ILE F 174 38.21 18.44 50.82
CA ILE F 174 37.60 17.84 52.04
C ILE F 174 37.42 18.91 53.11
N MET F 175 36.24 18.93 53.74
CA MET F 175 35.91 19.86 54.86
C MET F 175 35.68 19.01 56.13
N VAL F 176 36.38 19.36 57.20
CA VAL F 176 36.30 18.69 58.54
C VAL F 176 35.75 19.71 59.53
N GLN F 177 34.64 19.39 60.20
CA GLN F 177 33.87 20.36 61.02
C GLN F 177 33.49 19.74 62.37
N GLU F 178 33.67 20.52 63.44
CA GLU F 178 33.20 20.23 64.82
C GLU F 178 31.72 19.86 64.76
N TYR F 179 31.34 18.68 65.27
CA TYR F 179 29.94 18.21 65.37
C TYR F 179 29.27 18.87 66.58
N ILE F 180 28.15 19.57 66.33
CA ILE F 180 27.37 20.31 67.37
C ILE F 180 26.14 19.46 67.72
N LYS F 181 26.30 18.58 68.71
CA LYS F 181 25.30 17.57 69.16
C LYS F 181 24.09 18.27 69.81
N GLU F 182 24.27 19.47 70.36
CA GLU F 182 23.23 20.24 71.10
C GLU F 182 22.08 20.61 70.17
N ALA F 183 22.35 20.75 68.87
CA ALA F 183 21.41 21.19 67.81
C ALA F 183 20.26 20.18 67.67
N GLY F 184 20.53 18.90 67.94
CA GLY F 184 19.55 17.80 67.89
C GLY F 184 19.13 17.48 66.48
N GLY F 185 20.03 17.69 65.51
CA GLY F 185 19.78 17.50 64.07
C GLY F 185 18.75 18.50 63.54
N ALA F 186 18.87 19.77 63.97
CA ALA F 186 17.98 20.89 63.58
C ALA F 186 18.82 22.11 63.22
N ASP F 187 18.35 22.91 62.25
CA ASP F 187 18.96 24.22 61.89
C ASP F 187 17.84 25.24 61.66
N ILE F 188 18.14 26.52 61.88
CA ILE F 188 17.29 27.68 61.54
C ILE F 188 17.71 28.15 60.14
N ARG F 189 16.78 28.17 59.18
CA ARG F 189 16.99 28.85 57.86
C ARG F 189 16.34 30.23 57.94
N CYS F 190 17.16 31.29 58.03
CA CYS F 190 16.73 32.71 58.00
C CYS F 190 16.81 33.24 56.57
N PHE F 191 15.78 33.97 56.14
CA PHE F 191 15.61 34.47 54.75
C PHE F 191 15.76 35.99 54.75
N VAL F 192 16.87 36.50 54.19
CA VAL F 192 17.25 37.94 54.20
C VAL F 192 16.82 38.58 52.88
N VAL F 193 16.15 39.74 52.96
CA VAL F 193 15.87 40.66 51.83
C VAL F 193 16.12 42.09 52.32
N GLY F 194 17.11 42.77 51.75
CA GLY F 194 17.57 44.08 52.23
C GLY F 194 18.14 43.96 53.64
N ASP F 195 17.71 44.83 54.56
CA ASP F 195 18.24 44.95 55.95
C ASP F 195 17.37 44.15 56.93
N LYS F 196 16.56 43.21 56.44
CA LYS F 196 15.51 42.52 57.23
C LYS F 196 15.53 41.02 56.97
N VAL F 197 15.35 40.24 58.05
CA VAL F 197 14.98 38.79 58.00
C VAL F 197 13.47 38.72 57.88
N ILE F 198 12.96 38.50 56.67
CA ILE F 198 11.50 38.60 56.32
C ILE F 198 10.78 37.30 56.71
N ALA F 199 11.51 36.19 56.81
CA ALA F 199 10.94 34.85 57.06
C ALA F 199 12.02 33.93 57.67
N SER F 200 11.60 32.99 58.52
CA SER F 200 12.47 32.00 59.20
C SER F 200 11.72 30.68 59.35
N MET F 201 12.45 29.57 59.51
CA MET F 201 11.85 28.23 59.77
C MET F 201 12.91 27.28 60.34
N LYS F 202 12.51 26.40 61.25
CA LYS F 202 13.33 25.28 61.78
C LYS F 202 13.18 24.10 60.82
N ARG F 203 14.29 23.42 60.51
CA ARG F 203 14.30 22.11 59.79
C ARG F 203 14.71 21.03 60.80
N GLN F 204 14.13 19.83 60.70
CA GLN F 204 14.32 18.72 61.69
C GLN F 204 14.60 17.42 60.94
N ALA F 205 15.50 16.59 61.48
CA ALA F 205 15.85 15.24 60.98
C ALA F 205 14.78 14.23 61.41
N LYS F 206 14.84 13.00 60.88
CA LYS F 206 13.93 11.87 61.23
C LYS F 206 14.19 11.44 62.67
N PRO F 207 13.33 10.57 63.26
CA PRO F 207 13.48 10.15 64.66
C PRO F 207 14.90 9.75 65.12
N GLY F 208 15.74 9.26 64.21
CA GLY F 208 17.07 8.67 64.51
C GLY F 208 18.25 9.52 64.08
N GLU F 209 18.21 10.09 62.86
CA GLU F 209 19.41 10.62 62.15
C GLU F 209 19.64 12.11 62.53
N PHE F 210 20.68 12.71 61.92
CA PHE F 210 21.22 14.07 62.21
C PHE F 210 21.06 14.97 60.98
N GLY F 217 11.15 12.64 54.47
CA GLY F 217 11.04 12.58 55.93
C GLY F 217 11.99 13.52 56.64
N GLY F 218 11.86 14.83 56.43
CA GLY F 218 12.36 15.90 57.34
C GLY F 218 11.34 17.03 57.46
N SER F 219 10.86 17.27 58.69
CA SER F 219 9.81 18.28 59.01
C SER F 219 10.42 19.69 59.03
N ALA F 220 9.71 20.67 58.45
CA ALA F 220 9.94 22.12 58.66
C ALA F 220 8.77 22.70 59.48
N SER F 221 9.05 23.69 60.32
CA SER F 221 8.05 24.33 61.23
C SER F 221 8.41 25.80 61.48
N LEU F 222 7.44 26.57 61.95
CA LEU F 222 7.59 28.00 62.35
C LEU F 222 8.52 28.08 63.57
N ILE F 223 9.29 29.16 63.70
CA ILE F 223 10.20 29.40 64.87
C ILE F 223 10.38 30.91 65.09
N LYS F 224 10.24 31.37 66.33
CA LYS F 224 10.60 32.75 66.77
C LYS F 224 12.11 32.77 66.96
N ILE F 225 12.83 33.55 66.15
CA ILE F 225 14.32 33.65 66.21
C ILE F 225 14.71 34.71 67.25
N THR F 226 15.83 34.50 67.93
CA THR F 226 16.40 35.40 68.95
C THR F 226 16.91 36.67 68.25
N PRO F 227 17.05 37.82 68.96
CA PRO F 227 17.64 39.01 68.37
C PRO F 227 19.07 38.79 67.84
N GLU F 228 19.84 37.90 68.46
CA GLU F 228 21.27 37.66 68.10
C GLU F 228 21.31 36.76 66.85
N GLU F 229 20.29 35.88 66.67
CA GLU F 229 20.16 35.01 65.48
C GLU F 229 19.81 35.88 64.25
N ARG F 230 18.90 36.83 64.42
CA ARG F 230 18.51 37.83 63.38
C ARG F 230 19.78 38.62 63.00
N MET F 231 20.47 39.17 64.00
CA MET F 231 21.66 40.04 63.82
C MET F 231 22.77 39.26 63.08
N THR F 232 22.94 37.98 63.39
CA THR F 232 23.94 37.07 62.77
C THR F 232 23.62 36.86 61.29
N ALA F 233 22.35 36.59 60.98
CA ALA F 233 21.85 36.34 59.59
C ALA F 233 22.12 37.56 58.73
N LEU F 234 21.75 38.75 59.21
CA LEU F 234 21.92 40.04 58.49
C LEU F 234 23.41 40.31 58.26
N ARG F 235 24.24 40.12 59.30
CA ARG F 235 25.71 40.37 59.26
C ARG F 235 26.37 39.41 58.28
N ALA F 236 25.95 38.14 58.28
CA ALA F 236 26.49 37.08 57.39
C ALA F 236 26.25 37.49 55.93
N ALA F 237 25.03 37.91 55.61
CA ALA F 237 24.60 38.35 54.27
C ALA F 237 25.39 39.60 53.85
N LYS F 238 25.61 40.53 54.79
CA LYS F 238 26.28 41.84 54.51
C LYS F 238 27.77 41.60 54.23
N VAL F 239 28.39 40.65 54.94
CA VAL F 239 29.83 40.25 54.75
C VAL F 239 30.01 39.68 53.34
N MET F 240 29.07 38.85 52.87
CA MET F 240 29.11 38.27 51.50
C MET F 240 28.77 39.37 50.47
N GLY F 241 28.03 40.41 50.91
CA GLY F 241 27.61 41.54 50.06
C GLY F 241 26.36 41.23 49.28
N LEU F 242 25.47 40.39 49.84
CA LEU F 242 24.20 39.94 49.21
C LEU F 242 23.05 40.80 49.74
N SER F 243 22.12 41.16 48.87
CA SER F 243 20.85 41.85 49.23
C SER F 243 19.79 40.80 49.59
N VAL F 244 19.79 39.67 48.88
CA VAL F 244 18.86 38.53 49.11
C VAL F 244 19.70 37.28 49.36
N ALA F 245 19.48 36.58 50.47
CA ALA F 245 20.25 35.38 50.86
C ALA F 245 19.46 34.52 51.84
N GLY F 246 19.67 33.20 51.77
CA GLY F 246 19.29 32.24 52.82
C GLY F 246 20.49 31.93 53.70
N VAL F 247 20.37 32.15 55.02
CA VAL F 247 21.45 31.90 56.01
C VAL F 247 21.02 30.74 56.92
N ASP F 248 21.74 29.62 56.88
CA ASP F 248 21.49 28.45 57.75
C ASP F 248 22.29 28.63 59.05
N ILE F 249 21.65 28.42 60.20
CA ILE F 249 22.20 28.69 61.55
C ILE F 249 21.95 27.48 62.45
N LEU F 250 22.94 27.14 63.30
CA LEU F 250 22.84 26.10 64.35
C LEU F 250 22.75 26.80 65.71
N ARG F 251 21.79 26.42 66.54
CA ARG F 251 21.70 26.84 67.97
C ARG F 251 22.71 26.00 68.76
N SER F 252 23.79 26.62 69.20
CA SER F 252 24.87 25.95 69.99
C SER F 252 24.91 26.51 71.41
N ASN F 253 25.64 25.83 72.30
CA ASN F 253 25.86 26.23 73.72
C ASN F 253 26.50 27.62 73.76
N HIS F 254 27.37 27.95 72.80
CA HIS F 254 28.16 29.22 72.76
C HIS F 254 27.58 30.18 71.70
N GLY F 255 26.28 30.06 71.38
CA GLY F 255 25.54 31.02 70.56
C GLY F 255 25.21 30.50 69.17
N PRO F 256 24.67 31.36 68.27
CA PRO F 256 24.33 30.94 66.91
C PRO F 256 25.57 30.82 66.02
N LEU F 257 25.65 29.73 65.25
CA LEU F 257 26.77 29.41 64.32
C LEU F 257 26.22 29.28 62.90
N VAL F 258 26.82 30.00 61.94
CA VAL F 258 26.41 29.99 60.50
C VAL F 258 26.98 28.73 59.84
N MET F 259 26.15 27.96 59.14
CA MET F 259 26.53 26.75 58.37
C MET F 259 26.82 27.15 56.92
N GLU F 260 25.86 27.82 56.28
CA GLU F 260 25.91 28.19 54.85
C GLU F 260 25.26 29.57 54.65
N VAL F 261 25.71 30.30 53.63
CA VAL F 261 25.03 31.51 53.08
C VAL F 261 24.79 31.26 51.59
N ASN F 262 23.52 31.12 51.20
CA ASN F 262 23.07 30.77 49.84
C ASN F 262 22.61 32.04 49.12
N SER F 263 23.19 32.36 47.97
CA SER F 263 22.97 33.62 47.20
C SER F 263 21.67 33.54 46.40
N SER F 264 21.13 32.34 46.16
CA SER F 264 19.82 32.13 45.51
C SER F 264 19.04 31.03 46.24
N PRO F 265 18.47 31.33 47.44
CA PRO F 265 17.81 30.31 48.24
C PRO F 265 16.46 29.87 47.64
N GLY F 266 16.11 28.59 47.81
CA GLY F 266 14.82 28.03 47.39
C GLY F 266 13.66 28.73 48.09
N LEU F 267 12.49 28.75 47.46
CA LEU F 267 11.29 29.48 47.96
C LEU F 267 10.21 28.51 48.42
N GLU F 268 10.17 27.27 47.93
CA GLU F 268 9.08 26.30 48.21
C GLU F 268 9.00 26.03 49.72
N GLY F 269 10.13 25.63 50.32
CA GLY F 269 10.23 25.31 51.76
C GLY F 269 9.70 26.44 52.62
N ILE F 270 10.27 27.64 52.45
CA ILE F 270 9.99 28.82 53.33
C ILE F 270 8.53 29.27 53.14
N GLU F 271 8.01 29.26 51.92
CA GLU F 271 6.65 29.80 51.59
C GLU F 271 5.57 28.85 52.11
N VAL F 272 5.72 27.55 51.90
CA VAL F 272 4.75 26.51 52.36
C VAL F 272 4.64 26.59 53.89
N THR F 273 5.75 26.78 54.59
CA THR F 273 5.83 26.76 56.07
C THR F 273 5.23 28.04 56.67
N THR F 274 5.56 29.21 56.11
CA THR F 274 5.25 30.54 56.70
C THR F 274 3.98 31.15 56.07
N SER F 275 3.60 30.70 54.87
CA SER F 275 2.46 31.24 54.08
C SER F 275 2.70 32.72 53.73
N LYS F 276 3.96 33.13 53.65
CA LYS F 276 4.38 34.51 53.29
C LYS F 276 4.64 34.57 51.78
N ASP F 277 4.33 35.71 51.15
CA ASP F 277 4.64 36.00 49.72
C ASP F 277 6.10 36.46 49.64
N VAL F 278 7.04 35.53 49.76
CA VAL F 278 8.51 35.81 49.75
C VAL F 278 8.89 36.29 48.35
N ALA F 279 8.44 35.58 47.31
CA ALA F 279 8.60 35.98 45.88
C ALA F 279 8.13 37.43 45.72
N GLY F 280 6.98 37.78 46.30
CA GLY F 280 6.42 39.14 46.26
C GLY F 280 7.34 40.18 46.86
N MET F 281 7.90 39.90 48.04
CA MET F 281 8.77 40.84 48.81
C MET F 281 10.09 41.06 48.07
N ILE F 282 10.58 40.05 47.34
CA ILE F 282 11.79 40.14 46.48
C ILE F 282 11.49 41.15 45.35
N ILE F 283 10.35 41.00 44.68
CA ILE F 283 9.91 41.91 43.58
C ILE F 283 9.72 43.32 44.15
N GLU F 284 9.14 43.40 45.35
CA GLU F 284 8.86 44.67 46.07
C GLU F 284 10.20 45.37 46.39
N TYR F 285 11.25 44.60 46.70
CA TYR F 285 12.62 45.14 46.98
C TYR F 285 13.19 45.74 45.69
N LEU F 286 13.05 45.06 44.56
CA LEU F 286 13.52 45.54 43.23
C LEU F 286 12.83 46.87 42.90
N GLU F 287 11.53 46.98 43.20
CA GLU F 287 10.70 48.18 42.91
C GLU F 287 11.31 49.41 43.58
N LYS F 288 11.84 49.27 44.80
CA LYS F 288 12.31 50.38 45.66
C LYS F 288 13.76 50.73 45.34
N ASN F 289 14.62 49.74 45.15
CA ASN F 289 16.10 49.91 45.06
C ASN F 289 16.58 49.92 43.59
N SER F 290 15.69 49.64 42.64
CA SER F 290 15.97 49.76 41.18
C SER F 290 16.15 51.25 40.85
N MET G 1 5.68 -15.80 30.37
CA MET G 1 7.05 -15.49 30.86
C MET G 1 7.01 -14.28 31.80
N LYS G 2 7.91 -14.27 32.79
CA LYS G 2 8.24 -13.07 33.60
C LYS G 2 9.53 -12.47 33.03
N ILE G 3 9.48 -11.23 32.54
CA ILE G 3 10.60 -10.57 31.82
C ILE G 3 10.98 -9.28 32.57
N ALA G 4 12.28 -9.15 32.89
CA ALA G 4 12.87 -7.91 33.45
C ALA G 4 13.32 -7.02 32.28
N VAL G 5 13.08 -5.71 32.40
CA VAL G 5 13.56 -4.68 31.44
C VAL G 5 14.47 -3.73 32.21
N LEU G 6 15.78 -3.85 32.00
CA LEU G 6 16.82 -3.01 32.66
C LEU G 6 16.87 -1.65 31.97
N SER G 7 16.19 -0.64 32.52
CA SER G 7 16.08 0.72 31.94
C SER G 7 16.13 1.77 33.05
N ARG G 8 16.91 2.83 32.84
CA ARG G 8 17.05 3.97 33.79
C ARG G 8 15.73 4.77 33.84
N ASN G 9 14.99 4.80 32.72
CA ASN G 9 13.74 5.60 32.58
C ASN G 9 12.64 4.74 31.94
N PRO G 10 11.60 4.36 32.72
CA PRO G 10 10.48 3.56 32.19
C PRO G 10 9.48 4.36 31.34
N ARG G 11 9.62 5.68 31.28
CA ARG G 11 8.70 6.61 30.58
C ARG G 11 9.24 6.94 29.18
N LEU G 12 10.41 6.39 28.80
CA LEU G 12 11.02 6.55 27.45
C LEU G 12 10.33 5.60 26.47
N TYR G 13 10.13 6.05 25.23
CA TYR G 13 9.34 5.37 24.17
C TYR G 13 9.70 3.88 24.12
N SER G 14 11.00 3.57 23.97
CA SER G 14 11.53 2.20 23.68
C SER G 14 11.20 1.24 24.83
N THR G 15 11.26 1.70 26.07
CA THR G 15 10.96 0.88 27.28
C THR G 15 9.45 0.67 27.39
N ARG G 16 8.66 1.74 27.27
CA ARG G 16 7.17 1.68 27.26
C ARG G 16 6.72 0.64 26.23
N ARG G 17 7.24 0.71 25.02
CA ARG G 17 6.85 -0.17 23.88
C ARG G 17 7.19 -1.62 24.20
N LEU G 18 8.32 -1.88 24.88
CA LEU G 18 8.75 -3.25 25.22
C LEU G 18 7.81 -3.85 26.28
N VAL G 19 7.33 -3.05 27.25
CA VAL G 19 6.38 -3.55 28.29
C VAL G 19 5.01 -3.75 27.63
N GLU G 20 4.57 -2.82 26.77
CA GLU G 20 3.30 -2.95 26.00
C GLU G 20 3.28 -4.30 25.27
N ALA G 21 4.21 -4.49 24.33
CA ALA G 21 4.32 -5.68 23.46
C ALA G 21 4.30 -6.95 24.32
N GLY G 22 4.97 -6.90 25.47
CA GLY G 22 5.04 -8.01 26.44
C GLY G 22 3.69 -8.29 27.07
N ILE G 23 3.07 -7.26 27.67
CA ILE G 23 1.74 -7.33 28.33
C ILE G 23 0.73 -7.82 27.30
N GLU G 24 0.73 -7.23 26.09
CA GLU G 24 -0.15 -7.61 24.95
C GLU G 24 -0.09 -9.12 24.70
N ARG G 25 1.10 -9.73 24.86
CA ARG G 25 1.37 -11.15 24.53
C ARG G 25 1.31 -12.01 25.80
N GLY G 26 0.80 -11.45 26.90
CA GLY G 26 0.38 -12.19 28.11
C GLY G 26 1.50 -12.40 29.11
N HIS G 27 2.62 -11.67 28.97
CA HIS G 27 3.82 -11.79 29.83
C HIS G 27 3.75 -10.80 30.99
N GLU G 28 4.46 -11.09 32.09
CA GLU G 28 4.61 -10.18 33.26
C GLU G 28 5.89 -9.36 33.06
N MET G 29 5.75 -8.04 32.88
CA MET G 29 6.87 -7.13 32.54
C MET G 29 7.21 -6.28 33.77
N VAL G 30 8.45 -6.36 34.22
CA VAL G 30 8.98 -5.57 35.39
C VAL G 30 10.14 -4.70 34.89
N VAL G 31 10.03 -3.39 35.10
CA VAL G 31 11.09 -2.39 34.77
C VAL G 31 11.99 -2.24 36.00
N ILE G 32 13.30 -2.44 35.83
CA ILE G 32 14.34 -2.41 36.91
C ILE G 32 15.35 -1.31 36.57
N ASP G 33 15.47 -0.29 37.42
CA ASP G 33 16.60 0.69 37.37
C ASP G 33 17.82 -0.01 37.97
N THR G 34 18.77 -0.43 37.13
CA THR G 34 19.92 -1.29 37.51
C THR G 34 20.66 -0.70 38.71
N LEU G 35 20.77 0.63 38.81
CA LEU G 35 21.51 1.33 39.89
C LEU G 35 20.84 1.07 41.25
N ARG G 36 19.51 0.87 41.27
CA ARG G 36 18.70 0.69 42.51
C ARG G 36 18.64 -0.80 42.89
N ALA G 37 19.17 -1.67 42.02
CA ALA G 37 19.42 -3.10 42.32
C ALA G 37 20.71 -3.22 43.11
N TYR G 38 20.71 -4.06 44.15
CA TYR G 38 21.89 -4.43 44.98
C TYR G 38 21.85 -5.94 45.16
N MET G 39 23.02 -6.58 45.30
CA MET G 39 23.11 -8.06 45.22
C MET G 39 24.20 -8.59 46.15
N ASN G 40 24.05 -9.87 46.49
CA ASN G 40 25.04 -10.71 47.20
C ASN G 40 25.55 -11.72 46.17
N ILE G 41 26.87 -11.73 45.90
CA ILE G 41 27.51 -12.73 45.00
C ILE G 41 27.88 -13.96 45.84
N ALA G 42 27.59 -15.15 45.32
CA ALA G 42 27.72 -16.42 46.06
C ALA G 42 27.52 -17.60 45.11
N SER G 43 28.28 -18.69 45.30
CA SER G 43 28.18 -19.96 44.54
C SER G 43 26.76 -20.54 44.71
N HIS G 44 26.37 -20.84 45.95
CA HIS G 44 25.07 -21.47 46.32
C HIS G 44 23.92 -20.51 46.00
N LYS G 45 23.53 -19.60 46.89
CA LYS G 45 22.26 -18.82 46.79
C LYS G 45 22.59 -17.36 46.45
N PRO G 46 22.91 -17.02 45.19
CA PRO G 46 23.15 -15.63 44.79
C PRO G 46 21.84 -14.85 44.66
N GLN G 47 21.77 -13.69 45.32
CA GLN G 47 20.53 -12.87 45.42
C GLN G 47 20.71 -11.57 44.61
N ILE G 48 19.64 -11.09 43.97
CA ILE G 48 19.43 -9.66 43.60
C ILE G 48 18.21 -9.17 44.37
N HIS G 49 18.37 -8.07 45.13
CA HIS G 49 17.28 -7.37 45.84
C HIS G 49 17.03 -6.02 45.15
N TYR G 50 15.81 -5.48 45.33
CA TYR G 50 15.32 -4.23 44.68
C TYR G 50 14.24 -3.62 45.57
N ARG G 51 14.49 -2.42 46.11
CA ARG G 51 13.57 -1.70 47.02
C ARG G 51 13.09 -2.63 48.15
N GLY G 52 14.01 -3.40 48.74
CA GLY G 52 13.77 -4.16 49.99
C GLY G 52 13.35 -5.60 49.73
N LYS G 53 12.86 -5.92 48.54
CA LYS G 53 12.31 -7.25 48.17
C LYS G 53 13.26 -7.93 47.18
N PRO G 54 13.36 -9.28 47.20
CA PRO G 54 14.18 -10.02 46.23
C PRO G 54 13.54 -10.06 44.83
N LEU G 55 14.38 -10.13 43.79
CA LEU G 55 13.95 -10.35 42.37
C LEU G 55 14.10 -11.84 42.03
N GLU G 56 12.98 -12.55 41.91
CA GLU G 56 12.91 -14.02 41.72
C GLU G 56 12.09 -14.36 40.47
N GLY G 57 12.22 -15.60 39.99
CA GLY G 57 11.31 -16.24 39.03
C GLY G 57 11.29 -15.55 37.68
N PHE G 58 12.34 -14.79 37.34
CA PHE G 58 12.50 -14.14 36.01
C PHE G 58 12.96 -15.20 35.00
N ASP G 59 12.34 -15.21 33.83
CA ASP G 59 12.62 -16.17 32.73
C ASP G 59 13.61 -15.54 31.74
N ALA G 60 13.50 -14.22 31.50
CA ALA G 60 14.34 -13.47 30.54
C ALA G 60 14.55 -12.04 31.03
N VAL G 61 15.61 -11.41 30.54
CA VAL G 61 15.97 -9.99 30.85
C VAL G 61 16.34 -9.29 29.53
N ILE G 62 15.79 -8.09 29.31
CA ILE G 62 16.09 -7.21 28.15
C ILE G 62 16.99 -6.08 28.65
N PRO G 63 18.31 -6.13 28.41
CA PRO G 63 19.21 -5.08 28.87
C PRO G 63 19.16 -3.87 27.95
N ARG G 64 18.68 -2.73 28.45
CA ARG G 64 18.73 -1.41 27.77
C ARG G 64 19.72 -0.53 28.52
N ILE G 65 21.02 -0.88 28.46
CA ILE G 65 22.12 -0.19 29.18
C ILE G 65 22.43 1.11 28.43
N GLY G 66 22.40 2.24 29.13
CA GLY G 66 22.70 3.58 28.58
C GLY G 66 24.20 3.81 28.49
N ALA G 67 24.60 4.85 27.73
CA ALA G 67 26.01 5.23 27.50
C ALA G 67 26.51 6.08 28.69
N SER G 68 26.59 5.46 29.87
CA SER G 68 26.97 6.10 31.16
C SER G 68 28.37 5.59 31.59
N VAL G 69 28.84 6.01 32.78
CA VAL G 69 30.07 5.50 33.45
C VAL G 69 29.69 4.24 34.25
N THR G 70 29.03 3.28 33.60
CA THR G 70 28.20 2.21 34.23
C THR G 70 28.80 0.82 33.94
N PHE G 71 29.85 0.47 34.68
CA PHE G 71 30.31 -0.94 34.84
C PHE G 71 29.28 -1.71 35.68
N TYR G 72 28.53 -1.01 36.54
CA TYR G 72 27.54 -1.59 37.48
C TYR G 72 26.38 -2.22 36.72
N GLY G 73 25.88 -1.54 35.69
CA GLY G 73 24.77 -2.03 34.84
C GLY G 73 25.05 -3.41 34.26
N CYS G 74 26.25 -3.61 33.73
CA CYS G 74 26.73 -4.90 33.18
C CYS G 74 26.81 -5.95 34.30
N ALA G 75 27.19 -5.55 35.52
CA ALA G 75 27.31 -6.43 36.70
C ALA G 75 25.92 -6.98 37.09
N VAL G 76 24.90 -6.12 37.06
CA VAL G 76 23.49 -6.51 37.37
C VAL G 76 23.02 -7.50 36.30
N LEU G 77 23.29 -7.23 35.03
CA LEU G 77 22.95 -8.13 33.90
C LEU G 77 23.68 -9.48 34.10
N ARG G 78 24.94 -9.44 34.52
CA ARG G 78 25.78 -10.65 34.72
C ARG G 78 25.16 -11.53 35.82
N GLN G 79 24.71 -10.94 36.94
CA GLN G 79 24.04 -11.68 38.05
C GLN G 79 22.84 -12.45 37.47
N PHE G 80 21.99 -11.76 36.71
CA PHE G 80 20.78 -12.34 36.07
C PHE G 80 21.20 -13.58 35.27
N GLU G 81 22.23 -13.42 34.42
CA GLU G 81 22.76 -14.50 33.55
C GLU G 81 23.19 -15.70 34.40
N MET G 82 23.94 -15.43 35.46
CA MET G 82 24.53 -16.46 36.37
C MET G 82 23.43 -17.12 37.20
N MET G 83 22.31 -16.42 37.41
CA MET G 83 21.13 -16.94 38.14
C MET G 83 20.17 -17.65 37.18
N GLY G 84 20.59 -17.87 35.92
CA GLY G 84 19.91 -18.74 34.94
C GLY G 84 18.97 -18.00 34.02
N VAL G 85 18.77 -16.69 34.24
CA VAL G 85 17.83 -15.84 33.45
C VAL G 85 18.41 -15.64 32.04
N PHE G 86 17.60 -15.82 31.00
CA PHE G 86 18.00 -15.71 29.57
C PHE G 86 18.11 -14.24 29.20
N PRO G 87 19.29 -13.77 28.75
CA PRO G 87 19.45 -12.39 28.28
C PRO G 87 19.16 -12.23 26.78
N LEU G 88 18.52 -11.13 26.38
CA LEU G 88 18.25 -10.80 24.95
C LEU G 88 19.60 -10.68 24.24
N ASN G 89 20.53 -9.93 24.85
CA ASN G 89 21.96 -9.83 24.45
C ASN G 89 22.83 -10.15 25.67
N GLU G 90 23.86 -10.98 25.49
CA GLU G 90 24.80 -11.42 26.56
C GLU G 90 25.66 -10.22 26.99
N SER G 91 25.96 -10.12 28.28
CA SER G 91 26.81 -9.05 28.88
C SER G 91 28.15 -8.98 28.13
N VAL G 92 28.72 -10.13 27.78
CA VAL G 92 30.02 -10.25 27.06
C VAL G 92 29.92 -9.43 25.77
N ALA G 93 28.86 -9.63 24.99
CA ALA G 93 28.62 -9.00 23.67
C ALA G 93 28.41 -7.49 23.85
N ILE G 94 27.66 -7.08 24.87
CA ILE G 94 27.31 -5.65 25.13
C ILE G 94 28.59 -4.87 25.44
N ALA G 95 29.48 -5.45 26.25
CA ALA G 95 30.80 -4.88 26.63
C ALA G 95 31.64 -4.64 25.36
N ARG G 96 31.61 -5.59 24.40
CA ARG G 96 32.31 -5.47 23.10
C ARG G 96 31.78 -4.27 22.31
N SER G 97 30.45 -4.12 22.23
CA SER G 97 29.74 -3.09 21.42
C SER G 97 29.98 -1.69 21.96
N ARG G 98 29.95 -1.52 23.28
CA ARG G 98 29.95 -0.19 23.94
C ARG G 98 31.36 0.41 23.86
N ASP G 99 32.40 -0.43 23.79
CA ASP G 99 33.79 0.02 23.54
C ASP G 99 33.97 0.22 22.03
N LYS G 100 33.77 1.46 21.54
CA LYS G 100 33.70 1.78 20.09
C LYS G 100 35.06 1.47 19.44
N LEU G 101 36.17 1.72 20.15
CA LEU G 101 37.55 1.39 19.69
C LEU G 101 37.63 -0.11 19.42
N ARG G 102 37.33 -0.90 20.45
CA ARG G 102 37.39 -2.39 20.41
C ARG G 102 36.45 -2.92 19.33
N SER G 103 35.26 -2.34 19.22
CA SER G 103 34.18 -2.73 18.29
C SER G 103 34.72 -2.66 16.85
N LEU G 104 35.29 -1.52 16.46
CA LEU G 104 35.82 -1.29 15.08
C LEU G 104 37.02 -2.22 14.83
N GLN G 105 37.89 -2.40 15.82
CA GLN G 105 39.07 -3.31 15.71
C GLN G 105 38.57 -4.73 15.40
N LEU G 106 37.49 -5.17 16.03
CA LEU G 106 36.97 -6.55 15.92
C LEU G 106 36.32 -6.75 14.54
N LEU G 107 35.56 -5.76 14.09
CA LEU G 107 34.92 -5.75 12.75
C LEU G 107 36.00 -5.77 11.67
N SER G 108 37.05 -4.95 11.85
CA SER G 108 38.22 -4.83 10.93
C SER G 108 38.90 -6.20 10.78
N ARG G 109 39.13 -6.90 11.88
CA ARG G 109 39.88 -8.18 11.90
C ARG G 109 39.07 -9.27 11.19
N ARG G 110 37.74 -9.25 11.28
CA ARG G 110 36.85 -10.25 10.66
C ARG G 110 36.47 -9.83 9.23
N GLY G 111 37.06 -8.76 8.71
CA GLY G 111 36.99 -8.36 7.29
C GLY G 111 35.66 -7.70 6.92
N ILE G 112 34.93 -7.14 7.90
CA ILE G 112 33.72 -6.31 7.66
C ILE G 112 34.18 -4.99 7.04
N GLY G 113 33.50 -4.52 5.98
CA GLY G 113 33.79 -3.24 5.33
C GLY G 113 33.66 -2.10 6.32
N LEU G 114 34.72 -1.32 6.52
CA LEU G 114 34.70 -0.08 7.34
C LEU G 114 35.28 1.06 6.52
N PRO G 115 35.00 2.34 6.89
CA PRO G 115 35.78 3.46 6.37
C PRO G 115 37.22 3.29 6.86
N VAL G 116 38.19 3.86 6.15
CA VAL G 116 39.60 3.95 6.63
C VAL G 116 39.58 4.75 7.92
N THR G 117 40.13 4.19 9.01
CA THR G 117 39.94 4.69 10.39
C THR G 117 41.26 4.72 11.15
N GLY G 118 41.50 5.81 11.87
CA GLY G 118 42.66 5.98 12.76
C GLY G 118 42.22 6.35 14.17
N PHE G 119 43.01 5.96 15.16
CA PHE G 119 42.81 6.28 16.61
C PHE G 119 44.04 7.02 17.13
N ALA G 120 43.82 7.93 18.08
CA ALA G 120 44.86 8.78 18.72
C ALA G 120 44.36 9.23 20.08
N HIS G 121 45.26 9.64 20.98
CA HIS G 121 44.94 10.32 22.27
C HIS G 121 45.86 11.54 22.40
N SER G 122 47.17 11.30 22.52
CA SER G 122 48.22 12.33 22.65
C SER G 122 49.30 12.11 21.59
N PRO G 123 48.93 12.12 20.29
CA PRO G 123 49.91 11.94 19.21
C PRO G 123 50.88 13.13 19.13
N ASP G 124 52.16 12.84 18.89
CA ASP G 124 53.25 13.85 18.83
C ASP G 124 53.36 14.38 17.39
N ASP G 125 53.09 13.52 16.39
CA ASP G 125 53.18 13.86 14.95
C ASP G 125 51.78 13.72 14.33
N ILE G 126 50.95 14.77 14.43
CA ILE G 126 49.54 14.79 13.93
C ILE G 126 49.55 14.69 12.40
N PRO G 127 50.42 15.42 11.67
CA PRO G 127 50.54 15.24 10.22
C PRO G 127 50.72 13.76 9.83
N ASP G 128 51.48 12.99 10.61
CA ASP G 128 51.74 11.56 10.37
C ASP G 128 50.43 10.77 10.53
N LEU G 129 49.64 11.08 11.56
CA LEU G 129 48.31 10.46 11.82
C LEU G 129 47.41 10.70 10.59
N ILE G 130 47.36 11.94 10.10
CA ILE G 130 46.50 12.35 8.95
C ILE G 130 46.94 11.58 7.70
N GLN G 131 48.24 11.47 7.46
CA GLN G 131 48.85 10.76 6.30
C GLN G 131 48.43 9.28 6.34
N MET G 132 48.38 8.67 7.54
CA MET G 132 48.06 7.23 7.75
C MET G 132 46.63 6.91 7.31
N VAL G 133 45.75 7.90 7.27
CA VAL G 133 44.30 7.77 6.95
C VAL G 133 44.00 8.38 5.57
N ASN G 134 45.03 8.47 4.72
CA ASN G 134 44.94 8.93 3.30
C ASN G 134 44.52 10.41 3.23
N GLY G 135 44.79 11.19 4.28
CA GLY G 135 44.65 12.65 4.30
C GLY G 135 43.20 13.12 4.27
N ALA G 136 43.01 14.43 4.12
CA ALA G 136 41.70 15.14 4.08
C ALA G 136 41.00 14.79 2.76
N PRO G 137 39.65 14.89 2.68
CA PRO G 137 38.81 15.29 3.81
C PRO G 137 38.63 14.17 4.85
N LEU G 138 38.66 14.54 6.13
CA LEU G 138 38.57 13.61 7.29
C LEU G 138 37.41 14.03 8.19
N VAL G 139 36.65 13.04 8.68
CA VAL G 139 35.67 13.22 9.79
C VAL G 139 36.41 12.91 11.10
N ILE G 140 36.25 13.77 12.10
CA ILE G 140 36.99 13.70 13.40
C ILE G 140 35.97 13.68 14.54
N LYS G 141 35.84 12.52 15.21
CA LYS G 141 34.92 12.29 16.36
C LYS G 141 35.76 12.27 17.64
N VAL G 142 35.20 12.79 18.74
CA VAL G 142 35.70 12.60 20.13
C VAL G 142 34.90 11.46 20.76
N LEU G 143 35.52 10.69 21.66
CA LEU G 143 34.87 9.56 22.38
C LEU G 143 34.95 9.81 23.89
N GLU G 144 33.79 9.83 24.56
CA GLU G 144 33.68 9.84 26.04
C GLU G 144 33.14 8.47 26.48
N GLY G 145 33.96 7.42 26.37
CA GLY G 145 33.63 6.03 26.71
C GLY G 145 32.86 5.35 25.59
N THR G 146 31.53 5.49 25.60
CA THR G 146 30.56 4.84 24.66
C THR G 146 30.06 5.84 23.62
N GLN G 147 29.79 7.09 24.03
CA GLN G 147 29.20 8.16 23.18
C GLN G 147 30.28 8.75 22.25
N GLY G 148 29.92 9.03 20.98
CA GLY G 148 30.71 9.80 20.01
C GLY G 148 30.37 11.29 20.09
N ILE G 149 30.76 11.93 21.19
CA ILE G 149 30.20 13.19 21.77
C ILE G 149 30.10 14.28 20.69
N GLY G 150 31.19 14.55 19.97
CA GLY G 150 31.28 15.60 18.95
C GLY G 150 31.78 15.04 17.62
N VAL G 151 31.40 15.66 16.49
CA VAL G 151 31.76 15.22 15.11
C VAL G 151 32.03 16.46 14.25
N VAL G 152 33.19 16.53 13.59
CA VAL G 152 33.60 17.66 12.72
C VAL G 152 34.11 17.11 11.39
N LEU G 153 33.57 17.61 10.27
CA LEU G 153 34.13 17.39 8.91
C LEU G 153 35.23 18.43 8.67
N CYS G 154 36.45 17.98 8.39
CA CYS G 154 37.64 18.82 8.10
C CYS G 154 38.05 18.63 6.63
N GLU G 155 37.96 19.70 5.84
CA GLU G 155 38.12 19.67 4.35
C GLU G 155 39.61 19.59 4.00
N THR G 156 40.46 20.30 4.76
CA THR G 156 41.93 20.42 4.55
C THR G 156 42.67 19.82 5.74
N ALA G 157 43.92 19.37 5.53
CA ALA G 157 44.80 18.78 6.57
C ALA G 157 45.13 19.83 7.64
N THR G 158 45.14 21.11 7.29
CA THR G 158 45.35 22.25 8.22
C THR G 158 44.24 22.25 9.27
N ALA G 159 42.98 22.19 8.83
CA ALA G 159 41.77 22.17 9.68
C ALA G 159 41.78 20.89 10.54
N ALA G 160 42.10 19.75 9.94
CA ALA G 160 42.20 18.43 10.63
C ALA G 160 43.18 18.55 11.79
N GLU G 161 44.37 19.06 11.53
CA GLU G 161 45.46 19.22 12.53
C GLU G 161 44.99 20.15 13.65
N SER G 162 44.33 21.26 13.29
CA SER G 162 43.86 22.32 14.21
C SER G 162 42.80 21.75 15.17
N VAL G 163 41.89 20.91 14.66
CA VAL G 163 40.75 20.32 15.43
C VAL G 163 41.28 19.20 16.34
N ILE G 164 42.19 18.36 15.84
CA ILE G 164 42.80 17.24 16.63
C ILE G 164 43.54 17.83 17.83
N GLU G 165 44.29 18.91 17.61
CA GLU G 165 45.07 19.61 18.68
C GLU G 165 44.11 20.12 19.77
N ALA G 166 42.95 20.63 19.39
CA ALA G 166 41.91 21.14 20.31
C ALA G 166 41.40 19.99 21.19
N PHE G 167 41.04 18.87 20.57
CA PHE G 167 40.46 17.68 21.25
C PHE G 167 41.50 17.04 22.15
N MET G 168 42.77 17.05 21.74
CA MET G 168 43.93 16.62 22.57
C MET G 168 43.91 17.38 23.91
N GLY G 169 43.72 18.69 23.85
CA GLY G 169 43.62 19.58 25.02
C GLY G 169 42.60 19.07 26.02
N LEU G 170 41.50 18.46 25.56
CA LEU G 170 40.39 17.97 26.41
C LEU G 170 40.66 16.55 26.92
N LYS G 171 41.86 16.01 26.64
CA LYS G 171 42.37 14.70 27.14
C LYS G 171 41.36 13.59 26.78
N GLN G 172 40.78 13.64 25.58
CA GLN G 172 39.76 12.67 25.10
C GLN G 172 40.36 11.77 24.03
N ASP G 173 39.90 10.51 23.96
CA ASP G 173 40.23 9.56 22.87
C ASP G 173 39.67 10.14 21.56
N ILE G 174 40.49 10.22 20.51
CA ILE G 174 40.15 10.86 19.21
C ILE G 174 40.07 9.79 18.13
N MET G 175 39.02 9.85 17.29
CA MET G 175 38.82 8.97 16.12
C MET G 175 38.89 9.81 14.84
N VAL G 176 39.74 9.40 13.89
CA VAL G 176 39.94 10.07 12.58
C VAL G 176 39.48 9.09 11.50
N GLN G 177 38.54 9.51 10.65
CA GLN G 177 37.86 8.58 9.70
C GLN G 177 37.77 9.23 8.31
N GLU G 178 38.06 8.44 7.27
CA GLU G 178 37.86 8.75 5.84
C GLU G 178 36.42 9.25 5.66
N TYR G 179 36.23 10.45 5.10
CA TYR G 179 34.92 11.04 4.75
C TYR G 179 34.43 10.44 3.44
N ILE G 180 33.24 9.86 3.47
CA ILE G 180 32.59 9.19 2.30
C ILE G 180 31.54 10.14 1.74
N LYS G 181 31.96 11.00 0.79
CA LYS G 181 31.15 12.08 0.19
C LYS G 181 30.03 11.51 -0.67
N GLU G 182 30.18 10.29 -1.18
CA GLU G 182 29.21 9.63 -2.11
C GLU G 182 27.88 9.37 -1.40
N ALA G 183 27.91 9.21 -0.07
CA ALA G 183 26.75 8.90 0.80
C ALA G 183 25.70 10.01 0.76
N GLY G 184 26.15 11.26 0.54
CA GLY G 184 25.30 12.46 0.42
C GLY G 184 24.70 12.84 1.75
N GLY G 185 25.40 12.55 2.85
CA GLY G 185 24.93 12.78 4.23
C GLY G 185 23.74 11.91 4.57
N ALA G 186 23.79 10.63 4.17
CA ALA G 186 22.72 9.63 4.40
C ALA G 186 23.35 8.31 4.88
N ASP G 187 22.65 7.60 5.76
CA ASP G 187 23.05 6.24 6.24
C ASP G 187 21.81 5.35 6.28
N ILE G 188 22.03 4.05 6.11
CA ILE G 188 21.01 2.97 6.31
C ILE G 188 21.14 2.49 7.75
N ARG G 189 20.06 2.57 8.55
CA ARG G 189 19.97 1.89 9.87
C ARG G 189 19.22 0.58 9.67
N CYS G 190 19.93 -0.55 9.73
CA CYS G 190 19.35 -1.92 9.68
C CYS G 190 19.13 -2.42 11.11
N PHE G 191 17.98 -3.05 11.35
CA PHE G 191 17.53 -3.52 12.68
C PHE G 191 17.53 -5.05 12.69
N VAL G 192 18.48 -5.66 13.42
CA VAL G 192 18.71 -7.13 13.45
C VAL G 192 18.00 -7.72 14.69
N VAL G 193 17.26 -8.79 14.48
CA VAL G 193 16.69 -9.68 15.55
C VAL G 193 16.90 -11.13 15.09
N GLY G 194 17.70 -11.90 15.82
CA GLY G 194 18.14 -13.25 15.41
C GLY G 194 18.92 -13.19 14.11
N ASP G 195 18.56 -14.03 13.14
CA ASP G 195 19.28 -14.21 11.84
C ASP G 195 18.63 -13.36 10.75
N LYS G 196 17.86 -12.32 11.12
CA LYS G 196 17.02 -11.55 10.16
C LYS G 196 17.16 -10.05 10.42
N VAL G 197 17.26 -9.27 9.34
CA VAL G 197 17.03 -7.80 9.34
C VAL G 197 15.53 -7.57 9.19
N ILE G 198 14.84 -7.28 10.31
CA ILE G 198 13.35 -7.24 10.40
C ILE G 198 12.84 -5.87 9.91
N ALA G 199 13.68 -4.83 9.94
CA ALA G 199 13.31 -3.45 9.60
C ALA G 199 14.55 -2.65 9.19
N SER G 200 14.39 -1.69 8.28
CA SER G 200 15.45 -0.81 7.74
C SER G 200 14.89 0.59 7.48
N MET G 201 15.73 1.61 7.46
CA MET G 201 15.33 3.00 7.11
C MET G 201 16.56 3.83 6.73
N LYS G 202 16.40 4.74 5.77
CA LYS G 202 17.42 5.76 5.39
C LYS G 202 17.23 6.96 6.31
N ARG G 203 18.33 7.54 6.80
CA ARG G 203 18.36 8.84 7.52
C ARG G 203 19.04 9.86 6.59
N GLN G 204 18.59 11.11 6.59
CA GLN G 204 19.06 12.19 5.68
C GLN G 204 19.36 13.46 6.49
N ALA G 205 20.43 14.19 6.11
CA ALA G 205 20.84 15.48 6.69
C ALA G 205 19.95 16.60 6.14
N LYS G 206 20.03 17.80 6.75
CA LYS G 206 19.28 19.02 6.33
C LYS G 206 19.82 19.48 4.98
N PRO G 207 19.16 20.46 4.30
CA PRO G 207 19.60 20.93 2.98
C PRO G 207 21.11 21.21 2.80
N GLY G 208 21.82 21.56 3.88
CA GLY G 208 23.23 22.03 3.84
C GLY G 208 24.23 21.02 4.41
N GLU G 209 23.92 20.41 5.55
CA GLU G 209 24.90 19.71 6.43
C GLU G 209 25.10 18.26 5.98
N PHE G 210 25.94 17.51 6.72
CA PHE G 210 26.39 16.12 6.45
C PHE G 210 25.91 15.17 7.59
N SER G 219 15.43 13.94 8.44
CA SER G 219 14.33 13.16 7.82
C SER G 219 14.71 11.68 7.69
N ALA G 220 13.79 10.78 8.06
CA ALA G 220 13.90 9.30 7.87
C ALA G 220 12.85 8.87 6.85
N SER G 221 13.15 7.83 6.07
CA SER G 221 12.25 7.28 5.02
C SER G 221 12.49 5.78 4.84
N LEU G 222 11.53 5.10 4.21
CA LEU G 222 11.60 3.66 3.84
C LEU G 222 12.70 3.45 2.80
N ILE G 223 13.35 2.29 2.81
CA ILE G 223 14.41 1.94 1.81
C ILE G 223 14.46 0.42 1.64
N LYS G 224 14.48 -0.05 0.38
CA LYS G 224 14.75 -1.48 0.03
C LYS G 224 16.27 -1.65 0.07
N ILE G 225 16.78 -2.48 0.99
CA ILE G 225 18.24 -2.73 1.17
C ILE G 225 18.67 -3.84 0.21
N THR G 226 19.91 -3.77 -0.28
CA THR G 226 20.52 -4.77 -1.18
C THR G 226 20.78 -6.05 -0.40
N PRO G 227 20.91 -7.22 -1.06
CA PRO G 227 21.26 -8.46 -0.37
C PRO G 227 22.61 -8.38 0.38
N GLU G 228 23.56 -7.60 -0.13
CA GLU G 228 24.92 -7.46 0.45
C GLU G 228 24.86 -6.54 1.69
N GLU G 229 23.93 -5.58 1.70
CA GLU G 229 23.70 -4.67 2.86
C GLU G 229 23.07 -5.47 4.00
N ARG G 230 22.10 -6.33 3.70
CA ARG G 230 21.46 -7.26 4.66
C ARG G 230 22.54 -8.17 5.25
N MET G 231 23.35 -8.80 4.37
CA MET G 231 24.40 -9.78 4.75
C MET G 231 25.43 -9.09 5.66
N THR G 232 25.78 -7.83 5.39
CA THR G 232 26.77 -7.02 6.15
C THR G 232 26.23 -6.78 7.56
N ALA G 233 24.95 -6.36 7.67
CA ALA G 233 24.27 -6.05 8.93
C ALA G 233 24.26 -7.29 9.84
N LEU G 234 23.85 -8.44 9.29
CA LEU G 234 23.77 -9.72 10.04
C LEU G 234 25.18 -10.13 10.51
N ARG G 235 26.18 -10.05 9.62
CA ARG G 235 27.59 -10.46 9.90
C ARG G 235 28.16 -9.56 10.99
N ALA G 236 27.90 -8.24 10.92
CA ALA G 236 28.39 -7.24 11.89
C ALA G 236 27.86 -7.60 13.28
N ALA G 237 26.56 -7.88 13.40
CA ALA G 237 25.89 -8.27 14.65
C ALA G 237 26.46 -9.58 15.18
N LYS G 238 26.73 -10.55 14.30
CA LYS G 238 27.21 -11.90 14.67
C LYS G 238 28.64 -11.82 15.21
N VAL G 239 29.47 -10.96 14.62
CA VAL G 239 30.88 -10.70 15.04
C VAL G 239 30.88 -10.13 16.47
N MET G 240 29.97 -9.21 16.78
CA MET G 240 29.84 -8.62 18.14
C MET G 240 29.23 -9.66 19.08
N GLY G 241 28.47 -10.62 18.53
CA GLY G 241 27.81 -11.69 19.29
C GLY G 241 26.48 -11.24 19.86
N LEU G 242 25.80 -10.33 19.15
CA LEU G 242 24.49 -9.74 19.56
C LEU G 242 23.37 -10.48 18.83
N SER G 243 22.27 -10.75 19.53
CA SER G 243 21.02 -11.32 18.95
C SER G 243 20.15 -10.17 18.44
N VAL G 244 20.13 -9.05 19.14
CA VAL G 244 19.39 -7.81 18.75
C VAL G 244 20.37 -6.65 18.67
N ALA G 245 20.42 -5.97 17.52
CA ALA G 245 21.36 -4.85 17.28
C ALA G 245 20.82 -3.91 16.19
N GLY G 246 21.15 -2.63 16.31
CA GLY G 246 21.05 -1.65 15.21
C GLY G 246 22.41 -1.48 14.55
N VAL G 247 22.49 -1.69 13.24
CA VAL G 247 23.74 -1.56 12.43
C VAL G 247 23.58 -0.38 11.49
N ASP G 248 24.39 0.66 11.64
CA ASP G 248 24.42 1.85 10.74
C ASP G 248 25.41 1.57 9.60
N ILE G 249 24.99 1.83 8.36
CA ILE G 249 25.73 1.47 7.12
C ILE G 249 25.77 2.71 6.21
N LEU G 250 26.91 2.92 5.54
CA LEU G 250 27.10 3.94 4.48
C LEU G 250 27.18 3.24 3.13
N ARG G 251 26.41 3.70 2.15
CA ARG G 251 26.50 3.25 0.73
C ARG G 251 27.69 3.97 0.09
N SER G 252 28.78 3.25 -0.16
CA SER G 252 30.04 3.79 -0.73
C SER G 252 30.26 3.20 -2.13
N ASN G 253 31.20 3.79 -2.88
CA ASN G 253 31.62 3.35 -4.23
C ASN G 253 32.13 1.90 -4.18
N HIS G 254 32.77 1.50 -3.08
CA HIS G 254 33.41 0.17 -2.90
C HIS G 254 32.57 -0.71 -1.96
N GLY G 255 31.26 -0.46 -1.87
CA GLY G 255 30.28 -1.34 -1.18
C GLY G 255 29.78 -0.75 0.13
N PRO G 256 29.00 -1.52 0.92
CA PRO G 256 28.49 -1.05 2.20
C PRO G 256 29.58 -1.05 3.29
N LEU G 257 29.64 0.03 4.07
CA LEU G 257 30.61 0.25 5.17
C LEU G 257 29.85 0.46 6.48
N VAL G 258 30.20 -0.31 7.52
CA VAL G 258 29.55 -0.23 8.86
C VAL G 258 30.14 0.97 9.62
N MET G 259 29.27 1.82 10.17
CA MET G 259 29.64 3.01 11.00
C MET G 259 29.63 2.62 12.47
N GLU G 260 28.51 2.04 12.93
CA GLU G 260 28.30 1.67 14.36
C GLU G 260 27.49 0.38 14.44
N VAL G 261 27.68 -0.38 15.51
CA VAL G 261 26.79 -1.50 15.94
C VAL G 261 26.33 -1.20 17.37
N ASN G 262 25.03 -0.94 17.54
CA ASN G 262 24.40 -0.52 18.81
C ASN G 262 23.68 -1.73 19.43
N SER G 263 24.04 -2.08 20.67
CA SER G 263 23.57 -3.30 21.38
C SER G 263 22.16 -3.09 21.97
N SER G 264 21.71 -1.83 22.10
CA SER G 264 20.32 -1.49 22.51
C SER G 264 19.80 -0.34 21.66
N PRO G 265 19.42 -0.60 20.39
CA PRO G 265 19.01 0.47 19.49
C PRO G 265 17.64 1.05 19.85
N GLY G 266 17.45 2.36 19.63
CA GLY G 266 16.15 3.04 19.82
C GLY G 266 15.08 2.44 18.93
N LEU G 267 13.80 2.53 19.34
CA LEU G 267 12.65 1.92 18.63
C LEU G 267 11.77 2.99 17.98
N GLU G 268 11.78 4.23 18.50
CA GLU G 268 10.87 5.32 18.03
C GLU G 268 11.10 5.58 16.55
N GLY G 269 12.35 5.87 16.15
CA GLY G 269 12.72 6.17 14.76
C GLY G 269 12.23 5.09 13.80
N ILE G 270 12.63 3.85 14.04
CA ILE G 270 12.38 2.69 13.13
C ILE G 270 10.88 2.40 13.05
N GLU G 271 10.15 2.47 14.17
CA GLU G 271 8.72 2.06 14.25
C GLU G 271 7.84 3.12 13.58
N VAL G 272 8.09 4.41 13.84
CA VAL G 272 7.33 5.55 13.23
C VAL G 272 7.46 5.47 11.70
N THR G 273 8.65 5.15 11.19
CA THR G 273 8.99 5.16 9.74
C THR G 273 8.35 3.94 9.04
N THR G 274 8.47 2.75 9.63
CA THR G 274 8.11 1.45 9.00
C THR G 274 6.71 0.99 9.39
N SER G 275 6.18 1.46 10.52
CA SER G 275 4.87 1.04 11.11
C SER G 275 4.91 -0.45 11.47
N LYS G 276 6.10 -0.99 11.73
CA LYS G 276 6.30 -2.41 12.14
C LYS G 276 6.31 -2.50 13.67
N ASP G 277 5.78 -3.60 14.21
CA ASP G 277 5.80 -3.92 15.66
C ASP G 277 7.17 -4.53 15.99
N VAL G 278 8.21 -3.69 16.05
CA VAL G 278 9.61 -4.12 16.31
C VAL G 278 9.70 -4.63 17.75
N ALA G 279 9.14 -3.87 18.70
CA ALA G 279 9.01 -4.28 20.12
C ALA G 279 8.39 -5.68 20.20
N GLY G 280 7.34 -5.92 19.42
CA GLY G 280 6.63 -7.22 19.34
C GLY G 280 7.55 -8.34 18.92
N MET G 281 8.32 -8.13 17.85
CA MET G 281 9.21 -9.16 17.24
C MET G 281 10.36 -9.50 18.20
N ILE G 282 10.82 -8.53 19.01
CA ILE G 282 11.84 -8.73 20.07
C ILE G 282 11.26 -9.69 21.12
N ILE G 283 10.03 -9.43 21.58
CA ILE G 283 9.33 -10.27 22.60
C ILE G 283 9.11 -11.66 21.98
N GLU G 284 8.74 -11.71 20.71
CA GLU G 284 8.48 -12.96 19.94
C GLU G 284 9.77 -13.79 19.87
N TYR G 285 10.93 -13.12 19.74
CA TYR G 285 12.27 -13.78 19.71
C TYR G 285 12.55 -14.43 21.07
N LEU G 286 12.28 -13.72 22.16
CA LEU G 286 12.47 -14.22 23.55
C LEU G 286 11.62 -15.48 23.75
N GLU G 287 10.38 -15.47 23.24
CA GLU G 287 9.40 -16.59 23.38
C GLU G 287 10.01 -17.89 22.81
N LYS G 288 10.74 -17.80 21.69
CA LYS G 288 11.24 -18.97 20.93
C LYS G 288 12.58 -19.45 21.50
N ASN G 289 13.49 -18.52 21.84
CA ASN G 289 14.91 -18.84 22.20
C ASN G 289 15.10 -18.88 23.71
N SER G 290 14.08 -18.51 24.50
CA SER G 290 14.04 -18.71 25.98
C SER G 290 14.04 -20.22 26.28
N MET H 1 65.05 -11.38 21.15
CA MET H 1 63.66 -10.87 20.96
C MET H 1 63.67 -9.33 21.01
N LYS H 2 62.75 -8.71 20.27
CA LYS H 2 62.38 -7.27 20.43
C LYS H 2 61.10 -7.22 21.26
N ILE H 3 61.13 -6.59 22.42
CA ILE H 3 60.00 -6.57 23.41
C ILE H 3 59.59 -5.12 23.67
N ALA H 4 58.29 -4.84 23.52
CA ALA H 4 57.66 -3.56 23.89
C ALA H 4 57.21 -3.64 25.36
N VAL H 5 57.42 -2.57 26.11
CA VAL H 5 56.94 -2.43 27.52
C VAL H 5 55.99 -1.22 27.55
N LEU H 6 54.69 -1.49 27.65
CA LEU H 6 53.62 -0.45 27.67
C LEU H 6 53.54 0.13 29.09
N SER H 7 54.19 1.28 29.32
CA SER H 7 54.28 1.93 30.64
C SER H 7 54.16 3.45 30.49
N ARG H 8 53.34 4.09 31.34
CA ARG H 8 53.14 5.56 31.39
C ARG H 8 54.43 6.24 31.87
N ASN H 9 55.20 5.57 32.74
CA ASN H 9 56.42 6.11 33.38
C ASN H 9 57.55 5.09 33.29
N PRO H 10 58.59 5.34 32.46
CA PRO H 10 59.73 4.43 32.34
C PRO H 10 60.73 4.51 33.51
N ARG H 11 60.56 5.48 34.41
CA ARG H 11 61.48 5.77 35.55
C ARG H 11 60.96 5.08 36.83
N LEU H 12 59.83 4.38 36.75
CA LEU H 12 59.26 3.60 37.88
C LEU H 12 59.99 2.26 38.02
N TYR H 13 60.22 1.80 39.25
CA TYR H 13 61.06 0.62 39.60
C TYR H 13 60.72 -0.55 38.67
N SER H 14 59.44 -0.93 38.59
CA SER H 14 58.95 -2.16 37.92
C SER H 14 59.26 -2.14 36.42
N THR H 15 59.17 -0.97 35.77
CA THR H 15 59.45 -0.81 34.32
C THR H 15 60.97 -0.86 34.10
N ARG H 16 61.74 -0.10 34.88
CA ARG H 16 63.23 -0.10 34.85
C ARG H 16 63.73 -1.54 34.94
N ARG H 17 63.23 -2.30 35.93
CA ARG H 17 63.66 -3.70 36.21
C ARG H 17 63.34 -4.60 35.01
N LEU H 18 62.21 -4.39 34.34
CA LEU H 18 61.79 -5.22 33.18
C LEU H 18 62.73 -4.95 31.99
N VAL H 19 63.18 -3.71 31.78
CA VAL H 19 64.11 -3.39 30.66
C VAL H 19 65.50 -3.94 31.03
N GLU H 20 65.94 -3.77 32.28
CA GLU H 20 67.22 -4.34 32.78
C GLU H 20 67.29 -5.83 32.47
N ALA H 21 66.38 -6.62 33.07
CA ALA H 21 66.29 -8.09 32.95
C ALA H 21 66.34 -8.49 31.48
N GLY H 22 65.64 -7.74 30.62
CA GLY H 22 65.58 -7.95 29.17
C GLY H 22 66.93 -7.72 28.52
N ILE H 23 67.51 -6.53 28.73
CA ILE H 23 68.84 -6.12 28.17
C ILE H 23 69.88 -7.14 28.65
N GLU H 24 69.87 -7.47 29.94
CA GLU H 24 70.79 -8.47 30.58
C GLU H 24 70.76 -9.78 29.79
N ARG H 25 69.60 -10.17 29.28
CA ARG H 25 69.35 -11.48 28.61
C ARG H 25 69.40 -11.32 27.08
N GLY H 26 69.88 -10.16 26.61
CA GLY H 26 70.30 -9.93 25.21
C GLY H 26 69.16 -9.49 24.31
N HIS H 27 68.04 -9.04 24.88
CA HIS H 27 66.82 -8.62 24.14
C HIS H 27 66.86 -7.10 23.90
N GLU H 28 66.15 -6.63 22.87
CA GLU H 28 65.96 -5.19 22.57
C GLU H 28 64.66 -4.72 23.24
N MET H 29 64.77 -3.83 24.22
CA MET H 29 63.66 -3.38 25.09
C MET H 29 63.26 -1.96 24.70
N VAL H 30 62.01 -1.75 24.30
CA VAL H 30 61.45 -0.41 23.93
C VAL H 30 60.30 -0.10 24.89
N VAL H 31 60.36 1.03 25.58
CA VAL H 31 59.29 1.56 26.47
C VAL H 31 58.36 2.45 25.63
N ILE H 32 57.06 2.14 25.63
CA ILE H 32 56.00 2.83 24.84
C ILE H 32 54.97 3.41 25.81
N ASP H 33 54.82 4.75 25.82
CA ASP H 33 53.69 5.44 26.48
C ASP H 33 52.46 5.26 25.57
N THR H 34 51.54 4.37 25.95
CA THR H 34 50.40 3.92 25.10
C THR H 34 49.64 5.13 24.54
N LEU H 35 49.48 6.20 25.32
CA LEU H 35 48.71 7.41 24.92
C LEU H 35 49.37 8.10 23.72
N ARG H 36 50.70 8.00 23.58
CA ARG H 36 51.49 8.67 22.52
C ARG H 36 51.57 7.77 21.27
N ALA H 37 51.09 6.53 21.37
CA ALA H 37 50.86 5.62 20.23
C ALA H 37 49.56 6.00 19.54
N TYR H 38 49.56 6.02 18.21
CA TYR H 38 48.38 6.24 17.34
C TYR H 38 48.44 5.20 16.22
N MET H 39 47.29 4.77 15.69
CA MET H 39 47.22 3.59 14.80
C MET H 39 46.14 3.76 13.74
N ASN H 40 46.31 3.00 12.66
CA ASN H 40 45.34 2.79 11.56
C ASN H 40 44.86 1.33 11.69
N ILE H 41 43.57 1.11 11.87
CA ILE H 41 42.98 -0.27 11.90
C ILE H 41 42.65 -0.68 10.46
N ALA H 42 42.98 -1.91 10.08
CA ALA H 42 42.87 -2.40 8.68
C ALA H 42 43.13 -3.91 8.66
N SER H 43 42.41 -4.63 7.78
CA SER H 43 42.58 -6.09 7.53
C SER H 43 44.00 -6.39 7.08
N HIS H 44 44.43 -5.81 5.94
CA HIS H 44 45.75 -6.02 5.29
C HIS H 44 46.88 -5.50 6.19
N LYS H 45 47.25 -4.23 6.08
CA LYS H 45 48.47 -3.63 6.72
C LYS H 45 48.05 -2.73 7.88
N PRO H 46 47.72 -3.30 9.06
CA PRO H 46 47.42 -2.48 10.25
C PRO H 46 48.70 -1.91 10.88
N GLN H 47 48.73 -0.60 11.10
CA GLN H 47 49.93 0.14 11.56
C GLN H 47 49.73 0.61 13.00
N ILE H 48 50.81 0.60 13.80
CA ILE H 48 50.99 1.45 15.01
C ILE H 48 52.18 2.37 14.73
N HIS H 49 51.98 3.68 14.87
CA HIS H 49 53.04 4.73 14.78
C HIS H 49 53.27 5.31 16.17
N TYR H 50 54.46 5.88 16.39
CA TYR H 50 54.93 6.43 17.69
C TYR H 50 55.98 7.52 17.40
N ARG H 51 55.68 8.77 17.77
CA ARG H 51 56.55 9.94 17.53
C ARG H 51 57.03 9.98 16.07
N GLY H 52 56.12 9.74 15.12
CA GLY H 52 56.35 9.96 13.68
C GLY H 52 56.80 8.71 12.94
N LYS H 53 57.34 7.73 13.66
CA LYS H 53 57.94 6.49 13.08
C LYS H 53 57.03 5.30 13.39
N PRO H 54 56.97 4.28 12.50
CA PRO H 54 56.19 3.07 12.77
C PRO H 54 56.85 2.15 13.81
N LEU H 55 56.06 1.38 14.56
CA LEU H 55 56.52 0.32 15.50
C LEU H 55 56.42 -1.03 14.79
N GLU H 56 57.56 -1.62 14.42
CA GLU H 56 57.67 -2.86 13.62
C GLU H 56 58.50 -3.91 14.35
N GLY H 57 58.40 -5.16 13.91
CA GLY H 57 59.32 -6.26 14.23
C GLY H 57 59.35 -6.61 15.71
N PHE H 58 58.29 -6.27 16.45
CA PHE H 58 58.13 -6.64 17.89
C PHE H 58 57.71 -8.11 17.97
N ASP H 59 58.34 -8.87 18.87
CA ASP H 59 58.09 -10.31 19.09
C ASP H 59 57.12 -10.49 20.26
N ALA H 60 57.21 -9.64 21.27
CA ALA H 60 56.38 -9.72 22.51
C ALA H 60 56.12 -8.31 23.06
N VAL H 61 55.06 -8.18 23.85
CA VAL H 61 54.66 -6.92 24.53
C VAL H 61 54.30 -7.25 25.99
N ILE H 62 54.83 -6.47 26.93
CA ILE H 62 54.52 -6.55 28.39
C ILE H 62 53.59 -5.39 28.73
N PRO H 63 52.27 -5.63 28.89
CA PRO H 63 51.34 -4.56 29.21
C PRO H 63 51.37 -4.24 30.71
N ARG H 64 51.82 -3.04 31.07
CA ARG H 64 51.74 -2.47 32.44
C ARG H 64 50.70 -1.34 32.44
N ILE H 65 49.43 -1.70 32.25
CA ILE H 65 48.30 -0.74 32.14
C ILE H 65 47.95 -0.26 33.57
N GLY H 66 47.93 1.06 33.78
CA GLY H 66 47.57 1.70 35.05
C GLY H 66 46.07 1.75 35.25
N ALA H 67 45.64 2.02 36.49
CA ALA H 67 44.21 2.14 36.89
C ALA H 67 43.70 3.54 36.53
N SER H 68 43.64 3.86 35.24
CA SER H 68 43.23 5.17 34.68
C SER H 68 41.86 5.04 34.00
N VAL H 69 41.38 6.12 33.36
CA VAL H 69 40.14 6.15 32.52
C VAL H 69 40.55 5.74 31.09
N THR H 70 41.24 4.60 30.96
CA THR H 70 42.08 4.22 29.80
C THR H 70 41.52 2.96 29.12
N PHE H 71 40.46 3.13 28.31
CA PHE H 71 40.04 2.15 27.28
C PHE H 71 41.09 2.12 26.15
N TYR H 72 41.81 3.23 25.96
CA TYR H 72 42.81 3.43 24.88
C TYR H 72 43.99 2.48 25.07
N GLY H 73 44.50 2.34 26.30
CA GLY H 73 45.63 1.46 26.64
C GLY H 73 45.38 0.03 26.18
N CYS H 74 44.20 -0.50 26.46
CA CYS H 74 43.75 -1.86 26.04
C CYS H 74 43.70 -1.93 24.50
N ALA H 75 43.29 -0.86 23.83
CA ALA H 75 43.17 -0.76 22.35
C ALA H 75 44.56 -0.89 21.72
N VAL H 76 45.57 -0.23 22.29
CA VAL H 76 46.98 -0.28 21.82
C VAL H 76 47.50 -1.71 21.99
N LEU H 77 47.23 -2.35 23.13
CA LEU H 77 47.60 -3.76 23.41
C LEU H 77 46.91 -4.67 22.37
N ARG H 78 45.64 -4.41 22.07
CA ARG H 78 44.83 -5.22 21.14
C ARG H 78 45.45 -5.15 19.73
N GLN H 79 45.87 -3.96 19.26
CA GLN H 79 46.54 -3.80 17.94
C GLN H 79 47.76 -4.72 17.89
N PHE H 80 48.61 -4.66 18.91
CA PHE H 80 49.85 -5.49 19.02
C PHE H 80 49.45 -6.95 18.83
N GLU H 81 48.44 -7.42 19.58
CA GLU H 81 47.94 -8.82 19.54
C GLU H 81 47.53 -9.18 18.11
N MET H 82 46.74 -8.32 17.47
CA MET H 82 46.17 -8.52 16.12
C MET H 82 47.28 -8.45 15.05
N MET H 83 48.38 -7.75 15.35
CA MET H 83 49.56 -7.65 14.46
C MET H 83 50.54 -8.80 14.74
N GLY H 84 50.14 -9.79 15.56
CA GLY H 84 50.86 -11.07 15.74
C GLY H 84 51.80 -11.06 16.93
N VAL H 85 51.97 -9.93 17.61
CA VAL H 85 52.90 -9.77 18.77
C VAL H 85 52.33 -10.53 19.97
N PHE H 86 53.17 -11.31 20.64
CA PHE H 86 52.80 -12.16 21.81
C PHE H 86 52.66 -11.29 23.05
N PRO H 87 51.48 -11.26 23.70
CA PRO H 87 51.30 -10.52 24.95
C PRO H 87 51.60 -11.37 26.18
N LEU H 88 52.23 -10.76 27.20
CA LEU H 88 52.51 -11.42 28.50
C LEU H 88 51.18 -11.85 29.13
N ASN H 89 50.22 -10.92 29.13
CA ASN H 89 48.80 -11.14 29.51
C ASN H 89 47.91 -10.64 28.36
N GLU H 90 46.91 -11.42 27.97
CA GLU H 90 45.98 -11.08 26.85
C GLU H 90 45.09 -9.92 27.29
N SER H 91 44.75 -9.02 26.38
CA SER H 91 43.84 -7.85 26.61
C SER H 91 42.51 -8.34 27.21
N VAL H 92 42.01 -9.47 26.71
CA VAL H 92 40.74 -10.11 27.19
C VAL H 92 40.83 -10.30 28.70
N ALA H 93 41.92 -10.91 29.18
CA ALA H 93 42.16 -11.26 30.59
C ALA H 93 42.31 -9.98 31.43
N ILE H 94 43.01 -8.98 30.91
CA ILE H 94 43.31 -7.69 31.63
C ILE H 94 41.98 -6.96 31.89
N ALA H 95 41.10 -6.93 30.88
CA ALA H 95 39.75 -6.32 30.96
C ALA H 95 38.93 -7.00 32.07
N ARG H 96 39.02 -8.32 32.20
CA ARG H 96 38.36 -9.11 33.27
C ARG H 96 38.84 -8.66 34.65
N SER H 97 40.17 -8.53 34.81
CA SER H 97 40.86 -8.22 36.10
C SER H 97 40.54 -6.81 36.58
N ARG H 98 40.53 -5.84 35.67
CA ARG H 98 40.44 -4.40 36.01
C ARG H 98 39.01 -4.06 36.43
N ASP H 99 38.01 -4.79 35.95
CA ASP H 99 36.60 -4.67 36.40
C ASP H 99 36.44 -5.48 37.69
N LYS H 100 36.60 -4.82 38.85
CA LYS H 100 36.66 -5.50 40.18
C LYS H 100 35.33 -6.21 40.46
N LEU H 101 34.19 -5.62 40.06
CA LEU H 101 32.84 -6.22 40.20
C LEU H 101 32.82 -7.55 39.43
N ARG H 102 33.15 -7.51 38.14
CA ARG H 102 33.14 -8.67 37.23
C ARG H 102 34.12 -9.73 37.74
N SER H 103 35.31 -9.29 38.20
CA SER H 103 36.40 -10.15 38.69
C SER H 103 35.89 -11.03 39.84
N LEU H 104 35.27 -10.42 40.86
CA LEU H 104 34.76 -11.13 42.06
C LEU H 104 33.61 -12.06 41.66
N GLN H 105 32.72 -11.62 40.78
CA GLN H 105 31.59 -12.44 40.27
C GLN H 105 32.14 -13.72 39.63
N LEU H 106 33.23 -13.61 38.86
CA LEU H 106 33.79 -14.73 38.07
C LEU H 106 34.47 -15.72 39.03
N LEU H 107 35.20 -15.22 40.01
CA LEU H 107 35.89 -16.02 41.06
C LEU H 107 34.83 -16.76 41.89
N SER H 108 33.75 -16.06 42.26
CA SER H 108 32.62 -16.60 43.04
C SER H 108 31.99 -17.79 42.31
N ARG H 109 31.75 -17.65 41.01
CA ARG H 109 31.03 -18.66 40.19
C ARG H 109 31.89 -19.92 40.06
N ARG H 110 33.23 -19.78 40.00
CA ARG H 110 34.18 -20.92 39.85
C ARG H 110 34.59 -21.47 41.22
N GLY H 111 33.97 -20.99 42.30
CA GLY H 111 34.07 -21.57 43.66
C GLY H 111 35.37 -21.23 44.37
N ILE H 112 36.04 -20.14 43.97
CA ILE H 112 37.22 -19.58 44.69
C ILE H 112 36.71 -18.97 46.00
N GLY H 113 37.39 -19.25 47.11
CA GLY H 113 37.03 -18.68 48.43
C GLY H 113 37.12 -17.17 48.39
N LEU H 114 36.02 -16.49 48.71
CA LEU H 114 35.96 -15.00 48.86
C LEU H 114 35.36 -14.67 50.22
N PRO H 115 35.58 -13.45 50.74
CA PRO H 115 34.78 -12.95 51.86
C PRO H 115 33.32 -12.84 51.38
N VAL H 116 32.36 -12.91 52.30
CA VAL H 116 30.93 -12.61 52.00
C VAL H 116 30.88 -11.15 51.48
N THR H 117 30.31 -10.94 50.30
CA THR H 117 30.45 -9.69 49.53
C THR H 117 29.10 -9.24 48.94
N GLY H 118 28.80 -7.96 49.06
CA GLY H 118 27.63 -7.30 48.46
C GLY H 118 28.05 -6.13 47.57
N PHE H 119 27.26 -5.85 46.54
CA PHE H 119 27.41 -4.67 45.63
C PHE H 119 26.15 -3.81 45.69
N ALA H 120 26.32 -2.50 45.52
CA ALA H 120 25.24 -1.49 45.54
C ALA H 120 25.72 -0.26 44.75
N HIS H 121 24.78 0.58 44.30
CA HIS H 121 25.07 1.93 43.74
C HIS H 121 24.14 2.95 44.39
N SER H 122 22.83 2.81 44.15
CA SER H 122 21.75 3.66 44.69
C SER H 122 20.69 2.79 45.36
N PRO H 123 21.07 1.99 46.38
CA PRO H 123 20.11 1.13 47.08
C PRO H 123 19.09 1.97 47.88
N ASP H 124 17.82 1.55 47.87
CA ASP H 124 16.71 2.26 48.56
C ASP H 124 16.60 1.73 49.99
N ASP H 125 16.92 0.45 50.21
CA ASP H 125 16.85 -0.22 51.54
C ASP H 125 18.26 -0.66 51.96
N ILE H 126 19.03 0.25 52.55
CA ILE H 126 20.44 0.01 52.97
C ILE H 126 20.45 -1.02 54.11
N PRO H 127 19.56 -0.93 55.13
CA PRO H 127 19.46 -1.97 56.14
C PRO H 127 19.36 -3.39 55.53
N ASP H 128 18.62 -3.53 54.43
CA ASP H 128 18.41 -4.83 53.72
C ASP H 128 19.76 -5.29 53.13
N LEU H 129 20.52 -4.37 52.53
CA LEU H 129 21.87 -4.64 51.96
C LEU H 129 22.79 -5.17 53.09
N ILE H 130 22.78 -4.50 54.24
CA ILE H 130 23.64 -4.85 55.42
C ILE H 130 23.26 -6.26 55.91
N GLN H 131 21.96 -6.55 56.01
CA GLN H 131 21.40 -7.85 56.45
C GLN H 131 21.88 -8.97 55.51
N MET H 132 21.95 -8.69 54.19
CA MET H 132 22.32 -9.68 53.14
C MET H 132 23.76 -10.15 53.30
N VAL H 133 24.60 -9.36 53.97
CA VAL H 133 26.07 -9.60 54.14
C VAL H 133 26.35 -9.97 55.60
N ASN H 134 25.35 -10.47 56.32
CA ASN H 134 25.44 -10.99 57.72
C ASN H 134 25.81 -9.86 58.69
N GLY H 135 25.48 -8.60 58.35
CA GLY H 135 25.56 -7.45 59.25
C GLY H 135 26.99 -7.02 59.59
N ALA H 136 27.13 -6.07 60.50
CA ALA H 136 28.41 -5.48 60.98
C ALA H 136 29.15 -6.52 61.82
N PRO H 137 30.50 -6.44 61.96
CA PRO H 137 31.31 -5.40 61.32
C PRO H 137 31.51 -5.64 59.82
N LEU H 138 31.43 -4.56 59.03
CA LEU H 138 31.53 -4.58 57.53
C LEU H 138 32.66 -3.66 57.10
N VAL H 139 33.44 -4.09 56.11
CA VAL H 139 34.40 -3.25 55.34
C VAL H 139 33.65 -2.70 54.13
N ILE H 140 33.77 -1.39 53.87
CA ILE H 140 33.02 -0.67 52.81
C ILE H 140 34.04 0.05 51.91
N LYS H 141 34.19 -0.44 50.67
CA LYS H 141 35.11 0.12 49.65
C LYS H 141 34.28 0.88 48.62
N VAL H 142 34.80 2.01 48.13
CA VAL H 142 34.28 2.73 46.93
C VAL H 142 35.11 2.29 45.72
N LEU H 143 34.51 2.26 44.53
CA LEU H 143 35.17 1.88 43.26
C LEU H 143 35.06 3.03 42.26
N GLU H 144 36.20 3.54 41.77
CA GLU H 144 36.27 4.50 40.64
C GLU H 144 36.87 3.77 39.43
N GLY H 145 36.08 2.87 38.83
CA GLY H 145 36.47 2.03 37.68
C GLY H 145 37.28 0.81 38.12
N THR H 146 38.61 0.98 38.24
CA THR H 146 39.59 -0.09 38.55
C THR H 146 40.06 0.03 40.01
N GLN H 147 40.30 1.26 40.50
CA GLN H 147 40.89 1.54 41.84
C GLN H 147 39.82 1.37 42.92
N GLY H 148 40.19 0.77 44.06
CA GLY H 148 39.37 0.68 45.29
C GLY H 148 39.66 1.87 46.20
N ILE H 149 39.26 3.07 45.77
CA ILE H 149 39.86 4.40 46.13
C ILE H 149 39.90 4.55 47.65
N GLY H 150 38.78 4.27 48.34
CA GLY H 150 38.63 4.40 49.81
C GLY H 150 38.17 3.10 50.43
N VAL H 151 38.58 2.83 51.67
CA VAL H 151 38.21 1.62 52.47
C VAL H 151 37.94 2.08 53.92
N VAL H 152 36.78 1.70 54.46
CA VAL H 152 36.34 2.07 55.84
C VAL H 152 35.85 0.80 56.54
N LEU H 153 36.38 0.51 57.74
CA LEU H 153 35.82 -0.49 58.67
C LEU H 153 34.69 0.17 59.46
N CYS H 154 33.48 -0.40 59.39
CA CYS H 154 32.28 0.05 60.13
C CYS H 154 31.89 -1.02 61.16
N GLU H 155 31.98 -0.68 62.45
CA GLU H 155 31.83 -1.62 63.59
C GLU H 155 30.35 -1.94 63.81
N THR H 156 29.47 -0.95 63.65
CA THR H 156 28.01 -1.04 63.89
C THR H 156 27.26 -0.80 62.58
N ALA H 157 26.03 -1.32 62.46
CA ALA H 157 25.16 -1.18 61.28
C ALA H 157 24.77 0.29 61.07
N THR H 158 24.73 1.09 62.15
CA THR H 158 24.47 2.55 62.12
C THR H 158 25.56 3.24 61.29
N ALA H 159 26.83 2.96 61.61
CA ALA H 159 28.03 3.52 60.93
C ALA H 159 28.05 3.04 59.48
N ALA H 160 27.78 1.77 59.23
CA ALA H 160 27.71 1.15 57.89
C ALA H 160 26.71 1.92 57.03
N GLU H 161 25.49 2.11 57.55
CA GLU H 161 24.39 2.82 56.84
C GLU H 161 24.81 4.26 56.56
N SER H 162 25.44 4.92 57.53
CA SER H 162 25.86 6.35 57.47
C SER H 162 26.92 6.55 56.38
N VAL H 163 27.87 5.61 56.27
CA VAL H 163 29.02 5.67 55.32
C VAL H 163 28.51 5.34 53.91
N ILE H 164 27.64 4.34 53.76
CA ILE H 164 27.07 3.93 52.44
C ILE H 164 26.29 5.12 51.86
N GLU H 165 25.50 5.80 52.69
CA GLU H 165 24.68 6.98 52.30
C GLU H 165 25.59 8.09 51.76
N ALA H 166 26.75 8.29 52.41
CA ALA H 166 27.74 9.32 52.02
C ALA H 166 28.29 8.99 50.63
N PHE H 167 28.70 7.74 50.41
CA PHE H 167 29.32 7.26 49.14
C PHE H 167 28.28 7.27 48.02
N MET H 168 27.02 6.98 48.34
CA MET H 168 25.86 7.10 47.41
C MET H 168 25.83 8.53 46.83
N GLY H 169 25.95 9.52 47.72
CA GLY H 169 26.00 10.95 47.35
C GLY H 169 27.02 11.24 46.26
N LEU H 170 28.15 10.52 46.27
CA LEU H 170 29.28 10.71 45.31
C LEU H 170 29.05 9.90 44.02
N LYS H 171 27.89 9.26 43.90
CA LYS H 171 27.43 8.50 42.68
C LYS H 171 28.50 7.47 42.29
N GLN H 172 29.08 6.78 43.28
CA GLN H 172 30.16 5.77 43.08
C GLN H 172 29.59 4.37 43.33
N ASP H 173 30.10 3.37 42.61
CA ASP H 173 29.81 1.92 42.85
C ASP H 173 30.36 1.56 44.23
N ILE H 174 29.54 0.93 45.08
CA ILE H 174 29.88 0.63 46.50
C ILE H 174 30.01 -0.89 46.67
N MET H 175 31.06 -1.32 47.37
CA MET H 175 31.30 -2.75 47.73
C MET H 175 31.24 -2.89 49.25
N VAL H 176 30.41 -3.83 49.72
CA VAL H 176 30.19 -4.14 51.16
C VAL H 176 30.71 -5.55 51.40
N GLN H 177 31.65 -5.72 52.34
CA GLN H 177 32.40 -6.99 52.52
C GLN H 177 32.49 -7.35 54.02
N GLU H 178 32.27 -8.63 54.32
CA GLU H 178 32.48 -9.28 55.64
C GLU H 178 33.90 -8.93 56.12
N TYR H 179 34.03 -8.34 57.31
CA TYR H 179 35.34 -8.03 57.95
C TYR H 179 35.92 -9.31 58.58
N ILE H 180 37.13 -9.68 58.18
CA ILE H 180 37.84 -10.90 58.66
C ILE H 180 38.89 -10.46 59.69
N LYS H 181 38.47 -10.42 60.96
CA LYS H 181 39.26 -9.91 62.11
C LYS H 181 40.44 -10.85 62.42
N GLU H 182 40.32 -12.13 62.05
CA GLU H 182 41.33 -13.19 62.37
C GLU H 182 42.66 -12.89 61.65
N ALA H 183 42.60 -12.19 60.51
CA ALA H 183 43.75 -11.85 59.64
C ALA H 183 44.77 -10.99 60.38
N GLY H 184 44.30 -10.16 61.33
CA GLY H 184 45.14 -9.29 62.18
C GLY H 184 45.75 -8.15 61.38
N GLY H 185 45.06 -7.70 60.33
CA GLY H 185 45.54 -6.67 59.39
C GLY H 185 46.74 -7.13 58.61
N ALA H 186 46.71 -8.38 58.11
CA ALA H 186 47.79 -9.01 57.32
C ALA H 186 47.20 -9.74 56.12
N ASP H 187 47.91 -9.74 54.99
CA ASP H 187 47.53 -10.49 53.77
C ASP H 187 48.79 -11.13 53.17
N ILE H 188 48.60 -12.26 52.48
CA ILE H 188 49.63 -12.94 51.65
C ILE H 188 49.50 -12.39 50.23
N ARG H 189 50.57 -11.82 49.67
CA ARG H 189 50.66 -11.49 48.22
C ARG H 189 51.44 -12.61 47.53
N CYS H 190 50.75 -13.47 46.77
CA CYS H 190 51.36 -14.55 45.94
C CYS H 190 51.57 -14.02 44.51
N PHE H 191 52.74 -14.32 43.93
CA PHE H 191 53.19 -13.82 42.62
C PHE H 191 53.23 -14.97 41.62
N VAL H 192 52.29 -14.99 40.67
CA VAL H 192 52.10 -16.08 39.68
C VAL H 192 52.82 -15.73 38.36
N VAL H 193 53.59 -16.67 37.83
CA VAL H 193 54.16 -16.64 36.45
C VAL H 193 54.00 -18.05 35.86
N GLY H 194 53.20 -18.19 34.79
CA GLY H 194 52.84 -19.50 34.22
C GLY H 194 52.05 -20.32 35.23
N ASP H 195 52.44 -21.57 35.45
CA ASP H 195 51.72 -22.55 36.32
C ASP H 195 52.30 -22.57 37.73
N LYS H 196 53.06 -21.54 38.12
CA LYS H 196 53.90 -21.56 39.36
C LYS H 196 53.72 -20.24 40.14
N VAL H 197 53.63 -20.35 41.47
CA VAL H 197 53.81 -19.22 42.42
C VAL H 197 55.32 -19.10 42.68
N ILE H 198 55.98 -18.15 42.02
CA ILE H 198 57.47 -18.02 41.99
C ILE H 198 57.96 -17.28 43.25
N ALA H 199 57.10 -16.49 43.89
CA ALA H 199 57.44 -15.66 45.07
C ALA H 199 56.17 -15.33 45.87
N SER H 200 56.32 -15.17 47.18
CA SER H 200 55.23 -14.84 48.14
C SER H 200 55.78 -13.93 49.24
N MET H 201 54.92 -13.17 49.91
CA MET H 201 55.31 -12.32 51.07
C MET H 201 54.06 -11.92 51.88
N LYS H 202 54.21 -11.83 53.20
CA LYS H 202 53.18 -11.29 54.13
C LYS H 202 53.34 -9.78 54.19
N ARG H 203 52.23 -9.04 54.16
CA ARG H 203 52.17 -7.57 54.44
C ARG H 203 51.49 -7.39 55.80
N GLN H 204 51.92 -6.40 56.60
CA GLN H 204 51.42 -6.16 57.98
C GLN H 204 51.09 -4.67 58.15
N ALA H 205 50.01 -4.36 58.88
CA ALA H 205 49.58 -2.99 59.23
C ALA H 205 50.42 -2.47 60.40
N LYS H 206 50.29 -1.18 60.73
CA LYS H 206 50.98 -0.51 61.88
C LYS H 206 50.40 -1.06 63.19
N PRO H 207 51.02 -0.76 64.35
CA PRO H 207 50.58 -1.30 65.64
C PRO H 207 49.06 -1.27 65.93
N GLY H 208 48.31 -0.32 65.35
CA GLY H 208 46.89 -0.06 65.66
C GLY H 208 45.93 -0.47 64.55
N GLU H 209 46.24 -0.14 63.30
CA GLU H 209 45.25 -0.12 62.18
C GLU H 209 45.16 -1.50 61.50
N PHE H 210 44.34 -1.59 60.43
CA PHE H 210 43.97 -2.85 59.72
C PHE H 210 44.43 -2.78 58.26
N SER H 219 55.11 -3.14 57.26
CA SER H 219 56.21 -4.14 57.15
C SER H 219 55.81 -5.27 56.18
N ALA H 220 56.73 -5.68 55.30
CA ALA H 220 56.64 -6.92 54.49
C ALA H 220 57.71 -7.90 54.97
N SER H 221 57.42 -9.21 54.91
CA SER H 221 58.33 -10.28 55.40
C SER H 221 58.11 -11.57 54.59
N LEU H 222 59.07 -12.49 54.67
CA LEU H 222 59.02 -13.84 54.04
C LEU H 222 57.91 -14.67 54.71
N ILE H 223 57.27 -15.56 53.97
CA ILE H 223 56.23 -16.49 54.50
C ILE H 223 56.20 -17.78 53.66
N LYS H 224 56.21 -18.94 54.33
CA LYS H 224 55.97 -20.26 53.71
C LYS H 224 54.45 -20.42 53.54
N ILE H 225 53.97 -20.48 52.29
CA ILE H 225 52.52 -20.59 51.97
C ILE H 225 52.11 -22.06 52.02
N THR H 226 50.86 -22.33 52.42
CA THR H 226 50.25 -23.68 52.50
C THR H 226 50.03 -24.18 51.07
N PRO H 227 49.92 -25.51 50.84
CA PRO H 227 49.59 -26.03 49.51
C PRO H 227 48.24 -25.52 48.97
N GLU H 228 47.27 -25.24 49.85
CA GLU H 228 45.92 -24.78 49.44
C GLU H 228 45.96 -23.29 49.08
N GLU H 229 46.86 -22.53 49.71
CA GLU H 229 47.09 -21.09 49.39
C GLU H 229 47.73 -20.97 48.00
N ARG H 230 48.73 -21.81 47.71
CA ARG H 230 49.38 -21.92 46.38
C ARG H 230 48.31 -22.27 45.33
N MET H 231 47.54 -23.31 45.59
CA MET H 231 46.50 -23.86 44.67
C MET H 231 45.45 -22.77 44.39
N THR H 232 45.07 -21.98 45.40
CA THR H 232 44.07 -20.89 45.31
C THR H 232 44.61 -19.79 44.38
N ALA H 233 45.87 -19.38 44.58
CA ALA H 233 46.55 -18.30 43.81
C ALA H 233 46.58 -18.69 42.33
N LEU H 234 47.01 -19.91 42.01
CA LEU H 234 47.12 -20.43 40.62
C LEU H 234 45.73 -20.47 39.98
N ARG H 235 44.73 -21.00 40.71
CA ARG H 235 43.33 -21.16 40.21
C ARG H 235 42.73 -19.78 39.95
N ALA H 236 42.97 -18.80 40.84
CA ALA H 236 42.45 -17.43 40.73
C ALA H 236 42.98 -16.79 39.44
N ALA H 237 44.29 -16.91 39.18
CA ALA H 237 44.96 -16.39 37.98
C ALA H 237 44.41 -17.09 36.72
N LYS H 238 44.16 -18.39 36.79
CA LYS H 238 43.72 -19.21 35.62
C LYS H 238 42.28 -18.83 35.25
N VAL H 239 41.43 -18.57 36.25
CA VAL H 239 40.02 -18.14 36.08
C VAL H 239 39.97 -16.78 35.36
N MET H 240 40.86 -15.86 35.72
CA MET H 240 40.97 -14.53 35.05
C MET H 240 41.60 -14.71 33.66
N GLY H 241 42.38 -15.77 33.48
CA GLY H 241 43.08 -16.10 32.21
C GLY H 241 44.40 -15.34 32.09
N LEU H 242 45.05 -15.06 33.22
CA LEU H 242 46.33 -14.32 33.29
C LEU H 242 47.49 -15.30 33.39
N SER H 243 48.58 -15.03 32.68
CA SER H 243 49.85 -15.79 32.75
C SER H 243 50.72 -15.24 33.89
N VAL H 244 50.68 -13.92 34.08
CA VAL H 244 51.40 -13.22 35.19
C VAL H 244 50.37 -12.42 35.99
N ALA H 245 50.33 -12.62 37.31
CA ALA H 245 49.36 -11.95 38.21
C ALA H 245 49.89 -11.93 39.64
N GLY H 246 49.53 -10.87 40.39
CA GLY H 246 49.60 -10.83 41.86
C GLY H 246 48.25 -11.15 42.45
N VAL H 247 48.19 -12.17 43.32
CA VAL H 247 46.93 -12.60 44.01
C VAL H 247 47.07 -12.29 45.51
N ASP H 248 46.25 -11.40 46.04
CA ASP H 248 46.20 -11.06 47.49
C ASP H 248 45.23 -12.02 48.18
N ILE H 249 45.66 -12.60 49.31
CA ILE H 249 44.94 -13.67 50.04
C ILE H 249 44.88 -13.30 51.53
N LEU H 250 43.75 -13.57 52.19
CA LEU H 250 43.56 -13.45 53.66
C LEU H 250 43.53 -14.86 54.25
N ARG H 251 44.32 -15.09 55.30
CA ARG H 251 44.23 -16.31 56.14
C ARG H 251 43.04 -16.17 57.07
N SER H 252 41.96 -16.92 56.82
CA SER H 252 40.71 -16.91 57.60
C SER H 252 40.52 -18.25 58.32
N ASN H 253 39.59 -18.30 59.28
CA ASN H 253 39.23 -19.51 60.04
C ASN H 253 38.76 -20.61 59.09
N HIS H 254 38.10 -20.25 57.98
CA HIS H 254 37.50 -21.21 57.01
C HIS H 254 38.34 -21.27 55.72
N GLY H 255 39.64 -20.97 55.81
CA GLY H 255 40.62 -21.18 54.72
C GLY H 255 41.08 -19.89 54.06
N PRO H 256 41.84 -19.97 52.94
CA PRO H 256 42.30 -18.78 52.24
C PRO H 256 41.20 -18.11 51.42
N LEU H 257 41.12 -16.80 51.49
CA LEU H 257 40.11 -15.95 50.78
C LEU H 257 40.85 -14.93 49.90
N VAL H 258 40.51 -14.89 48.62
CA VAL H 258 41.13 -13.97 47.61
C VAL H 258 40.50 -12.58 47.78
N MET H 259 41.36 -11.55 47.88
CA MET H 259 40.94 -10.12 48.00
C MET H 259 40.94 -9.50 46.60
N GLU H 260 42.06 -9.61 45.90
CA GLU H 260 42.29 -8.98 44.57
C GLU H 260 43.14 -9.91 43.70
N VAL H 261 42.95 -9.81 42.38
CA VAL H 261 43.85 -10.39 41.34
C VAL H 261 44.29 -9.24 40.44
N ASN H 262 45.58 -8.89 40.49
CA ASN H 262 46.19 -7.74 39.79
C ASN H 262 46.93 -8.25 38.55
N SER H 263 46.58 -7.73 37.37
CA SER H 263 47.08 -8.18 36.05
C SER H 263 48.47 -7.61 35.77
N SER H 264 48.89 -6.56 36.47
CA SER H 264 50.27 -6.00 36.39
C SER H 264 50.77 -5.64 37.79
N PRO H 265 51.17 -6.65 38.60
CA PRO H 265 51.56 -6.40 39.98
C PRO H 265 52.92 -5.69 40.09
N GLY H 266 53.09 -4.82 41.10
CA GLY H 266 54.37 -4.15 41.39
C GLY H 266 55.47 -5.15 41.70
N LEU H 267 56.72 -4.79 41.44
CA LEU H 267 57.90 -5.68 41.58
C LEU H 267 58.79 -5.26 42.76
N GLU H 268 58.75 -3.98 43.19
CA GLU H 268 59.66 -3.46 44.23
C GLU H 268 59.46 -4.21 45.55
N GLY H 269 58.21 -4.28 46.03
CA GLY H 269 57.86 -4.97 47.29
C GLY H 269 58.37 -6.39 47.31
N ILE H 270 57.98 -7.20 46.32
CA ILE H 270 58.24 -8.67 46.27
C ILE H 270 59.76 -8.92 46.13
N GLU H 271 60.47 -8.13 45.32
CA GLU H 271 61.90 -8.35 44.99
C GLU H 271 62.78 -7.99 46.21
N VAL H 272 62.52 -6.85 46.84
CA VAL H 272 63.26 -6.36 48.05
C VAL H 272 63.15 -7.42 49.15
N THR H 273 61.96 -8.00 49.34
CA THR H 273 61.64 -8.94 50.45
C THR H 273 62.28 -10.32 50.19
N THR H 274 62.19 -10.84 48.96
CA THR H 274 62.56 -12.24 48.61
C THR H 274 63.97 -12.31 48.01
N SER H 275 64.49 -11.21 47.46
CA SER H 275 65.79 -11.13 46.75
C SER H 275 65.79 -12.01 45.50
N LYS H 276 64.60 -12.26 44.94
CA LYS H 276 64.42 -13.07 43.70
C LYS H 276 64.41 -12.14 42.48
N ASP H 277 64.95 -12.60 41.36
CA ASP H 277 64.92 -11.89 40.06
C ASP H 277 63.56 -12.17 39.40
N VAL H 278 62.50 -11.52 39.90
CA VAL H 278 61.10 -11.71 39.42
C VAL H 278 61.00 -11.15 38.00
N ALA H 279 61.53 -9.95 37.76
CA ALA H 279 61.65 -9.32 36.43
C ALA H 279 62.30 -10.32 35.45
N GLY H 280 63.37 -10.99 35.89
CA GLY H 280 64.10 -12.00 35.11
C GLY H 280 63.21 -13.15 34.70
N MET H 281 62.45 -13.70 35.65
CA MET H 281 61.59 -14.91 35.45
C MET H 281 60.43 -14.57 34.50
N ILE H 282 59.95 -13.33 34.51
CA ILE H 282 58.91 -12.82 33.57
C ILE H 282 59.49 -12.85 32.15
N ILE H 283 60.70 -12.31 31.96
CA ILE H 283 61.41 -12.29 30.64
C ILE H 283 61.67 -13.73 30.22
N GLU H 284 62.07 -14.59 31.16
CA GLU H 284 62.37 -16.03 30.94
C GLU H 284 61.09 -16.75 30.46
N TYR H 285 59.93 -16.35 30.98
CA TYR H 285 58.60 -16.92 30.58
C TYR H 285 58.31 -16.53 29.13
N LEU H 286 58.54 -15.27 28.75
CA LEU H 286 58.35 -14.77 27.36
C LEU H 286 59.23 -15.57 26.40
N GLU H 287 60.46 -15.87 26.80
CA GLU H 287 61.47 -16.60 25.97
C GLU H 287 60.90 -17.96 25.57
N LYS H 288 60.20 -18.64 26.47
CA LYS H 288 59.74 -20.05 26.31
C LYS H 288 58.41 -20.10 25.55
N ASN H 289 57.47 -19.20 25.88
CA ASN H 289 56.06 -19.25 25.40
C ASN H 289 55.84 -18.31 24.21
N SER H 290 56.83 -17.50 23.85
CA SER H 290 56.81 -16.64 22.62
C SER H 290 56.76 -17.52 21.37
N GLY H 291 57.45 -18.68 21.39
CA GLY H 291 57.41 -19.67 20.29
C GLY H 291 58.24 -19.20 19.09
N PRO H 292 57.87 -19.59 17.85
CA PRO H 292 58.59 -19.13 16.66
C PRO H 292 58.88 -17.63 16.64
N MET I 1 29.40 18.73 -28.56
CA MET I 1 29.60 17.38 -27.97
C MET I 1 30.57 16.57 -28.84
N LYS I 2 31.35 15.69 -28.20
CA LYS I 2 32.10 14.61 -28.88
C LYS I 2 31.31 13.32 -28.74
N ILE I 3 30.89 12.72 -29.86
CA ILE I 3 29.97 11.55 -29.89
C ILE I 3 30.66 10.39 -30.61
N ALA I 4 30.71 9.22 -29.96
CA ALA I 4 31.17 7.95 -30.56
C ALA I 4 29.98 7.25 -31.22
N VAL I 5 30.19 6.68 -32.40
CA VAL I 5 29.19 5.85 -33.12
C VAL I 5 29.78 4.45 -33.27
N LEU I 6 29.28 3.49 -32.48
CA LEU I 6 29.73 2.07 -32.49
C LEU I 6 29.09 1.36 -33.69
N SER I 7 29.82 1.25 -34.80
CA SER I 7 29.33 0.65 -36.06
C SER I 7 30.43 -0.19 -36.72
N ARG I 8 30.10 -1.40 -37.18
CA ARG I 8 31.02 -2.32 -37.90
C ARG I 8 31.36 -1.73 -39.27
N ASN I 9 30.43 -0.98 -39.87
CA ASN I 9 30.58 -0.41 -41.24
C ASN I 9 30.17 1.06 -41.25
N PRO I 10 31.13 2.00 -41.39
CA PRO I 10 30.81 3.44 -41.44
C PRO I 10 30.22 3.92 -42.78
N ARG I 11 30.18 3.05 -43.79
CA ARG I 11 29.72 3.37 -45.17
C ARG I 11 28.25 2.96 -45.35
N LEU I 12 27.62 2.40 -44.31
CA LEU I 12 26.17 2.02 -44.31
C LEU I 12 25.32 3.27 -44.06
N TYR I 13 24.16 3.34 -44.73
CA TYR I 13 23.26 4.53 -44.76
C TYR I 13 23.09 5.12 -43.35
N SER I 14 22.67 4.28 -42.39
CA SER I 14 22.23 4.69 -41.03
C SER I 14 23.39 5.33 -40.26
N THR I 15 24.61 4.82 -40.42
CA THR I 15 25.83 5.34 -39.73
C THR I 15 26.23 6.66 -40.38
N ARG I 16 26.32 6.70 -41.72
CA ARG I 16 26.63 7.93 -42.50
C ARG I 16 25.70 9.05 -42.05
N ARG I 17 24.39 8.79 -42.00
CA ARG I 17 23.34 9.78 -41.67
C ARG I 17 23.55 10.30 -40.24
N LEU I 18 23.95 9.43 -39.30
CA LEU I 18 24.15 9.82 -37.89
C LEU I 18 25.37 10.75 -37.77
N VAL I 19 26.44 10.53 -38.55
CA VAL I 19 27.65 11.42 -38.50
C VAL I 19 27.30 12.73 -39.20
N GLU I 20 26.58 12.69 -40.33
CA GLU I 20 26.09 13.90 -41.06
C GLU I 20 25.34 14.81 -40.07
N ALA I 21 24.21 14.32 -39.55
CA ALA I 21 23.30 15.04 -38.63
C ALA I 21 24.10 15.66 -37.48
N GLY I 22 25.09 14.91 -36.97
CA GLY I 22 25.98 15.35 -35.88
C GLY I 22 26.87 16.51 -36.31
N ILE I 23 27.63 16.31 -37.40
CA ILE I 23 28.55 17.32 -38.00
C ILE I 23 27.73 18.58 -38.31
N GLU I 24 26.58 18.42 -38.97
CA GLU I 24 25.63 19.51 -39.32
C GLU I 24 25.32 20.37 -38.10
N ARG I 25 25.20 19.75 -36.92
CA ARG I 25 24.77 20.40 -35.64
C ARG I 25 25.99 20.74 -34.79
N GLY I 26 27.19 20.67 -35.36
CA GLY I 26 28.44 21.24 -34.82
C GLY I 26 29.16 20.32 -33.86
N HIS I 27 28.83 19.02 -33.86
CA HIS I 27 29.40 18.00 -32.96
C HIS I 27 30.59 17.31 -33.63
N GLU I 28 31.51 16.75 -32.84
CA GLU I 28 32.65 15.92 -33.33
C GLU I 28 32.22 14.46 -33.32
N MET I 29 32.13 13.83 -34.49
CA MET I 29 31.60 12.47 -34.67
C MET I 29 32.75 11.52 -34.99
N VAL I 30 32.94 10.49 -34.16
CA VAL I 30 33.98 9.44 -34.34
C VAL I 30 33.29 8.09 -34.49
N VAL I 31 33.56 7.38 -35.59
CA VAL I 31 33.05 6.00 -35.86
C VAL I 31 34.07 4.99 -35.29
N ILE I 32 33.61 4.09 -34.42
CA ILE I 32 34.44 3.08 -33.72
C ILE I 32 33.92 1.68 -34.09
N ASP I 33 34.77 0.86 -34.74
CA ASP I 33 34.51 -0.59 -34.92
C ASP I 33 34.82 -1.27 -33.56
N THR I 34 33.78 -1.67 -32.83
CA THR I 34 33.88 -2.14 -31.42
C THR I 34 34.93 -3.25 -31.30
N LEU I 35 35.04 -4.13 -32.30
CA LEU I 35 35.98 -5.29 -32.29
C LEU I 35 37.44 -4.80 -32.25
N ARG I 36 37.73 -3.63 -32.83
CA ARG I 36 39.11 -3.07 -32.93
C ARG I 36 39.42 -2.21 -31.69
N ALA I 37 38.43 -2.00 -30.82
CA ALA I 37 38.61 -1.41 -29.46
C ALA I 37 39.11 -2.51 -28.52
N TYR I 38 40.09 -2.17 -27.68
CA TYR I 38 40.63 -3.04 -26.60
C TYR I 38 40.75 -2.17 -25.35
N MET I 39 40.61 -2.75 -24.17
CA MET I 39 40.47 -1.98 -22.91
C MET I 39 41.13 -2.69 -21.75
N ASN I 40 41.45 -1.89 -20.73
CA ASN I 40 41.88 -2.32 -19.37
C ASN I 40 40.72 -1.99 -18.42
N ILE I 41 40.16 -2.99 -17.74
CA ILE I 41 39.10 -2.79 -16.71
C ILE I 41 39.78 -2.51 -15.37
N ALA I 42 39.30 -1.53 -14.63
CA ALA I 42 39.95 -1.01 -13.39
C ALA I 42 39.02 -0.02 -12.70
N SER I 43 39.01 -0.03 -11.35
CA SER I 43 38.24 0.91 -10.50
C SER I 43 38.66 2.35 -10.78
N HIS I 44 39.94 2.66 -10.56
CA HIS I 44 40.56 4.01 -10.71
C HIS I 44 40.54 4.43 -12.18
N LYS I 45 41.54 4.07 -12.99
CA LYS I 45 41.76 4.65 -14.35
C LYS I 45 41.42 3.62 -15.43
N PRO I 46 40.13 3.35 -15.72
CA PRO I 46 39.75 2.42 -16.77
C PRO I 46 39.95 3.02 -18.17
N GLN I 47 40.66 2.32 -19.05
CA GLN I 47 41.06 2.83 -20.40
C GLN I 47 40.29 2.06 -21.48
N ILE I 48 39.91 2.75 -22.57
CA ILE I 48 39.63 2.16 -23.91
C ILE I 48 40.67 2.73 -24.88
N HIS I 49 41.40 1.86 -25.58
CA HIS I 49 42.35 2.22 -26.65
C HIS I 49 41.79 1.75 -27.99
N TYR I 50 42.24 2.38 -29.09
CA TYR I 50 41.76 2.13 -30.48
C TYR I 50 42.89 2.50 -31.45
N ARG I 51 43.40 1.52 -32.19
CA ARG I 51 44.52 1.69 -33.15
C ARG I 51 45.69 2.43 -32.49
N GLY I 52 46.05 2.06 -31.26
CA GLY I 52 47.29 2.52 -30.58
C GLY I 52 47.07 3.73 -29.69
N LYS I 53 45.99 4.47 -29.89
CA LYS I 53 45.70 5.75 -29.20
C LYS I 53 44.51 5.56 -28.26
N PRO I 54 44.46 6.26 -27.10
CA PRO I 54 43.31 6.17 -26.19
C PRO I 54 42.07 6.91 -26.71
N LEU I 55 40.87 6.45 -26.34
CA LEU I 55 39.57 7.13 -26.61
C LEU I 55 39.18 7.93 -25.36
N GLU I 56 39.26 9.26 -25.43
CA GLU I 56 39.04 10.20 -24.29
C GLU I 56 37.96 11.22 -24.66
N GLY I 57 37.43 11.91 -23.64
CA GLY I 57 36.65 13.15 -23.77
C GLY I 57 35.35 12.97 -24.54
N PHE I 58 34.84 11.74 -24.62
CA PHE I 58 33.53 11.44 -25.27
C PHE I 58 32.41 11.82 -24.31
N ASP I 59 31.38 12.50 -24.82
CA ASP I 59 30.21 13.00 -24.05
C ASP I 59 29.06 11.99 -24.17
N ALA I 60 28.91 11.36 -25.34
CA ALA I 60 27.82 10.41 -25.65
C ALA I 60 28.30 9.34 -26.62
N VAL I 61 27.63 8.20 -26.63
CA VAL I 61 27.90 7.05 -27.53
C VAL I 61 26.57 6.55 -28.10
N ILE I 62 26.51 6.34 -29.42
CA ILE I 62 25.34 5.77 -30.15
C ILE I 62 25.68 4.32 -30.50
N PRO I 63 25.16 3.33 -29.75
CA PRO I 63 25.44 1.93 -30.04
C PRO I 63 24.58 1.42 -31.22
N ARG I 64 25.21 1.06 -32.32
CA ARG I 64 24.58 0.34 -33.46
C ARG I 64 25.15 -1.08 -33.48
N ILE I 65 24.79 -1.89 -32.47
CA ILE I 65 25.27 -3.30 -32.31
C ILE I 65 24.49 -4.18 -33.29
N GLY I 66 25.19 -4.94 -34.13
CA GLY I 66 24.60 -5.90 -35.09
C GLY I 66 24.19 -7.20 -34.41
N ALA I 67 23.36 -8.00 -35.07
CA ALA I 67 22.90 -9.35 -34.62
C ALA I 67 24.00 -10.39 -34.93
N SER I 68 25.15 -10.26 -34.27
CA SER I 68 26.36 -11.11 -34.42
C SER I 68 26.53 -12.00 -33.18
N VAL I 69 27.63 -12.76 -33.11
CA VAL I 69 28.04 -13.58 -31.93
C VAL I 69 28.86 -12.68 -30.99
N THR I 70 28.31 -11.50 -30.65
CA THR I 70 29.07 -10.31 -30.15
C THR I 70 28.61 -9.97 -28.72
N PHE I 71 29.11 -10.71 -27.74
CA PHE I 71 29.13 -10.31 -26.31
C PHE I 71 30.13 -9.16 -26.13
N TYR I 72 31.15 -9.09 -27.00
CA TYR I 72 32.25 -8.09 -26.94
C TYR I 72 31.71 -6.68 -27.18
N GLY I 73 30.84 -6.51 -28.17
CA GLY I 73 30.22 -5.22 -28.52
C GLY I 73 29.54 -4.58 -27.32
N CYS I 74 28.76 -5.35 -26.57
CA CYS I 74 28.07 -4.91 -25.32
C CYS I 74 29.12 -4.52 -24.27
N ALA I 75 30.24 -5.24 -24.20
CA ALA I 75 31.34 -5.00 -23.23
C ALA I 75 31.99 -3.63 -23.50
N VAL I 76 32.21 -3.30 -24.77
CA VAL I 76 32.79 -1.99 -25.20
C VAL I 76 31.82 -0.88 -24.82
N LEU I 77 30.52 -1.07 -25.08
CA LEU I 77 29.45 -0.10 -24.70
C LEU I 77 29.44 0.07 -23.17
N ARG I 78 29.59 -1.04 -22.43
CA ARG I 78 29.56 -1.03 -20.94
C ARG I 78 30.73 -0.19 -20.42
N GLN I 79 31.94 -0.35 -20.97
CA GLN I 79 33.14 0.45 -20.57
C GLN I 79 32.80 1.93 -20.70
N PHE I 80 32.27 2.34 -21.86
CA PHE I 80 31.88 3.75 -22.15
C PHE I 80 30.96 4.25 -21.03
N GLU I 81 29.91 3.46 -20.71
CA GLU I 81 28.90 3.78 -19.66
C GLU I 81 29.61 4.00 -18.33
N MET I 82 30.49 3.08 -17.95
CA MET I 82 31.21 3.05 -16.65
C MET I 82 32.24 4.19 -16.60
N MET I 83 32.72 4.66 -17.75
CA MET I 83 33.67 5.80 -17.88
C MET I 83 32.89 7.12 -17.97
N GLY I 84 31.57 7.10 -17.75
CA GLY I 84 30.73 8.29 -17.57
C GLY I 84 30.06 8.77 -18.86
N VAL I 85 30.36 8.14 -19.99
CA VAL I 85 29.81 8.52 -21.33
C VAL I 85 28.33 8.16 -21.38
N PHE I 86 27.48 9.07 -21.84
CA PHE I 86 26.01 8.89 -21.94
C PHE I 86 25.67 8.02 -23.13
N PRO I 87 25.00 6.86 -22.92
CA PRO I 87 24.56 6.01 -24.04
C PRO I 87 23.16 6.39 -24.55
N LEU I 88 22.95 6.34 -25.87
CA LEU I 88 21.63 6.57 -26.50
C LEU I 88 20.66 5.51 -25.97
N ASN I 89 21.09 4.25 -25.97
CA ASN I 89 20.41 3.10 -25.32
C ASN I 89 21.40 2.40 -24.38
N GLU I 90 20.96 2.07 -23.16
CA GLU I 90 21.80 1.40 -22.13
C GLU I 90 22.08 -0.03 -22.57
N SER I 91 23.28 -0.53 -22.29
CA SER I 91 23.74 -1.92 -22.58
C SER I 91 22.73 -2.92 -22.00
N VAL I 92 22.23 -2.63 -20.79
CA VAL I 92 21.24 -3.48 -20.05
C VAL I 92 20.03 -3.71 -20.96
N ALA I 93 19.49 -2.61 -21.52
CA ALA I 93 18.27 -2.59 -22.36
C ALA I 93 18.53 -3.34 -23.67
N ILE I 94 19.71 -3.14 -24.28
CA ILE I 94 20.07 -3.73 -25.60
C ILE I 94 20.12 -5.27 -25.46
N ALA I 95 20.71 -5.76 -24.35
CA ALA I 95 20.80 -7.19 -24.02
C ALA I 95 19.39 -7.81 -23.91
N ARG I 96 18.45 -7.08 -23.31
CA ARG I 96 17.02 -7.50 -23.18
C ARG I 96 16.39 -7.66 -24.56
N SER I 97 16.61 -6.69 -25.46
CA SER I 97 15.99 -6.61 -26.82
C SER I 97 16.51 -7.73 -27.72
N ARG I 98 17.80 -8.01 -27.68
CA ARG I 98 18.49 -8.92 -28.62
C ARG I 98 18.12 -10.38 -28.32
N ASP I 99 17.80 -10.68 -27.06
CA ASP I 99 17.28 -12.02 -26.64
C ASP I 99 15.78 -12.05 -26.94
N LYS I 100 15.38 -12.55 -28.11
CA LYS I 100 13.98 -12.49 -28.61
C LYS I 100 13.05 -13.28 -27.67
N LEU I 101 13.51 -14.41 -27.13
CA LEU I 101 12.74 -15.23 -26.14
C LEU I 101 12.45 -14.36 -24.92
N ARG I 102 13.49 -13.79 -24.30
CA ARG I 102 13.39 -12.96 -23.08
C ARG I 102 12.51 -11.74 -23.36
N SER I 103 12.70 -11.13 -24.53
CA SER I 103 11.99 -9.90 -24.97
C SER I 103 10.47 -10.14 -24.93
N LEU I 104 10.01 -11.21 -25.58
CA LEU I 104 8.56 -11.55 -25.67
C LEU I 104 8.02 -11.90 -24.28
N GLN I 105 8.79 -12.64 -23.47
CA GLN I 105 8.40 -13.01 -22.09
C GLN I 105 8.16 -11.74 -21.27
N LEU I 106 9.00 -10.72 -21.45
CA LEU I 106 8.98 -9.48 -20.63
C LEU I 106 7.77 -8.64 -21.04
N LEU I 107 7.51 -8.54 -22.35
CA LEU I 107 6.35 -7.82 -22.92
C LEU I 107 5.06 -8.49 -22.46
N SER I 108 5.02 -9.83 -22.50
CA SER I 108 3.87 -10.66 -22.08
C SER I 108 3.53 -10.38 -20.62
N ARG I 109 4.53 -10.34 -19.74
CA ARG I 109 4.35 -10.21 -18.27
C ARG I 109 3.80 -8.81 -17.95
N ARG I 110 4.19 -7.78 -18.71
CA ARG I 110 3.76 -6.38 -18.47
C ARG I 110 2.47 -6.07 -19.26
N GLY I 111 1.87 -7.09 -19.87
CA GLY I 111 0.50 -7.02 -20.45
C GLY I 111 0.45 -6.31 -21.79
N ILE I 112 1.57 -6.24 -22.51
CA ILE I 112 1.62 -5.73 -23.92
C ILE I 112 0.95 -6.77 -24.81
N GLY I 113 0.08 -6.34 -25.72
CA GLY I 113 -0.59 -7.24 -26.68
C GLY I 113 0.42 -7.95 -27.55
N LEU I 114 0.42 -9.29 -27.53
CA LEU I 114 1.26 -10.13 -28.42
C LEU I 114 0.36 -11.14 -29.13
N PRO I 115 0.81 -11.73 -30.26
CA PRO I 115 0.18 -12.93 -30.79
C PRO I 115 0.33 -14.04 -29.76
N VAL I 116 -0.57 -15.03 -29.77
CA VAL I 116 -0.43 -16.26 -28.95
C VAL I 116 0.86 -16.95 -29.41
N THR I 117 1.77 -17.23 -28.47
CA THR I 117 3.19 -17.59 -28.76
C THR I 117 3.62 -18.78 -27.90
N GLY I 118 4.31 -19.75 -28.53
CA GLY I 118 4.93 -20.90 -27.87
C GLY I 118 6.42 -20.97 -28.18
N PHE I 119 7.21 -21.53 -27.25
CA PHE I 119 8.66 -21.83 -27.42
C PHE I 119 8.89 -23.33 -27.24
N ALA I 120 9.88 -23.87 -27.96
CA ALA I 120 10.29 -25.29 -27.92
C ALA I 120 11.75 -25.40 -28.38
N HIS I 121 12.42 -26.51 -28.06
CA HIS I 121 13.76 -26.86 -28.61
C HIS I 121 13.72 -28.33 -29.06
N SER I 122 13.54 -29.24 -28.10
CA SER I 122 13.47 -30.71 -28.30
C SER I 122 12.18 -31.25 -27.69
N PRO I 123 10.99 -30.77 -28.12
CA PRO I 123 9.72 -31.27 -27.59
C PRO I 123 9.47 -32.72 -28.02
N ASP I 124 8.95 -33.53 -27.10
CA ASP I 124 8.68 -34.99 -27.32
C ASP I 124 7.27 -35.16 -27.91
N ASP I 125 6.33 -34.29 -27.51
CA ASP I 125 4.91 -34.31 -27.95
C ASP I 125 4.61 -33.00 -28.72
N ILE I 126 4.93 -32.98 -30.02
CA ILE I 126 4.75 -31.79 -30.90
C ILE I 126 3.27 -31.49 -31.06
N PRO I 127 2.38 -32.49 -31.27
CA PRO I 127 0.94 -32.24 -31.27
C PRO I 127 0.48 -31.43 -30.04
N ASP I 128 1.05 -31.72 -28.87
CA ASP I 128 0.72 -31.04 -27.59
C ASP I 128 1.14 -29.57 -27.67
N LEU I 129 2.33 -29.30 -28.22
CA LEU I 129 2.87 -27.92 -28.44
C LEU I 129 1.89 -27.14 -29.33
N ILE I 130 1.45 -27.76 -30.44
CA ILE I 130 0.53 -27.14 -31.44
C ILE I 130 -0.80 -26.80 -30.75
N GLN I 131 -1.34 -27.74 -29.96
CA GLN I 131 -2.61 -27.60 -29.21
C GLN I 131 -2.52 -26.41 -28.25
N MET I 132 -1.36 -26.20 -27.61
CA MET I 132 -1.12 -25.14 -26.59
C MET I 132 -1.24 -23.75 -27.20
N VAL I 133 -1.05 -23.62 -28.53
CA VAL I 133 -1.04 -22.34 -29.28
C VAL I 133 -2.31 -22.24 -30.15
N ASN I 134 -3.37 -22.97 -29.78
CA ASN I 134 -4.71 -22.94 -30.42
C ASN I 134 -4.65 -23.46 -31.86
N GLY I 135 -3.66 -24.31 -32.16
CA GLY I 135 -3.59 -25.08 -33.43
C GLY I 135 -3.26 -24.21 -34.64
N ALA I 136 -3.30 -24.82 -35.83
CA ALA I 136 -3.04 -24.18 -37.15
C ALA I 136 -4.17 -23.20 -37.47
N PRO I 137 -3.95 -22.18 -38.33
CA PRO I 137 -2.66 -21.94 -38.96
C PRO I 137 -1.64 -21.30 -38.00
N LEU I 138 -0.38 -21.75 -38.07
CA LEU I 138 0.74 -21.32 -37.19
C LEU I 138 1.88 -20.79 -38.06
N VAL I 139 2.50 -19.69 -37.62
CA VAL I 139 3.80 -19.20 -38.14
C VAL I 139 4.91 -19.80 -37.27
N ILE I 140 5.94 -20.35 -37.90
CA ILE I 140 7.03 -21.11 -37.22
C ILE I 140 8.38 -20.48 -37.61
N LYS I 141 9.02 -19.80 -36.64
CA LYS I 141 10.33 -19.11 -36.81
C LYS I 141 11.40 -19.96 -36.12
N VAL I 142 12.60 -20.01 -36.70
CA VAL I 142 13.84 -20.54 -36.05
C VAL I 142 14.61 -19.34 -35.50
N LEU I 143 15.34 -19.53 -34.39
CA LEU I 143 16.16 -18.48 -33.72
C LEU I 143 17.61 -18.94 -33.67
N GLU I 144 18.53 -18.15 -34.24
CA GLU I 144 20.00 -18.31 -34.06
C GLU I 144 20.51 -17.14 -33.21
N GLY I 145 20.17 -17.13 -31.92
CA GLY I 145 20.59 -16.09 -30.95
C GLY I 145 19.72 -14.85 -31.01
N THR I 146 20.01 -13.91 -31.93
CA THR I 146 19.29 -12.62 -32.12
C THR I 146 18.38 -12.69 -33.36
N GLN I 147 18.86 -13.30 -34.45
CA GLN I 147 18.19 -13.33 -35.78
C GLN I 147 17.05 -14.37 -35.77
N GLY I 148 15.92 -14.02 -36.38
CA GLY I 148 14.79 -14.94 -36.70
C GLY I 148 14.98 -15.57 -38.07
N ILE I 149 15.98 -16.44 -38.19
CA ILE I 149 16.70 -16.86 -39.43
C ILE I 149 15.70 -17.26 -40.53
N GLY I 150 14.74 -18.13 -40.22
CA GLY I 150 13.73 -18.66 -41.16
C GLY I 150 12.32 -18.46 -40.62
N VAL I 151 11.33 -18.32 -41.50
CA VAL I 151 9.90 -18.13 -41.15
C VAL I 151 9.04 -18.93 -42.14
N VAL I 152 8.14 -19.78 -41.63
CA VAL I 152 7.24 -20.64 -42.45
C VAL I 152 5.81 -20.50 -41.93
N LEU I 153 4.86 -20.19 -42.81
CA LEU I 153 3.40 -20.29 -42.54
C LEU I 153 2.97 -21.74 -42.78
N CYS I 154 2.40 -22.39 -41.76
CA CYS I 154 1.88 -23.77 -41.82
C CYS I 154 0.36 -23.74 -41.66
N GLU I 155 -0.38 -24.14 -42.70
CA GLU I 155 -1.85 -24.02 -42.81
C GLU I 155 -2.53 -25.10 -41.97
N THR I 156 -1.95 -26.31 -41.96
CA THR I 156 -2.48 -27.53 -41.27
C THR I 156 -1.51 -27.96 -40.17
N ALA I 157 -2.02 -28.67 -39.16
CA ALA I 157 -1.23 -29.20 -38.02
C ALA I 157 -0.22 -30.24 -38.51
N THR I 158 -0.51 -30.93 -39.61
CA THR I 158 0.38 -31.92 -40.27
C THR I 158 1.66 -31.20 -40.71
N ALA I 159 1.51 -30.08 -41.44
CA ALA I 159 2.62 -29.25 -41.96
C ALA I 159 3.41 -28.65 -40.78
N ALA I 160 2.71 -28.14 -39.76
CA ALA I 160 3.31 -27.57 -38.54
C ALA I 160 4.23 -28.60 -37.90
N GLU I 161 3.71 -29.83 -37.67
CA GLU I 161 4.46 -30.93 -37.03
C GLU I 161 5.68 -31.28 -37.88
N SER I 162 5.51 -31.35 -39.20
CA SER I 162 6.56 -31.74 -40.18
C SER I 162 7.72 -30.72 -40.16
N VAL I 163 7.39 -29.43 -40.08
CA VAL I 163 8.37 -28.31 -40.12
C VAL I 163 9.11 -28.22 -38.78
N ILE I 164 8.39 -28.37 -37.66
CA ILE I 164 8.98 -28.33 -36.29
C ILE I 164 10.02 -29.45 -36.16
N GLU I 165 9.67 -30.66 -36.64
CA GLU I 165 10.55 -31.86 -36.60
C GLU I 165 11.84 -31.57 -37.38
N ALA I 166 11.74 -30.88 -38.52
CA ALA I 166 12.88 -30.52 -39.37
C ALA I 166 13.83 -29.59 -38.61
N PHE I 167 13.27 -28.54 -38.00
CA PHE I 167 14.03 -27.48 -37.27
C PHE I 167 14.66 -28.08 -36.01
N MET I 168 13.97 -29.03 -35.37
CA MET I 168 14.50 -29.82 -34.22
C MET I 168 15.83 -30.47 -34.64
N GLY I 169 15.85 -31.10 -35.82
CA GLY I 169 17.04 -31.74 -36.41
C GLY I 169 18.24 -30.79 -36.43
N LEU I 170 18.00 -29.50 -36.64
CA LEU I 170 19.07 -28.46 -36.75
C LEU I 170 19.46 -27.93 -35.37
N LYS I 171 18.91 -28.50 -34.30
CA LYS I 171 19.24 -28.20 -32.87
C LYS I 171 19.09 -26.69 -32.62
N GLN I 172 18.05 -26.06 -33.18
CA GLN I 172 17.78 -24.61 -33.06
C GLN I 172 16.57 -24.39 -32.15
N ASP I 173 16.57 -23.27 -31.41
CA ASP I 173 15.41 -22.79 -30.61
C ASP I 173 14.27 -22.47 -31.58
N ILE I 174 13.07 -23.00 -31.33
CA ILE I 174 11.90 -22.89 -32.24
C ILE I 174 10.83 -22.01 -31.58
N MET I 175 10.26 -21.09 -32.36
CA MET I 175 9.14 -20.21 -31.94
C MET I 175 7.90 -20.54 -32.78
N VAL I 176 6.79 -20.82 -32.11
CA VAL I 176 5.47 -21.15 -32.73
C VAL I 176 4.50 -20.03 -32.37
N GLN I 177 3.89 -19.39 -33.38
CA GLN I 177 3.09 -18.16 -33.20
C GLN I 177 1.78 -18.25 -33.98
N GLU I 178 0.69 -17.84 -33.33
CA GLU I 178 -0.67 -17.64 -33.94
C GLU I 178 -0.51 -16.76 -35.19
N TYR I 179 -0.97 -17.24 -36.35
CA TYR I 179 -1.02 -16.50 -37.63
C TYR I 179 -2.19 -15.54 -37.63
N ILE I 180 -1.92 -14.25 -37.83
CA ILE I 180 -2.93 -13.16 -37.83
C ILE I 180 -3.22 -12.78 -39.29
N LYS I 181 -4.20 -13.46 -39.88
CA LYS I 181 -4.58 -13.38 -41.32
C LYS I 181 -5.20 -12.02 -41.64
N GLU I 182 -5.78 -11.33 -40.64
CA GLU I 182 -6.51 -10.04 -40.80
C GLU I 182 -5.53 -8.95 -41.25
N ALA I 183 -4.24 -9.07 -40.89
CA ALA I 183 -3.16 -8.09 -41.16
C ALA I 183 -2.96 -7.90 -42.68
N GLY I 184 -3.21 -8.96 -43.46
CA GLY I 184 -3.12 -8.94 -44.94
C GLY I 184 -1.68 -8.84 -45.42
N GLY I 185 -0.74 -9.39 -44.63
CA GLY I 185 0.72 -9.32 -44.88
C GLY I 185 1.22 -7.89 -44.79
N ALA I 186 0.78 -7.14 -43.77
CA ALA I 186 1.16 -5.72 -43.52
C ALA I 186 1.45 -5.53 -42.04
N ASP I 187 2.42 -4.67 -41.72
CA ASP I 187 2.76 -4.28 -40.32
C ASP I 187 3.03 -2.77 -40.29
N ILE I 188 2.79 -2.16 -39.14
CA ILE I 188 3.17 -0.76 -38.81
C ILE I 188 4.55 -0.81 -38.15
N ARG I 189 5.56 -0.12 -38.70
CA ARG I 189 6.85 0.13 -38.02
C ARG I 189 6.80 1.53 -37.41
N CYS I 190 6.67 1.61 -36.09
CA CYS I 190 6.73 2.87 -35.29
C CYS I 190 8.15 3.12 -34.81
N PHE I 191 8.61 4.37 -34.92
CA PHE I 191 9.99 4.80 -34.61
C PHE I 191 9.96 5.68 -33.35
N VAL I 192 10.46 5.16 -32.23
CA VAL I 192 10.42 5.81 -30.89
C VAL I 192 11.75 6.53 -30.64
N VAL I 193 11.67 7.79 -30.21
CA VAL I 193 12.81 8.58 -29.65
C VAL I 193 12.28 9.33 -28.42
N GLY I 194 12.80 9.00 -27.24
CA GLY I 194 12.27 9.51 -25.95
C GLY I 194 10.84 9.06 -25.73
N ASP I 195 9.95 10.01 -25.40
CA ASP I 195 8.53 9.75 -25.02
C ASP I 195 7.61 9.91 -26.23
N LYS I 196 8.15 9.88 -27.46
CA LYS I 196 7.41 10.24 -28.69
C LYS I 196 7.69 9.21 -29.79
N VAL I 197 6.63 8.84 -30.53
CA VAL I 197 6.71 8.17 -31.85
C VAL I 197 6.88 9.26 -32.90
N ILE I 198 8.12 9.48 -33.36
CA ILE I 198 8.52 10.63 -34.22
C ILE I 198 8.18 10.34 -35.69
N ALA I 199 8.07 9.06 -36.06
CA ALA I 199 7.83 8.62 -37.45
C ALA I 199 7.20 7.22 -37.46
N SER I 200 6.37 6.93 -38.45
CA SER I 200 5.66 5.64 -38.65
C SER I 200 5.57 5.34 -40.15
N MET I 201 5.39 4.08 -40.50
CA MET I 201 5.16 3.65 -41.91
C MET I 201 4.56 2.24 -41.94
N LYS I 202 3.66 2.01 -42.90
CA LYS I 202 3.10 0.66 -43.22
C LYS I 202 4.08 -0.04 -44.19
N ARG I 203 4.33 -1.32 -43.96
CA ARG I 203 5.07 -2.21 -44.90
C ARG I 203 4.05 -3.20 -45.49
N GLN I 204 4.18 -3.55 -46.77
CA GLN I 204 3.23 -4.42 -47.51
C GLN I 204 4.01 -5.52 -48.25
N ALA I 205 3.44 -6.73 -48.29
CA ALA I 205 3.99 -7.90 -49.03
C ALA I 205 3.63 -7.77 -50.51
N LYS I 206 4.22 -8.62 -51.37
CA LYS I 206 3.95 -8.68 -52.83
C LYS I 206 2.54 -9.20 -53.05
N PRO I 207 1.99 -9.14 -54.30
CA PRO I 207 0.64 -9.63 -54.58
C PRO I 207 0.23 -10.99 -53.98
N GLY I 208 1.19 -11.90 -53.73
CA GLY I 208 0.95 -13.29 -53.33
C GLY I 208 1.33 -13.59 -51.88
N GLU I 209 2.49 -13.11 -51.41
CA GLU I 209 3.17 -13.60 -50.17
C GLU I 209 2.66 -12.86 -48.93
N PHE I 210 3.21 -13.21 -47.76
CA PHE I 210 2.80 -12.72 -46.40
C PHE I 210 3.95 -11.93 -45.75
N SER I 219 6.74 -2.91 -50.56
CA SER I 219 6.36 -1.47 -50.64
C SER I 219 6.11 -0.92 -49.22
N ALA I 220 6.64 0.28 -48.94
CA ALA I 220 6.40 1.07 -47.71
C ALA I 220 5.60 2.33 -48.08
N SER I 221 4.75 2.81 -47.18
CA SER I 221 3.89 4.01 -47.40
C SER I 221 3.61 4.71 -46.05
N LEU I 222 3.17 5.96 -46.11
CA LEU I 222 2.76 6.78 -44.94
C LEU I 222 1.50 6.16 -44.32
N ILE I 223 1.32 6.27 -43.00
CA ILE I 223 0.12 5.79 -42.26
C ILE I 223 -0.11 6.65 -41.02
N LYS I 224 -1.35 7.09 -40.80
CA LYS I 224 -1.80 7.75 -39.55
C LYS I 224 -2.07 6.63 -38.53
N ILE I 225 -1.30 6.57 -37.45
CA ILE I 225 -1.43 5.51 -36.40
C ILE I 225 -2.48 5.95 -35.38
N THR I 226 -3.21 5.00 -34.81
CA THR I 226 -4.25 5.21 -33.77
C THR I 226 -3.56 5.65 -32.48
N PRO I 227 -4.27 6.32 -31.54
CA PRO I 227 -3.69 6.65 -30.25
C PRO I 227 -3.23 5.42 -29.45
N GLU I 228 -3.90 4.28 -29.61
CA GLU I 228 -3.60 3.01 -28.86
C GLU I 228 -2.35 2.36 -29.47
N GLU I 229 -2.13 2.53 -30.79
CA GLU I 229 -0.94 2.00 -31.50
C GLU I 229 0.29 2.79 -31.05
N ARG I 230 0.17 4.13 -30.95
CA ARG I 230 1.23 5.03 -30.42
C ARG I 230 1.56 4.61 -28.99
N MET I 231 0.53 4.48 -28.15
CA MET I 231 0.66 4.15 -26.70
C MET I 231 1.35 2.79 -26.54
N THR I 232 1.04 1.81 -27.40
CA THR I 232 1.61 0.44 -27.40
C THR I 232 3.10 0.50 -27.72
N ALA I 233 3.48 1.25 -28.76
CA ALA I 233 4.87 1.43 -29.24
C ALA I 233 5.72 2.02 -28.12
N LEU I 234 5.26 3.10 -27.50
CA LEU I 234 5.99 3.79 -26.39
C LEU I 234 6.14 2.84 -25.21
N ARG I 235 5.07 2.14 -24.82
CA ARG I 235 5.04 1.20 -23.66
C ARG I 235 6.00 0.04 -23.92
N ALA I 236 6.02 -0.50 -25.15
CA ALA I 236 6.89 -1.62 -25.57
C ALA I 236 8.35 -1.22 -25.37
N ALA I 237 8.72 -0.03 -25.85
CA ALA I 237 10.08 0.53 -25.75
C ALA I 237 10.44 0.76 -24.27
N LYS I 238 9.51 1.23 -23.46
CA LYS I 238 9.74 1.58 -22.04
C LYS I 238 9.96 0.30 -21.22
N VAL I 239 9.24 -0.78 -21.54
CA VAL I 239 9.36 -2.12 -20.91
C VAL I 239 10.76 -2.68 -21.17
N MET I 240 11.28 -2.53 -22.39
CA MET I 240 12.65 -2.97 -22.75
C MET I 240 13.68 -2.02 -22.12
N GLY I 241 13.28 -0.78 -21.84
CA GLY I 241 14.12 0.27 -21.24
C GLY I 241 14.96 0.99 -22.28
N LEU I 242 14.44 1.10 -23.51
CA LEU I 242 15.12 1.75 -24.66
C LEU I 242 14.61 3.18 -24.79
N SER I 243 15.51 4.12 -25.09
CA SER I 243 15.20 5.53 -25.40
C SER I 243 14.90 5.66 -26.90
N VAL I 244 15.62 4.91 -27.74
CA VAL I 244 15.42 4.86 -29.21
C VAL I 244 15.17 3.41 -29.61
N ALA I 245 14.07 3.15 -30.32
CA ALA I 245 13.67 1.79 -30.74
C ALA I 245 12.74 1.85 -31.96
N GLY I 246 12.82 0.82 -32.81
CA GLY I 246 11.79 0.49 -33.82
C GLY I 246 10.86 -0.58 -33.27
N VAL I 247 9.56 -0.32 -33.23
CA VAL I 247 8.52 -1.27 -32.75
C VAL I 247 7.64 -1.68 -33.93
N ASP I 248 7.65 -2.97 -34.29
CA ASP I 248 6.78 -3.54 -35.36
C ASP I 248 5.46 -3.97 -34.72
N ILE I 249 4.34 -3.59 -35.34
CA ILE I 249 2.96 -3.79 -34.81
C ILE I 249 2.08 -4.38 -35.91
N LEU I 250 1.20 -5.32 -35.54
CA LEU I 250 0.16 -5.90 -36.42
C LEU I 250 -1.20 -5.35 -35.99
N ARG I 251 -1.98 -4.85 -36.95
CA ARG I 251 -3.41 -4.49 -36.75
C ARG I 251 -4.23 -5.78 -36.75
N SER I 252 -4.72 -6.19 -35.58
CA SER I 252 -5.52 -7.43 -35.40
C SER I 252 -6.96 -7.06 -34.99
N ASN I 253 -7.87 -8.03 -35.06
CA ASN I 253 -9.28 -7.91 -34.67
C ASN I 253 -9.38 -7.48 -33.20
N HIS I 254 -8.45 -7.94 -32.35
CA HIS I 254 -8.45 -7.70 -30.88
C HIS I 254 -7.38 -6.67 -30.49
N GLY I 255 -7.02 -5.78 -31.42
CA GLY I 255 -6.19 -4.58 -31.15
C GLY I 255 -4.78 -4.70 -31.73
N PRO I 256 -3.87 -3.75 -31.39
CA PRO I 256 -2.49 -3.80 -31.88
C PRO I 256 -1.65 -4.84 -31.13
N LEU I 257 -0.87 -5.62 -31.87
CA LEU I 257 0.02 -6.71 -31.34
C LEU I 257 1.46 -6.40 -31.75
N VAL I 258 2.38 -6.38 -30.79
CA VAL I 258 3.83 -6.13 -31.02
C VAL I 258 4.48 -7.41 -31.56
N MET I 259 5.23 -7.30 -32.67
CA MET I 259 5.97 -8.42 -33.29
C MET I 259 7.41 -8.41 -32.76
N GLU I 260 8.08 -7.26 -32.90
CA GLU I 260 9.52 -7.10 -32.56
C GLU I 260 9.76 -5.71 -31.95
N VAL I 261 10.77 -5.60 -31.10
CA VAL I 261 11.33 -4.31 -30.60
C VAL I 261 12.82 -4.33 -30.92
N ASN I 262 13.26 -3.46 -31.84
CA ASN I 262 14.65 -3.38 -32.36
C ASN I 262 15.37 -2.21 -31.67
N SER I 263 16.50 -2.49 -31.02
CA SER I 263 17.26 -1.53 -30.18
C SER I 263 18.11 -0.60 -31.05
N SER I 264 18.39 -0.97 -32.31
CA SER I 264 19.09 -0.11 -33.29
C SER I 264 18.41 -0.20 -34.65
N PRO I 265 17.24 0.44 -34.83
CA PRO I 265 16.49 0.31 -36.08
C PRO I 265 17.15 1.04 -37.25
N GLY I 266 17.02 0.48 -38.47
CA GLY I 266 17.51 1.09 -39.72
C GLY I 266 16.82 2.43 -39.96
N LEU I 267 17.51 3.34 -40.68
CA LEU I 267 17.02 4.73 -40.92
C LEU I 267 16.60 4.93 -42.38
N GLU I 268 17.13 4.13 -43.33
CA GLU I 268 16.90 4.32 -44.78
C GLU I 268 15.39 4.22 -45.10
N GLY I 269 14.76 3.11 -44.69
CA GLY I 269 13.33 2.84 -44.91
C GLY I 269 12.46 3.99 -44.43
N ILE I 270 12.59 4.35 -43.15
CA ILE I 270 11.71 5.35 -42.46
C ILE I 270 11.93 6.74 -43.07
N GLU I 271 13.18 7.11 -43.37
CA GLU I 271 13.53 8.49 -43.84
C GLU I 271 13.05 8.70 -45.28
N VAL I 272 13.29 7.72 -46.16
CA VAL I 272 12.86 7.76 -47.60
C VAL I 272 11.34 7.93 -47.66
N THR I 273 10.60 7.23 -46.80
CA THR I 273 9.10 7.17 -46.82
C THR I 273 8.52 8.47 -46.25
N THR I 274 9.06 8.98 -45.15
CA THR I 274 8.47 10.11 -44.36
C THR I 274 9.14 11.45 -44.72
N SER I 275 10.36 11.43 -45.27
CA SER I 275 11.17 12.64 -45.59
C SER I 275 11.50 13.41 -44.30
N LYS I 276 11.53 12.73 -43.16
CA LYS I 276 11.86 13.33 -41.83
C LYS I 276 13.36 13.13 -41.57
N ASP I 277 13.98 14.10 -40.89
CA ASP I 277 15.38 14.05 -40.40
C ASP I 277 15.40 13.25 -39.10
N VAL I 278 15.26 11.92 -39.20
CA VAL I 278 15.22 10.99 -38.03
C VAL I 278 16.60 11.00 -37.36
N ALA I 279 17.67 10.86 -38.15
CA ALA I 279 19.08 10.99 -37.70
C ALA I 279 19.24 12.28 -36.88
N GLY I 280 18.68 13.39 -37.38
CA GLY I 280 18.72 14.72 -36.72
C GLY I 280 18.07 14.68 -35.35
N MET I 281 16.87 14.09 -35.25
CA MET I 281 16.06 14.06 -34.00
C MET I 281 16.74 13.18 -32.95
N ILE I 282 17.47 12.15 -33.38
CA ILE I 282 18.29 11.27 -32.48
C ILE I 282 19.40 12.13 -31.86
N ILE I 283 20.12 12.90 -32.69
CA ILE I 283 21.22 13.80 -32.23
C ILE I 283 20.63 14.86 -31.31
N GLU I 284 19.46 15.39 -31.67
CA GLU I 284 18.72 16.42 -30.91
C GLU I 284 18.33 15.87 -29.53
N TYR I 285 18.00 14.58 -29.44
CA TYR I 285 17.66 13.89 -28.16
C TYR I 285 18.91 13.82 -27.27
N LEU I 286 20.07 13.47 -27.84
CA LEU I 286 21.36 13.40 -27.12
C LEU I 286 21.69 14.78 -26.53
N GLU I 287 21.44 15.85 -27.30
CA GLU I 287 21.74 17.26 -26.91
C GLU I 287 21.01 17.60 -25.61
N LYS I 288 19.77 17.12 -25.44
CA LYS I 288 18.86 17.51 -24.33
C LYS I 288 19.12 16.63 -23.09
N ASN I 289 19.30 15.32 -23.29
CA ASN I 289 19.33 14.31 -22.20
C ASN I 289 20.78 13.95 -21.82
N SER I 290 21.77 14.44 -22.56
CA SER I 290 23.22 14.41 -22.19
C SER I 290 23.42 15.23 -20.92
N MET J 1 7.81 -29.72 0.12
CA MET J 1 7.93 -28.90 -1.12
C MET J 1 8.02 -29.80 -2.35
N LYS J 2 7.51 -29.32 -3.49
CA LYS J 2 7.75 -29.88 -4.83
C LYS J 2 8.84 -29.03 -5.50
N ILE J 3 9.98 -29.62 -5.84
CA ILE J 3 11.18 -28.89 -6.36
C ILE J 3 11.55 -29.45 -7.73
N ALA J 4 11.67 -28.56 -8.72
CA ALA J 4 12.20 -28.87 -10.07
C ALA J 4 13.72 -28.70 -10.06
N VAL J 5 14.43 -29.62 -10.71
CA VAL J 5 15.90 -29.54 -10.91
C VAL J 5 16.17 -29.50 -12.42
N LEU J 6 16.51 -28.31 -12.94
CA LEU J 6 16.78 -28.09 -14.39
C LEU J 6 18.19 -28.58 -14.71
N SER J 7 18.32 -29.81 -15.23
CA SER J 7 19.63 -30.43 -15.57
C SER J 7 19.55 -31.17 -16.90
N ARG J 8 20.56 -30.99 -17.76
CA ARG J 8 20.68 -31.69 -19.07
C ARG J 8 20.93 -33.18 -18.84
N ASN J 9 21.60 -33.55 -17.74
CA ASN J 9 21.93 -34.96 -17.42
C ASN J 9 21.58 -35.27 -15.96
N PRO J 10 20.54 -36.09 -15.70
CA PRO J 10 20.15 -36.48 -14.35
C PRO J 10 21.06 -37.51 -13.68
N ARG J 11 22.00 -38.09 -14.44
CA ARG J 11 22.91 -39.17 -13.99
C ARG J 11 24.26 -38.58 -13.53
N LEU J 12 24.43 -37.26 -13.62
CA LEU J 12 25.63 -36.52 -13.16
C LEU J 12 25.56 -36.35 -11.64
N TYR J 13 26.72 -36.47 -10.97
CA TYR J 13 26.86 -36.48 -9.50
C TYR J 13 26.01 -35.38 -8.85
N SER J 14 26.18 -34.13 -9.29
CA SER J 14 25.62 -32.91 -8.66
C SER J 14 24.08 -32.96 -8.66
N THR J 15 23.48 -33.45 -9.76
CA THR J 15 22.00 -33.54 -9.93
C THR J 15 21.47 -34.68 -9.07
N ARG J 16 22.09 -35.87 -9.15
CA ARG J 16 21.75 -37.05 -8.31
C ARG J 16 21.71 -36.62 -6.84
N ARG J 17 22.77 -35.95 -6.37
CA ARG J 17 22.95 -35.52 -4.96
C ARG J 17 21.83 -34.55 -4.56
N LEU J 18 21.41 -33.66 -5.47
CA LEU J 18 20.35 -32.66 -5.17
C LEU J 18 18.99 -33.36 -5.01
N VAL J 19 18.71 -34.40 -5.80
CA VAL J 19 17.43 -35.16 -5.67
C VAL J 19 17.49 -36.00 -4.38
N GLU J 20 18.62 -36.65 -4.11
CA GLU J 20 18.85 -37.44 -2.85
C GLU J 20 18.51 -36.55 -1.65
N ALA J 21 19.27 -35.47 -1.44
CA ALA J 21 19.16 -34.53 -0.30
C ALA J 21 17.71 -34.08 -0.15
N GLY J 22 17.03 -33.84 -1.27
CA GLY J 22 15.61 -33.44 -1.30
C GLY J 22 14.69 -34.54 -0.80
N ILE J 23 14.80 -35.73 -1.41
CA ILE J 23 14.00 -36.94 -1.07
C ILE J 23 14.24 -37.25 0.43
N GLU J 24 15.51 -37.26 0.85
CA GLU J 24 15.93 -37.49 2.26
C GLU J 24 15.15 -36.58 3.21
N ARG J 25 14.87 -35.34 2.80
CA ARG J 25 14.24 -34.29 3.64
C ARG J 25 12.74 -34.18 3.34
N GLY J 26 12.20 -35.16 2.61
CA GLY J 26 10.75 -35.42 2.48
C GLY J 26 10.10 -34.64 1.36
N HIS J 27 10.89 -34.08 0.43
CA HIS J 27 10.42 -33.23 -0.70
C HIS J 27 10.19 -34.11 -1.94
N GLU J 28 9.34 -33.65 -2.87
CA GLU J 28 9.11 -34.30 -4.19
C GLU J 28 10.04 -33.65 -5.21
N MET J 29 10.99 -34.42 -5.74
CA MET J 29 12.08 -33.93 -6.62
C MET J 29 11.80 -34.40 -8.05
N VAL J 30 11.69 -33.45 -8.99
CA VAL J 30 11.47 -33.73 -10.44
C VAL J 30 12.66 -33.15 -11.22
N VAL J 31 13.32 -33.99 -12.01
CA VAL J 31 14.45 -33.58 -12.92
C VAL J 31 13.84 -33.24 -14.28
N ILE J 32 14.12 -32.03 -14.77
CA ILE J 32 13.59 -31.50 -16.07
C ILE J 32 14.79 -31.19 -16.99
N ASP J 33 14.87 -31.86 -18.14
CA ASP J 33 15.77 -31.48 -19.26
C ASP J 33 15.16 -30.26 -19.94
N THR J 34 15.72 -29.06 -19.70
CA THR J 34 15.10 -27.77 -20.11
C THR J 34 14.76 -27.78 -21.60
N LEU J 35 15.59 -28.41 -22.44
CA LEU J 35 15.40 -28.46 -23.92
C LEU J 35 14.09 -29.20 -24.27
N ARG J 36 13.68 -30.17 -23.45
CA ARG J 36 12.50 -31.03 -23.70
C ARG J 36 11.24 -30.39 -23.10
N ALA J 37 11.40 -29.29 -22.37
CA ALA J 37 10.30 -28.40 -21.90
C ALA J 37 9.90 -27.48 -23.05
N TYR J 38 8.60 -27.30 -23.25
CA TYR J 38 8.00 -26.35 -24.23
C TYR J 38 6.88 -25.61 -23.51
N MET J 39 6.62 -24.37 -23.90
CA MET J 39 5.73 -23.47 -23.12
C MET J 39 4.94 -22.54 -24.03
N ASN J 40 3.83 -22.05 -23.49
CA ASN J 40 2.97 -20.96 -24.04
C ASN J 40 3.18 -19.76 -23.10
N ILE J 41 3.63 -18.62 -23.63
CA ILE J 41 3.77 -17.35 -22.84
C ILE J 41 2.43 -16.61 -22.92
N ALA J 42 1.95 -16.09 -21.80
CA ALA J 42 0.60 -15.51 -21.66
C ALA J 42 0.46 -14.79 -20.32
N SER J 43 -0.27 -13.67 -20.28
CA SER J 43 -0.60 -12.89 -19.06
C SER J 43 -1.36 -13.77 -18.07
N HIS J 44 -2.53 -14.27 -18.46
CA HIS J 44 -3.47 -15.07 -17.61
C HIS J 44 -2.82 -16.42 -17.26
N LYS J 45 -2.99 -17.44 -18.11
CA LYS J 45 -2.64 -18.86 -17.81
C LYS J 45 -1.39 -19.26 -18.59
N PRO J 46 -0.17 -18.85 -18.16
CA PRO J 46 1.07 -19.30 -18.81
C PRO J 46 1.42 -20.74 -18.45
N GLN J 47 1.66 -21.59 -19.45
CA GLN J 47 1.87 -23.04 -19.28
C GLN J 47 3.33 -23.40 -19.57
N ILE J 48 3.88 -24.36 -18.81
CA ILE J 48 5.06 -25.19 -19.20
C ILE J 48 4.56 -26.64 -19.29
N HIS J 49 4.77 -27.29 -20.44
CA HIS J 49 4.49 -28.73 -20.67
C HIS J 49 5.82 -29.48 -20.80
N TYR J 50 5.80 -30.79 -20.52
CA TYR J 50 6.97 -31.69 -20.52
C TYR J 50 6.51 -33.12 -20.83
N ARG J 51 6.94 -33.69 -21.94
CA ARG J 51 6.57 -35.06 -22.39
C ARG J 51 5.04 -35.22 -22.36
N GLY J 52 4.29 -34.22 -22.84
CA GLY J 52 2.84 -34.31 -23.08
C GLY J 52 2.00 -33.82 -21.93
N LYS J 53 2.57 -33.76 -20.71
CA LYS J 53 1.85 -33.40 -19.46
C LYS J 53 2.31 -32.02 -18.99
N PRO J 54 1.42 -31.22 -18.35
CA PRO J 54 1.81 -29.92 -17.80
C PRO J 54 2.65 -30.03 -16.52
N LEU J 55 3.52 -29.06 -16.27
CA LEU J 55 4.32 -28.92 -15.02
C LEU J 55 3.62 -27.92 -14.09
N GLU J 56 3.01 -28.41 -13.01
CA GLU J 56 2.18 -27.61 -12.07
C GLU J 56 2.71 -27.78 -10.63
N GLY J 57 2.27 -26.88 -9.74
CA GLY J 57 2.37 -27.04 -8.27
C GLY J 57 3.80 -27.09 -7.77
N PHE J 58 4.76 -26.57 -8.54
CA PHE J 58 6.18 -26.46 -8.13
C PHE J 58 6.33 -25.28 -7.18
N ASP J 59 7.06 -25.49 -6.07
CA ASP J 59 7.30 -24.47 -5.02
C ASP J 59 8.65 -23.77 -5.27
N ALA J 60 9.64 -24.52 -5.77
CA ALA J 60 11.01 -24.00 -6.02
C ALA J 60 11.63 -24.72 -7.23
N VAL J 61 12.62 -24.08 -7.85
CA VAL J 61 13.39 -24.62 -9.00
C VAL J 61 14.88 -24.37 -8.76
N ILE J 62 15.71 -25.40 -8.95
CA ILE J 62 17.20 -25.32 -8.85
C ILE J 62 17.75 -25.32 -10.28
N PRO J 63 18.18 -24.16 -10.82
CA PRO J 63 18.73 -24.10 -12.16
C PRO J 63 20.19 -24.57 -12.17
N ARG J 64 20.46 -25.67 -12.87
CA ARG J 64 21.83 -26.15 -13.19
C ARG J 64 22.05 -25.98 -14.69
N ILE J 65 22.14 -24.73 -15.14
CA ILE J 65 22.29 -24.37 -16.59
C ILE J 65 23.75 -24.60 -16.98
N GLY J 66 24.00 -25.39 -18.02
CA GLY J 66 25.36 -25.66 -18.56
C GLY J 66 25.86 -24.52 -19.43
N ALA J 67 27.17 -24.47 -19.67
CA ALA J 67 27.86 -23.42 -20.46
C ALA J 67 27.72 -23.72 -21.96
N SER J 68 26.49 -23.68 -22.47
CA SER J 68 26.11 -24.02 -23.86
C SER J 68 25.70 -22.74 -24.62
N VAL J 69 25.25 -22.88 -25.88
CA VAL J 69 24.65 -21.78 -26.69
C VAL J 69 23.14 -21.74 -26.37
N THR J 70 22.82 -21.65 -25.08
CA THR J 70 21.49 -21.96 -24.50
C THR J 70 20.88 -20.68 -23.89
N PHE J 71 20.29 -19.83 -24.74
CA PHE J 71 19.34 -18.77 -24.34
C PHE J 71 18.03 -19.43 -23.87
N TYR J 72 17.73 -20.64 -24.37
CA TYR J 72 16.47 -21.39 -24.11
C TYR J 72 16.40 -21.80 -22.63
N GLY J 73 17.51 -22.29 -22.07
CA GLY J 73 17.58 -22.73 -20.67
C GLY J 73 17.14 -21.62 -19.71
N CYS J 74 17.65 -20.39 -19.93
CA CYS J 74 17.29 -19.18 -19.14
C CYS J 74 15.80 -18.87 -19.31
N ALA J 75 15.25 -19.07 -20.53
CA ALA J 75 13.83 -18.81 -20.86
C ALA J 75 12.92 -19.74 -20.06
N VAL J 76 13.29 -21.02 -19.93
CA VAL J 76 12.53 -22.03 -19.15
C VAL J 76 12.55 -21.62 -17.68
N LEU J 77 13.72 -21.22 -17.15
CA LEU J 77 13.87 -20.70 -15.77
C LEU J 77 13.00 -19.47 -15.58
N ARG J 78 12.97 -18.57 -16.56
CA ARG J 78 12.20 -17.30 -16.50
C ARG J 78 10.71 -17.62 -16.39
N GLN J 79 10.19 -18.57 -17.18
CA GLN J 79 8.76 -18.99 -17.11
C GLN J 79 8.43 -19.41 -15.68
N PHE J 80 9.25 -20.28 -15.09
CA PHE J 80 9.07 -20.79 -13.70
C PHE J 80 8.95 -19.58 -12.76
N GLU J 81 9.89 -18.62 -12.86
CA GLU J 81 9.93 -17.39 -12.02
C GLU J 81 8.60 -16.62 -12.16
N MET J 82 8.16 -16.41 -13.40
CA MET J 82 6.96 -15.62 -13.76
C MET J 82 5.69 -16.37 -13.33
N MET J 83 5.75 -17.70 -13.23
CA MET J 83 4.64 -18.56 -12.77
C MET J 83 4.68 -18.70 -11.23
N GLY J 84 5.53 -17.94 -10.55
CA GLY J 84 5.53 -17.77 -9.08
C GLY J 84 6.50 -18.71 -8.37
N VAL J 85 7.15 -19.61 -9.09
CA VAL J 85 8.08 -20.63 -8.52
C VAL J 85 9.35 -19.92 -8.05
N PHE J 86 9.82 -20.23 -6.84
CA PHE J 86 11.03 -19.61 -6.22
C PHE J 86 12.29 -20.22 -6.84
N PRO J 87 13.16 -19.40 -7.45
CA PRO J 87 14.43 -19.89 -7.99
C PRO J 87 15.58 -19.84 -6.96
N LEU J 88 16.45 -20.85 -6.95
CA LEU J 88 17.66 -20.89 -6.08
C LEU J 88 18.53 -19.69 -6.44
N ASN J 89 18.76 -19.49 -7.74
CA ASN J 89 19.41 -18.29 -8.33
C ASN J 89 18.49 -17.68 -9.39
N GLU J 90 18.32 -16.37 -9.39
CA GLU J 90 17.45 -15.64 -10.35
C GLU J 90 18.10 -15.70 -11.74
N SER J 91 17.29 -15.81 -12.80
CA SER J 91 17.73 -15.83 -14.21
C SER J 91 18.59 -14.58 -14.50
N VAL J 92 18.20 -13.43 -13.95
CA VAL J 92 18.89 -12.12 -14.10
C VAL J 92 20.35 -12.30 -13.66
N ALA J 93 20.57 -12.88 -12.48
CA ALA J 93 21.89 -13.08 -11.85
C ALA J 93 22.72 -14.08 -12.68
N ILE J 94 22.10 -15.16 -13.16
CA ILE J 94 22.78 -16.24 -13.93
C ILE J 94 23.34 -15.67 -15.23
N ALA J 95 22.55 -14.83 -15.92
CA ALA J 95 22.93 -14.12 -17.16
C ALA J 95 24.17 -13.24 -16.92
N ARG J 96 24.22 -12.56 -15.77
CA ARG J 96 25.37 -11.71 -15.34
C ARG J 96 26.63 -12.56 -15.22
N SER J 97 26.53 -13.72 -14.56
CA SER J 97 27.66 -14.63 -14.22
C SER J 97 28.25 -15.26 -15.47
N ARG J 98 27.40 -15.69 -16.41
CA ARG J 98 27.82 -16.50 -17.57
C ARG J 98 28.56 -15.62 -18.58
N ASP J 99 28.26 -14.32 -18.62
CA ASP J 99 28.99 -13.32 -19.44
C ASP J 99 30.27 -12.92 -18.68
N LYS J 100 31.38 -13.60 -18.94
CA LYS J 100 32.64 -13.45 -18.15
C LYS J 100 33.17 -12.02 -18.28
N LEU J 101 33.04 -11.40 -19.46
CA LEU J 101 33.44 -9.98 -19.71
C LEU J 101 32.64 -9.08 -18.76
N ARG J 102 31.31 -9.17 -18.82
CA ARG J 102 30.38 -8.35 -18.02
C ARG J 102 30.62 -8.60 -16.53
N SER J 103 30.84 -9.87 -16.15
CA SER J 103 31.05 -10.32 -14.76
C SER J 103 32.24 -9.56 -14.15
N LEU J 104 33.40 -9.58 -14.82
CA LEU J 104 34.65 -8.94 -14.34
C LEU J 104 34.46 -7.41 -14.30
N GLN J 105 33.81 -6.84 -15.30
CA GLN J 105 33.52 -5.37 -15.35
C GLN J 105 32.72 -4.97 -14.11
N LEU J 106 31.75 -5.79 -13.71
CA LEU J 106 30.81 -5.47 -12.61
C LEU J 106 31.55 -5.57 -11.27
N LEU J 107 32.38 -6.60 -11.11
CA LEU J 107 33.22 -6.83 -9.90
C LEU J 107 34.22 -5.67 -9.77
N SER J 108 34.84 -5.27 -10.89
CA SER J 108 35.82 -4.17 -10.97
C SER J 108 35.18 -2.86 -10.48
N ARG J 109 33.97 -2.57 -10.93
CA ARG J 109 33.27 -1.28 -10.65
C ARG J 109 32.90 -1.21 -9.16
N ARG J 110 32.57 -2.35 -8.53
CA ARG J 110 32.16 -2.42 -7.10
C ARG J 110 33.39 -2.63 -6.21
N GLY J 111 34.60 -2.57 -6.76
CA GLY J 111 35.88 -2.51 -6.02
C GLY J 111 36.30 -3.85 -5.44
N ILE J 112 35.82 -4.96 -6.01
CA ILE J 112 36.29 -6.34 -5.67
C ILE J 112 37.71 -6.49 -6.24
N GLY J 113 38.63 -7.04 -5.43
CA GLY J 113 40.01 -7.30 -5.87
C GLY J 113 40.03 -8.24 -7.07
N LEU J 114 40.61 -7.81 -8.18
CA LEU J 114 40.84 -8.63 -9.39
C LEU J 114 42.31 -8.54 -9.78
N PRO J 115 42.83 -9.51 -10.57
CA PRO J 115 44.12 -9.31 -11.23
C PRO J 115 43.96 -8.14 -12.23
N VAL J 116 45.05 -7.46 -12.56
CA VAL J 116 45.05 -6.45 -13.66
C VAL J 116 44.64 -7.19 -14.94
N THR J 117 43.61 -6.70 -15.63
CA THR J 117 42.90 -7.45 -16.70
C THR J 117 42.63 -6.55 -17.90
N GLY J 118 42.88 -7.09 -19.10
CA GLY J 118 42.58 -6.44 -20.39
C GLY J 118 41.69 -7.34 -21.24
N PHE J 119 40.87 -6.72 -22.10
CA PHE J 119 40.01 -7.40 -23.11
C PHE J 119 40.40 -6.90 -24.51
N ALA J 120 40.28 -7.77 -25.51
CA ALA J 120 40.59 -7.50 -26.92
C ALA J 120 39.81 -8.48 -27.81
N HIS J 121 39.60 -8.15 -29.08
CA HIS J 121 39.07 -9.08 -30.11
C HIS J 121 39.96 -9.01 -31.36
N SER J 122 39.99 -7.84 -32.00
CA SER J 122 40.79 -7.55 -33.22
C SER J 122 41.63 -6.30 -32.99
N PRO J 123 42.51 -6.28 -31.95
CA PRO J 123 43.37 -5.12 -31.69
C PRO J 123 44.40 -4.93 -32.81
N ASP J 124 44.65 -3.68 -33.20
CA ASP J 124 45.58 -3.31 -34.30
C ASP J 124 47.00 -3.13 -33.70
N ASP J 125 47.08 -2.65 -32.46
CA ASP J 125 48.37 -2.39 -31.74
C ASP J 125 48.43 -3.31 -30.51
N ILE J 126 48.89 -4.55 -30.70
CA ILE J 126 48.97 -5.59 -29.63
C ILE J 126 50.01 -5.16 -28.60
N PRO J 127 51.20 -4.65 -28.99
CA PRO J 127 52.15 -4.10 -28.02
C PRO J 127 51.50 -3.10 -27.05
N ASP J 128 50.58 -2.27 -27.56
CA ASP J 128 49.85 -1.25 -26.75
C ASP J 128 48.95 -1.95 -25.72
N LEU J 129 48.26 -3.01 -26.13
CA LEU J 129 47.40 -3.84 -25.25
C LEU J 129 48.25 -4.42 -24.12
N ILE J 130 49.41 -4.98 -24.44
CA ILE J 130 50.35 -5.62 -23.48
C ILE J 130 50.83 -4.56 -22.47
N GLN J 131 51.20 -3.37 -22.95
CA GLN J 131 51.68 -2.22 -22.13
C GLN J 131 50.58 -1.82 -21.13
N MET J 132 49.30 -1.85 -21.54
CA MET J 132 48.14 -1.40 -20.74
C MET J 132 47.94 -2.31 -19.50
N VAL J 133 48.46 -3.55 -19.56
CA VAL J 133 48.29 -4.59 -18.50
C VAL J 133 49.63 -4.79 -17.78
N ASN J 134 50.54 -3.80 -17.82
CA ASN J 134 51.84 -3.77 -17.12
C ASN J 134 52.77 -4.86 -17.64
N GLY J 135 52.59 -5.29 -18.90
CA GLY J 135 53.53 -6.17 -19.63
C GLY J 135 53.56 -7.59 -19.11
N ALA J 136 54.49 -8.39 -19.65
CA ALA J 136 54.72 -9.81 -19.30
C ALA J 136 55.31 -9.90 -17.89
N PRO J 137 55.17 -11.04 -17.17
CA PRO J 137 54.45 -12.21 -17.66
C PRO J 137 52.93 -12.03 -17.63
N LEU J 138 52.24 -12.51 -18.68
CA LEU J 138 50.77 -12.39 -18.87
C LEU J 138 50.16 -13.78 -19.05
N VAL J 139 49.01 -14.02 -18.42
CA VAL J 139 48.12 -15.18 -18.71
C VAL J 139 47.12 -14.73 -19.77
N ILE J 140 46.92 -15.54 -20.81
CA ILE J 140 46.08 -15.22 -22.00
C ILE J 140 45.04 -16.32 -22.17
N LYS J 141 43.77 -16.00 -21.90
CA LYS J 141 42.60 -16.92 -22.02
C LYS J 141 41.82 -16.55 -23.29
N VAL J 142 41.28 -17.54 -23.98
CA VAL J 142 40.25 -17.37 -25.06
C VAL J 142 38.88 -17.61 -24.42
N LEU J 143 37.84 -16.93 -24.91
CA LEU J 143 36.44 -17.04 -24.42
C LEU J 143 35.54 -17.47 -25.58
N GLU J 144 34.81 -18.58 -25.41
CA GLU J 144 33.73 -19.04 -26.33
C GLU J 144 32.40 -18.90 -25.58
N GLY J 145 31.96 -17.64 -25.39
CA GLY J 145 30.73 -17.29 -24.65
C GLY J 145 30.94 -17.31 -23.14
N THR J 146 30.77 -18.48 -22.52
CA THR J 146 30.83 -18.72 -21.05
C THR J 146 32.15 -19.39 -20.66
N GLN J 147 32.62 -20.36 -21.46
CA GLN J 147 33.82 -21.19 -21.15
C GLN J 147 35.10 -20.41 -21.47
N GLY J 148 36.12 -20.51 -20.59
CA GLY J 148 37.49 -20.02 -20.80
C GLY J 148 38.36 -21.08 -21.45
N ILE J 149 38.07 -21.38 -22.72
CA ILE J 149 38.37 -22.64 -23.46
C ILE J 149 39.85 -23.01 -23.31
N GLY J 150 40.77 -22.07 -23.57
CA GLY J 150 42.23 -22.28 -23.52
C GLY J 150 42.89 -21.23 -22.64
N VAL J 151 44.03 -21.58 -22.04
CA VAL J 151 44.81 -20.71 -21.10
C VAL J 151 46.30 -20.92 -21.37
N VAL J 152 47.06 -19.85 -21.61
CA VAL J 152 48.52 -19.87 -21.91
C VAL J 152 49.23 -18.84 -21.03
N LEU J 153 50.26 -19.27 -20.30
CA LEU J 153 51.21 -18.39 -19.60
C LEU J 153 52.29 -17.96 -20.62
N CYS J 154 52.44 -16.65 -20.82
CA CYS J 154 53.45 -16.04 -21.73
C CYS J 154 54.46 -15.26 -20.88
N GLU J 155 55.72 -15.70 -20.87
CA GLU J 155 56.81 -15.17 -20.01
C GLU J 155 57.30 -13.83 -20.55
N THR J 156 57.39 -13.70 -21.88
CA THR J 156 57.94 -12.51 -22.60
C THR J 156 56.82 -11.87 -23.45
N ALA J 157 56.94 -10.58 -23.74
CA ALA J 157 55.98 -9.80 -24.55
C ALA J 157 55.96 -10.33 -26.00
N THR J 158 57.07 -10.92 -26.47
CA THR J 158 57.18 -11.56 -27.81
C THR J 158 56.17 -12.72 -27.89
N ALA J 159 56.20 -13.61 -26.89
CA ALA J 159 55.31 -14.79 -26.78
C ALA J 159 53.86 -14.33 -26.64
N ALA J 160 53.60 -13.32 -25.80
CA ALA J 160 52.27 -12.72 -25.57
C ALA J 160 51.69 -12.26 -26.91
N GLU J 161 52.46 -11.48 -27.67
CA GLU J 161 52.06 -10.91 -28.98
C GLU J 161 51.76 -12.06 -29.95
N SER J 162 52.62 -13.08 -29.97
CA SER J 162 52.55 -14.25 -30.90
C SER J 162 51.27 -15.06 -30.64
N VAL J 163 50.90 -15.24 -29.37
CA VAL J 163 49.73 -16.06 -28.92
C VAL J 163 48.44 -15.26 -29.19
N ILE J 164 48.43 -13.96 -28.89
CA ILE J 164 47.25 -13.07 -29.12
C ILE J 164 46.92 -13.07 -30.61
N GLU J 165 47.93 -12.96 -31.47
CA GLU J 165 47.79 -12.95 -32.96
C GLU J 165 47.13 -14.25 -33.42
N ALA J 166 47.52 -15.38 -32.83
CA ALA J 166 46.99 -16.72 -33.15
C ALA J 166 45.48 -16.76 -32.82
N PHE J 167 45.12 -16.32 -31.62
CA PHE J 167 43.72 -16.35 -31.09
C PHE J 167 42.85 -15.38 -31.89
N MET J 168 43.42 -14.24 -32.30
CA MET J 168 42.77 -13.26 -33.21
C MET J 168 42.29 -13.99 -34.47
N GLY J 169 43.17 -14.80 -35.07
CA GLY J 169 42.89 -15.63 -36.25
C GLY J 169 41.62 -16.45 -36.09
N LEU J 170 41.33 -16.93 -34.87
CA LEU J 170 40.17 -17.80 -34.55
C LEU J 170 38.92 -16.95 -34.25
N LYS J 171 39.01 -15.62 -34.41
CA LYS J 171 37.89 -14.65 -34.27
C LYS J 171 37.21 -14.83 -32.91
N GLN J 172 38.00 -15.04 -31.85
CA GLN J 172 37.50 -15.29 -30.46
C GLN J 172 37.81 -14.05 -29.61
N ASP J 173 36.94 -13.76 -28.63
CA ASP J 173 37.17 -12.73 -27.58
C ASP J 173 38.38 -13.17 -26.75
N ILE J 174 39.35 -12.28 -26.56
CA ILE J 174 40.66 -12.58 -25.88
C ILE J 174 40.70 -11.83 -24.55
N MET J 175 41.13 -12.52 -23.49
CA MET J 175 41.35 -11.94 -22.15
C MET J 175 42.85 -12.01 -21.81
N VAL J 176 43.43 -10.88 -21.44
CA VAL J 176 44.87 -10.72 -21.06
C VAL J 176 44.91 -10.33 -19.58
N GLN J 177 45.62 -11.12 -18.77
CA GLN J 177 45.57 -10.99 -17.28
C GLN J 177 46.98 -11.06 -16.69
N GLU J 178 47.26 -10.16 -15.74
CA GLU J 178 48.47 -10.15 -14.87
C GLU J 178 48.65 -11.55 -14.28
N TYR J 179 49.82 -12.18 -14.48
CA TYR J 179 50.19 -13.49 -13.88
C TYR J 179 50.63 -13.28 -12.42
N ILE J 180 49.96 -13.98 -11.52
CA ILE J 180 50.21 -13.93 -10.05
C ILE J 180 51.03 -15.17 -9.67
N LYS J 181 52.36 -15.05 -9.72
CA LYS J 181 53.36 -16.13 -9.49
C LYS J 181 53.35 -16.61 -8.05
N GLU J 182 52.92 -15.74 -7.12
CA GLU J 182 52.94 -16.00 -5.64
C GLU J 182 51.98 -17.15 -5.30
N ALA J 183 50.94 -17.35 -6.12
CA ALA J 183 49.85 -18.34 -5.91
C ALA J 183 50.41 -19.77 -5.96
N GLY J 184 51.48 -19.98 -6.74
CA GLY J 184 52.19 -21.28 -6.86
C GLY J 184 51.34 -22.32 -7.58
N GLY J 185 50.51 -21.86 -8.52
CA GLY J 185 49.55 -22.69 -9.29
C GLY J 185 48.48 -23.29 -8.40
N ALA J 186 47.94 -22.49 -7.47
CA ALA J 186 46.90 -22.89 -6.50
C ALA J 186 45.83 -21.79 -6.42
N ASP J 187 44.57 -22.20 -6.21
CA ASP J 187 43.42 -21.27 -5.99
C ASP J 187 42.55 -21.84 -4.87
N ILE J 188 41.87 -20.94 -4.15
CA ILE J 188 40.82 -21.27 -3.15
C ILE J 188 39.47 -21.26 -3.89
N ARG J 189 38.73 -22.37 -3.86
CA ARG J 189 37.31 -22.42 -4.30
C ARG J 189 36.42 -22.31 -3.05
N CYS J 190 35.79 -21.16 -2.84
CA CYS J 190 34.82 -20.91 -1.76
C CYS J 190 33.41 -21.17 -2.28
N PHE J 191 32.58 -21.85 -1.47
CA PHE J 191 31.22 -22.30 -1.83
C PHE J 191 30.20 -21.51 -0.99
N VAL J 192 29.47 -20.60 -1.65
CA VAL J 192 28.52 -19.65 -1.00
C VAL J 192 27.11 -20.23 -1.08
N VAL J 193 26.39 -20.22 0.05
CA VAL J 193 24.93 -20.46 0.15
C VAL J 193 24.35 -19.43 1.11
N GLY J 194 23.49 -18.53 0.63
CA GLY J 194 23.00 -17.37 1.39
C GLY J 194 24.12 -16.45 1.78
N ASP J 195 24.20 -16.08 3.05
CA ASP J 195 25.16 -15.09 3.61
C ASP J 195 26.39 -15.80 4.18
N LYS J 196 26.64 -17.06 3.80
CA LYS J 196 27.68 -17.91 4.45
C LYS J 196 28.50 -18.65 3.39
N VAL J 197 29.82 -18.70 3.60
CA VAL J 197 30.75 -19.65 2.92
C VAL J 197 30.70 -20.97 3.71
N ILE J 198 29.94 -21.95 3.21
CA ILE J 198 29.61 -23.21 3.93
C ILE J 198 30.75 -24.22 3.78
N ALA J 199 31.58 -24.08 2.74
CA ALA J 199 32.66 -25.03 2.40
C ALA J 199 33.72 -24.33 1.55
N SER J 200 34.98 -24.75 1.68
CA SER J 200 36.15 -24.21 0.96
C SER J 200 37.13 -25.34 0.67
N MET J 201 38.00 -25.18 -0.33
CA MET J 201 39.08 -26.15 -0.66
C MET J 201 40.15 -25.48 -1.52
N LYS J 202 41.41 -25.85 -1.32
CA LYS J 202 42.56 -25.47 -2.17
C LYS J 202 42.62 -26.46 -3.34
N ARG J 203 42.87 -25.97 -4.56
CA ARG J 203 43.21 -26.79 -5.74
C ARG J 203 44.68 -26.55 -6.07
N GLN J 204 45.40 -27.59 -6.52
CA GLN J 204 46.87 -27.54 -6.78
C GLN J 204 47.16 -28.14 -8.16
N ALA J 205 48.14 -27.56 -8.87
CA ALA J 205 48.64 -28.04 -10.19
C ALA J 205 49.57 -29.24 -9.99
N LYS J 206 49.90 -29.94 -11.08
CA LYS J 206 50.83 -31.10 -11.09
C LYS J 206 52.24 -30.61 -10.77
N PRO J 207 53.22 -31.53 -10.53
CA PRO J 207 54.59 -31.13 -10.20
C PRO J 207 55.24 -30.01 -11.04
N GLY J 208 54.81 -29.85 -12.31
CA GLY J 208 55.44 -28.94 -13.29
C GLY J 208 54.61 -27.72 -13.63
N GLU J 209 53.29 -27.88 -13.84
CA GLU J 209 52.42 -26.88 -14.52
C GLU J 209 51.87 -25.84 -13.52
N PHE J 210 51.06 -24.91 -14.02
CA PHE J 210 50.45 -23.76 -13.29
C PHE J 210 48.92 -23.89 -13.28
N GLY J 217 44.58 -34.26 -13.56
CA GLY J 217 45.61 -34.48 -12.53
C GLY J 217 45.89 -33.24 -11.71
N GLY J 218 44.89 -32.79 -10.92
CA GLY J 218 45.03 -31.70 -9.93
C GLY J 218 44.44 -32.09 -8.57
N SER J 219 45.27 -32.07 -7.53
CA SER J 219 44.93 -32.44 -6.13
C SER J 219 44.12 -31.31 -5.46
N ALA J 220 43.07 -31.67 -4.73
CA ALA J 220 42.28 -30.78 -3.85
C ALA J 220 42.52 -31.18 -2.39
N SER J 221 42.48 -30.21 -1.47
CA SER J 221 42.72 -30.41 -0.02
C SER J 221 41.95 -29.38 0.81
N LEU J 222 41.79 -29.65 2.11
CA LEU J 222 41.16 -28.73 3.11
C LEU J 222 42.03 -27.48 3.26
N ILE J 223 41.42 -26.34 3.55
CA ILE J 223 42.13 -25.05 3.82
C ILE J 223 41.28 -24.17 4.74
N LYS J 224 41.91 -23.61 5.78
CA LYS J 224 41.31 -22.56 6.65
C LYS J 224 41.42 -21.23 5.91
N ILE J 225 40.29 -20.62 5.51
CA ILE J 225 40.28 -19.33 4.76
C ILE J 225 40.32 -18.16 5.74
N THR J 226 40.97 -17.07 5.35
CA THR J 226 41.08 -15.81 6.14
C THR J 226 39.71 -15.15 6.21
N PRO J 227 39.45 -14.28 7.21
CA PRO J 227 38.19 -13.54 7.26
C PRO J 227 37.96 -12.65 6.02
N GLU J 228 39.03 -12.13 5.40
CA GLU J 228 38.96 -11.21 4.23
C GLU J 228 38.66 -12.03 2.97
N GLU J 229 39.12 -13.30 2.91
CA GLU J 229 38.85 -14.23 1.79
C GLU J 229 37.37 -14.62 1.82
N ARG J 230 36.83 -14.92 3.00
CA ARG J 230 35.38 -15.20 3.23
C ARG J 230 34.57 -13.99 2.78
N MET J 231 34.94 -12.81 3.27
CA MET J 231 34.23 -11.53 3.00
C MET J 231 34.21 -11.23 1.50
N THR J 232 35.32 -11.51 0.80
CA THR J 232 35.50 -11.30 -0.66
C THR J 232 34.54 -12.22 -1.44
N ALA J 233 34.49 -13.50 -1.06
CA ALA J 233 33.65 -14.54 -1.69
C ALA J 233 32.17 -14.14 -1.58
N LEU J 234 31.72 -13.77 -0.39
CA LEU J 234 30.31 -13.35 -0.13
C LEU J 234 29.99 -12.10 -0.94
N ARG J 235 30.88 -11.10 -0.95
CA ARG J 235 30.68 -9.81 -1.65
C ARG J 235 30.61 -10.06 -3.17
N ALA J 236 31.48 -10.92 -3.69
CA ALA J 236 31.54 -11.27 -5.13
C ALA J 236 30.18 -11.86 -5.56
N ALA J 237 29.66 -12.82 -4.79
CA ALA J 237 28.36 -13.48 -5.03
C ALA J 237 27.23 -12.46 -4.95
N LYS J 238 27.28 -11.53 -4.00
CA LYS J 238 26.20 -10.52 -3.76
C LYS J 238 26.16 -9.52 -4.91
N VAL J 239 27.33 -9.14 -5.44
CA VAL J 239 27.47 -8.21 -6.61
C VAL J 239 26.82 -8.85 -7.85
N MET J 240 27.02 -10.15 -8.06
CA MET J 240 26.40 -10.90 -9.19
C MET J 240 24.90 -11.10 -8.90
N GLY J 241 24.52 -11.08 -7.62
CA GLY J 241 23.13 -11.26 -7.16
C GLY J 241 22.75 -12.72 -7.05
N LEU J 242 23.72 -13.58 -6.73
CA LEU J 242 23.54 -15.05 -6.62
C LEU J 242 23.37 -15.41 -5.14
N SER J 243 22.46 -16.34 -4.84
CA SER J 243 22.24 -16.92 -3.50
C SER J 243 23.19 -18.10 -3.30
N VAL J 244 23.43 -18.87 -4.36
CA VAL J 244 24.36 -20.04 -4.38
C VAL J 244 25.38 -19.80 -5.49
N ALA J 245 26.68 -19.86 -5.16
CA ALA J 245 27.78 -19.61 -6.12
C ALA J 245 29.07 -20.27 -5.64
N GLY J 246 29.90 -20.71 -6.58
CA GLY J 246 31.33 -21.02 -6.37
C GLY J 246 32.19 -19.84 -6.77
N VAL J 247 33.01 -19.32 -5.85
CA VAL J 247 33.94 -18.17 -6.08
C VAL J 247 35.37 -18.68 -6.03
N ASP J 248 36.11 -18.59 -7.14
CA ASP J 248 37.54 -18.96 -7.22
C ASP J 248 38.38 -17.72 -6.85
N ILE J 249 39.36 -17.91 -5.98
CA ILE J 249 40.19 -16.81 -5.38
C ILE J 249 41.66 -17.19 -5.48
N LEU J 250 42.52 -16.21 -5.78
CA LEU J 250 44.00 -16.32 -5.76
C LEU J 250 44.53 -15.58 -4.53
N ARG J 251 45.38 -16.23 -3.74
CA ARG J 251 46.16 -15.60 -2.64
C ARG J 251 47.32 -14.81 -3.27
N SER J 252 47.24 -13.48 -3.26
CA SER J 252 48.27 -12.58 -3.82
C SER J 252 48.93 -11.78 -2.70
N ASN J 253 50.07 -11.14 -3.01
CA ASN J 253 50.83 -10.27 -2.09
C ASN J 253 49.94 -9.12 -1.61
N HIS J 254 49.03 -8.62 -2.47
CA HIS J 254 48.16 -7.45 -2.21
C HIS J 254 46.72 -7.91 -1.89
N GLY J 255 46.54 -9.13 -1.40
CA GLY J 255 45.26 -9.63 -0.86
C GLY J 255 44.59 -10.67 -1.76
N PRO J 256 43.35 -11.09 -1.44
CA PRO J 256 42.63 -12.07 -2.26
C PRO J 256 42.07 -11.44 -3.54
N LEU J 257 42.23 -12.13 -4.67
CA LEU J 257 41.78 -11.69 -6.02
C LEU J 257 40.82 -12.74 -6.59
N VAL J 258 39.62 -12.30 -7.02
CA VAL J 258 38.57 -13.20 -7.59
C VAL J 258 38.93 -13.52 -9.04
N MET J 259 38.91 -14.81 -9.41
CA MET J 259 39.18 -15.31 -10.78
C MET J 259 37.85 -15.47 -11.51
N GLU J 260 36.92 -16.22 -10.91
CA GLU J 260 35.61 -16.57 -11.52
C GLU J 260 34.52 -16.61 -10.43
N VAL J 261 33.28 -16.34 -10.82
CA VAL J 261 32.05 -16.59 -10.02
C VAL J 261 31.14 -17.48 -10.85
N ASN J 262 30.92 -18.72 -10.41
CA ASN J 262 30.14 -19.77 -11.10
C ASN J 262 28.75 -19.86 -10.45
N SER J 263 27.69 -19.69 -11.24
CA SER J 263 26.27 -19.61 -10.79
C SER J 263 25.70 -21.00 -10.50
N SER J 264 26.33 -22.07 -11.03
CA SER J 264 25.95 -23.47 -10.71
C SER J 264 27.21 -24.31 -10.51
N PRO J 265 27.90 -24.17 -9.36
CA PRO J 265 29.17 -24.88 -9.14
C PRO J 265 28.97 -26.38 -8.93
N GLY J 266 29.93 -27.19 -9.40
CA GLY J 266 29.93 -28.66 -9.21
C GLY J 266 29.98 -29.00 -7.72
N LEU J 267 29.48 -30.18 -7.35
CA LEU J 267 29.36 -30.61 -5.93
C LEU J 267 30.35 -31.75 -5.61
N GLU J 268 30.78 -32.53 -6.60
CA GLU J 268 31.63 -33.73 -6.39
C GLU J 268 32.94 -33.32 -5.72
N GLY J 269 33.67 -32.37 -6.30
CA GLY J 269 34.96 -31.87 -5.78
C GLY J 269 34.86 -31.45 -4.32
N ILE J 270 33.95 -30.52 -4.03
CA ILE J 270 33.81 -29.88 -2.68
C ILE J 270 33.37 -30.93 -1.64
N GLU J 271 32.45 -31.84 -1.99
CA GLU J 271 31.84 -32.80 -1.04
C GLU J 271 32.86 -33.91 -0.70
N VAL J 272 33.56 -34.44 -1.69
CA VAL J 272 34.60 -35.50 -1.50
C VAL J 272 35.68 -34.97 -0.55
N THR J 273 36.09 -33.71 -0.73
CA THR J 273 37.22 -33.08 0.01
C THR J 273 36.82 -32.76 1.45
N THR J 274 35.62 -32.20 1.66
CA THR J 274 35.17 -31.64 2.97
C THR J 274 34.29 -32.63 3.74
N SER J 275 33.68 -33.61 3.06
CA SER J 275 32.72 -34.60 3.63
C SER J 275 31.49 -33.88 4.18
N LYS J 276 31.16 -32.70 3.65
CA LYS J 276 29.98 -31.90 4.04
C LYS J 276 28.80 -32.23 3.12
N ASP J 277 27.58 -32.21 3.65
CA ASP J 277 26.31 -32.37 2.88
C ASP J 277 25.96 -31.03 2.26
N VAL J 278 26.68 -30.63 1.20
CA VAL J 278 26.49 -29.33 0.50
C VAL J 278 25.13 -29.34 -0.20
N ALA J 279 24.81 -30.43 -0.91
CA ALA J 279 23.48 -30.67 -1.52
C ALA J 279 22.39 -30.45 -0.47
N GLY J 280 22.58 -30.99 0.74
CA GLY J 280 21.65 -30.85 1.88
C GLY J 280 21.42 -29.40 2.26
N MET J 281 22.50 -28.62 2.40
CA MET J 281 22.47 -27.21 2.86
C MET J 281 21.78 -26.33 1.81
N ILE J 282 21.91 -26.68 0.53
CA ILE J 282 21.21 -25.99 -0.60
C ILE J 282 19.70 -26.20 -0.43
N ILE J 283 19.28 -27.45 -0.20
CA ILE J 283 17.84 -27.82 0.01
C ILE J 283 17.34 -27.11 1.28
N GLU J 284 18.17 -27.08 2.32
CA GLU J 284 17.88 -26.44 3.63
C GLU J 284 17.67 -24.93 3.42
N TYR J 285 18.42 -24.31 2.49
CA TYR J 285 18.30 -22.88 2.15
C TYR J 285 16.94 -22.62 1.48
N LEU J 286 16.53 -23.49 0.55
CA LEU J 286 15.23 -23.41 -0.16
C LEU J 286 14.09 -23.49 0.86
N GLU J 287 14.22 -24.37 1.87
CA GLU J 287 13.20 -24.59 2.93
C GLU J 287 12.90 -23.27 3.66
N LYS J 288 13.92 -22.46 3.92
CA LYS J 288 13.83 -21.23 4.76
C LYS J 288 13.37 -20.03 3.93
N ASN J 289 13.91 -19.87 2.71
CA ASN J 289 13.74 -18.65 1.89
C ASN J 289 12.64 -18.83 0.82
N SER J 290 12.09 -20.03 0.68
CA SER J 290 10.92 -20.31 -0.20
C SER J 290 9.69 -19.54 0.31
N GLY J 291 9.53 -19.41 1.63
CA GLY J 291 8.46 -18.59 2.25
C GLY J 291 7.10 -19.29 2.16
N PRO J 292 5.98 -18.53 2.06
CA PRO J 292 4.66 -19.12 1.84
C PRO J 292 4.64 -20.24 0.79
N MET K 1 45.57 -62.29 -37.62
CA MET K 1 45.74 -60.87 -38.04
C MET K 1 45.64 -59.94 -36.84
N LYS K 2 46.37 -58.83 -36.87
CA LYS K 2 46.18 -57.67 -35.95
C LYS K 2 45.37 -56.61 -36.71
N ILE K 3 44.18 -56.26 -36.21
CA ILE K 3 43.21 -55.37 -36.90
C ILE K 3 42.92 -54.17 -36.00
N ALA K 4 43.07 -52.96 -36.55
CA ALA K 4 42.67 -51.68 -35.91
C ALA K 4 41.22 -51.39 -36.27
N VAL K 5 40.44 -50.92 -35.30
CA VAL K 5 39.03 -50.45 -35.51
C VAL K 5 38.98 -48.98 -35.12
N LEU K 6 38.91 -48.09 -36.11
CA LEU K 6 38.85 -46.62 -35.93
C LEU K 6 37.43 -46.22 -35.51
N SER K 7 37.17 -46.05 -34.22
CA SER K 7 35.84 -45.73 -33.66
C SER K 7 35.97 -44.74 -32.50
N ARG K 8 35.11 -43.73 -32.46
CA ARG K 8 35.07 -42.69 -31.39
C ARG K 8 34.57 -43.35 -30.08
N ASN K 9 33.72 -44.36 -30.17
CA ASN K 9 33.08 -45.03 -29.00
C ASN K 9 33.17 -46.56 -29.16
N PRO K 10 34.01 -47.24 -28.34
CA PRO K 10 34.11 -48.70 -28.38
C PRO K 10 32.95 -49.47 -27.75
N ARG K 11 32.04 -48.75 -27.09
CA ARG K 11 30.88 -49.34 -26.33
C ARG K 11 29.62 -49.32 -27.21
N LEU K 12 29.71 -48.82 -28.45
CA LEU K 12 28.60 -48.80 -29.44
C LEU K 12 28.48 -50.18 -30.09
N TYR K 13 27.25 -50.63 -30.35
CA TYR K 13 26.91 -52.00 -30.82
C TYR K 13 27.86 -52.43 -31.94
N SER K 14 27.95 -51.63 -33.01
CA SER K 14 28.64 -51.97 -34.28
C SER K 14 30.14 -52.22 -34.04
N THR K 15 30.77 -51.44 -33.15
CA THR K 15 32.21 -51.57 -32.83
C THR K 15 32.42 -52.81 -31.96
N ARG K 16 31.62 -52.97 -30.90
CA ARG K 16 31.64 -54.16 -30.01
C ARG K 16 31.57 -55.43 -30.87
N ARG K 17 30.60 -55.48 -31.79
CA ARG K 17 30.34 -56.67 -32.65
C ARG K 17 31.55 -56.96 -33.53
N LEU K 18 32.23 -55.92 -34.04
CA LEU K 18 33.40 -56.08 -34.93
C LEU K 18 34.58 -56.66 -34.14
N VAL K 19 34.77 -56.26 -32.86
CA VAL K 19 35.88 -56.81 -32.03
C VAL K 19 35.51 -58.26 -31.63
N GLU K 20 34.26 -58.52 -31.26
CA GLU K 20 33.75 -59.88 -30.94
C GLU K 20 34.11 -60.83 -32.09
N ALA K 21 33.53 -60.58 -33.28
CA ALA K 21 33.67 -61.41 -34.49
C ALA K 21 35.16 -61.67 -34.77
N GLY K 22 36.00 -60.65 -34.56
CA GLY K 22 37.46 -60.72 -34.75
C GLY K 22 38.11 -61.65 -33.74
N ILE K 23 37.87 -61.40 -32.44
CA ILE K 23 38.40 -62.20 -31.30
C ILE K 23 37.95 -63.66 -31.50
N GLU K 24 36.65 -63.87 -31.79
CA GLU K 24 36.04 -65.20 -32.05
C GLU K 24 36.85 -65.97 -33.10
N ARG K 25 37.39 -65.26 -34.11
CA ARG K 25 38.08 -65.86 -35.28
C ARG K 25 39.60 -65.78 -35.08
N GLY K 26 40.05 -65.46 -33.87
CA GLY K 26 41.44 -65.64 -33.40
C GLY K 26 42.34 -64.46 -33.72
N HIS K 27 41.76 -63.31 -34.04
CA HIS K 27 42.49 -62.06 -34.43
C HIS K 27 42.70 -61.18 -33.19
N GLU K 28 43.71 -60.32 -33.22
CA GLU K 28 43.98 -59.29 -32.18
C GLU K 28 43.30 -58.00 -32.62
N MET K 29 42.30 -57.55 -31.85
CA MET K 29 41.44 -56.38 -32.20
C MET K 29 41.79 -55.22 -31.27
N VAL K 30 42.21 -54.09 -31.85
CA VAL K 30 42.55 -52.84 -31.11
C VAL K 30 41.60 -51.73 -31.58
N VAL K 31 40.89 -51.11 -30.64
CA VAL K 31 39.99 -49.94 -30.89
C VAL K 31 40.82 -48.67 -30.71
N ILE K 32 40.84 -47.80 -31.75
CA ILE K 32 41.62 -46.54 -31.80
C ILE K 32 40.65 -45.37 -31.98
N ASP K 33 40.61 -44.44 -31.01
CA ASP K 33 39.92 -43.13 -31.15
C ASP K 33 40.83 -42.25 -32.02
N THR K 34 40.47 -42.05 -33.29
CA THR K 34 41.33 -41.40 -34.32
C THR K 34 41.86 -40.06 -33.82
N LEU K 35 41.05 -39.30 -33.07
CA LEU K 35 41.41 -37.95 -32.57
C LEU K 35 42.60 -38.04 -31.59
N ARG K 36 42.74 -39.15 -30.87
CA ARG K 36 43.79 -39.35 -29.83
C ARG K 36 45.06 -39.95 -30.46
N ALA K 37 44.98 -40.32 -31.75
CA ALA K 37 46.15 -40.68 -32.60
C ALA K 37 46.83 -39.39 -33.07
N TYR K 38 48.16 -39.36 -33.02
CA TYR K 38 49.02 -38.28 -33.55
C TYR K 38 50.16 -38.94 -34.32
N MET K 39 50.68 -38.26 -35.34
CA MET K 39 51.61 -38.91 -36.31
C MET K 39 52.66 -37.92 -36.80
N ASN K 40 53.78 -38.49 -37.27
CA ASN K 40 54.84 -37.82 -38.04
C ASN K 40 54.74 -38.33 -39.48
N ILE K 41 54.53 -37.43 -40.44
CA ILE K 41 54.49 -37.78 -41.90
C ILE K 41 55.93 -37.71 -42.43
N ALA K 42 56.34 -38.69 -43.21
CA ALA K 42 57.73 -38.89 -43.66
C ALA K 42 57.79 -40.00 -44.71
N SER K 43 58.66 -39.83 -45.71
CA SER K 43 58.92 -40.83 -46.79
C SER K 43 59.42 -42.14 -46.18
N HIS K 44 60.57 -42.09 -45.47
CA HIS K 44 61.27 -43.24 -44.84
C HIS K 44 60.39 -43.82 -43.72
N LYS K 45 60.48 -43.32 -42.49
CA LYS K 45 59.90 -43.98 -41.27
C LYS K 45 58.69 -43.19 -40.78
N PRO K 46 57.50 -43.30 -41.44
CA PRO K 46 56.30 -42.62 -40.97
C PRO K 46 55.67 -43.32 -39.76
N GLN K 47 55.42 -42.56 -38.68
CA GLN K 47 54.95 -43.10 -37.38
C GLN K 47 53.51 -42.68 -37.14
N ILE K 48 52.71 -43.56 -36.52
CA ILE K 48 51.47 -43.21 -35.76
C ILE K 48 51.72 -43.61 -34.30
N HIS K 49 51.55 -42.66 -33.37
CA HIS K 49 51.62 -42.88 -31.91
C HIS K 49 50.21 -42.74 -31.33
N TYR K 50 49.97 -43.35 -30.17
CA TYR K 50 48.66 -43.41 -29.46
C TYR K 50 48.92 -43.58 -27.97
N ARG K 51 48.53 -42.59 -27.16
CA ARG K 51 48.72 -42.59 -25.68
C ARG K 51 50.19 -42.92 -25.34
N GLY K 52 51.15 -42.33 -26.05
CA GLY K 52 52.58 -42.36 -25.70
C GLY K 52 53.35 -43.47 -26.40
N LYS K 53 52.65 -44.51 -26.88
CA LYS K 53 53.26 -45.72 -27.51
C LYS K 53 52.98 -45.72 -29.01
N PRO K 54 53.89 -46.28 -29.85
CA PRO K 54 53.65 -46.38 -31.29
C PRO K 54 52.63 -47.48 -31.64
N LEU K 55 51.90 -47.31 -32.75
CA LEU K 55 50.98 -48.32 -33.34
C LEU K 55 51.72 -49.06 -34.47
N GLU K 56 52.09 -50.33 -34.23
CA GLU K 56 52.92 -51.16 -35.15
C GLU K 56 52.19 -52.46 -35.50
N GLY K 57 52.67 -53.13 -36.56
CA GLY K 57 52.36 -54.53 -36.87
C GLY K 57 50.89 -54.78 -37.17
N PHE K 58 50.15 -53.75 -37.56
CA PHE K 58 48.72 -53.85 -37.97
C PHE K 58 48.67 -54.40 -39.40
N ASP K 59 47.79 -55.37 -39.64
CA ASP K 59 47.60 -56.06 -40.94
C ASP K 59 46.45 -55.40 -41.70
N ALA K 60 45.41 -54.96 -40.99
CA ALA K 60 44.19 -54.34 -41.57
C ALA K 60 43.61 -53.30 -40.62
N VAL K 61 42.82 -52.38 -41.16
CA VAL K 61 42.12 -51.30 -40.41
C VAL K 61 40.68 -51.22 -40.91
N ILE K 62 39.71 -51.17 -39.99
CA ILE K 62 38.26 -51.00 -40.27
C ILE K 62 37.89 -49.56 -39.91
N PRO K 63 37.74 -48.66 -40.90
CA PRO K 63 37.42 -47.26 -40.61
C PRO K 63 35.91 -47.11 -40.35
N ARG K 64 35.53 -46.73 -39.13
CA ARG K 64 34.15 -46.34 -38.77
C ARG K 64 34.15 -44.83 -38.50
N ILE K 65 34.31 -44.04 -39.57
CA ILE K 65 34.39 -42.55 -39.52
C ILE K 65 32.96 -42.02 -39.34
N GLY K 66 32.74 -41.19 -38.31
CA GLY K 66 31.44 -40.54 -38.03
C GLY K 66 31.21 -39.33 -38.93
N ALA K 67 29.97 -38.84 -38.99
CA ALA K 67 29.56 -37.63 -39.74
C ALA K 67 29.89 -36.38 -38.91
N SER K 68 31.18 -36.13 -38.67
CA SER K 68 31.73 -35.02 -37.84
C SER K 68 32.41 -33.99 -38.75
N VAL K 69 33.05 -32.97 -38.14
CA VAL K 69 33.90 -31.95 -38.85
C VAL K 69 35.33 -32.51 -38.94
N THR K 70 35.46 -33.75 -39.46
CA THR K 70 36.63 -34.65 -39.23
C THR K 70 37.33 -34.95 -40.57
N PHE K 71 38.14 -34.00 -41.04
CA PHE K 71 39.20 -34.23 -42.06
C PHE K 71 40.32 -35.06 -41.42
N TYR K 72 40.49 -34.96 -40.09
CA TYR K 72 41.56 -35.62 -39.30
C TYR K 72 41.40 -37.14 -39.35
N GLY K 73 40.17 -37.63 -39.18
CA GLY K 73 39.86 -39.08 -39.20
C GLY K 73 40.35 -39.74 -40.47
N CYS K 74 40.08 -39.11 -41.63
CA CYS K 74 40.53 -39.58 -42.97
C CYS K 74 42.06 -39.56 -43.03
N ALA K 75 42.71 -38.56 -42.41
CA ALA K 75 44.19 -38.40 -42.39
C ALA K 75 44.83 -39.58 -41.63
N VAL K 76 44.23 -39.99 -40.52
CA VAL K 76 44.71 -41.14 -39.70
C VAL K 76 44.57 -42.42 -40.53
N LEU K 77 43.44 -42.60 -41.21
CA LEU K 77 43.20 -43.75 -42.13
C LEU K 77 44.24 -43.74 -43.25
N ARG K 78 44.55 -42.56 -43.80
CA ARG K 78 45.50 -42.38 -44.92
C ARG K 78 46.90 -42.84 -44.47
N GLN K 79 47.34 -42.44 -43.26
CA GLN K 79 48.65 -42.87 -42.70
C GLN K 79 48.73 -44.39 -42.69
N PHE K 80 47.70 -45.05 -42.15
CA PHE K 80 47.61 -46.54 -42.07
C PHE K 80 47.82 -47.11 -43.47
N GLU K 81 47.09 -46.59 -44.47
CA GLU K 81 47.15 -47.03 -45.89
C GLU K 81 48.60 -46.91 -46.40
N MET K 82 49.22 -45.76 -46.16
CA MET K 82 50.58 -45.41 -46.66
C MET K 82 51.64 -46.24 -45.91
N MET K 83 51.32 -46.70 -44.69
CA MET K 83 52.20 -47.56 -43.87
C MET K 83 51.95 -49.05 -44.20
N GLY K 84 51.15 -49.34 -45.24
CA GLY K 84 51.00 -50.67 -45.84
C GLY K 84 49.80 -51.44 -45.30
N VAL K 85 49.10 -50.89 -44.31
CA VAL K 85 47.94 -51.55 -43.63
C VAL K 85 46.77 -51.58 -44.62
N PHE K 86 46.09 -52.73 -44.74
CA PHE K 86 44.94 -52.94 -45.66
C PHE K 86 43.69 -52.31 -45.07
N PRO K 87 43.05 -51.35 -45.77
CA PRO K 87 41.79 -50.77 -45.31
C PRO K 87 40.56 -51.54 -45.83
N LEU K 88 39.54 -51.68 -44.98
CA LEU K 88 38.25 -52.31 -45.37
C LEU K 88 37.64 -51.50 -46.50
N ASN K 89 37.60 -50.18 -46.34
CA ASN K 89 37.25 -49.19 -47.39
C ASN K 89 38.38 -48.16 -47.49
N GLU K 90 38.80 -47.84 -48.71
CA GLU K 90 39.89 -46.87 -49.00
C GLU K 90 39.42 -45.46 -48.63
N SER K 91 40.33 -44.64 -48.10
CA SER K 91 40.07 -43.23 -47.72
C SER K 91 39.47 -42.46 -48.91
N VAL K 92 39.99 -42.72 -50.11
CA VAL K 92 39.53 -42.08 -51.39
C VAL K 92 38.02 -42.30 -51.52
N ALA K 93 37.57 -43.54 -51.37
CA ALA K 93 36.16 -43.96 -51.54
C ALA K 93 35.29 -43.33 -50.46
N ILE K 94 35.78 -43.29 -49.20
CA ILE K 94 35.02 -42.77 -48.03
C ILE K 94 34.74 -41.27 -48.23
N ALA K 95 35.74 -40.53 -48.72
CA ALA K 95 35.64 -39.08 -49.04
C ALA K 95 34.54 -38.85 -50.09
N ARG K 96 34.46 -39.72 -51.09
CA ARG K 96 33.41 -39.67 -52.16
C ARG K 96 32.01 -39.83 -51.54
N SER K 97 31.85 -40.82 -50.65
CA SER K 97 30.56 -41.21 -50.02
C SER K 97 30.03 -40.12 -49.09
N ARG K 98 30.91 -39.52 -48.30
CA ARG K 98 30.53 -38.59 -47.20
C ARG K 98 30.08 -37.25 -47.80
N ASP K 99 30.58 -36.88 -48.98
CA ASP K 99 30.11 -35.70 -49.74
C ASP K 99 28.83 -36.10 -50.50
N LYS K 100 27.66 -35.88 -49.91
CA LYS K 100 26.36 -36.38 -50.44
C LYS K 100 26.08 -35.75 -51.82
N LEU K 101 26.43 -34.48 -52.01
CA LEU K 101 26.30 -33.77 -53.32
C LEU K 101 27.11 -34.52 -54.38
N ARG K 102 28.41 -34.70 -54.11
CA ARG K 102 29.37 -35.38 -55.04
C ARG K 102 28.90 -36.82 -55.29
N SER K 103 28.45 -37.50 -54.25
CA SER K 103 28.00 -38.92 -54.28
C SER K 103 26.88 -39.07 -55.31
N LEU K 104 25.83 -38.25 -55.22
CA LEU K 104 24.64 -38.31 -56.13
C LEU K 104 25.06 -37.93 -57.55
N GLN K 105 25.92 -36.93 -57.71
CA GLN K 105 26.45 -36.50 -59.04
C GLN K 105 27.15 -37.69 -59.71
N LEU K 106 27.92 -38.47 -58.94
CA LEU K 106 28.76 -39.58 -59.48
C LEU K 106 27.85 -40.74 -59.89
N LEU K 107 26.85 -41.06 -59.07
CA LEU K 107 25.84 -42.11 -59.34
C LEU K 107 25.04 -41.73 -60.58
N SER K 108 24.63 -40.46 -60.69
CA SER K 108 23.86 -39.89 -61.82
C SER K 108 24.64 -40.08 -63.12
N ARG K 109 25.94 -39.77 -63.12
CA ARG K 109 26.80 -39.78 -64.33
C ARG K 109 26.98 -41.22 -64.82
N ARG K 110 27.04 -42.20 -63.91
CA ARG K 110 27.25 -43.63 -64.25
C ARG K 110 25.91 -44.33 -64.48
N GLY K 111 24.79 -43.58 -64.51
CA GLY K 111 23.47 -44.05 -64.94
C GLY K 111 22.77 -44.92 -63.92
N ILE K 112 23.12 -44.79 -62.64
CA ILE K 112 22.39 -45.44 -61.51
C ILE K 112 21.06 -44.73 -61.35
N GLY K 113 19.97 -45.49 -61.20
CA GLY K 113 18.62 -44.93 -60.99
C GLY K 113 18.58 -44.07 -59.74
N LEU K 114 18.22 -42.80 -59.87
CA LEU K 114 18.01 -41.87 -58.73
C LEU K 114 16.64 -41.23 -58.87
N PRO K 115 16.06 -40.70 -57.78
CA PRO K 115 14.92 -39.79 -57.89
C PRO K 115 15.39 -38.55 -58.65
N VAL K 116 14.46 -37.84 -59.30
CA VAL K 116 14.74 -36.51 -59.91
C VAL K 116 15.19 -35.60 -58.76
N THR K 117 16.37 -34.97 -58.90
CA THR K 117 17.08 -34.31 -57.77
C THR K 117 17.63 -32.95 -58.22
N GLY K 118 17.45 -31.94 -57.36
CA GLY K 118 18.01 -30.58 -57.53
C GLY K 118 18.84 -30.19 -56.31
N PHE K 119 19.85 -29.34 -56.53
CA PHE K 119 20.69 -28.72 -55.48
C PHE K 119 20.57 -27.19 -55.55
N ALA K 120 20.68 -26.53 -54.41
CA ALA K 120 20.60 -25.06 -54.26
C ALA K 120 21.32 -24.66 -52.97
N HIS K 121 21.70 -23.39 -52.83
CA HIS K 121 22.21 -22.78 -51.57
C HIS K 121 21.49 -21.44 -51.36
N SER K 122 21.73 -20.49 -52.27
CA SER K 122 21.14 -19.13 -52.27
C SER K 122 20.48 -18.86 -53.62
N PRO K 123 19.50 -19.68 -54.05
CA PRO K 123 18.80 -19.47 -55.31
C PRO K 123 17.95 -18.18 -55.27
N ASP K 124 17.96 -17.41 -56.37
CA ASP K 124 17.24 -16.12 -56.49
C ASP K 124 15.81 -16.38 -56.99
N ASP K 125 15.63 -17.41 -57.83
CA ASP K 125 14.33 -17.80 -58.43
C ASP K 125 13.97 -19.20 -57.95
N ILE K 126 13.35 -19.31 -56.76
CA ILE K 126 12.98 -20.61 -56.13
C ILE K 126 11.89 -21.29 -56.97
N PRO K 127 10.85 -20.57 -57.46
CA PRO K 127 9.89 -21.17 -58.39
C PRO K 127 10.58 -21.90 -59.56
N ASP K 128 11.66 -21.34 -60.09
CA ASP K 128 12.44 -21.92 -61.22
C ASP K 128 13.08 -23.24 -60.77
N LEU K 129 13.65 -23.27 -59.56
CA LEU K 129 14.26 -24.48 -58.96
C LEU K 129 13.19 -25.58 -58.86
N ILE K 130 12.00 -25.25 -58.37
CA ILE K 130 10.87 -26.19 -58.17
C ILE K 130 10.44 -26.76 -59.54
N GLN K 131 10.32 -25.88 -60.54
CA GLN K 131 9.94 -26.24 -61.94
C GLN K 131 10.95 -27.25 -62.52
N MET K 132 12.24 -27.07 -62.22
CA MET K 132 13.36 -27.90 -62.76
C MET K 132 13.25 -29.35 -62.28
N VAL K 133 12.56 -29.59 -61.15
CA VAL K 133 12.43 -30.91 -60.49
C VAL K 133 10.99 -31.43 -60.66
N ASN K 134 10.28 -30.95 -61.68
CA ASN K 134 8.92 -31.40 -62.08
C ASN K 134 7.89 -31.06 -60.98
N GLY K 135 8.17 -30.04 -60.17
CA GLY K 135 7.20 -29.45 -59.22
C GLY K 135 6.88 -30.36 -58.05
N ALA K 136 5.91 -29.94 -57.23
CA ALA K 136 5.42 -30.64 -56.02
C ALA K 136 4.66 -31.90 -56.44
N PRO K 137 4.54 -32.94 -55.57
CA PRO K 137 5.13 -32.93 -54.24
C PRO K 137 6.65 -33.16 -54.25
N LEU K 138 7.37 -32.43 -53.40
CA LEU K 138 8.86 -32.45 -53.30
C LEU K 138 9.27 -32.78 -51.86
N VAL K 139 10.29 -33.63 -51.71
CA VAL K 139 11.01 -33.84 -50.42
C VAL K 139 12.19 -32.87 -50.41
N ILE K 140 12.38 -32.16 -49.29
CA ILE K 140 13.40 -31.08 -49.13
C ILE K 140 14.27 -31.41 -47.92
N LYS K 141 15.53 -31.77 -48.17
CA LYS K 141 16.55 -32.11 -47.14
C LYS K 141 17.53 -30.94 -47.01
N VAL K 142 18.00 -30.66 -45.79
CA VAL K 142 19.15 -29.77 -45.51
C VAL K 142 20.39 -30.65 -45.33
N LEU K 143 21.57 -30.15 -45.69
CA LEU K 143 22.86 -30.87 -45.57
C LEU K 143 23.82 -30.05 -44.70
N GLU K 144 24.31 -30.63 -43.61
CA GLU K 144 25.41 -30.07 -42.77
C GLU K 144 26.65 -30.94 -42.96
N GLY K 145 27.27 -30.85 -44.14
CA GLY K 145 28.48 -31.61 -44.54
C GLY K 145 28.12 -33.01 -45.01
N THR K 146 28.02 -33.97 -44.07
CA THR K 146 27.76 -35.42 -44.32
C THR K 146 26.31 -35.77 -43.97
N GLN K 147 25.78 -35.22 -42.88
CA GLN K 147 24.42 -35.52 -42.32
C GLN K 147 23.34 -34.83 -43.15
N GLY K 148 22.22 -35.53 -43.41
CA GLY K 148 20.97 -34.98 -43.98
C GLY K 148 20.03 -34.51 -42.88
N ILE K 149 20.42 -33.42 -42.19
CA ILE K 149 20.00 -33.01 -40.82
C ILE K 149 18.47 -33.03 -40.68
N GLY K 150 17.76 -32.39 -41.61
CA GLY K 150 16.28 -32.26 -41.61
C GLY K 150 15.69 -32.73 -42.92
N VAL K 151 14.45 -33.24 -42.91
CA VAL K 151 13.72 -33.74 -44.11
C VAL K 151 12.25 -33.33 -43.98
N VAL K 152 11.70 -32.66 -45.01
CA VAL K 152 10.29 -32.16 -45.03
C VAL K 152 9.65 -32.57 -46.36
N LEU K 153 8.48 -33.20 -46.30
CA LEU K 153 7.59 -33.45 -47.46
C LEU K 153 6.73 -32.20 -47.65
N CYS K 154 6.80 -31.58 -48.84
CA CYS K 154 6.02 -30.40 -49.25
C CYS K 154 5.05 -30.80 -50.36
N GLU K 155 3.75 -30.72 -50.08
CA GLU K 155 2.66 -31.22 -50.97
C GLU K 155 2.43 -30.24 -52.12
N THR K 156 2.52 -28.93 -51.84
CA THR K 156 2.26 -27.82 -52.79
C THR K 156 3.55 -27.02 -53.01
N ALA K 157 3.66 -26.34 -54.16
CA ALA K 157 4.82 -25.48 -54.53
C ALA K 157 4.93 -24.29 -53.57
N THR K 158 3.81 -23.84 -52.99
CA THR K 158 3.75 -22.75 -51.98
C THR K 158 4.57 -23.18 -50.75
N ALA K 159 4.29 -24.37 -50.22
CA ALA K 159 4.97 -24.96 -49.04
C ALA K 159 6.45 -25.18 -49.37
N ALA K 160 6.75 -25.72 -50.55
CA ALA K 160 8.13 -25.97 -51.04
C ALA K 160 8.93 -24.67 -50.99
N GLU K 161 8.37 -23.60 -51.59
CA GLU K 161 9.01 -22.26 -51.66
C GLU K 161 9.24 -21.73 -50.24
N SER K 162 8.24 -21.88 -49.37
CA SER K 162 8.25 -21.36 -47.98
C SER K 162 9.35 -22.05 -47.15
N VAL K 163 9.53 -23.36 -47.33
CA VAL K 163 10.51 -24.20 -46.58
C VAL K 163 11.92 -23.93 -47.10
N ILE K 164 12.09 -23.82 -48.42
CA ILE K 164 13.42 -23.54 -49.06
C ILE K 164 13.92 -22.19 -48.56
N GLU K 165 13.05 -21.18 -48.52
CA GLU K 165 13.38 -19.80 -48.04
C GLU K 165 13.87 -19.86 -46.59
N ALA K 166 13.24 -20.68 -45.76
CA ALA K 166 13.60 -20.86 -44.33
C ALA K 166 15.03 -21.42 -44.22
N PHE K 167 15.31 -22.49 -44.97
CA PHE K 167 16.60 -23.22 -44.95
C PHE K 167 17.71 -22.32 -45.52
N MET K 168 17.38 -21.51 -46.53
CA MET K 168 18.29 -20.46 -47.09
C MET K 168 18.78 -19.57 -45.96
N GLY K 169 17.86 -19.10 -45.10
CA GLY K 169 18.15 -18.27 -43.92
C GLY K 169 19.25 -18.86 -43.06
N LEU K 170 19.31 -20.20 -42.96
CA LEU K 170 20.28 -20.95 -42.11
C LEU K 170 21.59 -21.18 -42.86
N LYS K 171 21.74 -20.62 -44.07
CA LYS K 171 22.97 -20.65 -44.90
C LYS K 171 23.45 -22.10 -45.08
N GLN K 172 22.52 -23.05 -45.30
CA GLN K 172 22.81 -24.49 -45.46
C GLN K 172 22.60 -24.88 -46.92
N ASP K 173 23.37 -25.87 -47.40
CA ASP K 173 23.19 -26.52 -48.73
C ASP K 173 21.85 -27.24 -48.71
N ILE K 174 21.00 -27.01 -49.72
CA ILE K 174 19.60 -27.52 -49.80
C ILE K 174 19.51 -28.55 -50.93
N MET K 175 18.85 -29.68 -50.67
CA MET K 175 18.56 -30.74 -51.66
C MET K 175 17.04 -30.83 -51.86
N VAL K 176 16.60 -30.76 -53.11
CA VAL K 176 15.17 -30.84 -53.54
C VAL K 176 15.01 -32.11 -54.37
N GLN K 177 14.10 -33.00 -53.96
CA GLN K 177 13.99 -34.36 -54.54
C GLN K 177 12.53 -34.71 -54.82
N GLU K 178 12.28 -35.31 -55.98
CA GLU K 178 10.99 -35.92 -56.40
C GLU K 178 10.52 -36.87 -55.30
N TYR K 179 9.31 -36.66 -54.77
CA TYR K 179 8.66 -37.55 -53.76
C TYR K 179 8.08 -38.77 -54.49
N ILE K 180 8.49 -39.96 -54.07
CA ILE K 180 8.06 -41.27 -54.65
C ILE K 180 7.01 -41.87 -53.71
N LYS K 181 5.74 -41.55 -53.97
CA LYS K 181 4.55 -41.90 -53.13
C LYS K 181 4.29 -43.40 -53.18
N GLU K 182 4.73 -44.09 -54.25
CA GLU K 182 4.49 -45.54 -54.48
C GLU K 182 5.19 -46.39 -53.40
N ALA K 183 6.28 -45.87 -52.84
CA ALA K 183 7.15 -46.54 -51.83
C ALA K 183 6.37 -46.82 -50.54
N GLY K 184 5.37 -45.98 -50.23
CA GLY K 184 4.49 -46.13 -49.05
C GLY K 184 5.21 -45.84 -47.76
N GLY K 185 6.22 -44.96 -47.80
CA GLY K 185 7.10 -44.62 -46.66
C GLY K 185 7.94 -45.81 -46.24
N ALA K 186 8.51 -46.54 -47.21
CA ALA K 186 9.36 -47.73 -47.00
C ALA K 186 10.58 -47.65 -47.91
N ASP K 187 11.72 -48.17 -47.45
CA ASP K 187 12.97 -48.31 -48.25
C ASP K 187 13.59 -49.69 -47.96
N ILE K 188 14.31 -50.22 -48.93
CA ILE K 188 15.17 -51.43 -48.81
C ILE K 188 16.58 -50.96 -48.42
N ARG K 189 17.12 -51.42 -47.30
CA ARG K 189 18.54 -51.25 -46.95
C ARG K 189 19.28 -52.54 -47.32
N CYS K 190 20.08 -52.50 -48.40
CA CYS K 190 20.95 -53.61 -48.86
C CYS K 190 22.34 -53.42 -48.27
N PHE K 191 22.94 -54.52 -47.79
CA PHE K 191 24.24 -54.53 -47.09
C PHE K 191 25.27 -55.24 -47.96
N VAL K 192 26.21 -54.49 -48.53
CA VAL K 192 27.23 -54.99 -49.51
C VAL K 192 28.53 -55.30 -48.77
N VAL K 193 29.10 -56.49 -49.03
CA VAL K 193 30.48 -56.89 -48.64
C VAL K 193 31.11 -57.61 -49.84
N GLY K 194 32.15 -57.03 -50.43
CA GLY K 194 32.75 -57.50 -51.68
C GLY K 194 31.75 -57.39 -52.82
N ASP K 195 31.59 -58.48 -53.60
CA ASP K 195 30.74 -58.53 -54.81
C ASP K 195 29.36 -59.12 -54.47
N LYS K 196 28.94 -59.08 -53.20
CA LYS K 196 27.72 -59.77 -52.72
C LYS K 196 26.91 -58.84 -51.80
N VAL K 197 25.59 -58.84 -51.97
CA VAL K 197 24.60 -58.32 -50.99
C VAL K 197 24.33 -59.44 -49.99
N ILE K 198 24.96 -59.38 -48.82
CA ILE K 198 24.99 -60.48 -47.81
C ILE K 198 23.72 -60.45 -46.96
N ALA K 199 23.05 -59.29 -46.86
CA ALA K 199 21.87 -59.07 -46.00
C ALA K 199 21.04 -57.89 -46.53
N SER K 200 19.72 -57.95 -46.34
CA SER K 200 18.74 -56.92 -46.78
C SER K 200 17.61 -56.81 -45.76
N MET K 201 16.91 -55.68 -45.70
CA MET K 201 15.73 -55.50 -44.82
C MET K 201 14.90 -54.29 -45.30
N LYS K 202 13.57 -54.38 -45.16
CA LYS K 202 12.63 -53.26 -45.40
C LYS K 202 12.52 -52.46 -44.10
N ARG K 203 12.53 -51.12 -44.21
CA ARG K 203 12.21 -50.18 -43.10
C ARG K 203 10.85 -49.54 -43.41
N GLN K 204 10.02 -49.29 -42.39
CA GLN K 204 8.61 -48.83 -42.55
C GLN K 204 8.36 -47.65 -41.59
N ALA K 205 7.58 -46.66 -42.03
CA ALA K 205 7.13 -45.50 -41.24
C ALA K 205 5.96 -45.90 -40.34
N LYS K 206 5.56 -45.01 -39.42
CA LYS K 206 4.41 -45.20 -38.49
C LYS K 206 3.11 -45.18 -39.30
N PRO K 207 1.95 -45.54 -38.71
CA PRO K 207 0.68 -45.59 -39.44
C PRO K 207 0.34 -44.39 -40.35
N GLY K 208 0.86 -43.19 -40.04
CA GLY K 208 0.50 -41.93 -40.71
C GLY K 208 1.61 -41.35 -41.58
N GLU K 209 2.85 -41.35 -41.11
CA GLU K 209 3.96 -40.51 -41.65
C GLU K 209 4.69 -41.23 -42.79
N PHE K 210 5.74 -40.60 -43.34
CA PHE K 210 6.52 -40.99 -44.55
C PHE K 210 7.98 -41.32 -44.18
N SER K 219 9.60 -49.61 -37.81
CA SER K 219 9.61 -51.10 -37.87
C SER K 219 10.46 -51.58 -39.05
N ALA K 220 11.31 -52.60 -38.81
CA ALA K 220 12.13 -53.30 -39.83
C ALA K 220 11.64 -54.74 -39.98
N SER K 221 11.74 -55.32 -41.17
CA SER K 221 11.30 -56.71 -41.46
C SER K 221 12.16 -57.31 -42.58
N LEU K 222 12.13 -58.64 -42.70
CA LEU K 222 12.81 -59.42 -43.78
C LEU K 222 12.18 -59.07 -45.13
N ILE K 223 12.96 -59.11 -46.21
CA ILE K 223 12.46 -58.88 -47.60
C ILE K 223 13.35 -59.63 -48.60
N LYS K 224 12.73 -60.37 -49.53
CA LYS K 224 13.42 -60.98 -50.70
C LYS K 224 13.59 -59.89 -51.75
N ILE K 225 14.83 -59.51 -52.07
CA ILE K 225 15.14 -58.43 -53.04
C ILE K 225 15.17 -59.01 -54.45
N THR K 226 14.76 -58.21 -55.44
CA THR K 226 14.75 -58.56 -56.88
C THR K 226 16.19 -58.65 -57.37
N PRO K 227 16.47 -59.38 -58.48
CA PRO K 227 17.80 -59.40 -59.07
C PRO K 227 18.32 -58.02 -59.48
N GLU K 228 17.42 -57.11 -59.87
CA GLU K 228 17.79 -55.75 -60.35
C GLU K 228 18.10 -54.86 -59.15
N GLU K 229 17.46 -55.10 -58.00
CA GLU K 229 17.72 -54.38 -56.73
C GLU K 229 19.11 -54.76 -56.21
N ARG K 230 19.44 -56.05 -56.25
CA ARG K 230 20.78 -56.58 -55.89
C ARG K 230 21.83 -55.93 -56.80
N MET K 231 21.60 -55.97 -58.11
CA MET K 231 22.53 -55.47 -59.15
C MET K 231 22.78 -53.96 -58.94
N THR K 232 21.73 -53.21 -58.58
CA THR K 232 21.77 -51.75 -58.34
C THR K 232 22.65 -51.45 -57.12
N ALA K 233 22.45 -52.20 -56.02
CA ALA K 233 23.18 -52.04 -54.74
C ALA K 233 24.68 -52.26 -54.99
N LEU K 234 25.04 -53.36 -55.66
CA LEU K 234 26.45 -53.71 -55.97
C LEU K 234 27.08 -52.63 -56.86
N ARG K 235 26.37 -52.19 -57.90
CA ARG K 235 26.86 -51.18 -58.88
C ARG K 235 27.07 -49.83 -58.16
N ALA K 236 26.15 -49.45 -57.27
CA ALA K 236 26.21 -48.20 -56.49
C ALA K 236 27.48 -48.19 -55.65
N ALA K 237 27.75 -49.28 -54.93
CA ALA K 237 28.94 -49.47 -54.07
C ALA K 237 30.21 -49.43 -54.93
N LYS K 238 30.19 -50.04 -56.11
CA LYS K 238 31.38 -50.15 -57.00
C LYS K 238 31.73 -48.78 -57.58
N VAL K 239 30.72 -47.97 -57.91
CA VAL K 239 30.87 -46.58 -58.43
C VAL K 239 31.56 -45.71 -57.36
N MET K 240 31.17 -45.85 -56.09
CA MET K 240 31.79 -45.11 -54.97
C MET K 240 33.19 -45.69 -54.69
N GLY K 241 33.41 -46.96 -55.06
CA GLY K 241 34.68 -47.68 -54.85
C GLY K 241 34.79 -48.25 -53.45
N LEU K 242 33.65 -48.64 -52.86
CA LEU K 242 33.56 -49.20 -51.49
C LEU K 242 33.49 -50.72 -51.58
N SER K 243 34.18 -51.41 -50.67
CA SER K 243 34.14 -52.89 -50.52
C SER K 243 32.99 -53.26 -49.57
N VAL K 244 32.75 -52.43 -48.54
CA VAL K 244 31.64 -52.60 -47.57
C VAL K 244 30.81 -51.30 -47.58
N ALA K 245 29.50 -51.42 -47.79
CA ALA K 245 28.57 -50.26 -47.87
C ALA K 245 27.14 -50.69 -47.56
N GLY K 246 26.38 -49.79 -46.96
CA GLY K 246 24.90 -49.84 -46.90
C GLY K 246 24.30 -48.98 -48.00
N VAL K 247 23.46 -49.58 -48.86
CA VAL K 247 22.80 -48.88 -49.99
C VAL K 247 21.29 -48.85 -49.71
N ASP K 248 20.72 -47.66 -49.54
CA ASP K 248 19.25 -47.46 -49.33
C ASP K 248 18.59 -47.30 -50.70
N ILE K 249 17.50 -48.03 -50.92
CA ILE K 249 16.81 -48.15 -52.24
C ILE K 249 15.31 -47.93 -52.03
N LEU K 250 14.67 -47.22 -52.97
CA LEU K 250 13.19 -47.05 -53.05
C LEU K 250 12.65 -47.90 -54.20
N ARG K 251 11.62 -48.70 -53.94
CA ARG K 251 10.84 -49.42 -54.98
C ARG K 251 9.90 -48.42 -55.66
N SER K 252 10.20 -48.04 -56.90
CA SER K 252 9.41 -47.07 -57.69
C SER K 252 8.75 -47.77 -58.88
N ASN K 253 7.79 -47.10 -59.52
CA ASN K 253 7.07 -47.58 -60.72
C ASN K 253 8.07 -47.84 -61.85
N HIS K 254 9.16 -47.06 -61.93
CA HIS K 254 10.17 -47.13 -63.03
C HIS K 254 11.47 -47.79 -62.52
N GLY K 255 11.37 -48.63 -61.49
CA GLY K 255 12.48 -49.49 -61.02
C GLY K 255 13.07 -49.05 -59.68
N PRO K 256 14.18 -49.68 -59.24
CA PRO K 256 14.83 -49.31 -57.97
C PRO K 256 15.63 -48.00 -58.10
N LEU K 257 15.49 -47.12 -57.11
CA LEU K 257 16.15 -45.79 -57.04
C LEU K 257 17.00 -45.72 -55.77
N VAL K 258 18.28 -45.38 -55.88
CA VAL K 258 19.24 -45.27 -54.74
C VAL K 258 19.00 -43.92 -54.03
N MET K 259 18.85 -43.97 -52.71
CA MET K 259 18.68 -42.77 -51.84
C MET K 259 20.05 -42.35 -51.30
N GLU K 260 20.77 -43.28 -50.67
CA GLU K 260 22.07 -43.02 -50.00
C GLU K 260 23.00 -44.22 -50.19
N VAL K 261 24.31 -43.96 -50.18
CA VAL K 261 25.37 -45.01 -50.07
C VAL K 261 26.24 -44.63 -48.86
N ASN K 262 26.19 -45.45 -47.81
CA ASN K 262 26.86 -45.21 -46.50
C ASN K 262 28.12 -46.08 -46.44
N SER K 263 29.29 -45.46 -46.21
CA SER K 263 30.63 -46.11 -46.24
C SER K 263 30.90 -46.85 -44.93
N SER K 264 30.18 -46.55 -43.85
CA SER K 264 30.25 -47.30 -42.56
C SER K 264 28.84 -47.52 -42.01
N PRO K 265 28.06 -48.45 -42.58
CA PRO K 265 26.67 -48.65 -42.16
C PRO K 265 26.55 -49.30 -40.78
N GLY K 266 25.53 -48.93 -40.00
CA GLY K 266 25.22 -49.55 -38.69
C GLY K 266 24.94 -51.03 -38.83
N LEU K 267 25.19 -51.81 -37.78
CA LEU K 267 25.05 -53.29 -37.79
C LEU K 267 23.85 -53.74 -36.95
N GLU K 268 23.40 -52.95 -35.97
CA GLU K 268 22.35 -53.35 -35.00
C GLU K 268 21.04 -53.66 -35.76
N GLY K 269 20.57 -52.72 -36.58
CA GLY K 269 19.32 -52.87 -37.35
C GLY K 269 19.32 -54.14 -38.18
N ILE K 270 20.33 -54.31 -39.04
CA ILE K 270 20.42 -55.43 -40.03
C ILE K 270 20.55 -56.77 -39.30
N GLU K 271 21.34 -56.84 -38.23
CA GLU K 271 21.67 -58.11 -37.54
C GLU K 271 20.47 -58.60 -36.72
N VAL K 272 19.80 -57.70 -35.99
CA VAL K 272 18.59 -58.01 -35.17
C VAL K 272 17.51 -58.58 -36.08
N THR K 273 17.33 -58.00 -37.28
CA THR K 273 16.24 -58.33 -38.23
C THR K 273 16.53 -59.68 -38.92
N THR K 274 17.76 -59.91 -39.38
CA THR K 274 18.14 -61.05 -40.25
C THR K 274 18.75 -62.21 -39.45
N SER K 275 19.27 -61.93 -38.25
CA SER K 275 19.98 -62.91 -37.38
C SER K 275 21.25 -63.43 -38.08
N LYS K 276 21.81 -62.64 -38.99
CA LYS K 276 23.05 -62.98 -39.73
C LYS K 276 24.25 -62.38 -39.00
N ASP K 277 25.39 -63.09 -39.03
CA ASP K 277 26.69 -62.63 -38.45
C ASP K 277 27.34 -61.70 -39.49
N VAL K 278 26.84 -60.48 -39.62
CA VAL K 278 27.33 -59.48 -40.62
C VAL K 278 28.75 -59.06 -40.21
N ALA K 279 28.95 -58.75 -38.93
CA ALA K 279 30.28 -58.46 -38.34
C ALA K 279 31.26 -59.57 -38.72
N GLY K 280 30.84 -60.83 -38.61
CA GLY K 280 31.64 -62.03 -38.97
C GLY K 280 32.07 -62.01 -40.42
N MET K 281 31.14 -61.75 -41.34
CA MET K 281 31.37 -61.78 -42.80
C MET K 281 32.31 -60.64 -43.22
N ILE K 282 32.28 -59.51 -42.52
CA ILE K 282 33.21 -58.37 -42.72
C ILE K 282 34.62 -58.84 -42.36
N ILE K 283 34.80 -59.48 -41.22
CA ILE K 283 36.11 -60.01 -40.74
C ILE K 283 36.58 -61.08 -41.72
N GLU K 284 35.64 -61.93 -42.19
CA GLU K 284 35.90 -63.03 -43.15
C GLU K 284 36.40 -62.44 -44.48
N TYR K 285 35.88 -61.27 -44.89
CA TYR K 285 36.30 -60.55 -46.12
C TYR K 285 37.74 -60.07 -45.96
N LEU K 286 38.10 -59.50 -44.80
CA LEU K 286 39.46 -59.02 -44.49
C LEU K 286 40.45 -60.20 -44.59
N GLU K 287 40.05 -61.38 -44.09
CA GLU K 287 40.87 -62.60 -44.06
C GLU K 287 41.32 -62.97 -45.48
N LYS K 288 40.44 -62.82 -46.47
CA LYS K 288 40.63 -63.29 -47.86
C LYS K 288 41.39 -62.23 -48.69
N ASN K 289 41.04 -60.96 -48.54
CA ASN K 289 41.52 -59.85 -49.43
C ASN K 289 42.67 -59.09 -48.78
N SER K 290 43.03 -59.38 -47.53
CA SER K 290 44.23 -58.84 -46.85
C SER K 290 45.51 -59.30 -47.57
N GLY K 291 45.52 -60.54 -48.09
CA GLY K 291 46.63 -61.09 -48.89
C GLY K 291 47.82 -61.47 -48.01
N MET L 1 36.01 -17.71 -77.12
CA MET L 1 35.52 -18.63 -76.05
C MET L 1 34.53 -17.90 -75.13
N LYS L 2 33.56 -18.64 -74.59
CA LYS L 2 32.72 -18.20 -73.46
C LYS L 2 33.29 -18.83 -72.19
N ILE L 3 33.72 -18.02 -71.21
CA ILE L 3 34.43 -18.49 -69.99
C ILE L 3 33.65 -18.03 -68.75
N ALA L 4 33.34 -18.98 -67.87
CA ALA L 4 32.76 -18.73 -66.54
C ALA L 4 33.88 -18.49 -65.54
N VAL L 5 33.72 -17.51 -64.64
CA VAL L 5 34.67 -17.24 -63.52
C VAL L 5 33.89 -17.40 -62.22
N LEU L 6 34.12 -18.51 -61.52
CA LEU L 6 33.43 -18.84 -60.24
C LEU L 6 34.09 -18.05 -59.11
N SER L 7 33.49 -16.91 -58.73
CA SER L 7 34.04 -16.00 -57.69
C SER L 7 32.90 -15.44 -56.83
N ARG L 8 33.09 -15.44 -55.51
CA ARG L 8 32.12 -14.89 -54.52
C ARG L 8 32.05 -13.37 -54.67
N ASN L 9 33.15 -12.72 -55.07
CA ASN L 9 33.25 -11.25 -55.18
C ASN L 9 33.89 -10.87 -56.52
N PRO L 10 33.12 -10.29 -57.47
CA PRO L 10 33.65 -9.87 -58.76
C PRO L 10 34.47 -8.56 -58.72
N ARG L 11 34.48 -7.87 -57.57
CA ARG L 11 35.15 -6.56 -57.37
C ARG L 11 36.54 -6.75 -56.76
N LEU L 12 36.95 -8.00 -56.51
CA LEU L 12 38.31 -8.36 -56.00
C LEU L 12 39.31 -8.34 -57.17
N TYR L 13 40.53 -7.85 -56.92
CA TYR L 13 41.59 -7.61 -57.93
C TYR L 13 41.69 -8.79 -58.90
N SER L 14 41.87 -10.01 -58.37
CA SER L 14 42.21 -11.24 -59.12
C SER L 14 41.08 -11.59 -60.11
N THR L 15 39.81 -11.40 -59.71
CA THR L 15 38.63 -11.70 -60.56
C THR L 15 38.51 -10.64 -61.65
N ARG L 16 38.58 -9.35 -61.27
CA ARG L 16 38.56 -8.20 -62.22
C ARG L 16 39.61 -8.44 -63.33
N ARG L 17 40.84 -8.78 -62.93
CA ARG L 17 42.00 -8.97 -63.84
C ARG L 17 41.71 -10.13 -64.81
N LEU L 18 41.07 -11.20 -64.33
CA LEU L 18 40.77 -12.39 -65.17
C LEU L 18 39.72 -12.04 -66.23
N VAL L 19 38.72 -11.19 -65.90
CA VAL L 19 37.67 -10.78 -66.90
C VAL L 19 38.33 -9.80 -67.88
N GLU L 20 39.15 -8.85 -67.40
CA GLU L 20 39.91 -7.89 -68.25
C GLU L 20 40.68 -8.67 -69.32
N ALA L 21 41.64 -9.49 -68.89
CA ALA L 21 42.56 -10.28 -69.75
C ALA L 21 41.73 -11.06 -70.79
N GLY L 22 40.59 -11.61 -70.37
CA GLY L 22 39.65 -12.36 -71.22
C GLY L 22 39.02 -11.48 -72.28
N ILE L 23 38.38 -10.38 -71.84
CA ILE L 23 37.71 -9.38 -72.72
C ILE L 23 38.75 -8.86 -73.71
N GLU L 24 39.93 -8.47 -73.22
CA GLU L 24 41.08 -7.95 -74.03
C GLU L 24 41.38 -8.91 -75.18
N ARG L 25 41.26 -10.22 -74.95
CA ARG L 25 41.64 -11.30 -75.91
C ARG L 25 40.40 -11.81 -76.65
N GLY L 26 39.27 -11.11 -76.53
CA GLY L 26 38.08 -11.25 -77.40
C GLY L 26 37.11 -12.30 -76.91
N HIS L 27 37.23 -12.74 -75.66
CA HIS L 27 36.38 -13.80 -75.04
C HIS L 27 35.18 -13.17 -74.32
N GLU L 28 34.11 -13.93 -74.15
CA GLU L 28 32.91 -13.53 -73.37
C GLU L 28 33.10 -14.05 -71.93
N MET L 29 33.22 -13.14 -70.97
CA MET L 29 33.55 -13.45 -69.55
C MET L 29 32.30 -13.25 -68.71
N VAL L 30 31.86 -14.30 -68.01
CA VAL L 30 30.68 -14.28 -67.09
C VAL L 30 31.17 -14.64 -65.68
N VAL L 31 30.90 -13.76 -64.71
CA VAL L 31 31.22 -13.98 -63.27
C VAL L 31 30.00 -14.64 -62.62
N ILE L 32 30.20 -15.80 -61.97
CA ILE L 32 29.14 -16.62 -61.33
C ILE L 32 29.46 -16.76 -59.84
N ASP L 33 28.58 -16.26 -58.97
CA ASP L 33 28.61 -16.54 -57.50
C ASP L 33 28.07 -17.96 -57.32
N THR L 34 28.93 -18.94 -57.06
CA THR L 34 28.60 -20.39 -57.05
C THR L 34 27.38 -20.66 -56.17
N LEU L 35 27.24 -19.95 -55.05
CA LEU L 35 26.14 -20.16 -54.06
C LEU L 35 24.78 -19.82 -54.70
N ARG L 36 24.75 -18.89 -55.66
CA ARG L 36 23.51 -18.40 -56.32
C ARG L 36 23.19 -19.26 -57.55
N ALA L 37 24.09 -20.18 -57.92
CA ALA L 37 23.85 -21.25 -58.91
C ALA L 37 23.08 -22.39 -58.24
N TYR L 38 22.08 -22.92 -58.93
CA TYR L 38 21.28 -24.11 -58.52
C TYR L 38 21.15 -25.01 -59.74
N MET L 39 21.05 -26.32 -59.55
CA MET L 39 21.16 -27.30 -60.65
C MET L 39 20.26 -28.51 -60.42
N ASN L 40 19.96 -29.19 -61.52
CA ASN L 40 19.29 -30.50 -61.59
C ASN L 40 20.36 -31.50 -62.06
N ILE L 41 20.66 -32.54 -61.27
CA ILE L 41 21.60 -33.63 -61.66
C ILE L 41 20.78 -34.69 -62.41
N ALA L 42 21.31 -35.20 -63.52
CA ALA L 42 20.58 -36.09 -64.46
C ALA L 42 21.55 -36.61 -65.53
N SER L 43 21.38 -37.88 -65.94
CA SER L 43 22.17 -38.56 -66.99
C SER L 43 22.07 -37.79 -68.32
N HIS L 44 20.86 -37.67 -68.85
CA HIS L 44 20.55 -37.02 -70.17
C HIS L 44 20.88 -35.52 -70.10
N LYS L 45 19.93 -34.68 -69.68
CA LYS L 45 20.00 -33.20 -69.79
C LYS L 45 20.25 -32.58 -68.43
N PRO L 46 21.50 -32.59 -67.90
CA PRO L 46 21.83 -31.95 -66.63
C PRO L 46 21.92 -30.42 -66.78
N GLN L 47 21.20 -29.67 -65.94
CA GLN L 47 21.07 -28.20 -66.03
C GLN L 47 21.82 -27.52 -64.89
N ILE L 48 22.43 -26.36 -65.15
CA ILE L 48 22.77 -25.31 -64.14
C ILE L 48 21.96 -24.06 -64.51
N HIS L 49 21.19 -23.54 -63.56
CA HIS L 49 20.44 -22.26 -63.67
C HIS L 49 21.09 -21.22 -62.75
N TYR L 50 20.88 -19.93 -63.06
CA TYR L 50 21.46 -18.77 -62.35
C TYR L 50 20.53 -17.56 -62.53
N ARG L 51 19.95 -17.06 -61.43
CA ARG L 51 19.00 -15.93 -61.43
C ARG L 51 17.89 -16.14 -62.48
N GLY L 52 17.34 -17.36 -62.55
CA GLY L 52 16.12 -17.67 -63.33
C GLY L 52 16.43 -18.20 -64.71
N LYS L 53 17.63 -17.95 -65.24
CA LYS L 53 18.03 -18.31 -66.63
C LYS L 53 19.05 -19.45 -66.58
N PRO L 54 19.08 -20.35 -67.59
CA PRO L 54 20.08 -21.41 -67.65
C PRO L 54 21.47 -20.91 -68.05
N LEU L 55 22.54 -21.57 -67.59
CA LEU L 55 23.95 -21.33 -67.99
C LEU L 55 24.34 -22.35 -69.08
N GLU L 56 24.46 -21.89 -70.33
CA GLU L 56 24.70 -22.75 -71.52
C GLU L 56 25.96 -22.26 -72.27
N GLY L 57 26.47 -23.11 -73.16
CA GLY L 57 27.45 -22.74 -74.21
C GLY L 57 28.77 -22.26 -73.65
N PHE L 58 29.10 -22.62 -72.41
CA PHE L 58 30.40 -22.30 -71.77
C PHE L 58 31.45 -23.27 -72.30
N ASP L 59 32.62 -22.75 -72.66
CA ASP L 59 33.76 -23.53 -73.23
C ASP L 59 34.74 -23.88 -72.11
N ALA L 60 34.92 -22.99 -71.13
CA ALA L 60 35.88 -23.16 -70.01
C ALA L 60 35.34 -22.47 -68.75
N VAL L 61 35.82 -22.92 -67.59
CA VAL L 61 35.48 -22.36 -66.26
C VAL L 61 36.76 -22.19 -65.45
N ILE L 62 36.94 -21.02 -64.83
CA ILE L 62 38.08 -20.69 -63.92
C ILE L 62 37.54 -20.73 -62.49
N PRO L 63 37.81 -21.81 -61.72
CA PRO L 63 37.33 -21.90 -60.35
C PRO L 63 38.23 -21.10 -59.40
N ARG L 64 37.67 -20.05 -58.80
CA ARG L 64 38.32 -19.27 -57.70
C ARG L 64 37.55 -19.58 -56.41
N ILE L 65 37.69 -20.81 -55.90
CA ILE L 65 36.97 -21.30 -54.69
C ILE L 65 37.69 -20.73 -53.47
N GLY L 66 36.95 -20.05 -52.57
CA GLY L 66 37.46 -19.49 -51.31
C GLY L 66 37.58 -20.54 -50.23
N ALA L 67 38.32 -20.24 -49.16
CA ALA L 67 38.54 -21.12 -47.98
C ALA L 67 37.34 -21.02 -47.03
N SER L 68 36.16 -21.46 -47.50
CA SER L 68 34.86 -21.42 -46.77
C SER L 68 34.45 -22.84 -46.35
N VAL L 69 33.25 -23.00 -45.76
CA VAL L 69 32.61 -24.31 -45.43
C VAL L 69 31.83 -24.77 -46.69
N THR L 70 32.52 -24.81 -47.84
CA THR L 70 31.90 -24.80 -49.20
C THR L 70 32.24 -26.10 -49.93
N PHE L 71 31.51 -27.18 -49.61
CA PHE L 71 31.38 -28.40 -50.44
C PHE L 71 30.57 -28.05 -51.69
N TYR L 72 29.69 -27.04 -51.61
CA TYR L 72 28.74 -26.63 -52.68
C TYR L 72 29.52 -26.07 -53.88
N GLY L 73 30.53 -25.22 -53.61
CA GLY L 73 31.37 -24.61 -54.66
C GLY L 73 31.98 -25.66 -55.59
N CYS L 74 32.54 -26.73 -55.00
CA CYS L 74 33.13 -27.88 -55.73
C CYS L 74 32.05 -28.60 -56.54
N ALA L 75 30.83 -28.70 -56.01
CA ALA L 75 29.67 -29.36 -56.66
C ALA L 75 29.28 -28.61 -57.94
N VAL L 76 29.27 -27.28 -57.89
CA VAL L 76 28.95 -26.40 -59.05
C VAL L 76 30.05 -26.59 -60.11
N LEU L 77 31.32 -26.62 -59.70
CA LEU L 77 32.47 -26.87 -60.61
C LEU L 77 32.33 -28.26 -61.24
N ARG L 78 31.91 -29.25 -60.44
CA ARG L 78 31.77 -30.67 -60.90
C ARG L 78 30.69 -30.74 -61.99
N GLN L 79 29.55 -30.06 -61.82
CA GLN L 79 28.46 -30.02 -62.83
C GLN L 79 29.04 -29.52 -64.16
N PHE L 80 29.77 -28.39 -64.12
CA PHE L 80 30.41 -27.77 -65.31
C PHE L 80 31.26 -28.83 -66.01
N GLU L 81 32.12 -29.53 -65.25
CA GLU L 81 33.04 -30.58 -65.76
C GLU L 81 32.23 -31.67 -66.46
N MET L 82 31.17 -32.15 -65.81
CA MET L 82 30.31 -33.26 -66.29
C MET L 82 29.49 -32.82 -67.50
N MET L 83 29.23 -31.52 -67.63
CA MET L 83 28.49 -30.92 -68.78
C MET L 83 29.47 -30.56 -69.90
N GLY L 84 30.74 -30.97 -69.79
CA GLY L 84 31.74 -30.94 -70.88
C GLY L 84 32.61 -29.70 -70.85
N VAL L 85 32.35 -28.76 -69.94
CA VAL L 85 33.11 -27.46 -69.83
C VAL L 85 34.51 -27.76 -69.29
N PHE L 86 35.54 -27.19 -69.90
CA PHE L 86 36.96 -27.40 -69.53
C PHE L 86 37.29 -26.58 -68.29
N PRO L 87 37.75 -27.22 -67.19
CA PRO L 87 38.16 -26.49 -65.99
C PRO L 87 39.65 -26.14 -66.02
N LEU L 88 40.01 -24.95 -65.53
CA LEU L 88 41.41 -24.50 -65.40
C LEU L 88 42.14 -25.47 -64.47
N ASN L 89 41.52 -25.77 -63.33
CA ASN L 89 41.92 -26.83 -62.37
C ASN L 89 40.73 -27.76 -62.12
N GLU L 90 40.97 -29.08 -62.15
CA GLU L 90 39.93 -30.11 -61.92
C GLU L 90 39.46 -30.07 -60.47
N SER L 91 38.18 -30.29 -60.22
CA SER L 91 37.56 -30.34 -58.88
C SER L 91 38.31 -31.34 -57.99
N VAL L 92 38.70 -32.49 -58.57
CA VAL L 92 39.44 -33.58 -57.86
C VAL L 92 40.71 -32.98 -57.25
N ALA L 93 41.48 -32.24 -58.05
CA ALA L 93 42.78 -31.63 -57.67
C ALA L 93 42.56 -30.55 -56.60
N ILE L 94 41.51 -29.73 -56.73
CA ILE L 94 41.21 -28.60 -55.81
C ILE L 94 40.90 -29.16 -54.43
N ALA L 95 40.11 -30.25 -54.36
CA ALA L 95 39.75 -30.96 -53.11
C ALA L 95 41.01 -31.46 -52.40
N ARG L 96 41.99 -31.97 -53.16
CA ARG L 96 43.30 -32.44 -52.63
C ARG L 96 44.06 -31.27 -51.98
N SER L 97 44.11 -30.14 -52.64
CA SER L 97 44.88 -28.92 -52.24
C SER L 97 44.31 -28.28 -50.97
N ARG L 98 42.99 -28.19 -50.88
CA ARG L 98 42.29 -27.43 -49.81
C ARG L 98 42.37 -28.20 -48.49
N ASP L 99 42.48 -29.53 -48.54
CA ASP L 99 42.73 -30.38 -47.35
C ASP L 99 44.24 -30.34 -47.05
N LYS L 100 44.68 -29.43 -46.17
CA LYS L 100 46.11 -29.16 -45.92
C LYS L 100 46.79 -30.41 -45.35
N LEU L 101 46.09 -31.17 -44.49
CA LEU L 101 46.59 -32.46 -43.93
C LEU L 101 46.89 -33.42 -45.08
N ARG L 102 45.89 -33.69 -45.92
CA ARG L 102 45.98 -34.62 -47.07
C ARG L 102 47.06 -34.15 -48.03
N SER L 103 47.12 -32.84 -48.28
CA SER L 103 48.06 -32.19 -49.23
C SER L 103 49.50 -32.53 -48.82
N LEU L 104 49.86 -32.29 -47.56
CA LEU L 104 51.23 -32.52 -47.04
C LEU L 104 51.55 -34.03 -47.06
N GLN L 105 50.58 -34.88 -46.69
CA GLN L 105 50.74 -36.35 -46.71
C GLN L 105 51.10 -36.80 -48.14
N LEU L 106 50.45 -36.22 -49.16
CA LEU L 106 50.60 -36.64 -50.57
C LEU L 106 51.97 -36.20 -51.09
N LEU L 107 52.38 -34.97 -50.75
CA LEU L 107 53.71 -34.40 -51.12
C LEU L 107 54.81 -35.23 -50.45
N SER L 108 54.62 -35.58 -49.18
CA SER L 108 55.56 -36.40 -48.37
C SER L 108 55.78 -37.76 -49.04
N ARG L 109 54.71 -38.41 -49.47
CA ARG L 109 54.76 -39.79 -50.03
C ARG L 109 55.49 -39.78 -51.38
N ARG L 110 55.35 -38.71 -52.17
CA ARG L 110 55.97 -38.59 -53.52
C ARG L 110 57.38 -37.95 -53.39
N GLY L 111 57.88 -37.76 -52.18
CA GLY L 111 59.28 -37.41 -51.90
C GLY L 111 59.60 -35.94 -52.14
N ILE L 112 58.59 -35.07 -52.13
CA ILE L 112 58.78 -33.58 -52.19
C ILE L 112 59.38 -33.14 -50.85
N GLY L 113 60.40 -32.29 -50.87
CA GLY L 113 61.02 -31.74 -49.66
C GLY L 113 60.01 -30.98 -48.83
N LEU L 114 59.80 -31.38 -47.58
CA LEU L 114 58.95 -30.66 -46.60
C LEU L 114 59.74 -30.41 -45.32
N PRO L 115 59.34 -29.44 -44.48
CA PRO L 115 59.84 -29.39 -43.10
C PRO L 115 59.41 -30.67 -42.38
N VAL L 116 60.13 -31.08 -41.35
CA VAL L 116 59.69 -32.18 -40.44
C VAL L 116 58.37 -31.74 -39.82
N THR L 117 57.32 -32.57 -39.95
CA THR L 117 55.92 -32.18 -39.70
C THR L 117 55.20 -33.26 -38.90
N GLY L 118 54.42 -32.84 -37.90
CA GLY L 118 53.54 -33.70 -37.09
C GLY L 118 52.11 -33.17 -37.11
N PHE L 119 51.13 -34.07 -36.98
CA PHE L 119 49.69 -33.77 -36.84
C PHE L 119 49.17 -34.32 -35.51
N ALA L 120 48.20 -33.64 -34.92
CA ALA L 120 47.53 -34.01 -33.65
C ALA L 120 46.13 -33.39 -33.62
N HIS L 121 45.23 -33.91 -32.78
CA HIS L 121 43.93 -33.28 -32.46
C HIS L 121 43.74 -33.27 -30.94
N SER L 122 43.65 -34.46 -30.34
CA SER L 122 43.49 -34.69 -28.88
C SER L 122 44.57 -35.65 -28.40
N PRO L 123 45.87 -35.32 -28.57
CA PRO L 123 46.96 -36.19 -28.12
C PRO L 123 47.02 -36.26 -26.59
N ASP L 124 47.27 -37.46 -26.05
CA ASP L 124 47.33 -37.72 -24.59
C ASP L 124 48.75 -37.46 -24.08
N ASP L 125 49.77 -37.74 -24.92
CA ASP L 125 51.20 -37.55 -24.58
C ASP L 125 51.81 -36.49 -25.51
N ILE L 126 51.65 -35.22 -25.16
CA ILE L 126 52.13 -34.06 -25.97
C ILE L 126 53.67 -34.06 -26.00
N PRO L 127 54.38 -34.31 -24.87
CA PRO L 127 55.84 -34.48 -24.91
C PRO L 127 56.29 -35.47 -25.99
N ASP L 128 55.55 -36.57 -26.18
CA ASP L 128 55.85 -37.63 -27.19
C ASP L 128 55.71 -37.04 -28.59
N LEU L 129 54.66 -36.24 -28.83
CA LEU L 129 54.42 -35.54 -30.13
C LEU L 129 55.61 -34.63 -30.43
N ILE L 130 56.06 -33.85 -29.45
CA ILE L 130 57.17 -32.87 -29.58
C ILE L 130 58.46 -33.63 -29.93
N GLN L 131 58.73 -34.75 -29.23
CA GLN L 131 59.91 -35.62 -29.43
C GLN L 131 59.93 -36.15 -30.87
N MET L 132 58.76 -36.51 -31.42
CA MET L 132 58.61 -37.12 -32.77
C MET L 132 59.05 -36.14 -33.87
N VAL L 133 59.03 -34.84 -33.59
CA VAL L 133 59.33 -33.74 -34.56
C VAL L 133 60.69 -33.10 -34.21
N ASN L 134 61.55 -33.84 -33.49
CA ASN L 134 62.95 -33.44 -33.14
C ASN L 134 62.94 -32.23 -32.20
N GLY L 135 61.86 -32.03 -31.44
CA GLY L 135 61.79 -31.06 -30.33
C GLY L 135 61.79 -29.61 -30.80
N ALA L 136 61.86 -28.69 -29.84
CA ALA L 136 61.85 -27.21 -30.04
C ALA L 136 63.16 -26.78 -30.69
N PRO L 137 63.21 -25.63 -31.39
CA PRO L 137 62.06 -24.76 -31.60
C PRO L 137 61.08 -25.31 -32.65
N LEU L 138 59.77 -25.19 -32.37
CA LEU L 138 58.67 -25.71 -33.21
C LEU L 138 57.72 -24.56 -33.58
N VAL L 139 57.26 -24.55 -34.84
CA VAL L 139 56.13 -23.70 -35.32
C VAL L 139 54.86 -24.53 -35.16
N ILE L 140 53.81 -23.91 -34.59
CA ILE L 140 52.53 -24.59 -34.25
C ILE L 140 51.38 -23.82 -34.92
N LYS L 141 50.77 -24.43 -35.94
CA LYS L 141 49.63 -23.87 -36.72
C LYS L 141 48.34 -24.58 -36.27
N VAL L 142 47.23 -23.84 -36.22
CA VAL L 142 45.86 -24.39 -36.08
C VAL L 142 45.24 -24.45 -37.48
N LEU L 143 44.36 -25.42 -37.74
CA LEU L 143 43.66 -25.60 -39.04
C LEU L 143 42.14 -25.55 -38.81
N GLU L 144 41.45 -24.62 -39.49
CA GLU L 144 39.96 -24.56 -39.56
C GLU L 144 39.55 -24.93 -40.99
N GLY L 145 39.69 -26.21 -41.35
CA GLY L 145 39.34 -26.77 -42.67
C GLY L 145 40.44 -26.53 -43.69
N THR L 146 40.42 -25.36 -44.35
CA THR L 146 41.38 -24.97 -45.43
C THR L 146 42.42 -23.96 -44.91
N GLN L 147 41.99 -23.02 -44.07
CA GLN L 147 42.82 -21.89 -43.55
C GLN L 147 43.75 -22.38 -42.43
N GLY L 148 45.01 -21.92 -42.42
CA GLY L 148 45.98 -22.08 -41.31
C GLY L 148 45.87 -20.92 -40.33
N ILE L 149 44.76 -20.87 -39.59
CA ILE L 149 44.14 -19.68 -38.93
C ILE L 149 45.19 -18.91 -38.10
N GLY L 150 45.94 -19.61 -37.25
CA GLY L 150 46.93 -19.04 -36.32
C GLY L 150 48.27 -19.74 -36.46
N VAL L 151 49.37 -19.03 -36.17
CA VAL L 151 50.77 -19.56 -36.28
C VAL L 151 51.57 -19.00 -35.10
N VAL L 152 52.24 -19.87 -34.33
CA VAL L 152 53.05 -19.49 -33.13
C VAL L 152 54.40 -20.18 -33.20
N LEU L 153 55.49 -19.43 -33.07
CA LEU L 153 56.86 -19.96 -32.84
C LEU L 153 57.03 -20.22 -31.35
N CYS L 154 57.34 -21.47 -30.97
CA CYS L 154 57.61 -21.90 -29.58
C CYS L 154 59.08 -22.29 -29.45
N GLU L 155 59.84 -21.55 -28.64
CA GLU L 155 61.31 -21.67 -28.50
C GLU L 155 61.68 -22.90 -27.68
N THR L 156 60.89 -23.19 -26.62
CA THR L 156 61.13 -24.29 -25.65
C THR L 156 59.96 -25.29 -25.72
N ALA L 157 60.22 -26.54 -25.33
CA ALA L 157 59.21 -27.64 -25.31
C ALA L 157 58.09 -27.31 -24.30
N THR L 158 58.39 -26.54 -23.25
CA THR L 158 57.41 -26.07 -22.24
C THR L 158 56.35 -25.20 -22.93
N ALA L 159 56.78 -24.22 -23.72
CA ALA L 159 55.92 -23.29 -24.48
C ALA L 159 55.12 -24.07 -25.52
N ALA L 160 55.77 -24.99 -26.24
CA ALA L 160 55.14 -25.87 -27.26
C ALA L 160 53.98 -26.63 -26.61
N GLU L 161 54.24 -27.29 -25.49
CA GLU L 161 53.24 -28.11 -24.74
C GLU L 161 52.08 -27.21 -24.30
N SER L 162 52.39 -26.01 -23.79
CA SER L 162 51.42 -25.03 -23.25
C SER L 162 50.47 -24.55 -24.36
N VAL L 163 51.00 -24.29 -25.56
CA VAL L 163 50.26 -23.75 -26.73
C VAL L 163 49.40 -24.87 -27.34
N ILE L 164 49.93 -26.09 -27.47
CA ILE L 164 49.20 -27.26 -28.02
C ILE L 164 47.99 -27.54 -27.15
N GLU L 165 48.16 -27.50 -25.82
CA GLU L 165 47.08 -27.75 -24.82
C GLU L 165 45.95 -26.72 -25.01
N ALA L 166 46.32 -25.46 -25.28
CA ALA L 166 45.37 -24.35 -25.49
C ALA L 166 44.53 -24.64 -26.74
N PHE L 167 45.18 -24.99 -27.85
CA PHE L 167 44.55 -25.25 -29.17
C PHE L 167 43.67 -26.51 -29.09
N MET L 168 44.10 -27.51 -28.32
CA MET L 168 43.31 -28.73 -28.01
C MET L 168 41.95 -28.31 -27.44
N GLY L 169 41.95 -27.38 -26.48
CA GLY L 169 40.74 -26.82 -25.86
C GLY L 169 39.74 -26.34 -26.89
N LEU L 170 40.22 -25.79 -28.02
CA LEU L 170 39.37 -25.21 -29.10
C LEU L 170 38.93 -26.29 -30.09
N LYS L 171 39.25 -27.57 -29.81
CA LYS L 171 38.83 -28.76 -30.60
C LYS L 171 39.22 -28.58 -32.07
N GLN L 172 40.41 -28.04 -32.33
CA GLN L 172 40.91 -27.76 -33.71
C GLN L 172 42.03 -28.76 -34.05
N ASP L 173 42.15 -29.13 -35.33
CA ASP L 173 43.27 -29.93 -35.88
C ASP L 173 44.55 -29.11 -35.72
N ILE L 174 45.60 -29.70 -35.14
CA ILE L 174 46.87 -29.00 -34.80
C ILE L 174 48.00 -29.53 -35.69
N MET L 175 48.82 -28.64 -36.23
CA MET L 175 50.03 -28.96 -37.02
C MET L 175 51.26 -28.47 -36.28
N VAL L 176 52.24 -29.36 -36.10
CA VAL L 176 53.53 -29.10 -35.41
C VAL L 176 54.64 -29.27 -36.44
N GLN L 177 55.46 -28.23 -36.64
CA GLN L 177 56.44 -28.17 -37.76
C GLN L 177 57.80 -27.68 -37.26
N GLU L 178 58.87 -28.33 -37.72
CA GLU L 178 60.30 -27.93 -37.56
C GLU L 178 60.43 -26.47 -37.99
N TYR L 179 60.96 -25.61 -37.11
CA TYR L 179 61.25 -24.18 -37.40
C TYR L 179 62.55 -24.07 -38.20
N ILE L 180 62.48 -23.44 -39.37
CA ILE L 180 63.63 -23.26 -40.31
C ILE L 180 64.13 -21.82 -40.17
N LYS L 181 65.05 -21.60 -39.23
CA LYS L 181 65.60 -20.28 -38.82
C LYS L 181 66.43 -19.67 -39.96
N GLU L 182 67.00 -20.51 -40.84
CA GLU L 182 67.92 -20.09 -41.93
C GLU L 182 67.19 -19.20 -42.94
N ALA L 183 65.87 -19.37 -43.07
CA ALA L 183 64.98 -18.67 -44.04
C ALA L 183 64.98 -17.16 -43.77
N GLY L 184 65.14 -16.77 -42.50
CA GLY L 184 65.19 -15.36 -42.06
C GLY L 184 63.84 -14.69 -42.18
N GLY L 185 62.75 -15.45 -42.02
CA GLY L 185 61.37 -14.99 -42.18
C GLY L 185 61.06 -14.59 -43.61
N ALA L 186 61.52 -15.39 -44.59
CA ALA L 186 61.35 -15.13 -46.04
C ALA L 186 60.94 -16.45 -46.73
N ASP L 187 60.08 -16.35 -47.75
CA ASP L 187 59.65 -17.49 -48.60
C ASP L 187 59.63 -17.05 -50.06
N ILE L 188 59.85 -18.00 -50.96
CA ILE L 188 59.66 -17.85 -52.44
C ILE L 188 58.23 -18.28 -52.76
N ARG L 189 57.42 -17.40 -53.37
CA ARG L 189 56.13 -17.78 -53.98
C ARG L 189 56.35 -17.96 -55.49
N CYS L 190 56.35 -19.21 -55.96
CA CYS L 190 56.44 -19.58 -57.40
C CYS L 190 55.02 -19.76 -57.96
N PHE L 191 54.78 -19.22 -59.16
CA PHE L 191 53.46 -19.18 -59.83
C PHE L 191 53.49 -20.10 -61.05
N VAL L 192 52.79 -21.24 -60.96
CA VAL L 192 52.79 -22.32 -62.00
C VAL L 192 51.57 -22.15 -62.92
N VAL L 193 51.81 -22.20 -64.22
CA VAL L 193 50.76 -22.32 -65.28
C VAL L 193 51.26 -23.35 -66.31
N GLY L 194 50.57 -24.48 -66.44
CA GLY L 194 51.03 -25.62 -67.25
C GLY L 194 52.33 -26.18 -66.71
N ASP L 195 53.32 -26.38 -67.59
CA ASP L 195 54.63 -27.01 -67.26
C ASP L 195 55.68 -25.95 -66.96
N LYS L 196 55.28 -24.72 -66.62
CA LYS L 196 56.20 -23.56 -66.49
C LYS L 196 55.91 -22.76 -65.22
N VAL L 197 56.96 -22.35 -64.53
CA VAL L 197 56.92 -21.29 -63.47
C VAL L 197 57.04 -19.94 -64.20
N ILE L 198 55.92 -19.26 -64.41
CA ILE L 198 55.82 -18.04 -65.27
C ILE L 198 56.26 -16.80 -64.50
N ALA L 199 56.21 -16.85 -63.16
CA ALA L 199 56.52 -15.69 -62.28
C ALA L 199 56.90 -16.20 -60.89
N SER L 200 57.78 -15.46 -60.20
CA SER L 200 58.28 -15.77 -58.83
C SER L 200 58.49 -14.46 -58.07
N MET L 201 58.49 -14.51 -56.74
CA MET L 201 58.80 -13.34 -55.88
C MET L 201 59.16 -13.81 -54.46
N LYS L 202 60.09 -13.11 -53.82
CA LYS L 202 60.45 -13.28 -52.38
C LYS L 202 59.48 -12.43 -51.55
N ARG L 203 58.99 -12.97 -50.44
CA ARG L 203 58.22 -12.24 -49.40
C ARG L 203 59.13 -12.13 -48.16
N GLN L 204 59.05 -11.01 -47.44
CA GLN L 204 59.90 -10.72 -46.25
C GLN L 204 59.01 -10.25 -45.09
N ALA L 205 59.35 -10.66 -43.86
CA ALA L 205 58.68 -10.25 -42.61
C ALA L 205 59.14 -8.85 -42.20
N LYS L 206 58.45 -8.22 -41.24
CA LYS L 206 58.77 -6.88 -40.69
C LYS L 206 60.09 -6.97 -39.91
N PRO L 207 60.69 -5.82 -39.50
CA PRO L 207 61.99 -5.81 -38.83
C PRO L 207 62.21 -6.84 -37.70
N GLY L 208 61.14 -7.28 -37.02
CA GLY L 208 61.21 -8.13 -35.81
C GLY L 208 60.74 -9.56 -36.03
N GLU L 209 59.62 -9.76 -36.74
CA GLU L 209 58.83 -11.02 -36.74
C GLU L 209 59.38 -12.01 -37.80
N PHE L 210 58.74 -13.17 -37.91
CA PHE L 210 59.10 -14.33 -38.77
C PHE L 210 57.96 -14.60 -39.78
N ARG L 211 56.77 -14.02 -39.57
CA ARG L 211 55.56 -14.22 -40.41
C ARG L 211 55.70 -13.44 -41.73
N SER L 212 55.96 -14.16 -42.83
CA SER L 212 56.41 -13.62 -44.14
C SER L 212 55.22 -13.11 -44.98
N ASN L 213 53.98 -13.37 -44.56
CA ASN L 213 52.75 -13.11 -45.37
C ASN L 213 52.77 -11.68 -45.92
N LEU L 214 52.30 -11.49 -47.16
CA LEU L 214 52.16 -10.17 -47.85
C LEU L 214 51.14 -9.28 -47.12
N HIS L 215 50.03 -9.87 -46.66
CA HIS L 215 48.87 -9.18 -46.03
C HIS L 215 49.06 -9.09 -44.50
N ARG L 216 50.29 -8.88 -44.03
CA ARG L 216 50.66 -8.77 -42.58
C ARG L 216 51.81 -7.78 -42.41
N GLY L 217 51.86 -6.72 -43.24
CA GLY L 217 52.95 -5.72 -43.27
C GLY L 217 54.26 -6.33 -43.72
N GLY L 218 54.33 -6.75 -44.99
CA GLY L 218 55.42 -7.56 -45.54
C GLY L 218 55.82 -7.15 -46.95
N SER L 219 57.10 -6.85 -47.15
CA SER L 219 57.71 -6.41 -48.44
C SER L 219 57.89 -7.62 -49.37
N ALA L 220 57.54 -7.45 -50.66
CA ALA L 220 57.78 -8.42 -51.75
C ALA L 220 58.81 -7.82 -52.73
N SER L 221 59.62 -8.66 -53.36
CA SER L 221 60.69 -8.24 -54.31
C SER L 221 60.94 -9.34 -55.36
N LEU L 222 61.59 -8.98 -56.46
CA LEU L 222 62.01 -9.89 -57.55
C LEU L 222 63.07 -10.86 -57.01
N ILE L 223 63.12 -12.09 -57.54
CA ILE L 223 64.13 -13.12 -57.16
C ILE L 223 64.34 -14.08 -58.34
N LYS L 224 65.61 -14.36 -58.67
CA LYS L 224 66.00 -15.43 -59.62
C LYS L 224 65.99 -16.75 -58.86
N ILE L 225 65.10 -17.67 -59.23
CA ILE L 225 64.94 -18.99 -58.56
C ILE L 225 65.94 -19.99 -59.16
N THR L 226 66.44 -20.92 -58.34
CA THR L 226 67.38 -22.00 -58.74
C THR L 226 66.63 -22.98 -59.63
N PRO L 227 67.34 -23.78 -60.47
CA PRO L 227 66.69 -24.82 -61.25
C PRO L 227 65.95 -25.87 -60.40
N GLU L 228 66.44 -26.14 -59.17
CA GLU L 228 65.84 -27.17 -58.28
C GLU L 228 64.59 -26.59 -57.61
N GLU L 229 64.55 -25.28 -57.39
CA GLU L 229 63.36 -24.56 -56.84
C GLU L 229 62.23 -24.57 -57.87
N ARG L 230 62.56 -24.30 -59.14
CA ARG L 230 61.62 -24.38 -60.29
C ARG L 230 61.07 -25.81 -60.37
N MET L 231 61.97 -26.79 -60.38
CA MET L 231 61.64 -28.23 -60.53
C MET L 231 60.71 -28.68 -59.39
N THR L 232 60.96 -28.20 -58.17
CA THR L 232 60.17 -28.51 -56.94
C THR L 232 58.75 -27.96 -57.10
N ALA L 233 58.62 -26.71 -57.53
CA ALA L 233 57.33 -25.99 -57.72
C ALA L 233 56.47 -26.76 -58.72
N LEU L 234 57.03 -27.10 -59.88
CA LEU L 234 56.33 -27.83 -60.96
C LEU L 234 55.89 -29.21 -60.45
N ARG L 235 56.78 -29.93 -59.77
CA ARG L 235 56.53 -31.31 -59.25
C ARG L 235 55.43 -31.26 -58.19
N ALA L 236 55.45 -30.25 -57.31
CA ALA L 236 54.46 -30.05 -56.23
C ALA L 236 53.07 -29.90 -56.85
N ALA L 237 52.95 -29.04 -57.87
CA ALA L 237 51.69 -28.78 -58.60
C ALA L 237 51.22 -30.05 -59.31
N LYS L 238 52.14 -30.81 -59.90
CA LYS L 238 51.80 -32.03 -60.70
C LYS L 238 51.29 -33.13 -59.77
N VAL L 239 51.87 -33.25 -58.56
CA VAL L 239 51.46 -34.24 -57.51
C VAL L 239 50.02 -33.93 -57.08
N MET L 240 49.66 -32.66 -56.90
CA MET L 240 48.28 -32.24 -56.53
C MET L 240 47.37 -32.41 -57.75
N GLY L 241 47.94 -32.37 -58.97
CA GLY L 241 47.21 -32.51 -60.24
C GLY L 241 46.60 -31.17 -60.68
N LEU L 242 47.27 -30.07 -60.36
CA LEU L 242 46.83 -28.68 -60.68
C LEU L 242 47.57 -28.21 -61.94
N SER L 243 46.87 -27.51 -62.83
CA SER L 243 47.44 -26.84 -64.04
C SER L 243 47.93 -25.44 -63.65
N VAL L 244 47.19 -24.77 -62.76
CA VAL L 244 47.54 -23.42 -62.22
C VAL L 244 47.61 -23.52 -60.70
N ALA L 245 48.73 -23.10 -60.10
CA ALA L 245 48.95 -23.16 -58.65
C ALA L 245 50.00 -22.13 -58.20
N GLY L 246 49.85 -21.61 -56.99
CA GLY L 246 50.91 -20.92 -56.25
C GLY L 246 51.58 -21.88 -55.28
N VAL L 247 52.91 -22.04 -55.38
CA VAL L 247 53.71 -22.94 -54.51
C VAL L 247 54.64 -22.07 -53.65
N ASP L 248 54.46 -22.10 -52.33
CA ASP L 248 55.31 -21.37 -51.35
C ASP L 248 56.47 -22.29 -50.96
N ILE L 249 57.69 -21.76 -50.98
CA ILE L 249 58.96 -22.53 -50.79
C ILE L 249 59.83 -21.79 -49.77
N LEU L 250 60.50 -22.55 -48.88
CA LEU L 250 61.52 -22.04 -47.93
C LEU L 250 62.90 -22.48 -48.43
N ARG L 251 63.85 -21.53 -48.51
CA ARG L 251 65.28 -21.83 -48.76
C ARG L 251 65.89 -22.32 -47.45
N SER L 252 66.20 -23.63 -47.37
CA SER L 252 66.78 -24.28 -46.17
C SER L 252 68.20 -24.75 -46.49
N ASN L 253 68.96 -25.11 -45.45
CA ASN L 253 70.34 -25.65 -45.54
C ASN L 253 70.33 -26.93 -46.40
N HIS L 254 69.26 -27.73 -46.32
CA HIS L 254 69.15 -29.05 -47.02
C HIS L 254 68.22 -28.95 -48.24
N GLY L 255 68.09 -27.75 -48.82
CA GLY L 255 67.42 -27.53 -50.13
C GLY L 255 66.06 -26.83 -49.98
N PRO L 256 65.29 -26.73 -51.08
CA PRO L 256 63.98 -26.08 -51.05
C PRO L 256 62.92 -26.99 -50.39
N LEU L 257 62.10 -26.40 -49.51
CA LEU L 257 61.02 -27.09 -48.77
C LEU L 257 59.69 -26.40 -49.07
N VAL L 258 58.68 -27.17 -49.50
CA VAL L 258 57.32 -26.66 -49.85
C VAL L 258 56.53 -26.42 -48.56
N MET L 259 55.94 -25.23 -48.43
CA MET L 259 55.09 -24.83 -47.27
C MET L 259 53.62 -25.11 -47.62
N GLU L 260 53.17 -24.58 -48.76
CA GLU L 260 51.76 -24.64 -49.21
C GLU L 260 51.70 -24.79 -50.73
N VAL L 261 50.65 -25.42 -51.23
CA VAL L 261 50.24 -25.42 -52.67
C VAL L 261 48.80 -24.91 -52.74
N ASN L 262 48.61 -23.72 -53.31
CA ASN L 262 47.32 -23.00 -53.39
C ASN L 262 46.73 -23.18 -54.80
N SER L 263 45.51 -23.71 -54.89
CA SER L 263 44.82 -24.09 -56.16
C SER L 263 44.23 -22.85 -56.85
N SER L 264 44.05 -21.74 -56.13
CA SER L 264 43.61 -20.44 -56.71
C SER L 264 44.42 -19.31 -56.09
N PRO L 265 45.70 -19.12 -56.49
CA PRO L 265 46.56 -18.11 -55.87
C PRO L 265 46.17 -16.68 -56.26
N GLY L 266 46.34 -15.72 -55.34
CA GLY L 266 46.11 -14.29 -55.60
C GLY L 266 47.00 -13.77 -56.70
N LEU L 267 46.56 -12.73 -57.40
CA LEU L 267 47.27 -12.16 -58.59
C LEU L 267 47.87 -10.78 -58.26
N GLU L 268 47.34 -10.05 -57.27
CA GLU L 268 47.76 -8.65 -56.97
C GLU L 268 49.24 -8.63 -56.60
N GLY L 269 49.64 -9.43 -55.61
CA GLY L 269 51.03 -9.52 -55.12
C GLY L 269 52.01 -9.76 -56.26
N ILE L 270 51.81 -10.84 -57.01
CA ILE L 270 52.76 -11.32 -58.06
C ILE L 270 52.83 -10.30 -59.21
N GLU L 271 51.69 -9.72 -59.61
CA GLU L 271 51.61 -8.83 -60.80
C GLU L 271 52.26 -7.47 -60.49
N VAL L 272 51.97 -6.89 -59.33
CA VAL L 272 52.54 -5.59 -58.86
C VAL L 272 54.07 -5.70 -58.83
N THR L 273 54.60 -6.83 -58.34
CA THR L 273 56.04 -7.05 -58.11
C THR L 273 56.77 -7.28 -59.44
N THR L 274 56.22 -8.11 -60.33
CA THR L 274 56.88 -8.60 -61.57
C THR L 274 56.49 -7.78 -62.80
N SER L 275 55.35 -7.08 -62.76
CA SER L 275 54.77 -6.31 -63.89
C SER L 275 54.43 -7.25 -65.06
N LYS L 276 54.19 -8.53 -64.78
CA LYS L 276 53.81 -9.56 -65.79
C LYS L 276 52.29 -9.65 -65.88
N ASP L 277 51.76 -9.92 -67.07
CA ASP L 277 50.32 -10.16 -67.34
C ASP L 277 50.03 -11.63 -66.99
N VAL L 278 49.96 -11.94 -65.69
CA VAL L 278 49.73 -13.33 -65.18
C VAL L 278 48.30 -13.75 -65.55
N ALA L 279 47.32 -12.87 -65.31
CA ALA L 279 45.91 -13.05 -65.73
C ALA L 279 45.87 -13.41 -67.22
N GLY L 280 46.64 -12.70 -68.05
CA GLY L 280 46.74 -12.93 -69.50
C GLY L 280 47.22 -14.34 -69.82
N MET L 281 48.29 -14.79 -69.17
CA MET L 281 48.94 -16.10 -69.43
C MET L 281 48.01 -17.25 -69.02
N ILE L 282 47.18 -17.03 -67.99
CA ILE L 282 46.14 -18.01 -67.54
C ILE L 282 45.11 -18.16 -68.68
N ILE L 283 44.62 -17.04 -69.22
CA ILE L 283 43.63 -17.03 -70.34
C ILE L 283 44.28 -17.67 -71.57
N GLU L 284 45.56 -17.37 -71.81
CA GLU L 284 46.36 -17.90 -72.95
C GLU L 284 46.49 -19.42 -72.81
N TYR L 285 46.60 -19.94 -71.58
CA TYR L 285 46.68 -21.39 -71.29
C TYR L 285 45.35 -22.06 -71.66
N LEU L 286 44.22 -21.44 -71.28
CA LEU L 286 42.86 -21.94 -71.59
C LEU L 286 42.68 -22.03 -73.10
N GLU L 287 43.18 -21.03 -73.85
CA GLU L 287 43.08 -20.93 -75.33
C GLU L 287 43.67 -22.18 -75.98
N LYS L 288 44.80 -22.67 -75.45
CA LYS L 288 45.61 -23.77 -76.06
C LYS L 288 45.07 -25.13 -75.65
N ASN L 289 44.71 -25.32 -74.37
CA ASN L 289 44.38 -26.63 -73.76
C ASN L 289 42.87 -26.87 -73.69
N SER L 290 42.06 -25.87 -74.04
CA SER L 290 40.59 -25.99 -74.16
C SER L 290 40.24 -26.96 -75.30
N GLY L 291 41.00 -26.95 -76.38
CA GLY L 291 40.73 -27.76 -77.60
C GLY L 291 39.58 -27.15 -78.41
N PRO L 292 38.69 -27.94 -79.05
CA PRO L 292 37.66 -27.43 -79.95
C PRO L 292 37.06 -26.06 -79.58
N HIS L 293 36.73 -25.82 -78.30
CA HIS L 293 36.35 -24.52 -77.67
C HIS L 293 35.67 -23.59 -78.69
N MET L 294 34.38 -23.81 -78.98
CA MET L 294 33.58 -23.07 -79.99
C MET L 294 32.09 -23.19 -79.66
N MET M 1 -63.94 -28.12 -63.88
CA MET M 1 -62.56 -28.27 -63.33
C MET M 1 -62.60 -28.26 -61.79
N LYS M 2 -61.68 -29.00 -61.16
CA LYS M 2 -61.37 -28.88 -59.72
C LYS M 2 -60.11 -28.02 -59.60
N ILE M 3 -60.21 -26.87 -58.92
CA ILE M 3 -59.12 -25.86 -58.83
C ILE M 3 -58.76 -25.63 -57.37
N ALA M 4 -57.47 -25.75 -57.04
CA ALA M 4 -56.88 -25.41 -55.73
C ALA M 4 -56.49 -23.93 -55.73
N VAL M 5 -56.76 -23.23 -54.65
CA VAL M 5 -56.34 -21.81 -54.43
C VAL M 5 -55.44 -21.77 -53.21
N LEU M 6 -54.13 -21.65 -53.41
CA LEU M 6 -53.10 -21.60 -52.34
C LEU M 6 -53.10 -20.20 -51.71
N SER M 7 -53.80 -20.02 -50.59
CA SER M 7 -53.93 -18.73 -49.89
C SER M 7 -53.86 -18.93 -48.37
N ARG M 8 -53.09 -18.08 -47.69
CA ARG M 8 -52.95 -18.08 -46.21
C ARG M 8 -54.27 -17.64 -45.56
N ASN M 9 -55.03 -16.77 -46.23
CA ASN M 9 -56.30 -16.21 -45.70
C ASN M 9 -57.40 -16.30 -46.77
N PRO M 10 -58.41 -17.19 -46.59
CA PRO M 10 -59.51 -17.31 -47.55
C PRO M 10 -60.56 -16.19 -47.46
N ARG M 11 -60.46 -15.32 -46.45
CA ARG M 11 -61.44 -14.23 -46.17
C ARG M 11 -60.96 -12.90 -46.78
N LEU M 12 -59.80 -12.90 -47.43
CA LEU M 12 -59.22 -11.72 -48.14
C LEU M 12 -59.91 -11.57 -49.51
N TYR M 13 -60.16 -10.33 -49.93
CA TYR M 13 -60.95 -9.97 -51.14
C TYR M 13 -60.55 -10.84 -52.34
N SER M 14 -59.26 -10.88 -52.66
CA SER M 14 -58.70 -11.47 -53.90
C SER M 14 -58.97 -12.98 -53.95
N THR M 15 -58.89 -13.66 -52.80
CA THR M 15 -59.13 -15.13 -52.70
C THR M 15 -60.63 -15.40 -52.80
N ARG M 16 -61.45 -14.68 -52.04
CA ARG M 16 -62.93 -14.76 -52.10
C ARG M 16 -63.38 -14.63 -53.55
N ARG M 17 -62.90 -13.60 -54.25
CA ARG M 17 -63.30 -13.28 -55.65
C ARG M 17 -62.91 -14.44 -56.59
N LEU M 18 -61.77 -15.08 -56.35
CA LEU M 18 -61.29 -16.19 -57.22
C LEU M 18 -62.19 -17.42 -57.02
N VAL M 19 -62.67 -17.70 -55.80
CA VAL M 19 -63.57 -18.86 -55.55
C VAL M 19 -64.95 -18.52 -56.13
N GLU M 20 -65.44 -17.29 -55.94
CA GLU M 20 -66.73 -16.80 -56.52
C GLU M 20 -66.72 -17.07 -58.03
N ALA M 21 -65.82 -16.41 -58.76
CA ALA M 21 -65.69 -16.47 -60.23
C ALA M 21 -65.66 -17.93 -60.69
N GLY M 22 -64.96 -18.79 -59.94
CA GLY M 22 -64.85 -20.23 -60.21
C GLY M 22 -66.19 -20.94 -60.03
N ILE M 23 -66.81 -20.79 -58.86
CA ILE M 23 -68.12 -21.39 -58.52
C ILE M 23 -69.14 -20.92 -59.56
N GLU M 24 -69.19 -19.61 -59.84
CA GLU M 24 -70.07 -18.97 -60.85
C GLU M 24 -69.97 -19.72 -62.19
N ARG M 25 -68.78 -20.19 -62.56
CA ARG M 25 -68.48 -20.79 -63.89
C ARG M 25 -68.48 -22.32 -63.76
N GLY M 26 -68.98 -22.85 -62.65
CA GLY M 26 -69.37 -24.27 -62.48
C GLY M 26 -68.22 -25.16 -62.03
N HIS M 27 -67.13 -24.56 -61.53
CA HIS M 27 -65.90 -25.28 -61.09
C HIS M 27 -65.98 -25.57 -59.58
N GLU M 28 -65.25 -26.60 -59.12
CA GLU M 28 -65.09 -26.94 -57.68
C GLU M 28 -63.83 -26.23 -57.17
N MET M 29 -64.00 -25.28 -56.24
CA MET M 29 -62.93 -24.41 -55.73
C MET M 29 -62.58 -24.84 -54.30
N VAL M 30 -61.32 -25.22 -54.06
CA VAL M 30 -60.80 -25.61 -52.72
C VAL M 30 -59.68 -24.64 -52.34
N VAL M 31 -59.82 -23.99 -51.17
CA VAL M 31 -58.79 -23.08 -50.59
C VAL M 31 -57.88 -23.91 -49.69
N ILE M 32 -56.56 -23.84 -49.95
CA ILE M 32 -55.50 -24.62 -49.25
C ILE M 32 -54.53 -23.63 -48.60
N ASP M 33 -54.40 -23.65 -47.26
CA ASP M 33 -53.32 -22.96 -46.52
C ASP M 33 -52.06 -23.82 -46.69
N THR M 34 -51.12 -23.39 -47.54
CA THR M 34 -49.93 -24.19 -47.97
C THR M 34 -49.19 -24.76 -46.76
N LEU M 35 -49.10 -24.01 -45.66
CA LEU M 35 -48.35 -24.40 -44.44
C LEU M 35 -48.98 -25.65 -43.80
N ARG M 36 -50.30 -25.83 -43.95
CA ARG M 36 -51.07 -26.93 -43.33
C ARG M 36 -51.10 -28.15 -44.26
N ALA M 37 -50.58 -28.01 -45.48
CA ALA M 37 -50.30 -29.12 -46.42
C ALA M 37 -48.98 -29.78 -46.03
N TYR M 38 -48.95 -31.11 -46.04
CA TYR M 38 -47.75 -31.95 -45.80
C TYR M 38 -47.73 -33.03 -46.88
N MET M 39 -46.55 -33.50 -47.27
CA MET M 39 -46.42 -34.35 -48.48
C MET M 39 -45.29 -35.38 -48.31
N ASN M 40 -45.39 -36.44 -49.10
CA ASN M 40 -44.37 -37.49 -49.31
C ASN M 40 -43.85 -37.31 -50.75
N ILE M 41 -42.56 -37.07 -50.93
CA ILE M 41 -41.92 -36.99 -52.27
C ILE M 41 -41.51 -38.40 -52.69
N ALA M 42 -41.78 -38.77 -53.94
CA ALA M 42 -41.60 -40.14 -54.47
C ALA M 42 -41.79 -40.15 -55.99
N SER M 43 -41.01 -40.98 -56.69
CA SER M 43 -41.11 -41.20 -58.16
C SER M 43 -42.52 -41.71 -58.53
N HIS M 44 -42.92 -42.87 -57.99
CA HIS M 44 -44.21 -43.55 -58.28
C HIS M 44 -45.39 -42.71 -57.78
N LYS M 45 -45.79 -42.87 -56.51
CA LYS M 45 -47.04 -42.30 -55.93
C LYS M 45 -46.72 -41.14 -55.00
N PRO M 46 -46.42 -39.92 -55.52
CA PRO M 46 -46.20 -38.74 -54.68
C PRO M 46 -47.52 -38.18 -54.15
N GLN M 47 -47.62 -37.99 -52.83
CA GLN M 47 -48.87 -37.59 -52.13
C GLN M 47 -48.74 -36.16 -51.60
N ILE M 48 -49.85 -35.40 -51.63
CA ILE M 48 -50.09 -34.23 -50.76
C ILE M 48 -51.31 -34.56 -49.89
N HIS M 49 -51.17 -34.45 -48.57
CA HIS M 49 -52.26 -34.60 -47.58
C HIS M 49 -52.56 -33.23 -46.96
N TYR M 50 -53.78 -33.05 -46.44
CA TYR M 50 -54.31 -31.79 -45.86
C TYR M 50 -55.38 -32.13 -44.82
N ARG M 51 -55.13 -31.80 -43.56
CA ARG M 51 -56.06 -32.07 -42.42
C ARG M 51 -56.49 -33.55 -42.43
N GLY M 52 -55.55 -34.47 -42.65
CA GLY M 52 -55.75 -35.93 -42.49
C GLY M 52 -56.15 -36.64 -43.77
N LYS M 53 -56.64 -35.91 -44.76
CA LYS M 53 -57.20 -36.47 -46.03
C LYS M 53 -56.26 -36.11 -47.18
N PRO M 54 -56.13 -36.97 -48.22
CA PRO M 54 -55.30 -36.65 -49.39
C PRO M 54 -55.95 -35.61 -50.32
N LEU M 55 -55.14 -34.82 -51.03
CA LEU M 55 -55.59 -33.87 -52.08
C LEU M 55 -55.42 -34.54 -53.45
N GLU M 56 -56.52 -34.92 -54.10
CA GLU M 56 -56.55 -35.68 -55.38
C GLU M 56 -57.37 -34.93 -56.43
N GLY M 57 -57.21 -35.33 -57.70
CA GLY M 57 -58.12 -35.00 -58.81
C GLY M 57 -58.18 -33.52 -59.11
N PHE M 58 -57.16 -32.75 -58.72
CA PHE M 58 -57.04 -31.30 -59.03
C PHE M 58 -56.57 -31.15 -60.47
N ASP M 59 -57.21 -30.25 -61.22
CA ASP M 59 -56.93 -29.97 -62.65
C ASP M 59 -55.98 -28.77 -62.76
N ALA M 60 -56.13 -27.78 -61.87
CA ALA M 60 -55.34 -26.54 -61.88
C ALA M 60 -55.15 -26.01 -60.44
N VAL M 61 -54.13 -25.21 -60.24
CA VAL M 61 -53.80 -24.55 -58.94
C VAL M 61 -53.47 -23.08 -59.20
N ILE M 62 -54.06 -22.18 -58.41
CA ILE M 62 -53.80 -20.71 -58.43
C ILE M 62 -52.93 -20.37 -57.23
N PRO M 63 -51.60 -20.17 -57.42
CA PRO M 63 -50.72 -19.84 -56.29
C PRO M 63 -50.82 -18.37 -55.93
N ARG M 64 -51.33 -18.06 -54.73
CA ARG M 64 -51.32 -16.71 -54.11
C ARG M 64 -50.32 -16.73 -52.96
N ILE M 65 -49.03 -16.85 -53.26
CA ILE M 65 -47.94 -16.96 -52.25
C ILE M 65 -47.66 -15.56 -51.71
N GLY M 66 -47.71 -15.40 -50.38
CA GLY M 66 -47.42 -14.12 -49.68
C GLY M 66 -45.93 -13.88 -49.55
N ALA M 67 -45.55 -12.65 -49.22
CA ALA M 67 -44.15 -12.19 -49.02
C ALA M 67 -43.70 -12.58 -47.60
N SER M 68 -43.59 -13.88 -47.35
CA SER M 68 -43.17 -14.48 -46.05
C SER M 68 -41.76 -15.08 -46.18
N VAL M 69 -41.26 -15.74 -45.12
CA VAL M 69 -39.99 -16.53 -45.12
C VAL M 69 -40.32 -17.96 -45.59
N THR M 70 -40.99 -18.06 -46.75
CA THR M 70 -41.78 -19.26 -47.18
C THR M 70 -41.16 -19.86 -48.45
N PHE M 71 -40.08 -20.63 -48.28
CA PHE M 71 -39.59 -21.63 -49.27
C PHE M 71 -40.59 -22.79 -49.37
N TYR M 72 -41.34 -23.04 -48.29
CA TYR M 72 -42.31 -24.16 -48.16
C TYR M 72 -43.46 -23.99 -49.15
N GLY M 73 -44.00 -22.77 -49.26
CA GLY M 73 -45.11 -22.43 -50.17
C GLY M 73 -44.81 -22.83 -51.61
N CYS M 74 -43.61 -22.50 -52.09
CA CYS M 74 -43.10 -22.86 -53.44
C CYS M 74 -43.00 -24.38 -53.56
N ALA M 75 -42.59 -25.08 -52.49
CA ALA M 75 -42.43 -26.56 -52.45
C ALA M 75 -43.79 -27.24 -52.65
N VAL M 76 -44.83 -26.72 -52.00
CA VAL M 76 -46.22 -27.25 -52.12
C VAL M 76 -46.70 -27.04 -53.56
N LEU M 77 -46.45 -25.87 -54.14
CA LEU M 77 -46.79 -25.56 -55.57
C LEU M 77 -46.03 -26.52 -56.48
N ARG M 78 -44.75 -26.79 -56.18
CA ARG M 78 -43.88 -27.68 -57.00
C ARG M 78 -44.47 -29.10 -57.01
N GLN M 79 -44.90 -29.62 -55.86
CA GLN M 79 -45.53 -30.96 -55.76
C GLN M 79 -46.72 -31.03 -56.72
N PHE M 80 -47.61 -30.04 -56.66
CA PHE M 80 -48.82 -29.95 -57.52
C PHE M 80 -48.37 -30.06 -58.98
N GLU M 81 -47.37 -29.27 -59.39
CA GLU M 81 -46.83 -29.23 -60.77
C GLU M 81 -46.36 -30.64 -61.17
N MET M 82 -45.58 -31.28 -60.30
CA MET M 82 -44.95 -32.60 -60.53
C MET M 82 -46.01 -33.71 -60.53
N MET M 83 -47.15 -33.47 -59.87
CA MET M 83 -48.29 -34.41 -59.82
C MET M 83 -49.26 -34.12 -60.99
N GLY M 84 -48.85 -33.26 -61.93
CA GLY M 84 -49.53 -33.07 -63.24
C GLY M 84 -50.52 -31.90 -63.23
N VAL M 85 -50.74 -31.27 -62.07
CA VAL M 85 -51.73 -30.15 -61.91
C VAL M 85 -51.18 -28.91 -62.63
N PHE M 86 -52.02 -28.24 -63.41
CA PHE M 86 -51.64 -27.02 -64.19
C PHE M 86 -51.57 -25.82 -63.27
N PRO M 87 -50.42 -25.13 -63.17
CA PRO M 87 -50.30 -23.91 -62.37
C PRO M 87 -50.62 -22.64 -63.19
N LEU M 88 -51.30 -21.67 -62.57
CA LEU M 88 -51.61 -20.36 -63.19
C LEU M 88 -50.28 -19.68 -63.52
N ASN M 89 -49.36 -19.67 -62.55
CA ASN M 89 -47.94 -19.25 -62.69
C ASN M 89 -47.04 -20.37 -62.19
N GLU M 90 -45.99 -20.70 -62.95
CA GLU M 90 -45.02 -21.79 -62.62
C GLU M 90 -44.19 -21.36 -61.41
N SER M 91 -43.86 -22.30 -60.53
CA SER M 91 -43.02 -22.09 -59.32
C SER M 91 -41.70 -21.42 -59.71
N VAL M 92 -41.12 -21.85 -60.84
CA VAL M 92 -39.84 -21.32 -61.39
C VAL M 92 -39.96 -19.80 -61.54
N ALA M 93 -41.03 -19.35 -62.19
CA ALA M 93 -41.32 -17.93 -62.49
C ALA M 93 -41.56 -17.14 -61.21
N ILE M 94 -42.29 -17.70 -60.25
CA ILE M 94 -42.66 -17.04 -58.97
C ILE M 94 -41.39 -16.76 -58.16
N ALA M 95 -40.47 -17.73 -58.12
CA ALA M 95 -39.16 -17.62 -57.44
C ALA M 95 -38.34 -16.46 -58.04
N ARG M 96 -38.38 -16.30 -59.36
CA ARG M 96 -37.71 -15.19 -60.10
C ARG M 96 -38.28 -13.84 -59.64
N SER M 97 -39.61 -13.72 -59.56
CA SER M 97 -40.35 -12.47 -59.26
C SER M 97 -40.11 -12.02 -57.83
N ARG M 98 -40.12 -12.96 -56.88
CA ARG M 98 -40.11 -12.65 -55.42
C ARG M 98 -38.71 -12.18 -55.01
N ASP M 99 -37.66 -12.61 -55.71
CA ASP M 99 -36.28 -12.11 -55.51
C ASP M 99 -36.14 -10.80 -56.28
N LYS M 100 -36.36 -9.67 -55.60
CA LYS M 100 -36.44 -8.32 -56.24
C LYS M 100 -35.09 -7.97 -56.88
N LEU M 101 -33.98 -8.35 -56.25
CA LEU M 101 -32.60 -8.15 -56.80
C LEU M 101 -32.50 -8.87 -58.14
N ARG M 102 -32.78 -10.19 -58.15
CA ARG M 102 -32.69 -11.06 -59.34
C ARG M 102 -33.64 -10.55 -60.42
N SER M 103 -34.85 -10.14 -60.02
CA SER M 103 -35.94 -9.67 -60.92
C SER M 103 -35.43 -8.48 -61.74
N LEU M 104 -34.88 -7.46 -61.08
CA LEU M 104 -34.38 -6.22 -61.75
C LEU M 104 -33.17 -6.56 -62.62
N GLN M 105 -32.27 -7.43 -62.16
CA GLN M 105 -31.09 -7.86 -62.96
C GLN M 105 -31.55 -8.50 -64.27
N LEU M 106 -32.63 -9.31 -64.22
CA LEU M 106 -33.12 -10.08 -65.38
C LEU M 106 -33.78 -9.13 -66.39
N LEU M 107 -34.57 -8.19 -65.89
CA LEU M 107 -35.25 -7.14 -66.70
C LEU M 107 -34.19 -6.27 -67.37
N SER M 108 -33.16 -5.87 -66.62
CA SER M 108 -32.02 -5.03 -67.08
C SER M 108 -31.31 -5.72 -68.25
N ARG M 109 -31.05 -7.01 -68.13
CA ARG M 109 -30.26 -7.79 -69.12
C ARG M 109 -31.05 -7.92 -70.43
N ARG M 110 -32.38 -8.02 -70.35
CA ARG M 110 -33.27 -8.18 -71.53
C ARG M 110 -33.70 -6.81 -72.07
N GLY M 111 -33.14 -5.71 -71.54
CA GLY M 111 -33.26 -4.35 -72.10
C GLY M 111 -34.60 -3.70 -71.80
N ILE M 112 -35.31 -4.15 -70.75
CA ILE M 112 -36.55 -3.48 -70.24
C ILE M 112 -36.11 -2.16 -69.57
N GLY M 113 -36.79 -1.06 -69.85
CA GLY M 113 -36.50 0.24 -69.24
C GLY M 113 -36.67 0.16 -67.73
N LEU M 114 -35.61 0.50 -66.99
CA LEU M 114 -35.64 0.62 -65.50
C LEU M 114 -35.10 1.98 -65.10
N PRO M 115 -35.40 2.47 -63.88
CA PRO M 115 -34.67 3.59 -63.30
C PRO M 115 -33.20 3.16 -63.13
N VAL M 116 -32.27 4.11 -63.12
CA VAL M 116 -30.84 3.85 -62.78
C VAL M 116 -30.85 3.30 -61.34
N THR M 117 -30.23 2.14 -61.13
CA THR M 117 -30.40 1.32 -59.90
C THR M 117 -29.04 0.79 -59.42
N GLY M 118 -28.81 0.87 -58.12
CA GLY M 118 -27.64 0.30 -57.43
C GLY M 118 -28.07 -0.64 -56.32
N PHE M 119 -27.25 -1.66 -56.03
CA PHE M 119 -27.41 -2.60 -54.90
C PHE M 119 -26.18 -2.52 -53.99
N ALA M 120 -26.40 -2.73 -52.70
CA ALA M 120 -25.36 -2.69 -51.63
C ALA M 120 -25.83 -3.53 -50.45
N HIS M 121 -24.90 -3.98 -49.59
CA HIS M 121 -25.20 -4.58 -48.28
C HIS M 121 -24.32 -3.93 -47.21
N SER M 122 -23.00 -4.12 -47.33
CA SER M 122 -21.96 -3.57 -46.44
C SER M 122 -20.91 -2.82 -47.26
N PRO M 123 -21.31 -1.78 -48.03
CA PRO M 123 -20.35 -1.00 -48.82
C PRO M 123 -19.42 -0.19 -47.92
N ASP M 124 -18.14 -0.11 -48.27
CA ASP M 124 -17.09 0.59 -47.50
C ASP M 124 -17.02 2.06 -47.93
N ASP M 125 -17.29 2.34 -49.22
CA ASP M 125 -17.25 3.70 -49.82
C ASP M 125 -18.66 4.07 -50.31
N ILE M 126 -19.50 4.58 -49.41
CA ILE M 126 -20.92 4.94 -49.71
C ILE M 126 -20.95 6.11 -50.69
N PRO M 127 -20.12 7.16 -50.54
CA PRO M 127 -20.02 8.21 -51.56
C PRO M 127 -19.84 7.64 -52.98
N ASP M 128 -19.03 6.59 -53.11
CA ASP M 128 -18.74 5.93 -54.41
C ASP M 128 -20.03 5.28 -54.95
N LEU M 129 -20.80 4.61 -54.08
CA LEU M 129 -22.11 3.99 -54.43
C LEU M 129 -23.05 5.07 -54.97
N ILE M 130 -23.14 6.21 -54.27
CA ILE M 130 -24.04 7.36 -54.63
C ILE M 130 -23.62 7.89 -56.01
N GLN M 131 -22.32 8.07 -56.23
CA GLN M 131 -21.74 8.58 -57.51
C GLN M 131 -22.11 7.65 -58.66
N MET M 132 -22.12 6.32 -58.43
CA MET M 132 -22.39 5.28 -59.45
C MET M 132 -23.83 5.38 -59.98
N VAL M 133 -24.74 5.98 -59.20
CA VAL M 133 -26.20 6.09 -59.51
C VAL M 133 -26.54 7.54 -59.86
N ASN M 134 -25.55 8.33 -60.29
CA ASN M 134 -25.68 9.73 -60.78
C ASN M 134 -26.14 10.66 -59.64
N GLY M 135 -25.85 10.30 -58.38
CA GLY M 135 -26.02 11.17 -57.21
C GLY M 135 -27.47 11.42 -56.85
N ALA M 136 -27.69 12.31 -55.87
CA ALA M 136 -29.02 12.73 -55.35
C ALA M 136 -29.75 13.54 -56.40
N PRO M 137 -31.10 13.63 -56.38
CA PRO M 137 -31.93 12.94 -55.38
C PRO M 137 -32.05 11.42 -55.66
N LEU M 138 -31.99 10.62 -54.60
CA LEU M 138 -32.02 9.13 -54.65
C LEU M 138 -33.18 8.61 -53.78
N VAL M 139 -33.89 7.61 -54.28
CA VAL M 139 -34.85 6.78 -53.48
C VAL M 139 -34.07 5.59 -52.94
N ILE M 140 -34.23 5.30 -51.64
CA ILE M 140 -33.46 4.25 -50.91
C ILE M 140 -34.46 3.29 -50.26
N LYS M 141 -34.55 2.06 -50.78
CA LYS M 141 -35.42 0.98 -50.26
C LYS M 141 -34.57 -0.03 -49.50
N VAL M 142 -35.11 -0.59 -48.42
CA VAL M 142 -34.57 -1.79 -47.72
C VAL M 142 -35.33 -3.01 -48.23
N LEU M 143 -34.68 -4.18 -48.28
CA LEU M 143 -35.29 -5.46 -48.72
C LEU M 143 -35.17 -6.48 -47.58
N GLU M 144 -36.30 -7.05 -47.14
CA GLU M 144 -36.35 -8.22 -46.23
C GLU M 144 -36.89 -9.41 -47.03
N GLY M 145 -36.05 -9.94 -47.94
CA GLY M 145 -36.37 -11.08 -48.82
C GLY M 145 -37.19 -10.65 -50.04
N THR M 146 -38.52 -10.60 -49.90
CA THR M 146 -39.49 -10.26 -50.97
C THR M 146 -40.01 -8.82 -50.81
N GLN M 147 -40.28 -8.39 -49.57
CA GLN M 147 -40.92 -7.10 -49.23
C GLN M 147 -39.89 -5.96 -49.34
N GLY M 148 -40.30 -4.81 -49.90
CA GLY M 148 -39.55 -3.54 -49.91
C GLY M 148 -39.89 -2.70 -48.70
N ILE M 149 -39.45 -3.18 -47.51
CA ILE M 149 -39.98 -2.86 -46.15
C ILE M 149 -40.13 -1.35 -45.95
N GLY M 150 -39.08 -0.58 -46.24
CA GLY M 150 -39.03 0.88 -46.06
C GLY M 150 -38.60 1.55 -47.35
N VAL M 151 -39.06 2.79 -47.58
CA VAL M 151 -38.71 3.62 -48.78
C VAL M 151 -38.52 5.07 -48.32
N VAL M 152 -37.37 5.68 -48.64
CA VAL M 152 -37.01 7.06 -48.24
C VAL M 152 -36.50 7.82 -49.46
N LEU M 153 -37.07 9.00 -49.74
CA LEU M 153 -36.52 9.98 -50.71
C LEU M 153 -35.45 10.81 -49.99
N CYS M 154 -34.23 10.80 -50.52
CA CYS M 154 -33.07 11.58 -50.00
C CYS M 154 -32.69 12.65 -51.03
N GLU M 155 -32.85 13.92 -50.67
CA GLU M 155 -32.73 15.09 -51.58
C GLU M 155 -31.24 15.39 -51.84
N THR M 156 -30.40 15.25 -50.81
CA THR M 156 -28.95 15.56 -50.83
C THR M 156 -28.15 14.27 -50.59
N ALA M 157 -26.89 14.23 -51.05
CA ALA M 157 -25.97 13.09 -50.90
C ALA M 157 -25.64 12.86 -49.42
N THR M 158 -25.69 13.92 -48.59
CA THR M 158 -25.49 13.86 -47.12
C THR M 158 -26.57 12.96 -46.51
N ALA M 159 -27.84 13.22 -46.83
CA ALA M 159 -29.02 12.47 -46.35
C ALA M 159 -28.94 11.02 -46.84
N ALA M 160 -28.61 10.84 -48.13
CA ALA M 160 -28.45 9.51 -48.78
C ALA M 160 -27.44 8.68 -47.98
N GLU M 161 -26.26 9.24 -47.72
CA GLU M 161 -25.15 8.57 -47.00
C GLU M 161 -25.61 8.22 -45.58
N SER M 162 -26.31 9.16 -44.91
CA SER M 162 -26.78 9.02 -43.51
C SER M 162 -27.80 7.88 -43.40
N VAL M 163 -28.70 7.75 -44.37
CA VAL M 163 -29.80 6.74 -44.39
C VAL M 163 -29.22 5.36 -44.74
N ILE M 164 -28.30 5.29 -45.70
CA ILE M 164 -27.65 4.01 -46.13
C ILE M 164 -26.90 3.43 -44.94
N GLU M 165 -26.16 4.28 -44.20
CA GLU M 165 -25.37 3.88 -43.00
C GLU M 165 -26.31 3.28 -41.94
N ALA M 166 -27.49 3.86 -41.76
CA ALA M 166 -28.50 3.40 -40.80
C ALA M 166 -28.97 2.00 -41.17
N PHE M 167 -29.33 1.79 -42.45
CA PHE M 167 -29.88 0.51 -42.97
C PHE M 167 -28.79 -0.57 -42.95
N MET M 168 -27.53 -0.19 -43.20
CA MET M 168 -26.34 -1.06 -43.05
C MET M 168 -26.34 -1.67 -41.64
N GLY M 169 -26.53 -0.83 -40.62
CA GLY M 169 -26.61 -1.23 -39.20
C GLY M 169 -27.59 -2.37 -38.99
N LEU M 170 -28.69 -2.40 -39.74
CA LEU M 170 -29.79 -3.40 -39.62
C LEU M 170 -29.47 -4.66 -40.45
N LYS M 171 -28.28 -4.72 -41.05
CA LYS M 171 -27.76 -5.89 -41.82
C LYS M 171 -28.76 -6.31 -42.90
N GLN M 172 -29.37 -5.33 -43.57
CA GLN M 172 -30.40 -5.55 -44.63
C GLN M 172 -29.80 -5.23 -46.00
N ASP M 173 -30.24 -5.95 -47.04
CA ASP M 173 -29.91 -5.67 -48.47
C ASP M 173 -30.51 -4.30 -48.81
N ILE M 174 -29.70 -3.39 -49.39
CA ILE M 174 -30.09 -1.98 -49.67
C ILE M 174 -30.19 -1.78 -51.18
N MET M 175 -31.25 -1.10 -51.63
CA MET M 175 -31.45 -0.71 -53.05
C MET M 175 -31.44 0.83 -53.14
N VAL M 176 -30.60 1.35 -54.03
CA VAL M 176 -30.43 2.81 -54.30
C VAL M 176 -30.90 3.07 -55.73
N GLN M 177 -31.88 3.97 -55.91
CA GLN M 177 -32.57 4.16 -57.21
C GLN M 177 -32.71 5.65 -57.54
N GLU M 178 -32.43 6.00 -58.80
CA GLU M 178 -32.67 7.33 -59.41
C GLU M 178 -34.13 7.73 -59.13
N TYR M 179 -34.34 8.89 -58.51
CA TYR M 179 -35.69 9.48 -58.25
C TYR M 179 -36.22 10.12 -59.54
N ILE M 180 -37.40 9.69 -59.98
CA ILE M 180 -38.05 10.18 -61.23
C ILE M 180 -39.16 11.16 -60.83
N LYS M 181 -38.78 12.43 -60.73
CA LYS M 181 -39.61 13.57 -60.23
C LYS M 181 -40.72 13.89 -61.23
N GLU M 182 -40.55 13.55 -62.52
CA GLU M 182 -41.50 13.87 -63.61
C GLU M 182 -42.83 13.12 -63.40
N ALA M 183 -42.78 11.96 -62.73
CA ALA M 183 -43.92 11.05 -62.48
C ALA M 183 -44.99 11.75 -61.62
N GLY M 184 -44.57 12.67 -60.74
CA GLY M 184 -45.45 13.44 -59.85
C GLY M 184 -46.06 12.59 -58.77
N GLY M 185 -45.36 11.52 -58.35
CA GLY M 185 -45.85 10.53 -57.36
C GLY M 185 -47.04 9.74 -57.90
N ALA M 186 -46.95 9.32 -59.17
CA ALA M 186 -47.99 8.53 -59.88
C ALA M 186 -47.33 7.38 -60.64
N ASP M 187 -48.01 6.23 -60.68
CA ASP M 187 -47.56 5.03 -61.44
C ASP M 187 -48.77 4.41 -62.14
N ILE M 188 -48.51 3.74 -63.27
CA ILE M 188 -49.48 2.89 -64.01
C ILE M 188 -49.32 1.46 -63.47
N ARG M 189 -50.39 0.85 -62.94
CA ARG M 189 -50.45 -0.59 -62.64
C ARG M 189 -51.17 -1.30 -63.79
N CYS M 190 -50.43 -2.02 -64.63
CA CYS M 190 -50.95 -2.85 -65.74
C CYS M 190 -51.14 -4.28 -65.26
N PHE M 191 -52.27 -4.90 -65.62
CA PHE M 191 -52.69 -6.24 -65.16
C PHE M 191 -52.65 -7.20 -66.34
N VAL M 192 -51.68 -8.12 -66.35
CA VAL M 192 -51.41 -9.08 -67.46
C VAL M 192 -52.09 -10.42 -67.16
N VAL M 193 -52.81 -10.95 -68.15
CA VAL M 193 -53.33 -12.35 -68.18
C VAL M 193 -53.09 -12.89 -69.60
N GLY M 194 -52.26 -13.92 -69.73
CA GLY M 194 -51.80 -14.44 -71.04
C GLY M 194 -51.02 -13.37 -71.79
N ASP M 195 -51.37 -13.14 -73.06
CA ASP M 195 -50.65 -12.22 -73.99
C ASP M 195 -51.31 -10.84 -74.01
N LYS M 196 -52.12 -10.51 -72.99
CA LYS M 196 -52.99 -9.30 -73.01
C LYS M 196 -52.90 -8.55 -71.67
N VAL M 197 -52.85 -7.22 -71.73
CA VAL M 197 -53.10 -6.31 -70.60
C VAL M 197 -54.62 -6.10 -70.53
N ILE M 198 -55.29 -6.81 -69.62
CA ILE M 198 -56.79 -6.90 -69.55
C ILE M 198 -57.35 -5.68 -68.79
N ALA M 199 -56.55 -5.04 -67.96
CA ALA M 199 -56.95 -3.90 -67.10
C ALA M 199 -55.73 -3.05 -66.73
N SER M 200 -55.93 -1.75 -66.55
CA SER M 200 -54.89 -0.76 -66.15
C SER M 200 -55.52 0.30 -65.24
N MET M 201 -54.70 0.98 -64.44
CA MET M 201 -55.15 2.11 -63.59
C MET M 201 -53.95 2.95 -63.16
N LYS M 202 -54.15 4.27 -63.06
CA LYS M 202 -53.18 5.23 -62.47
C LYS M 202 -53.40 5.25 -60.96
N ARG M 203 -52.32 5.25 -60.18
CA ARG M 203 -52.33 5.49 -58.71
C ARG M 203 -51.69 6.86 -58.47
N GLN M 204 -52.18 7.61 -57.48
CA GLN M 204 -51.73 8.99 -57.16
C GLN M 204 -51.47 9.11 -55.65
N ALA M 205 -50.43 9.86 -55.27
CA ALA M 205 -50.05 10.16 -53.86
C ALA M 205 -50.94 11.29 -53.34
N LYS M 206 -50.89 11.54 -52.02
CA LYS M 206 -51.63 12.65 -51.34
C LYS M 206 -51.05 13.99 -51.80
N PRO M 207 -51.71 15.13 -51.47
CA PRO M 207 -51.22 16.46 -51.87
C PRO M 207 -49.71 16.73 -51.70
N GLY M 208 -49.04 16.07 -50.74
CA GLY M 208 -47.65 16.33 -50.33
C GLY M 208 -46.65 15.27 -50.76
N GLU M 209 -46.99 13.99 -50.59
CA GLU M 209 -45.99 12.86 -50.60
C GLU M 209 -45.77 12.35 -52.04
N PHE M 210 -44.91 11.34 -52.19
CA PHE M 210 -44.48 10.70 -53.46
C PHE M 210 -44.91 9.22 -53.48
N ARG M 211 -45.32 8.65 -52.34
CA ARG M 211 -45.69 7.22 -52.19
C ARG M 211 -47.10 7.01 -52.76
N SER M 212 -47.18 6.37 -53.94
CA SER M 212 -48.40 6.26 -54.79
C SER M 212 -49.33 5.14 -54.30
N ASN M 213 -48.89 4.31 -53.34
CA ASN M 213 -49.60 3.11 -52.81
C ASN M 213 -51.07 3.46 -52.52
N LEU M 214 -51.98 2.51 -52.81
CA LEU M 214 -53.45 2.61 -52.59
C LEU M 214 -53.75 2.71 -51.08
N HIS M 215 -53.06 1.90 -50.26
CA HIS M 215 -53.28 1.80 -48.78
C HIS M 215 -52.37 2.79 -48.04
N ARG M 216 -52.27 4.03 -48.54
CA ARG M 216 -51.52 5.15 -47.90
C ARG M 216 -52.26 6.48 -48.13
N GLY M 217 -53.59 6.45 -48.24
CA GLY M 217 -54.43 7.61 -48.60
C GLY M 217 -54.16 8.09 -50.02
N GLY M 218 -54.50 7.25 -51.02
CA GLY M 218 -54.07 7.38 -52.42
C GLY M 218 -55.19 7.06 -53.40
N SER M 219 -55.50 8.01 -54.29
CA SER M 219 -56.57 7.91 -55.33
C SER M 219 -56.10 7.04 -56.49
N ALA M 220 -56.97 6.14 -56.97
CA ALA M 220 -56.81 5.37 -58.23
C ALA M 220 -57.85 5.85 -59.24
N SER M 221 -57.52 5.83 -60.53
CA SER M 221 -58.41 6.28 -61.64
C SER M 221 -58.12 5.49 -62.92
N LEU M 222 -59.05 5.53 -63.87
CA LEU M 222 -58.93 4.91 -65.22
C LEU M 222 -57.83 5.65 -65.99
N ILE M 223 -57.12 4.95 -66.89
CA ILE M 223 -56.06 5.55 -67.75
C ILE M 223 -55.95 4.75 -69.06
N LYS M 224 -55.92 5.45 -70.20
CA LYS M 224 -55.60 4.87 -71.53
C LYS M 224 -54.08 4.76 -71.61
N ILE M 225 -53.54 3.54 -71.68
CA ILE M 225 -52.07 3.27 -71.72
C ILE M 225 -51.60 3.35 -73.18
N THR M 226 -50.36 3.82 -73.39
CA THR M 226 -49.72 3.94 -74.72
C THR M 226 -49.42 2.53 -75.25
N PRO M 227 -49.26 2.34 -76.57
CA PRO M 227 -48.86 1.04 -77.12
C PRO M 227 -47.52 0.54 -76.56
N GLU M 228 -46.60 1.43 -76.22
CA GLU M 228 -45.24 1.08 -75.74
C GLU M 228 -45.32 0.67 -74.26
N GLU M 229 -46.27 1.25 -73.51
CA GLU M 229 -46.54 0.90 -72.08
C GLU M 229 -47.13 -0.50 -72.01
N ARG M 230 -48.09 -0.82 -72.90
CA ARG M 230 -48.69 -2.16 -73.04
C ARG M 230 -47.59 -3.16 -73.36
N MET M 231 -46.78 -2.85 -74.39
CA MET M 231 -45.70 -3.73 -74.90
C MET M 231 -44.67 -4.01 -73.78
N THR M 232 -44.36 -3.00 -72.97
CA THR M 232 -43.40 -3.08 -71.82
C THR M 232 -43.94 -4.04 -70.76
N ALA M 233 -45.22 -3.89 -70.39
CA ALA M 233 -45.92 -4.71 -69.36
C ALA M 233 -45.88 -6.18 -69.78
N LEU M 234 -46.26 -6.48 -71.02
CA LEU M 234 -46.30 -7.86 -71.55
C LEU M 234 -44.89 -8.45 -71.58
N ARG M 235 -43.90 -7.69 -72.04
CA ARG M 235 -42.48 -8.12 -72.16
C ARG M 235 -41.91 -8.39 -70.77
N ALA M 236 -42.21 -7.53 -69.79
CA ALA M 236 -41.76 -7.66 -68.39
C ALA M 236 -42.24 -8.98 -67.81
N ALA M 237 -43.53 -9.28 -67.99
CA ALA M 237 -44.19 -10.53 -67.53
C ALA M 237 -43.57 -11.74 -68.23
N LYS M 238 -43.27 -11.63 -69.52
CA LYS M 238 -42.75 -12.76 -70.34
C LYS M 238 -41.32 -13.08 -69.93
N VAL M 239 -40.52 -12.06 -69.60
CA VAL M 239 -39.11 -12.19 -69.12
C VAL M 239 -39.10 -12.95 -67.79
N MET M 240 -40.04 -12.65 -66.88
CA MET M 240 -40.17 -13.35 -65.58
C MET M 240 -40.75 -14.75 -65.82
N GLY M 241 -41.48 -14.94 -66.92
CA GLY M 241 -42.11 -16.21 -67.31
C GLY M 241 -43.45 -16.41 -66.61
N LEU M 242 -44.16 -15.32 -66.34
CA LEU M 242 -45.48 -15.30 -65.64
C LEU M 242 -46.59 -15.23 -66.69
N SER M 243 -47.67 -15.97 -66.47
CA SER M 243 -48.91 -15.91 -67.28
C SER M 243 -49.83 -14.82 -66.73
N VAL M 244 -49.86 -14.65 -65.41
CA VAL M 244 -50.65 -13.60 -64.70
C VAL M 244 -49.68 -12.79 -63.83
N ALA M 245 -49.69 -11.47 -64.00
CA ALA M 245 -48.78 -10.56 -63.26
C ALA M 245 -49.35 -9.14 -63.22
N GLY M 246 -49.07 -8.41 -62.14
CA GLY M 246 -49.20 -6.95 -62.05
C GLY M 246 -47.86 -6.29 -62.32
N VAL M 247 -47.78 -5.40 -63.30
CA VAL M 247 -46.55 -4.66 -63.67
C VAL M 247 -46.75 -3.17 -63.35
N ASP M 248 -45.96 -2.63 -62.41
CA ASP M 248 -45.98 -1.18 -62.05
C ASP M 248 -45.01 -0.44 -62.97
N ILE M 249 -45.45 0.67 -63.55
CA ILE M 249 -44.71 1.46 -64.58
C ILE M 249 -44.72 2.93 -64.18
N LEU M 250 -43.60 3.63 -64.38
CA LEU M 250 -43.47 5.10 -64.23
C LEU M 250 -43.38 5.74 -65.61
N ARG M 251 -44.19 6.76 -65.87
CA ARG M 251 -44.07 7.64 -67.06
C ARG M 251 -42.91 8.60 -66.83
N SER M 252 -41.79 8.40 -67.54
CA SER M 252 -40.56 9.22 -67.42
C SER M 252 -40.33 9.98 -68.73
N ASN M 253 -39.43 10.96 -68.71
CA ASN M 253 -39.02 11.77 -69.87
C ASN M 253 -38.47 10.86 -70.98
N HIS M 254 -37.79 9.76 -70.62
CA HIS M 254 -37.11 8.84 -71.56
C HIS M 254 -37.90 7.53 -71.70
N GLY M 255 -39.21 7.57 -71.46
CA GLY M 255 -40.15 6.46 -71.76
C GLY M 255 -40.67 5.76 -70.51
N PRO M 256 -41.39 4.62 -70.66
CA PRO M 256 -41.90 3.88 -69.52
C PRO M 256 -40.81 3.07 -68.83
N LEU M 257 -40.79 3.12 -67.49
CA LEU M 257 -39.80 2.41 -66.62
C LEU M 257 -40.56 1.48 -65.67
N VAL M 258 -40.18 0.20 -65.63
CA VAL M 258 -40.81 -0.84 -64.76
C VAL M 258 -40.25 -0.69 -63.33
N MET M 259 -41.15 -0.62 -62.34
CA MET M 259 -40.79 -0.52 -60.90
C MET M 259 -40.77 -1.93 -60.30
N GLU M 260 -41.87 -2.67 -60.48
CA GLU M 260 -42.07 -4.02 -59.87
C GLU M 260 -42.84 -4.90 -60.85
N VAL M 261 -42.61 -6.22 -60.77
CA VAL M 261 -43.45 -7.27 -61.40
C VAL M 261 -43.90 -8.22 -60.29
N ASN M 262 -45.20 -8.22 -60.00
CA ASN M 262 -45.84 -8.98 -58.88
C ASN M 262 -46.51 -10.23 -59.47
N SER M 263 -46.13 -11.41 -58.97
CA SER M 263 -46.57 -12.73 -59.48
C SER M 263 -47.96 -13.09 -58.98
N SER M 264 -48.45 -12.44 -57.92
CA SER M 264 -49.84 -12.59 -57.40
C SER M 264 -50.40 -11.22 -57.04
N PRO M 265 -50.79 -10.39 -58.04
CA PRO M 265 -51.25 -9.03 -57.76
C PRO M 265 -52.63 -8.99 -57.10
N GLY M 266 -52.87 -8.01 -56.23
CA GLY M 266 -54.18 -7.78 -55.59
C GLY M 266 -55.25 -7.48 -56.63
N LEU M 267 -56.52 -7.78 -56.32
CA LEU M 267 -57.67 -7.66 -57.26
C LEU M 267 -58.59 -6.52 -56.84
N GLU M 268 -58.62 -6.13 -55.56
CA GLU M 268 -59.59 -5.12 -55.02
C GLU M 268 -59.39 -3.79 -55.75
N GLY M 269 -58.17 -3.26 -55.75
CA GLY M 269 -57.83 -1.98 -56.39
C GLY M 269 -58.28 -1.93 -57.84
N ILE M 270 -57.83 -2.88 -58.65
CA ILE M 270 -58.05 -2.91 -60.13
C ILE M 270 -59.55 -3.09 -60.44
N GLU M 271 -60.26 -3.93 -59.68
CA GLU M 271 -61.68 -4.30 -59.97
C GLU M 271 -62.60 -3.12 -59.61
N VAL M 272 -62.40 -2.51 -58.43
CA VAL M 272 -63.19 -1.33 -57.95
C VAL M 272 -63.07 -0.20 -58.98
N THR M 273 -61.88 0.04 -59.51
CA THR M 273 -61.56 1.17 -60.42
C THR M 273 -62.14 0.94 -61.81
N THR M 274 -62.00 -0.27 -62.36
CA THR M 274 -62.31 -0.60 -63.78
C THR M 274 -63.70 -1.25 -63.92
N SER M 275 -64.24 -1.82 -62.84
CA SER M 275 -65.53 -2.57 -62.82
C SER M 275 -65.45 -3.79 -63.74
N LYS M 276 -64.24 -4.33 -63.97
CA LYS M 276 -64.00 -5.53 -64.80
C LYS M 276 -63.97 -6.77 -63.91
N ASP M 277 -64.46 -7.90 -64.42
CA ASP M 277 -64.40 -9.23 -63.75
C ASP M 277 -63.01 -9.82 -64.01
N VAL M 278 -61.99 -9.30 -63.30
CA VAL M 278 -60.57 -9.73 -63.45
C VAL M 278 -60.46 -11.17 -62.94
N ALA M 279 -61.02 -11.46 -61.76
CA ALA M 279 -61.12 -12.81 -61.19
C ALA M 279 -61.69 -13.78 -62.24
N GLY M 280 -62.75 -13.35 -62.93
CA GLY M 280 -63.41 -14.13 -63.99
C GLY M 280 -62.46 -14.47 -65.13
N MET M 281 -61.72 -13.48 -65.63
CA MET M 281 -60.81 -13.61 -66.80
C MET M 281 -59.63 -14.54 -66.44
N ILE M 282 -59.20 -14.55 -65.17
CA ILE M 282 -58.15 -15.47 -64.66
C ILE M 282 -58.68 -16.90 -64.76
N ILE M 283 -59.91 -17.14 -64.28
CA ILE M 283 -60.57 -18.48 -64.33
C ILE M 283 -60.75 -18.88 -65.79
N GLU M 284 -61.16 -17.92 -66.63
CA GLU M 284 -61.38 -18.10 -68.09
C GLU M 284 -60.07 -18.51 -68.77
N TYR M 285 -58.94 -17.97 -68.31
CA TYR M 285 -57.58 -18.30 -68.84
C TYR M 285 -57.26 -19.77 -68.50
N LEU M 286 -57.53 -20.19 -67.27
CA LEU M 286 -57.30 -21.59 -66.79
C LEU M 286 -58.12 -22.55 -67.66
N GLU M 287 -59.37 -22.18 -67.99
CA GLU M 287 -60.31 -23.00 -68.80
C GLU M 287 -59.68 -23.35 -70.16
N LYS M 288 -58.97 -22.39 -70.77
CA LYS M 288 -58.45 -22.50 -72.16
C LYS M 288 -57.09 -23.21 -72.18
N ASN M 289 -56.20 -22.88 -71.24
CA ASN M 289 -54.78 -23.30 -71.25
C ASN M 289 -54.54 -24.51 -70.33
N SER M 290 -55.54 -24.92 -69.57
CA SER M 290 -55.51 -26.18 -68.76
C SER M 290 -55.48 -27.37 -69.73
N MET N 1 -4.93 -16.08 -66.52
CA MET N 1 -6.32 -15.68 -66.20
C MET N 1 -6.34 -14.80 -64.95
N LYS N 2 -7.28 -13.85 -64.88
CA LYS N 2 -7.65 -13.13 -63.64
C LYS N 2 -8.93 -13.80 -63.08
N ILE N 3 -8.87 -14.34 -61.87
CA ILE N 3 -9.97 -15.15 -61.27
C ILE N 3 -10.40 -14.51 -59.95
N ALA N 4 -11.70 -14.24 -59.80
CA ALA N 4 -12.33 -13.78 -58.55
C ALA N 4 -12.74 -15.02 -57.73
N VAL N 5 -12.52 -14.97 -56.42
CA VAL N 5 -12.97 -16.01 -55.46
C VAL N 5 -13.94 -15.35 -54.47
N LEU N 6 -15.23 -15.60 -54.62
CA LEU N 6 -16.30 -15.03 -53.76
C LEU N 6 -16.35 -15.82 -52.45
N SER N 7 -15.71 -15.32 -51.39
CA SER N 7 -15.63 -15.99 -50.07
C SER N 7 -15.78 -14.98 -48.93
N ARG N 8 -16.60 -15.32 -47.94
CA ARG N 8 -16.83 -14.49 -46.72
C ARG N 8 -15.55 -14.45 -45.87
N ASN N 9 -14.74 -15.51 -45.90
CA ASN N 9 -13.50 -15.64 -45.09
C ASN N 9 -12.35 -16.13 -45.97
N PRO N 10 -11.35 -15.27 -46.28
CA PRO N 10 -10.19 -15.67 -47.08
C PRO N 10 -9.15 -16.52 -46.32
N ARG N 11 -9.32 -16.66 -45.00
CA ARG N 11 -8.37 -17.36 -44.10
C ARG N 11 -8.82 -18.82 -43.87
N LEU N 12 -9.94 -19.23 -44.47
CA LEU N 12 -10.47 -20.62 -44.43
C LEU N 12 -9.70 -21.49 -45.42
N TYR N 13 -9.43 -22.75 -45.04
CA TYR N 13 -8.57 -23.71 -45.79
C TYR N 13 -8.92 -23.68 -47.28
N SER N 14 -10.19 -23.87 -47.62
CA SER N 14 -10.70 -24.10 -49.01
C SER N 14 -10.42 -22.88 -49.89
N THR N 15 -10.55 -21.67 -49.36
CA THR N 15 -10.31 -20.40 -50.10
C THR N 15 -8.80 -20.21 -50.28
N ARG N 16 -8.01 -20.35 -49.21
CA ARG N 16 -6.53 -20.29 -49.25
C ARG N 16 -6.01 -21.21 -50.35
N ARG N 17 -6.47 -22.47 -50.35
CA ARG N 17 -6.02 -23.52 -51.30
C ARG N 17 -6.36 -23.13 -52.73
N LEU N 18 -7.51 -22.49 -52.96
CA LEU N 18 -7.95 -22.07 -54.32
C LEU N 18 -7.05 -20.94 -54.83
N VAL N 19 -6.62 -20.01 -53.98
CA VAL N 19 -5.72 -18.90 -54.41
C VAL N 19 -4.31 -19.48 -54.63
N GLU N 20 -3.85 -20.37 -53.75
CA GLU N 20 -2.54 -21.08 -53.90
C GLU N 20 -2.48 -21.73 -55.28
N ALA N 21 -3.36 -22.70 -55.54
CA ALA N 21 -3.42 -23.50 -56.79
C ALA N 21 -3.43 -22.56 -58.00
N GLY N 22 -4.15 -21.45 -57.90
CA GLY N 22 -4.24 -20.43 -58.95
C GLY N 22 -2.92 -19.72 -59.18
N ILE N 23 -2.34 -19.16 -58.11
CA ILE N 23 -1.02 -18.44 -58.11
C ILE N 23 0.03 -19.41 -58.66
N GLU N 24 0.07 -20.64 -58.14
CA GLU N 24 1.00 -21.72 -58.56
C GLU N 24 0.97 -21.89 -60.08
N ARG N 25 -0.22 -21.74 -60.69
CA ARG N 25 -0.45 -22.01 -62.14
C ARG N 25 -0.44 -20.69 -62.92
N GLY N 26 0.01 -19.60 -62.29
CA GLY N 26 0.40 -18.34 -62.96
C GLY N 26 -0.77 -17.39 -63.14
N HIS N 27 -1.88 -17.60 -62.43
CA HIS N 27 -3.12 -16.79 -62.52
C HIS N 27 -3.10 -15.67 -61.46
N GLU N 28 -3.83 -14.59 -61.69
CA GLU N 28 -4.05 -13.49 -60.72
C GLU N 28 -5.33 -13.78 -59.93
N MET N 29 -5.19 -14.03 -58.63
CA MET N 29 -6.31 -14.47 -57.75
C MET N 29 -6.71 -13.31 -56.84
N VAL N 30 -7.98 -12.90 -56.91
CA VAL N 30 -8.57 -11.82 -56.05
C VAL N 30 -9.70 -12.43 -55.21
N VAL N 31 -9.62 -12.30 -53.89
CA VAL N 31 -10.67 -12.74 -52.93
C VAL N 31 -11.62 -11.57 -52.70
N ILE N 32 -12.92 -11.78 -52.91
CA ILE N 32 -14.01 -10.75 -52.82
C ILE N 32 -15.00 -11.22 -51.76
N ASP N 33 -15.18 -10.45 -50.68
CA ASP N 33 -16.31 -10.60 -49.72
C ASP N 33 -17.55 -10.01 -50.40
N THR N 34 -18.46 -10.86 -50.87
CA THR N 34 -19.60 -10.47 -51.74
C THR N 34 -20.40 -9.33 -51.09
N LEU N 35 -20.54 -9.33 -49.77
CA LEU N 35 -21.33 -8.31 -49.02
C LEU N 35 -20.71 -6.91 -49.18
N ARG N 36 -19.39 -6.83 -49.35
CA ARG N 36 -18.63 -5.55 -49.44
C ARG N 36 -18.55 -5.08 -50.90
N ALA N 37 -19.03 -5.91 -51.84
CA ALA N 37 -19.25 -5.55 -53.25
C ALA N 37 -20.58 -4.79 -53.37
N TYR N 38 -20.60 -3.71 -54.14
CA TYR N 38 -21.79 -2.91 -54.48
C TYR N 38 -21.75 -2.63 -55.98
N MET N 39 -22.91 -2.50 -56.62
CA MET N 39 -22.98 -2.50 -58.11
C MET N 39 -24.10 -1.58 -58.61
N ASN N 40 -23.95 -1.16 -59.86
CA ASN N 40 -24.95 -0.44 -60.69
C ASN N 40 -25.40 -1.42 -61.77
N ILE N 41 -26.69 -1.74 -61.85
CA ILE N 41 -27.27 -2.60 -62.91
C ILE N 41 -27.63 -1.70 -64.10
N ALA N 42 -27.30 -2.12 -65.33
CA ALA N 42 -27.41 -1.29 -66.54
C ALA N 42 -27.15 -2.15 -67.78
N SER N 43 -27.89 -1.88 -68.87
CA SER N 43 -27.73 -2.55 -70.19
C SER N 43 -26.29 -2.34 -70.71
N HIS N 44 -25.90 -1.08 -70.93
CA HIS N 44 -24.60 -0.68 -71.53
C HIS N 44 -23.44 -1.06 -70.59
N LYS N 45 -23.09 -0.19 -69.63
CA LYS N 45 -21.87 -0.31 -68.78
C LYS N 45 -22.27 -0.70 -67.35
N PRO N 46 -22.57 -2.00 -67.08
CA PRO N 46 -22.85 -2.46 -65.72
C PRO N 46 -21.56 -2.59 -64.89
N GLN N 47 -21.53 -1.99 -63.71
CA GLN N 47 -20.33 -1.88 -62.85
C GLN N 47 -20.50 -2.77 -61.60
N ILE N 48 -19.41 -3.40 -61.16
CA ILE N 48 -19.21 -3.85 -59.74
C ILE N 48 -18.04 -3.06 -59.18
N HIS N 49 -18.23 -2.39 -58.04
CA HIS N 49 -17.19 -1.68 -57.27
C HIS N 49 -16.92 -2.44 -55.96
N TYR N 50 -15.72 -2.27 -55.40
CA TYR N 50 -15.23 -2.96 -54.19
C TYR N 50 -14.18 -2.07 -53.50
N ARG N 51 -14.49 -1.61 -52.28
CA ARG N 51 -13.61 -0.72 -51.48
C ARG N 51 -13.17 0.49 -52.32
N GLY N 52 -14.09 1.09 -53.06
CA GLY N 52 -13.89 2.39 -53.74
C GLY N 52 -13.44 2.24 -55.20
N LYS N 53 -12.89 1.09 -55.57
CA LYS N 53 -12.31 0.83 -56.91
C LYS N 53 -13.22 -0.14 -57.68
N PRO N 54 -13.31 -0.02 -59.02
CA PRO N 54 -14.07 -0.97 -59.83
C PRO N 54 -13.39 -2.33 -59.98
N LEU N 55 -14.17 -3.41 -60.13
CA LEU N 55 -13.68 -4.79 -60.44
C LEU N 55 -13.80 -5.02 -61.95
N GLU N 56 -12.67 -5.05 -62.67
CA GLU N 56 -12.61 -5.18 -64.15
C GLU N 56 -11.74 -6.35 -64.56
N GLY N 57 -11.85 -6.76 -65.83
CA GLY N 57 -10.90 -7.65 -66.53
C GLY N 57 -10.83 -9.04 -65.92
N PHE N 58 -11.87 -9.46 -65.19
CA PHE N 58 -11.98 -10.83 -64.61
C PHE N 58 -12.39 -11.79 -65.73
N ASP N 59 -11.73 -12.95 -65.81
CA ASP N 59 -11.96 -14.00 -66.83
C ASP N 59 -12.91 -15.06 -66.26
N ALA N 60 -12.80 -15.38 -64.97
CA ALA N 60 -13.60 -16.41 -64.28
C ALA N 60 -13.85 -16.02 -62.83
N VAL N 61 -14.90 -16.60 -62.24
CA VAL N 61 -15.30 -16.39 -60.82
C VAL N 61 -15.63 -17.74 -60.20
N ILE N 62 -15.07 -18.03 -59.01
CA ILE N 62 -15.35 -19.24 -58.20
C ILE N 62 -16.27 -18.85 -57.07
N PRO N 63 -17.59 -19.15 -57.15
CA PRO N 63 -18.52 -18.78 -56.09
C PRO N 63 -18.45 -19.80 -54.94
N ARG N 64 -18.00 -19.35 -53.76
CA ARG N 64 -18.04 -20.10 -52.49
C ARG N 64 -19.09 -19.45 -51.58
N ILE N 65 -20.37 -19.56 -51.95
CA ILE N 65 -21.51 -18.92 -51.23
C ILE N 65 -21.81 -19.76 -49.99
N GLY N 66 -21.83 -19.13 -48.81
CA GLY N 66 -22.14 -19.77 -47.52
C GLY N 66 -23.64 -19.93 -47.32
N ALA N 67 -24.04 -20.76 -46.36
CA ALA N 67 -25.44 -21.06 -46.00
C ALA N 67 -25.98 -19.94 -45.09
N SER N 68 -26.10 -18.72 -45.63
CA SER N 68 -26.56 -17.50 -44.92
C SER N 68 -27.96 -17.10 -45.43
N VAL N 69 -28.50 -15.97 -44.95
CA VAL N 69 -29.76 -15.34 -45.44
C VAL N 69 -29.39 -14.42 -46.64
N THR N 70 -28.67 -14.98 -47.61
CA THR N 70 -27.86 -14.23 -48.62
C THR N 70 -28.41 -14.46 -50.03
N PHE N 71 -29.49 -13.73 -50.37
CA PHE N 71 -29.92 -13.50 -51.78
C PHE N 71 -28.90 -12.60 -52.48
N TYR N 72 -28.19 -11.76 -51.71
CA TYR N 72 -27.21 -10.76 -52.21
C TYR N 72 -26.01 -11.46 -52.86
N GLY N 73 -25.49 -12.51 -52.23
CA GLY N 73 -24.35 -13.29 -52.75
C GLY N 73 -24.59 -13.78 -54.16
N CYS N 74 -25.78 -14.35 -54.42
CA CYS N 74 -26.21 -14.83 -55.76
C CYS N 74 -26.29 -13.65 -56.73
N ALA N 75 -26.73 -12.48 -56.27
CA ALA N 75 -26.88 -11.24 -57.07
C ALA N 75 -25.50 -10.77 -57.57
N VAL N 76 -24.49 -10.82 -56.70
CA VAL N 76 -23.08 -10.43 -57.04
C VAL N 76 -22.56 -11.42 -58.09
N LEU N 77 -22.79 -12.72 -57.90
CA LEU N 77 -22.41 -13.77 -58.89
C LEU N 77 -23.12 -13.51 -60.22
N ARG N 78 -24.40 -13.14 -60.18
CA ARG N 78 -25.23 -12.90 -61.39
C ARG N 78 -24.63 -11.72 -62.18
N GLN N 79 -24.24 -10.62 -61.52
CA GLN N 79 -23.60 -9.46 -62.18
C GLN N 79 -22.37 -9.93 -62.96
N PHE N 80 -21.49 -10.69 -62.31
CA PHE N 80 -20.25 -11.25 -62.92
C PHE N 80 -20.64 -12.00 -64.20
N GLU N 81 -21.62 -12.89 -64.11
CA GLU N 81 -22.12 -13.71 -65.26
C GLU N 81 -22.57 -12.80 -66.40
N MET N 82 -23.37 -11.78 -66.08
CA MET N 82 -23.98 -10.83 -67.05
C MET N 82 -22.90 -9.92 -67.64
N MET N 83 -21.80 -9.71 -66.92
CA MET N 83 -20.64 -8.91 -67.38
C MET N 83 -19.64 -9.79 -68.14
N GLY N 84 -20.01 -11.04 -68.44
CA GLY N 84 -19.29 -11.94 -69.36
C GLY N 84 -18.31 -12.87 -68.66
N VAL N 85 -18.14 -12.73 -67.34
CA VAL N 85 -17.18 -13.54 -66.54
C VAL N 85 -17.71 -14.97 -66.43
N PHE N 86 -16.85 -15.96 -66.65
CA PHE N 86 -17.19 -17.40 -66.62
C PHE N 86 -17.31 -17.87 -65.17
N PRO N 87 -18.48 -18.40 -64.76
CA PRO N 87 -18.63 -18.96 -63.41
C PRO N 87 -18.28 -20.45 -63.34
N LEU N 88 -17.65 -20.88 -62.25
CA LEU N 88 -17.32 -22.32 -62.00
C LEU N 88 -18.65 -23.09 -61.95
N ASN N 89 -19.61 -22.56 -61.18
CA ASN N 89 -21.02 -23.02 -61.12
C ASN N 89 -21.94 -21.82 -61.39
N GLU N 90 -22.96 -22.01 -62.25
CA GLU N 90 -23.93 -20.95 -62.63
C GLU N 90 -24.81 -20.62 -61.42
N SER N 91 -25.17 -19.35 -61.25
CA SER N 91 -26.07 -18.85 -60.17
C SER N 91 -27.37 -19.66 -60.17
N VAL N 92 -27.90 -19.97 -61.36
CA VAL N 92 -29.17 -20.74 -61.54
C VAL N 92 -29.04 -22.06 -60.79
N ALA N 93 -27.94 -22.78 -61.02
CA ALA N 93 -27.66 -24.12 -60.46
C ALA N 93 -27.49 -24.03 -58.93
N ILE N 94 -26.78 -22.99 -58.45
CA ILE N 94 -26.47 -22.79 -57.00
C ILE N 94 -27.78 -22.57 -56.23
N ALA N 95 -28.70 -21.78 -56.78
CA ALA N 95 -30.03 -21.49 -56.22
C ALA N 95 -30.83 -22.81 -56.08
N ARG N 96 -30.74 -23.69 -57.06
CA ARG N 96 -31.39 -25.04 -57.04
C ARG N 96 -30.86 -25.88 -55.87
N SER N 97 -29.52 -25.91 -55.69
CA SER N 97 -28.80 -26.73 -54.69
C SER N 97 -29.10 -26.28 -53.28
N ARG N 98 -29.13 -24.97 -53.03
CA ARG N 98 -29.20 -24.38 -51.67
C ARG N 98 -30.61 -24.55 -51.11
N ASP N 99 -31.63 -24.62 -51.97
CA ASP N 99 -33.03 -24.94 -51.58
C ASP N 99 -33.14 -26.46 -51.45
N LYS N 100 -32.95 -26.99 -50.24
CA LYS N 100 -32.85 -28.45 -49.97
C LYS N 100 -34.17 -29.13 -50.34
N LEU N 101 -35.31 -28.48 -50.08
CA LEU N 101 -36.66 -28.99 -50.46
C LEU N 101 -36.71 -29.18 -51.98
N ARG N 102 -36.43 -28.11 -52.73
CA ARG N 102 -36.47 -28.08 -54.21
C ARG N 102 -35.47 -29.10 -54.76
N SER N 103 -34.28 -29.18 -54.17
CA SER N 103 -33.16 -30.05 -54.58
C SER N 103 -33.64 -31.51 -54.58
N LEU N 104 -34.22 -31.98 -53.47
CA LEU N 104 -34.70 -33.38 -53.31
C LEU N 104 -35.86 -33.64 -54.27
N GLN N 105 -36.78 -32.69 -54.43
CA GLN N 105 -37.93 -32.81 -55.37
C GLN N 105 -37.39 -33.03 -56.79
N LEU N 106 -36.33 -32.33 -57.18
CA LEU N 106 -35.78 -32.36 -58.57
C LEU N 106 -35.08 -33.70 -58.81
N LEU N 107 -34.32 -34.17 -57.82
CA LEU N 107 -33.62 -35.48 -57.86
C LEU N 107 -34.66 -36.60 -57.93
N SER N 108 -35.72 -36.50 -57.14
CA SER N 108 -36.85 -37.48 -57.07
C SER N 108 -37.49 -37.60 -58.45
N ARG N 109 -37.76 -36.48 -59.12
CA ARG N 109 -38.50 -36.44 -60.41
C ARG N 109 -37.64 -37.08 -61.51
N ARG N 110 -36.31 -36.93 -61.46
CA ARG N 110 -35.37 -37.47 -62.48
C ARG N 110 -34.94 -38.89 -62.10
N GLY N 111 -35.53 -39.48 -61.06
CA GLY N 111 -35.40 -40.91 -60.72
C GLY N 111 -34.07 -41.25 -60.04
N ILE N 112 -33.40 -40.27 -59.43
CA ILE N 112 -32.20 -40.48 -58.57
C ILE N 112 -32.67 -41.18 -57.28
N GLY N 113 -31.96 -42.22 -56.86
CA GLY N 113 -32.28 -42.94 -55.60
C GLY N 113 -32.19 -42.00 -54.41
N LEU N 114 -33.27 -41.87 -53.65
CA LEU N 114 -33.30 -41.10 -52.37
C LEU N 114 -33.86 -41.98 -51.27
N PRO N 115 -33.62 -41.65 -49.98
CA PRO N 115 -34.38 -42.24 -48.89
C PRO N 115 -35.85 -41.82 -49.05
N VAL N 116 -36.78 -42.61 -48.52
CA VAL N 116 -38.22 -42.21 -48.46
C VAL N 116 -38.27 -40.94 -47.60
N THR N 117 -38.88 -39.88 -48.12
CA THR N 117 -38.76 -38.50 -47.57
C THR N 117 -40.12 -37.81 -47.55
N GLY N 118 -40.42 -37.13 -46.44
CA GLY N 118 -41.62 -36.29 -46.26
C GLY N 118 -41.24 -34.88 -45.85
N PHE N 119 -42.07 -33.90 -46.23
CA PHE N 119 -41.95 -32.47 -45.85
C PHE N 119 -43.22 -32.03 -45.12
N ALA N 120 -43.08 -31.11 -44.17
CA ALA N 120 -44.18 -30.55 -43.35
C ALA N 120 -43.75 -29.19 -42.79
N HIS N 121 -44.71 -28.35 -42.38
CA HIS N 121 -44.46 -27.08 -41.64
C HIS N 121 -45.40 -27.02 -40.44
N SER N 122 -46.71 -26.96 -40.69
CA SER N 122 -47.78 -26.90 -39.67
C SER N 122 -48.81 -28.01 -39.94
N PRO N 123 -48.39 -29.29 -39.96
CA PRO N 123 -49.32 -30.40 -40.20
C PRO N 123 -50.29 -30.57 -39.03
N ASP N 124 -51.56 -30.85 -39.34
CA ASP N 124 -52.65 -31.01 -38.34
C ASP N 124 -52.71 -32.48 -37.90
N ASP N 125 -52.37 -33.42 -38.80
CA ASP N 125 -52.39 -34.89 -38.54
C ASP N 125 -50.96 -35.43 -38.68
N ILE N 126 -50.17 -35.33 -37.60
CA ILE N 126 -48.74 -35.76 -37.58
C ILE N 126 -48.67 -37.28 -37.72
N PRO N 127 -49.53 -38.08 -37.03
CA PRO N 127 -49.58 -39.52 -37.27
C PRO N 127 -49.69 -39.87 -38.76
N ASP N 128 -50.48 -39.10 -39.52
CA ASP N 128 -50.70 -39.31 -40.98
C ASP N 128 -49.38 -39.07 -41.72
N LEU N 129 -48.64 -38.01 -41.36
CA LEU N 129 -47.31 -37.68 -41.93
C LEU N 129 -46.36 -38.85 -41.72
N ILE N 130 -46.31 -39.39 -40.49
CA ILE N 130 -45.41 -40.51 -40.09
C ILE N 130 -45.77 -41.75 -40.92
N GLN N 131 -47.07 -42.05 -41.06
CA GLN N 131 -47.59 -43.21 -41.83
C GLN N 131 -47.15 -43.10 -43.30
N MET N 132 -47.13 -41.89 -43.87
CA MET N 132 -46.81 -41.61 -45.30
C MET N 132 -45.35 -41.97 -45.60
N VAL N 133 -44.49 -42.01 -44.58
CA VAL N 133 -43.02 -42.25 -44.71
C VAL N 133 -42.67 -43.63 -44.14
N ASN N 134 -43.65 -44.54 -44.09
CA ASN N 134 -43.50 -45.96 -43.67
C ASN N 134 -43.12 -46.06 -42.19
N GLY N 135 -43.46 -45.05 -41.38
CA GLY N 135 -43.35 -45.08 -39.91
C GLY N 135 -41.91 -45.07 -39.41
N ALA N 136 -41.74 -45.24 -38.10
CA ALA N 136 -40.45 -45.25 -37.38
C ALA N 136 -39.68 -46.51 -37.74
N PRO N 137 -38.33 -46.54 -37.61
CA PRO N 137 -37.55 -45.39 -37.16
C PRO N 137 -37.39 -44.31 -38.25
N LEU N 138 -37.50 -43.03 -37.85
CA LEU N 138 -37.44 -41.85 -38.73
C LEU N 138 -36.33 -40.90 -38.27
N VAL N 139 -35.58 -40.34 -39.22
CA VAL N 139 -34.66 -39.19 -38.99
C VAL N 139 -35.45 -37.91 -39.27
N ILE N 140 -35.36 -36.93 -38.37
CA ILE N 140 -36.16 -35.68 -38.42
C ILE N 140 -35.19 -34.49 -38.37
N LYS N 141 -35.07 -33.78 -39.49
CA LYS N 141 -34.21 -32.58 -39.66
C LYS N 141 -35.10 -31.33 -39.65
N VAL N 142 -34.60 -30.24 -39.07
CA VAL N 142 -35.17 -28.87 -39.22
C VAL N 142 -34.37 -28.16 -40.32
N LEU N 143 -35.00 -27.26 -41.07
CA LEU N 143 -34.37 -26.46 -42.15
C LEU N 143 -34.52 -24.98 -41.83
N GLU N 144 -33.40 -24.24 -41.77
CA GLU N 144 -33.37 -22.75 -41.71
C GLU N 144 -32.80 -22.26 -43.05
N GLY N 145 -33.58 -22.38 -44.13
CA GLY N 145 -33.20 -21.97 -45.50
C GLY N 145 -32.35 -23.02 -46.20
N THR N 146 -31.03 -22.96 -46.01
CA THR N 146 -30.02 -23.84 -46.65
C THR N 146 -29.51 -24.90 -45.65
N GLN N 147 -29.29 -24.51 -44.39
CA GLN N 147 -28.69 -25.36 -43.32
C GLN N 147 -29.73 -26.35 -42.79
N GLY N 148 -29.32 -27.60 -42.55
CA GLY N 148 -30.08 -28.64 -41.83
C GLY N 148 -29.80 -28.60 -40.34
N ILE N 149 -30.28 -27.54 -39.67
CA ILE N 149 -29.80 -26.99 -38.37
C ILE N 149 -29.69 -28.08 -37.32
N GLY N 150 -30.74 -28.89 -37.14
CA GLY N 150 -30.83 -29.98 -36.14
C GLY N 150 -31.21 -31.29 -36.79
N VAL N 151 -30.76 -32.41 -36.24
CA VAL N 151 -31.04 -33.79 -36.74
C VAL N 151 -31.29 -34.71 -35.54
N VAL N 152 -32.41 -35.43 -35.52
CA VAL N 152 -32.80 -36.36 -34.42
C VAL N 152 -33.23 -37.69 -35.01
N LEU N 153 -32.65 -38.80 -34.55
CA LEU N 153 -33.15 -40.17 -34.81
C LEU N 153 -34.26 -40.48 -33.80
N CYS N 154 -35.46 -40.80 -34.29
CA CYS N 154 -36.65 -41.16 -33.48
C CYS N 154 -36.99 -42.64 -33.73
N GLU N 155 -36.87 -43.47 -32.69
CA GLU N 155 -36.97 -44.96 -32.77
C GLU N 155 -38.44 -45.37 -32.88
N THR N 156 -39.32 -44.68 -32.16
CA THR N 156 -40.78 -44.96 -32.07
C THR N 156 -41.57 -43.78 -32.64
N ALA N 157 -42.80 -44.03 -33.11
CA ALA N 157 -43.72 -43.03 -33.68
C ALA N 157 -44.12 -42.00 -32.61
N THR N 158 -44.12 -42.40 -31.32
CA THR N 158 -44.40 -41.52 -30.16
C THR N 158 -43.34 -40.40 -30.12
N ALA N 159 -42.06 -40.78 -30.18
CA ALA N 159 -40.89 -39.87 -30.16
C ALA N 159 -40.92 -38.97 -31.40
N ALA N 160 -41.20 -39.55 -32.57
CA ALA N 160 -41.31 -38.84 -33.86
C ALA N 160 -42.35 -37.71 -33.73
N GLU N 161 -43.55 -38.06 -33.25
CA GLU N 161 -44.68 -37.11 -33.08
C GLU N 161 -44.28 -36.01 -32.10
N SER N 162 -43.62 -36.38 -31.00
CA SER N 162 -43.21 -35.46 -29.89
C SER N 162 -42.20 -34.42 -30.41
N VAL N 163 -41.25 -34.87 -31.25
CA VAL N 163 -40.14 -34.04 -31.79
C VAL N 163 -40.70 -33.10 -32.89
N ILE N 164 -41.56 -33.62 -33.77
CA ILE N 164 -42.19 -32.82 -34.87
C ILE N 164 -42.99 -31.68 -34.25
N GLU N 165 -43.76 -31.96 -33.20
CA GLU N 165 -44.60 -30.97 -32.48
C GLU N 165 -43.70 -29.84 -31.91
N ALA N 166 -42.53 -30.19 -31.39
CA ALA N 166 -41.55 -29.25 -30.82
C ALA N 166 -41.06 -28.30 -31.92
N PHE N 167 -40.64 -28.86 -33.06
CA PHE N 167 -40.07 -28.11 -34.21
C PHE N 167 -41.15 -27.24 -34.85
N MET N 168 -42.40 -27.71 -34.88
CA MET N 168 -43.58 -26.93 -35.31
C MET N 168 -43.65 -25.61 -34.51
N GLY N 169 -43.50 -25.71 -33.19
CA GLY N 169 -43.47 -24.56 -32.26
C GLY N 169 -42.49 -23.49 -32.71
N LEU N 170 -41.35 -23.89 -33.31
CA LEU N 170 -40.26 -22.97 -33.75
C LEU N 170 -40.54 -22.43 -35.16
N LYS N 171 -41.71 -22.75 -35.74
CA LYS N 171 -42.19 -22.25 -37.05
C LYS N 171 -41.14 -22.52 -38.14
N GLN N 172 -40.50 -23.69 -38.10
CA GLN N 172 -39.43 -24.10 -39.05
C GLN N 172 -39.98 -25.16 -40.02
N ASP N 173 -39.49 -25.16 -41.26
CA ASP N 173 -39.76 -26.23 -42.26
C ASP N 173 -39.15 -27.54 -41.72
N ILE N 174 -39.93 -28.62 -41.70
CA ILE N 174 -39.54 -29.93 -41.09
C ILE N 174 -39.39 -30.97 -42.21
N MET N 175 -38.31 -31.75 -42.15
CA MET N 175 -38.03 -32.88 -43.07
C MET N 175 -38.05 -34.19 -42.28
N VAL N 176 -38.84 -35.15 -42.74
CA VAL N 176 -39.00 -36.50 -42.13
C VAL N 176 -38.47 -37.53 -43.13
N GLN N 177 -37.49 -38.34 -42.74
CA GLN N 177 -36.74 -39.23 -43.66
C GLN N 177 -36.59 -40.63 -43.06
N GLU N 178 -36.81 -41.65 -43.91
CA GLU N 178 -36.55 -43.09 -43.64
C GLU N 178 -35.12 -43.22 -43.11
N TYR N 179 -34.94 -43.81 -41.93
CA TYR N 179 -33.62 -44.12 -41.32
C TYR N 179 -33.04 -45.38 -41.97
N ILE N 180 -31.83 -45.26 -42.54
CA ILE N 180 -31.13 -46.37 -43.25
C ILE N 180 -30.05 -46.92 -42.32
N LYS N 181 -30.44 -47.91 -41.49
CA LYS N 181 -29.62 -48.52 -40.41
C LYS N 181 -28.46 -49.32 -41.00
N GLU N 182 -28.58 -49.80 -42.26
CA GLU N 182 -27.58 -50.67 -42.93
C GLU N 182 -26.27 -49.91 -43.15
N ALA N 183 -26.34 -48.57 -43.28
CA ALA N 183 -25.21 -47.66 -43.55
C ALA N 183 -24.17 -47.72 -42.42
N GLY N 184 -24.62 -47.98 -41.19
CA GLY N 184 -23.76 -48.09 -39.99
C GLY N 184 -23.20 -46.76 -39.56
N GLY N 185 -23.94 -45.67 -39.84
CA GLY N 185 -23.51 -44.28 -39.58
C GLY N 185 -22.32 -43.89 -40.45
N ALA N 186 -22.35 -44.26 -41.73
CA ALA N 186 -21.27 -43.99 -42.71
C ALA N 186 -21.89 -43.52 -44.03
N ASP N 187 -21.21 -42.59 -44.73
CA ASP N 187 -21.62 -42.09 -46.06
C ASP N 187 -20.37 -41.96 -46.95
N ILE N 188 -20.57 -42.09 -48.26
CA ILE N 188 -19.57 -41.81 -49.32
C ILE N 188 -19.74 -40.34 -49.72
N ARG N 189 -18.68 -39.53 -49.61
CA ARG N 189 -18.64 -38.16 -50.20
C ARG N 189 -17.86 -38.25 -51.52
N CYS N 190 -18.56 -38.17 -52.65
CA CYS N 190 -17.98 -38.12 -54.02
C CYS N 190 -17.81 -36.66 -54.45
N PHE N 191 -16.66 -36.35 -55.05
CA PHE N 191 -16.25 -34.98 -55.43
C PHE N 191 -16.23 -34.88 -56.97
N VAL N 192 -17.20 -34.15 -57.53
CA VAL N 192 -17.41 -34.02 -59.01
C VAL N 192 -16.74 -32.73 -59.51
N VAL N 193 -15.96 -32.85 -60.60
CA VAL N 193 -15.44 -31.72 -61.40
C VAL N 193 -15.60 -32.10 -62.88
N GLY N 194 -16.42 -31.35 -63.62
CA GLY N 194 -16.81 -31.68 -65.00
C GLY N 194 -17.56 -33.01 -65.04
N ASP N 195 -17.17 -33.93 -65.93
CA ASP N 195 -17.86 -35.22 -66.18
C ASP N 195 -17.23 -36.35 -65.36
N LYS N 196 -16.46 -36.03 -64.31
CA LYS N 196 -15.60 -37.01 -63.59
C LYS N 196 -15.74 -36.84 -62.08
N VAL N 197 -15.80 -37.96 -61.36
CA VAL N 197 -15.59 -38.05 -59.88
C VAL N 197 -14.09 -38.14 -59.65
N ILE N 198 -13.45 -37.03 -59.31
CA ILE N 198 -11.96 -36.89 -59.23
C ILE N 198 -11.44 -37.43 -57.90
N ALA N 199 -12.30 -37.49 -56.87
CA ALA N 199 -11.92 -37.92 -55.50
C ALA N 199 -13.16 -38.41 -54.75
N SER N 200 -12.98 -39.37 -53.83
CA SER N 200 -14.04 -39.98 -52.99
C SER N 200 -13.46 -40.30 -51.60
N MET N 201 -14.32 -40.42 -50.59
CA MET N 201 -13.91 -40.83 -49.23
C MET N 201 -15.13 -41.28 -48.42
N LYS N 202 -14.95 -42.28 -47.55
CA LYS N 202 -15.95 -42.72 -46.55
C LYS N 202 -15.80 -41.85 -45.31
N ARG N 203 -16.92 -41.40 -44.72
CA ARG N 203 -16.97 -40.73 -43.40
C ARG N 203 -17.64 -41.71 -42.42
N GLN N 204 -17.20 -41.70 -41.15
CA GLN N 204 -17.68 -42.64 -40.10
C GLN N 204 -18.03 -41.84 -38.84
N ALA N 205 -19.08 -42.26 -38.13
CA ALA N 205 -19.53 -41.67 -36.83
C ALA N 205 -18.64 -42.18 -35.70
N LYS N 206 -18.73 -41.56 -34.52
CA LYS N 206 -17.97 -41.94 -33.30
C LYS N 206 -18.47 -43.30 -32.81
N PRO N 207 -17.79 -43.93 -31.82
CA PRO N 207 -18.20 -45.25 -31.31
C PRO N 207 -19.69 -45.45 -31.01
N GLY N 208 -20.43 -44.38 -30.69
CA GLY N 208 -21.83 -44.44 -30.21
C GLY N 208 -22.86 -43.93 -31.23
N GLU N 209 -22.58 -42.79 -31.88
CA GLU N 209 -23.60 -41.98 -32.60
C GLU N 209 -23.78 -42.47 -34.05
N PHE N 210 -24.66 -41.81 -34.80
CA PHE N 210 -25.07 -42.13 -36.20
C PHE N 210 -24.69 -40.98 -37.14
N ARG N 211 -24.34 -39.79 -36.60
CA ARG N 211 -24.02 -38.56 -37.38
C ARG N 211 -22.60 -38.70 -37.95
N SER N 212 -22.50 -38.92 -39.27
CA SER N 212 -21.25 -39.23 -40.01
C SER N 212 -20.40 -37.99 -40.29
N ASN N 213 -20.95 -36.78 -40.06
CA ASN N 213 -20.33 -35.48 -40.46
C ASN N 213 -18.87 -35.43 -40.01
N LEU N 214 -18.00 -34.84 -40.84
CA LEU N 214 -16.53 -34.70 -40.61
C LEU N 214 -16.28 -33.75 -39.42
N HIS N 215 -17.06 -32.66 -39.32
CA HIS N 215 -16.90 -31.57 -38.32
C HIS N 215 -17.74 -31.87 -37.06
N ARG N 216 -17.84 -33.14 -36.65
CA ARG N 216 -18.62 -33.61 -35.47
C ARG N 216 -17.92 -34.81 -34.82
N GLY N 217 -16.58 -34.83 -34.85
CA GLY N 217 -15.74 -35.93 -34.32
C GLY N 217 -15.92 -37.19 -35.15
N GLY N 218 -15.48 -37.16 -36.42
CA GLY N 218 -15.76 -38.22 -37.42
C GLY N 218 -14.57 -38.53 -38.29
N SER N 219 -14.14 -39.80 -38.30
CA SER N 219 -12.99 -40.33 -39.06
C SER N 219 -13.35 -40.52 -40.54
N ALA N 220 -12.45 -40.11 -41.43
CA ALA N 220 -12.53 -40.26 -42.90
C ALA N 220 -11.46 -41.24 -43.37
N SER N 221 -11.71 -41.97 -44.46
CA SER N 221 -10.78 -42.99 -45.03
C SER N 221 -11.02 -43.13 -46.54
N LEU N 222 -10.05 -43.71 -47.25
CA LEU N 222 -10.12 -44.02 -48.71
C LEU N 222 -11.20 -45.08 -48.95
N ILE N 223 -11.86 -45.05 -50.10
CA ILE N 223 -12.88 -46.06 -50.50
C ILE N 223 -12.91 -46.18 -52.03
N LYS N 224 -12.90 -47.42 -52.55
CA LYS N 224 -13.15 -47.75 -53.98
C LYS N 224 -14.66 -47.73 -54.19
N ILE N 225 -15.16 -46.79 -55.01
CA ILE N 225 -16.61 -46.55 -55.28
C ILE N 225 -17.03 -47.51 -56.41
N THR N 226 -18.27 -47.96 -56.36
CA THR N 226 -18.90 -48.88 -57.38
C THR N 226 -19.13 -48.05 -58.64
N PRO N 227 -19.26 -48.68 -59.84
CA PRO N 227 -19.61 -47.94 -61.05
C PRO N 227 -20.95 -47.22 -60.96
N GLU N 228 -21.91 -47.77 -60.19
CA GLU N 228 -23.29 -47.21 -60.05
C GLU N 228 -23.24 -46.03 -59.09
N GLU N 229 -22.33 -46.04 -58.12
CA GLU N 229 -22.13 -44.92 -57.15
C GLU N 229 -21.52 -43.73 -57.89
N ARG N 230 -20.53 -43.97 -58.75
CA ARG N 230 -19.92 -42.95 -59.64
C ARG N 230 -21.01 -42.35 -60.53
N MET N 231 -21.77 -43.21 -61.20
CA MET N 231 -22.84 -42.82 -62.17
C MET N 231 -23.90 -41.96 -61.46
N THR N 232 -24.25 -42.32 -60.22
CA THR N 232 -25.26 -41.60 -59.38
C THR N 232 -24.75 -40.20 -59.05
N ALA N 233 -23.49 -40.08 -58.62
CA ALA N 233 -22.84 -38.80 -58.24
C ALA N 233 -22.85 -37.84 -59.42
N LEU N 234 -22.42 -38.31 -60.60
CA LEU N 234 -22.35 -37.50 -61.85
C LEU N 234 -23.76 -37.06 -62.25
N ARG N 235 -24.74 -37.98 -62.22
CA ARG N 235 -26.15 -37.72 -62.62
C ARG N 235 -26.78 -36.70 -61.66
N ALA N 236 -26.51 -36.83 -60.36
CA ALA N 236 -27.04 -35.92 -59.30
C ALA N 236 -26.55 -34.50 -59.59
N ALA N 237 -25.25 -34.33 -59.86
CA ALA N 237 -24.62 -33.03 -60.17
C ALA N 237 -25.20 -32.46 -61.46
N LYS N 238 -25.44 -33.31 -62.48
CA LYS N 238 -25.92 -32.87 -63.81
C LYS N 238 -27.38 -32.39 -63.71
N VAL N 239 -28.19 -33.05 -62.89
CA VAL N 239 -29.62 -32.69 -62.62
C VAL N 239 -29.67 -31.30 -61.97
N MET N 240 -28.78 -31.01 -61.02
CA MET N 240 -28.70 -29.68 -60.36
C MET N 240 -28.10 -28.66 -61.35
N GLY N 241 -27.32 -29.14 -62.33
CA GLY N 241 -26.66 -28.30 -63.35
C GLY N 241 -25.36 -27.71 -62.85
N LEU N 242 -24.66 -28.43 -61.97
CA LEU N 242 -23.38 -28.02 -61.34
C LEU N 242 -22.23 -28.65 -62.10
N SER N 243 -21.14 -27.89 -62.31
CA SER N 243 -19.87 -28.39 -62.91
C SER N 243 -18.98 -28.94 -61.78
N VAL N 244 -19.01 -28.30 -60.62
CA VAL N 244 -18.26 -28.74 -59.40
C VAL N 244 -19.27 -28.92 -58.27
N ALA N 245 -19.27 -30.10 -57.63
CA ALA N 245 -20.22 -30.44 -56.54
C ALA N 245 -19.65 -31.56 -55.67
N GLY N 246 -19.98 -31.54 -54.38
CA GLY N 246 -19.87 -32.68 -53.45
C GLY N 246 -21.21 -33.39 -53.33
N VAL N 247 -21.24 -34.70 -53.63
CA VAL N 247 -22.46 -35.54 -53.55
C VAL N 247 -22.29 -36.55 -52.42
N ASP N 248 -23.11 -36.47 -51.38
CA ASP N 248 -23.11 -37.43 -50.23
C ASP N 248 -24.06 -38.58 -50.58
N ILE N 249 -23.59 -39.82 -50.39
CA ILE N 249 -24.30 -41.07 -50.80
C ILE N 249 -24.32 -42.05 -49.61
N LEU N 250 -25.43 -42.75 -49.42
CA LEU N 250 -25.59 -43.85 -48.44
C LEU N 250 -25.61 -45.18 -49.20
N ARG N 251 -24.80 -46.15 -48.76
CA ARG N 251 -24.85 -47.56 -49.24
C ARG N 251 -26.03 -48.24 -48.55
N SER N 252 -27.11 -48.50 -49.28
CA SER N 252 -28.35 -49.12 -48.76
C SER N 252 -28.53 -50.50 -49.39
N ASN N 253 -29.45 -51.31 -48.82
CA ASN N 253 -29.81 -52.66 -49.33
C ASN N 253 -30.31 -52.57 -50.77
N HIS N 254 -31.00 -51.47 -51.13
CA HIS N 254 -31.65 -51.27 -52.45
C HIS N 254 -30.85 -50.27 -53.29
N GLY N 255 -29.53 -50.15 -53.05
CA GLY N 255 -28.59 -49.41 -53.90
C GLY N 255 -28.11 -48.09 -53.28
N PRO N 256 -27.37 -47.25 -54.04
CA PRO N 256 -26.90 -45.97 -53.52
C PRO N 256 -28.02 -44.93 -53.47
N LEU N 257 -28.09 -44.19 -52.36
CA LEU N 257 -29.11 -43.13 -52.09
C LEU N 257 -28.39 -41.81 -51.83
N VAL N 258 -28.77 -40.75 -52.55
CA VAL N 258 -28.18 -39.38 -52.42
C VAL N 258 -28.79 -38.70 -51.19
N MET N 259 -27.94 -38.16 -50.32
CA MET N 259 -28.36 -37.40 -49.10
C MET N 259 -28.40 -35.91 -49.43
N GLU N 260 -27.29 -35.39 -49.96
CA GLU N 260 -27.13 -33.95 -50.26
C GLU N 260 -26.29 -33.77 -51.54
N VAL N 261 -26.52 -32.66 -52.25
CA VAL N 261 -25.64 -32.16 -53.33
C VAL N 261 -25.24 -30.73 -52.96
N ASN N 262 -23.94 -30.53 -52.67
CA ASN N 262 -23.35 -29.26 -52.18
C ASN N 262 -22.65 -28.56 -53.34
N SER N 263 -23.04 -27.31 -53.63
CA SER N 263 -22.58 -26.52 -54.80
C SER N 263 -21.18 -25.92 -54.53
N SER N 264 -20.76 -25.83 -53.28
CA SER N 264 -19.39 -25.39 -52.89
C SER N 264 -18.85 -26.29 -51.77
N PRO N 265 -18.43 -27.53 -52.09
CA PRO N 265 -18.00 -28.48 -51.05
C PRO N 265 -16.64 -28.11 -50.45
N GLY N 266 -16.45 -28.39 -49.16
CA GLY N 266 -15.16 -28.19 -48.45
C GLY N 266 -14.04 -29.01 -49.07
N LEU N 267 -12.80 -28.55 -48.95
CA LEU N 267 -11.61 -29.17 -49.60
C LEU N 267 -10.70 -29.84 -48.56
N GLU N 268 -10.73 -29.42 -47.29
CA GLU N 268 -9.79 -29.91 -46.25
C GLU N 268 -9.94 -31.43 -46.07
N GLY N 269 -11.17 -31.89 -45.82
CA GLY N 269 -11.49 -33.32 -45.61
C GLY N 269 -10.97 -34.17 -46.75
N ILE N 270 -11.39 -33.86 -47.98
CA ILE N 270 -11.11 -34.69 -49.19
C ILE N 270 -9.59 -34.69 -49.49
N GLU N 271 -8.92 -33.55 -49.35
CA GLU N 271 -7.48 -33.39 -49.73
C GLU N 271 -6.59 -34.12 -48.73
N VAL N 272 -6.85 -33.96 -47.43
CA VAL N 272 -6.07 -34.63 -46.33
C VAL N 272 -6.15 -36.15 -46.51
N THR N 273 -7.32 -36.67 -46.87
CA THR N 273 -7.60 -38.13 -46.95
C THR N 273 -6.97 -38.73 -48.21
N THR N 274 -7.09 -38.06 -49.37
CA THR N 274 -6.71 -38.60 -50.70
C THR N 274 -5.32 -38.12 -51.13
N SER N 275 -4.82 -37.02 -50.56
CA SER N 275 -3.53 -36.37 -50.93
C SER N 275 -3.56 -35.89 -52.39
N LYS N 276 -4.76 -35.61 -52.92
CA LYS N 276 -4.96 -35.11 -54.30
C LYS N 276 -5.02 -33.58 -54.28
N ASP N 277 -4.50 -32.93 -55.34
CA ASP N 277 -4.59 -31.47 -55.56
C ASP N 277 -5.96 -31.16 -56.15
N VAL N 278 -7.01 -31.20 -55.32
CA VAL N 278 -8.42 -30.96 -55.74
C VAL N 278 -8.57 -29.50 -56.15
N ALA N 279 -8.05 -28.58 -55.34
CA ALA N 279 -7.97 -27.12 -55.64
C ALA N 279 -7.35 -26.94 -57.03
N GLY N 280 -6.25 -27.65 -57.31
CA GLY N 280 -5.55 -27.62 -58.60
C GLY N 280 -6.44 -28.01 -59.76
N MET N 281 -7.17 -29.13 -59.62
CA MET N 281 -8.02 -29.71 -60.69
C MET N 281 -9.21 -28.78 -60.99
N ILE N 282 -9.70 -28.05 -59.97
CA ILE N 282 -10.77 -27.02 -60.13
C ILE N 282 -10.22 -25.89 -61.02
N ILE N 283 -9.02 -25.39 -60.71
CA ILE N 283 -8.35 -24.30 -61.49
C ILE N 283 -8.10 -24.82 -62.91
N GLU N 284 -7.66 -26.08 -63.03
CA GLU N 284 -7.36 -26.77 -64.31
C GLU N 284 -8.63 -26.86 -65.15
N TYR N 285 -9.79 -27.06 -64.52
CA TYR N 285 -11.12 -27.12 -65.19
C TYR N 285 -11.45 -25.74 -65.77
N LEU N 286 -11.24 -24.67 -64.99
CA LEU N 286 -11.47 -23.27 -65.42
C LEU N 286 -10.61 -22.96 -66.66
N GLU N 287 -9.36 -23.43 -66.66
CA GLU N 287 -8.37 -23.19 -67.75
C GLU N 287 -8.93 -23.70 -69.09
N LYS N 288 -9.62 -24.85 -69.07
CA LYS N 288 -10.08 -25.57 -70.28
C LYS N 288 -11.43 -25.03 -70.76
N ASN N 289 -12.36 -24.78 -69.84
CA ASN N 289 -13.79 -24.47 -70.15
C ASN N 289 -14.06 -22.96 -70.11
N SER N 290 -13.07 -22.15 -69.69
CA SER N 290 -13.13 -20.67 -69.74
C SER N 290 -13.15 -20.22 -71.21
N MET O 1 -8.97 -13.00 -3.36
CA MET O 1 -10.35 -13.29 -3.84
C MET O 1 -10.29 -14.17 -5.09
N LYS O 2 -11.30 -15.03 -5.27
CA LYS O 2 -11.60 -15.75 -6.54
C LYS O 2 -12.72 -14.99 -7.24
N ILE O 3 -12.47 -14.46 -8.44
CA ILE O 3 -13.40 -13.56 -9.17
C ILE O 3 -13.74 -14.20 -10.53
N ALA O 4 -15.02 -14.34 -10.83
CA ALA O 4 -15.55 -14.76 -12.14
C ALA O 4 -15.74 -13.51 -13.01
N VAL O 5 -15.36 -13.60 -14.29
CA VAL O 5 -15.60 -12.53 -15.31
C VAL O 5 -16.49 -13.14 -16.39
N LEU O 6 -17.77 -12.76 -16.41
CA LEU O 6 -18.78 -13.24 -17.39
C LEU O 6 -18.59 -12.48 -18.71
N SER O 7 -17.87 -13.08 -19.66
CA SER O 7 -17.53 -12.45 -20.97
C SER O 7 -17.60 -13.50 -22.09
N ARG O 8 -18.21 -13.15 -23.21
CA ARG O 8 -18.33 -14.02 -24.42
C ARG O 8 -16.95 -14.19 -25.06
N ASN O 9 -16.08 -13.19 -24.95
CA ASN O 9 -14.74 -13.17 -25.60
C ASN O 9 -13.69 -12.72 -24.58
N PRO O 10 -12.80 -13.64 -24.13
CA PRO O 10 -11.72 -13.28 -23.19
C PRO O 10 -10.54 -12.53 -23.81
N ARG O 11 -10.52 -12.41 -25.15
CA ARG O 11 -9.41 -11.78 -25.92
C ARG O 11 -9.73 -10.32 -26.23
N LEU O 12 -10.88 -9.82 -25.79
CA LEU O 12 -11.31 -8.40 -25.94
C LEU O 12 -10.63 -7.55 -24.87
N TYR O 13 -10.21 -6.33 -25.23
CA TYR O 13 -9.39 -5.40 -24.39
C TYR O 13 -9.91 -5.38 -22.96
N SER O 14 -11.20 -5.07 -22.77
CA SER O 14 -11.83 -4.78 -21.46
C SER O 14 -11.77 -6.00 -20.54
N THR O 15 -11.94 -7.21 -21.09
CA THR O 15 -11.89 -8.47 -20.31
C THR O 15 -10.44 -8.79 -19.94
N ARG O 16 -9.52 -8.73 -20.91
CA ARG O 16 -8.07 -8.92 -20.69
C ARG O 16 -7.60 -8.02 -19.55
N ARG O 17 -7.95 -6.74 -19.61
CA ARG O 17 -7.52 -5.71 -18.62
C ARG O 17 -8.06 -6.07 -17.23
N LEU O 18 -9.28 -6.59 -17.14
CA LEU O 18 -9.91 -6.92 -15.84
C LEU O 18 -9.19 -8.13 -15.23
N VAL O 19 -8.75 -9.12 -16.02
CA VAL O 19 -8.01 -10.30 -15.48
C VAL O 19 -6.60 -9.84 -15.09
N GLU O 20 -5.94 -9.01 -15.91
CA GLU O 20 -4.62 -8.42 -15.61
C GLU O 20 -4.66 -7.77 -14.22
N ALA O 21 -5.46 -6.72 -14.08
CA ALA O 21 -5.62 -5.89 -12.86
C ALA O 21 -5.85 -6.81 -11.65
N GLY O 22 -6.65 -7.85 -11.83
CA GLY O 22 -6.96 -8.86 -10.80
C GLY O 22 -5.74 -9.67 -10.42
N ILE O 23 -5.10 -10.30 -11.41
CA ILE O 23 -3.87 -11.12 -11.23
C ILE O 23 -2.80 -10.25 -10.56
N GLU O 24 -2.58 -9.04 -11.09
CA GLU O 24 -1.62 -8.04 -10.56
C GLU O 24 -1.82 -7.85 -9.04
N ARG O 25 -3.08 -7.88 -8.58
CA ARG O 25 -3.46 -7.57 -7.18
C ARG O 25 -3.67 -8.88 -6.39
N GLY O 26 -3.24 -10.01 -6.96
CA GLY O 26 -3.06 -11.29 -6.25
C GLY O 26 -4.32 -12.15 -6.21
N HIS O 27 -5.31 -11.84 -7.04
CA HIS O 27 -6.62 -12.53 -7.11
C HIS O 27 -6.58 -13.65 -8.16
N GLU O 28 -7.45 -14.66 -8.02
CA GLU O 28 -7.64 -15.76 -9.00
C GLU O 28 -8.78 -15.35 -9.94
N MET O 29 -8.47 -15.15 -11.22
CA MET O 29 -9.43 -14.62 -12.23
C MET O 29 -9.82 -15.76 -13.17
N VAL O 30 -11.11 -16.05 -13.26
CA VAL O 30 -11.69 -17.09 -14.17
C VAL O 30 -12.66 -16.41 -15.14
N VAL O 31 -12.43 -16.58 -16.44
CA VAL O 31 -13.33 -16.06 -17.52
C VAL O 31 -14.35 -17.15 -17.85
N ILE O 32 -15.64 -16.82 -17.77
CA ILE O 32 -16.79 -17.74 -17.98
C ILE O 32 -17.63 -17.22 -19.14
N ASP O 33 -17.75 -18.01 -20.22
CA ASP O 33 -18.74 -17.76 -21.31
C ASP O 33 -20.10 -18.22 -20.79
N THR O 34 -20.98 -17.28 -20.43
CA THR O 34 -22.25 -17.55 -19.71
C THR O 34 -23.08 -18.62 -20.44
N LEU O 35 -23.05 -18.64 -21.78
CA LEU O 35 -23.84 -19.59 -22.61
C LEU O 35 -23.37 -21.03 -22.37
N ARG O 36 -22.09 -21.23 -22.03
CA ARG O 36 -21.47 -22.57 -21.85
C ARG O 36 -21.63 -23.03 -20.39
N ALA O 37 -22.14 -22.15 -19.52
CA ALA O 37 -22.57 -22.46 -18.14
C ALA O 37 -23.96 -23.08 -18.20
N TYR O 38 -24.18 -24.15 -17.43
CA TYR O 38 -25.49 -24.82 -17.23
C TYR O 38 -25.65 -25.07 -15.74
N MET O 39 -26.88 -25.10 -15.23
CA MET O 39 -27.14 -25.08 -13.77
C MET O 39 -28.37 -25.89 -13.42
N ASN O 40 -28.42 -26.29 -12.15
CA ASN O 40 -29.58 -26.90 -11.46
C ASN O 40 -30.07 -25.86 -10.45
N ILE O 41 -31.33 -25.43 -10.56
CA ILE O 41 -31.96 -24.49 -9.58
C ILE O 41 -32.57 -25.32 -8.45
N ALA O 42 -32.36 -24.91 -7.20
CA ALA O 42 -32.73 -25.68 -6.00
C ALA O 42 -32.54 -24.79 -4.76
N SER O 43 -33.44 -24.93 -3.77
CA SER O 43 -33.38 -24.24 -2.45
C SER O 43 -32.08 -24.62 -1.73
N HIS O 44 -31.88 -25.92 -1.45
CA HIS O 44 -30.71 -26.50 -0.73
C HIS O 44 -29.41 -26.27 -1.54
N LYS O 45 -29.07 -27.17 -2.45
CA LYS O 45 -27.71 -27.23 -3.10
C LYS O 45 -27.82 -26.77 -4.55
N PRO O 46 -27.92 -25.46 -4.84
CA PRO O 46 -27.97 -24.97 -6.23
C PRO O 46 -26.57 -24.98 -6.87
N GLN O 47 -26.45 -25.60 -8.05
CA GLN O 47 -25.15 -25.83 -8.75
C GLN O 47 -25.08 -24.96 -10.01
N ILE O 48 -23.89 -24.46 -10.32
CA ILE O 48 -23.48 -24.03 -11.70
C ILE O 48 -22.32 -24.93 -12.11
N HIS O 49 -22.44 -25.61 -13.26
CA HIS O 49 -21.38 -26.43 -13.90
C HIS O 49 -20.89 -25.73 -15.16
N TYR O 50 -19.66 -26.04 -15.59
CA TYR O 50 -18.96 -25.41 -16.74
C TYR O 50 -17.94 -26.42 -17.29
N ARG O 51 -18.12 -26.86 -18.53
CA ARG O 51 -17.25 -27.86 -19.21
C ARG O 51 -17.05 -29.08 -18.31
N GLY O 52 -18.12 -29.58 -17.67
CA GLY O 52 -18.13 -30.88 -16.96
C GLY O 52 -17.85 -30.74 -15.47
N LYS O 53 -17.23 -29.64 -15.04
CA LYS O 53 -16.78 -29.40 -13.64
C LYS O 53 -17.66 -28.34 -13.00
N PRO O 54 -17.91 -28.40 -11.67
CA PRO O 54 -18.67 -27.35 -10.97
C PRO O 54 -17.86 -26.06 -10.78
N LEU O 55 -18.56 -24.91 -10.73
CA LEU O 55 -17.99 -23.57 -10.39
C LEU O 55 -18.26 -23.29 -8.90
N GLU O 56 -17.20 -23.35 -8.07
CA GLU O 56 -17.29 -23.23 -6.59
C GLU O 56 -16.37 -22.11 -6.10
N GLY O 57 -16.59 -21.68 -4.85
CA GLY O 57 -15.64 -20.87 -4.06
C GLY O 57 -15.38 -19.50 -4.66
N PHE O 58 -16.30 -18.99 -5.50
CA PHE O 58 -16.21 -17.63 -6.09
C PHE O 58 -16.66 -16.62 -5.03
N ASP O 59 -15.90 -15.53 -4.88
CA ASP O 59 -16.16 -14.45 -3.89
C ASP O 59 -16.93 -13.31 -4.57
N ALA O 60 -16.64 -13.03 -5.83
CA ALA O 60 -17.25 -11.94 -6.61
C ALA O 60 -17.36 -12.33 -8.09
N VAL O 61 -18.27 -11.67 -8.80
CA VAL O 61 -18.50 -11.86 -10.26
C VAL O 61 -18.62 -10.48 -10.92
N ILE O 62 -17.90 -10.28 -12.03
CA ILE O 62 -17.97 -9.05 -12.87
C ILE O 62 -18.78 -9.39 -14.11
N PRO O 63 -20.06 -8.97 -14.18
CA PRO O 63 -20.89 -9.26 -15.35
C PRO O 63 -20.59 -8.29 -16.50
N ARG O 64 -20.05 -8.81 -17.60
CA ARG O 64 -19.86 -8.06 -18.88
C ARG O 64 -20.83 -8.63 -19.90
N ILE O 65 -22.13 -8.43 -19.69
CA ILE O 65 -23.23 -8.99 -20.53
C ILE O 65 -23.30 -8.13 -21.81
N GLY O 66 -23.23 -8.78 -22.97
CA GLY O 66 -23.30 -8.12 -24.29
C GLY O 66 -24.75 -7.84 -24.67
N ALA O 67 -24.93 -6.98 -25.70
CA ALA O 67 -26.25 -6.54 -26.20
C ALA O 67 -26.82 -7.61 -27.16
N SER O 68 -27.12 -8.79 -26.62
CA SER O 68 -27.61 -9.98 -27.38
C SER O 68 -29.10 -10.23 -27.04
N VAL O 69 -29.68 -11.31 -27.59
CA VAL O 69 -31.05 -11.82 -27.25
C VAL O 69 -30.93 -12.74 -26.02
N THR O 70 -30.28 -12.25 -24.95
CA THR O 70 -29.67 -13.06 -23.87
C THR O 70 -30.36 -12.76 -22.53
N PHE O 71 -31.54 -13.37 -22.32
CA PHE O 71 -32.16 -13.56 -20.99
C PHE O 71 -31.33 -14.55 -20.17
N TYR O 72 -30.61 -15.45 -20.84
CA TYR O 72 -29.81 -16.54 -20.21
C TYR O 72 -28.64 -15.95 -19.42
N GLY O 73 -27.95 -14.97 -19.98
CA GLY O 73 -26.80 -14.29 -19.34
C GLY O 73 -27.17 -13.74 -17.98
N CYS O 74 -28.31 -13.06 -17.87
CA CYS O 74 -28.87 -12.52 -16.60
C CYS O 74 -29.17 -13.67 -15.63
N ALA O 75 -29.66 -14.81 -16.14
CA ALA O 75 -30.02 -16.01 -15.33
C ALA O 75 -28.76 -16.59 -14.68
N VAL O 76 -27.65 -16.65 -15.42
CA VAL O 76 -26.35 -17.16 -14.92
C VAL O 76 -25.85 -16.21 -13.81
N LEU O 77 -25.94 -14.89 -14.04
CA LEU O 77 -25.57 -13.86 -13.03
C LEU O 77 -26.45 -14.03 -11.78
N ARG O 78 -27.75 -14.29 -11.98
CA ARG O 78 -28.74 -14.44 -10.87
C ARG O 78 -28.35 -15.64 -10.00
N GLN O 79 -27.99 -16.78 -10.62
CA GLN O 79 -27.55 -18.00 -9.87
C GLN O 79 -26.39 -17.62 -8.95
N PHE O 80 -25.36 -16.95 -9.50
CA PHE O 80 -24.16 -16.51 -8.75
C PHE O 80 -24.62 -15.71 -7.53
N GLU O 81 -25.51 -14.72 -7.73
CA GLU O 81 -26.05 -13.84 -6.67
C GLU O 81 -26.71 -14.68 -5.58
N MET O 82 -27.56 -15.62 -5.99
CA MET O 82 -28.37 -16.50 -5.08
C MET O 82 -27.46 -17.50 -4.36
N MET O 83 -26.30 -17.82 -4.95
CA MET O 83 -25.29 -18.72 -4.34
C MET O 83 -24.31 -17.92 -3.49
N GLY O 84 -24.58 -16.63 -3.25
CA GLY O 84 -23.90 -15.80 -2.25
C GLY O 84 -22.76 -14.98 -2.84
N VAL O 85 -22.45 -15.15 -4.12
CA VAL O 85 -21.32 -14.44 -4.82
C VAL O 85 -21.70 -12.97 -4.98
N PHE O 86 -20.78 -12.06 -4.66
CA PHE O 86 -20.99 -10.59 -4.73
C PHE O 86 -20.89 -10.14 -6.18
N PRO O 87 -21.94 -9.51 -6.74
CA PRO O 87 -21.88 -8.96 -8.10
C PRO O 87 -21.39 -7.51 -8.13
N LEU O 88 -20.58 -7.15 -9.14
CA LEU O 88 -20.09 -5.75 -9.34
C LEU O 88 -21.31 -4.86 -9.56
N ASN O 89 -22.23 -5.30 -10.42
CA ASN O 89 -23.57 -4.70 -10.65
C ASN O 89 -24.62 -5.81 -10.49
N GLU O 90 -25.71 -5.53 -9.77
CA GLU O 90 -26.80 -6.49 -9.49
C GLU O 90 -27.56 -6.76 -10.79
N SER O 91 -28.02 -7.99 -11.01
CA SER O 91 -28.82 -8.41 -12.19
C SER O 91 -30.04 -7.49 -12.34
N VAL O 92 -30.68 -7.12 -11.23
CA VAL O 92 -31.87 -6.22 -11.18
C VAL O 92 -31.53 -4.93 -11.91
N ALA O 93 -30.40 -4.31 -11.57
CA ALA O 93 -29.93 -3.02 -12.10
C ALA O 93 -29.58 -3.15 -13.59
N ILE O 94 -28.93 -4.25 -13.97
CA ILE O 94 -28.47 -4.51 -15.38
C ILE O 94 -29.69 -4.61 -16.29
N ALA O 95 -30.73 -5.31 -15.85
CA ALA O 95 -32.02 -5.47 -16.57
C ALA O 95 -32.66 -4.10 -16.82
N ARG O 96 -32.60 -3.19 -15.83
CA ARG O 96 -33.10 -1.80 -15.94
C ARG O 96 -32.35 -1.04 -17.05
N SER O 97 -31.02 -1.15 -17.06
CA SER O 97 -30.09 -0.41 -17.97
C SER O 97 -30.26 -0.86 -19.42
N ARG O 98 -30.39 -2.17 -19.64
CA ARG O 98 -30.34 -2.78 -21.00
C ARG O 98 -31.65 -2.49 -21.73
N ASP O 99 -32.75 -2.31 -21.00
CA ASP O 99 -34.05 -1.87 -21.57
C ASP O 99 -34.00 -0.35 -21.71
N LYS O 100 -33.60 0.15 -22.90
CA LYS O 100 -33.32 1.58 -23.15
C LYS O 100 -34.61 2.40 -22.94
N LEU O 101 -35.77 1.86 -23.34
CA LEU O 101 -37.10 2.48 -23.13
C LEU O 101 -37.32 2.71 -21.64
N ARG O 102 -37.23 1.63 -20.86
CA ARG O 102 -37.46 1.63 -19.39
C ARG O 102 -36.44 2.56 -18.73
N SER O 103 -35.18 2.52 -19.17
CA SER O 103 -34.06 3.30 -18.64
C SER O 103 -34.39 4.79 -18.69
N LEU O 104 -34.78 5.30 -19.86
CA LEU O 104 -35.10 6.73 -20.08
C LEU O 104 -36.34 7.12 -19.28
N GLN O 105 -37.36 6.25 -19.24
CA GLN O 105 -38.60 6.49 -18.45
C GLN O 105 -38.24 6.69 -16.98
N LEU O 106 -37.30 5.90 -16.45
CA LEU O 106 -36.93 5.91 -15.01
C LEU O 106 -36.14 7.18 -14.70
N LEU O 107 -35.22 7.56 -15.58
CA LEU O 107 -34.41 8.80 -15.47
C LEU O 107 -35.34 10.01 -15.52
N SER O 108 -36.30 10.00 -16.45
CA SER O 108 -37.30 11.07 -16.66
C SER O 108 -38.12 11.28 -15.37
N ARG O 109 -38.56 10.20 -14.74
CA ARG O 109 -39.46 10.25 -13.56
C ARG O 109 -38.70 10.82 -12.36
N ARG O 110 -37.39 10.54 -12.25
CA ARG O 110 -36.54 11.02 -11.11
C ARG O 110 -35.93 12.38 -11.44
N GLY O 111 -36.33 13.00 -12.55
CA GLY O 111 -36.01 14.41 -12.86
C GLY O 111 -34.58 14.62 -13.36
N ILE O 112 -33.94 13.57 -13.89
CA ILE O 112 -32.62 13.66 -14.58
C ILE O 112 -32.86 14.39 -15.91
N GLY O 113 -32.00 15.36 -16.25
CA GLY O 113 -32.08 16.09 -17.52
C GLY O 113 -31.94 15.13 -18.69
N LEU O 114 -32.94 15.09 -19.58
CA LEU O 114 -32.90 14.32 -20.84
C LEU O 114 -33.23 15.25 -22.01
N PRO O 115 -32.85 14.88 -23.26
CA PRO O 115 -33.42 15.52 -24.43
C PRO O 115 -34.93 15.23 -24.45
N VAL O 116 -35.72 16.08 -25.10
CA VAL O 116 -37.16 15.79 -25.37
C VAL O 116 -37.21 14.52 -26.22
N THR O 117 -37.96 13.51 -25.76
CA THR O 117 -37.89 12.12 -26.29
C THR O 117 -39.28 11.55 -26.50
N GLY O 118 -39.49 10.88 -27.63
CA GLY O 118 -40.71 10.14 -27.97
C GLY O 118 -40.41 8.70 -28.32
N PHE O 119 -41.36 7.80 -28.07
CA PHE O 119 -41.30 6.36 -28.41
C PHE O 119 -42.48 6.02 -29.32
N ALA O 120 -42.28 5.07 -30.23
CA ALA O 120 -43.28 4.58 -31.20
C ALA O 120 -42.90 3.16 -31.63
N HIS O 121 -43.87 2.39 -32.14
CA HIS O 121 -43.63 1.09 -32.83
C HIS O 121 -44.39 1.08 -34.15
N SER O 122 -45.73 1.12 -34.06
CA SER O 122 -46.67 1.14 -35.21
C SER O 122 -47.62 2.33 -35.09
N PRO O 123 -47.10 3.58 -35.02
CA PRO O 123 -47.96 4.76 -34.92
C PRO O 123 -48.76 4.98 -36.21
N ASP O 124 -50.03 5.36 -36.08
CA ASP O 124 -50.95 5.60 -37.22
C ASP O 124 -50.82 7.06 -37.68
N ASP O 125 -50.55 7.99 -36.76
CA ASP O 125 -50.41 9.45 -37.06
C ASP O 125 -48.96 9.89 -36.74
N ILE O 126 -48.05 9.69 -37.70
CA ILE O 126 -46.60 10.01 -37.53
C ILE O 126 -46.41 11.52 -37.40
N PRO O 127 -47.10 12.36 -38.21
CA PRO O 127 -47.07 13.82 -38.00
C PRO O 127 -47.35 14.21 -36.54
N ASP O 128 -48.30 13.52 -35.89
CA ASP O 128 -48.70 13.77 -34.47
C ASP O 128 -47.52 13.44 -33.55
N LEU O 129 -46.83 12.32 -33.80
CA LEU O 129 -45.63 11.89 -33.03
C LEU O 129 -44.56 12.98 -33.13
N ILE O 130 -44.30 13.49 -34.34
CA ILE O 130 -43.26 14.53 -34.62
C ILE O 130 -43.62 15.81 -33.87
N GLN O 131 -44.90 16.22 -33.91
CA GLN O 131 -45.43 17.42 -33.23
C GLN O 131 -45.20 17.30 -31.71
N MET O 132 -45.36 16.10 -31.14
CA MET O 132 -45.27 15.82 -29.68
C MET O 132 -43.84 16.08 -29.17
N VAL O 133 -42.84 16.02 -30.06
CA VAL O 133 -41.39 16.14 -29.74
C VAL O 133 -40.86 17.49 -30.27
N ASN O 134 -41.75 18.48 -30.45
CA ASN O 134 -41.43 19.87 -30.86
C ASN O 134 -40.83 19.91 -32.27
N GLY O 135 -41.14 18.91 -33.11
CA GLY O 135 -40.84 18.91 -34.55
C GLY O 135 -39.36 18.75 -34.85
N ALA O 136 -39.01 18.87 -36.13
CA ALA O 136 -37.63 18.77 -36.68
C ALA O 136 -36.81 19.98 -36.22
N PRO O 137 -35.46 19.90 -36.17
CA PRO O 137 -34.72 18.68 -36.50
C PRO O 137 -34.80 17.62 -35.40
N LEU O 138 -34.95 16.35 -35.79
CA LEU O 138 -35.10 15.17 -34.89
C LEU O 138 -34.02 14.14 -35.19
N VAL O 139 -33.45 13.54 -34.15
CA VAL O 139 -32.60 12.31 -34.25
C VAL O 139 -33.52 11.11 -34.06
N ILE O 140 -33.39 10.11 -34.93
CA ILE O 140 -34.28 8.91 -34.98
C ILE O 140 -33.42 7.65 -34.89
N LYS O 141 -33.50 6.96 -33.74
CA LYS O 141 -32.78 5.69 -33.48
C LYS O 141 -33.76 4.52 -33.60
N VAL O 142 -33.29 3.38 -34.12
CA VAL O 142 -33.99 2.08 -34.04
C VAL O 142 -33.39 1.31 -32.84
N LEU O 143 -34.20 0.47 -32.19
CA LEU O 143 -33.78 -0.36 -31.03
C LEU O 143 -34.02 -1.84 -31.36
N GLU O 144 -32.97 -2.67 -31.30
CA GLU O 144 -33.06 -4.15 -31.35
C GLU O 144 -32.73 -4.70 -29.96
N GLY O 145 -33.67 -4.53 -29.01
CA GLY O 145 -33.54 -4.84 -27.59
C GLY O 145 -32.73 -3.77 -26.85
N THR O 146 -31.41 -3.95 -26.82
CA THR O 146 -30.40 -3.19 -26.05
C THR O 146 -29.62 -2.25 -26.96
N GLN O 147 -29.26 -2.70 -28.18
CA GLN O 147 -28.43 -1.95 -29.15
C GLN O 147 -29.28 -0.87 -29.84
N GLY O 148 -28.71 0.32 -30.04
CA GLY O 148 -29.28 1.43 -30.83
C GLY O 148 -28.84 1.35 -32.28
N ILE O 149 -29.32 0.32 -33.00
CA ILE O 149 -28.74 -0.29 -34.23
C ILE O 149 -28.41 0.79 -35.28
N GLY O 150 -29.35 1.68 -35.57
CA GLY O 150 -29.22 2.76 -36.57
C GLY O 150 -29.55 4.11 -35.96
N VAL O 151 -28.92 5.19 -36.44
CA VAL O 151 -29.16 6.59 -35.97
C VAL O 151 -29.16 7.52 -37.19
N VAL O 152 -30.22 8.32 -37.36
CA VAL O 152 -30.38 9.26 -38.52
C VAL O 152 -30.80 10.64 -37.98
N LEU O 153 -30.07 11.68 -38.38
CA LEU O 153 -30.49 13.10 -38.19
C LEU O 153 -31.42 13.47 -39.34
N CYS O 154 -32.65 13.90 -39.02
CA CYS O 154 -33.69 14.33 -39.98
C CYS O 154 -33.95 15.82 -39.80
N GLU O 155 -33.62 16.62 -40.83
CA GLU O 155 -33.59 18.11 -40.76
C GLU O 155 -35.03 18.65 -40.86
N THR O 156 -35.86 18.02 -41.69
CA THR O 156 -37.27 18.42 -41.97
C THR O 156 -38.22 17.31 -41.50
N ALA O 157 -39.48 17.67 -41.20
CA ALA O 157 -40.54 16.75 -40.75
C ALA O 157 -40.87 15.73 -41.86
N THR O 158 -40.68 16.11 -43.13
CA THR O 158 -40.86 15.22 -44.32
C THR O 158 -39.90 14.04 -44.21
N ALA O 159 -38.61 14.31 -43.98
CA ALA O 159 -37.53 13.31 -43.84
C ALA O 159 -37.80 12.44 -42.60
N ALA O 160 -38.17 13.07 -41.48
CA ALA O 160 -38.51 12.39 -40.20
C ALA O 160 -39.61 11.35 -40.47
N GLU O 161 -40.70 11.78 -41.11
CA GLU O 161 -41.88 10.92 -41.42
C GLU O 161 -41.44 9.77 -42.34
N SER O 162 -40.62 10.07 -43.34
CA SER O 162 -40.14 9.09 -44.37
C SER O 162 -39.29 8.01 -43.71
N VAL O 163 -38.43 8.38 -42.76
CA VAL O 163 -37.47 7.46 -42.06
C VAL O 163 -38.24 6.61 -41.05
N ILE O 164 -39.17 7.20 -40.30
CA ILE O 164 -39.99 6.49 -39.28
C ILE O 164 -40.80 5.40 -40.00
N GLU O 165 -41.40 5.72 -41.15
CA GLU O 165 -42.22 4.78 -41.97
C GLU O 165 -41.36 3.59 -42.39
N ALA O 166 -40.10 3.83 -42.76
CA ALA O 166 -39.15 2.79 -43.18
C ALA O 166 -38.88 1.83 -42.01
N PHE O 167 -38.57 2.37 -40.84
CA PHE O 167 -38.21 1.61 -39.61
C PHE O 167 -39.44 0.84 -39.11
N MET O 168 -40.64 1.40 -39.25
CA MET O 168 -41.94 0.74 -38.97
C MET O 168 -42.01 -0.57 -39.75
N GLY O 169 -41.67 -0.51 -41.05
CA GLY O 169 -41.63 -1.68 -41.96
C GLY O 169 -40.82 -2.83 -41.38
N LEU O 170 -39.74 -2.51 -40.64
CA LEU O 170 -38.80 -3.52 -40.06
C LEU O 170 -39.30 -3.99 -38.69
N LYS O 171 -40.51 -3.57 -38.27
CA LYS O 171 -41.20 -4.01 -37.03
C LYS O 171 -40.28 -3.80 -35.81
N GLN O 172 -39.55 -2.69 -35.77
CA GLN O 172 -38.58 -2.35 -34.70
C GLN O 172 -39.15 -1.22 -33.82
N ASP O 173 -38.83 -1.23 -32.53
CA ASP O 173 -39.13 -0.13 -31.58
C ASP O 173 -38.35 1.12 -32.04
N ILE O 174 -39.03 2.25 -32.18
CA ILE O 174 -38.46 3.51 -32.74
C ILE O 174 -38.36 4.56 -31.63
N MET O 175 -37.23 5.26 -31.55
CA MET O 175 -36.99 6.37 -30.60
C MET O 175 -36.78 7.66 -31.40
N VAL O 176 -37.56 8.70 -31.07
CA VAL O 176 -37.52 10.04 -31.70
C VAL O 176 -37.06 11.03 -30.64
N GLN O 177 -35.97 11.76 -30.91
CA GLN O 177 -35.28 12.60 -29.90
C GLN O 177 -34.95 13.98 -30.48
N GLU O 178 -35.20 15.03 -29.67
CA GLU O 178 -34.79 16.44 -29.92
C GLU O 178 -33.30 16.46 -30.25
N TYR O 179 -32.93 17.01 -31.42
CA TYR O 179 -31.51 17.19 -31.84
C TYR O 179 -30.93 18.42 -31.14
N ILE O 180 -29.83 18.24 -30.41
CA ILE O 180 -29.13 19.28 -29.62
C ILE O 180 -27.90 19.73 -30.43
N LYS O 181 -28.11 20.74 -31.29
CA LYS O 181 -27.11 21.25 -32.26
C LYS O 181 -25.95 21.96 -31.54
N GLU O 182 -26.18 22.45 -30.32
CA GLU O 182 -25.19 23.23 -29.52
C GLU O 182 -23.98 22.35 -29.15
N ALA O 183 -24.21 21.03 -29.04
CA ALA O 183 -23.20 20.02 -28.63
C ALA O 183 -22.04 19.95 -29.63
N GLY O 184 -22.31 20.24 -30.91
CA GLY O 184 -21.33 20.26 -32.00
C GLY O 184 -20.86 18.87 -32.36
N GLY O 185 -21.72 17.86 -32.17
CA GLY O 185 -21.38 16.43 -32.37
C GLY O 185 -20.32 15.96 -31.37
N ALA O 186 -20.47 16.35 -30.11
CA ALA O 186 -19.56 15.98 -29.00
C ALA O 186 -20.38 15.57 -27.77
N ASP O 187 -19.88 14.59 -27.02
CA ASP O 187 -20.50 14.13 -25.74
C ASP O 187 -19.39 13.90 -24.71
N ILE O 188 -19.73 14.05 -23.43
CA ILE O 188 -18.88 13.69 -22.27
C ILE O 188 -19.24 12.24 -21.89
N ARG O 189 -18.26 11.33 -21.87
CA ARG O 189 -18.42 9.98 -21.27
C ARG O 189 -17.80 10.02 -19.87
N CYS O 190 -18.65 10.02 -18.83
CA CYS O 190 -18.25 9.94 -17.40
C CYS O 190 -18.26 8.47 -16.96
N PHE O 191 -17.23 8.07 -16.21
CA PHE O 191 -17.02 6.67 -15.77
C PHE O 191 -17.18 6.58 -14.25
N VAL O 192 -18.28 5.96 -13.81
CA VAL O 192 -18.69 5.88 -12.38
C VAL O 192 -18.21 4.55 -11.78
N VAL O 193 -17.58 4.61 -10.61
CA VAL O 193 -17.26 3.45 -9.74
C VAL O 193 -17.56 3.87 -8.30
N GLY O 194 -18.54 3.20 -7.65
CA GLY O 194 -19.05 3.60 -6.33
C GLY O 194 -19.69 4.99 -6.42
N ASP O 195 -19.33 5.88 -5.50
CA ASP O 195 -19.93 7.24 -5.35
C ASP O 195 -19.05 8.29 -6.05
N LYS O 196 -18.21 7.87 -7.00
CA LYS O 196 -17.16 8.75 -7.61
C LYS O 196 -17.14 8.58 -9.13
N VAL O 197 -17.01 9.70 -9.86
CA VAL O 197 -16.61 9.74 -11.30
C VAL O 197 -15.09 9.69 -11.34
N ILE O 198 -14.52 8.51 -11.61
CA ILE O 198 -13.05 8.23 -11.49
C ILE O 198 -12.33 8.70 -12.75
N ALA O 199 -13.04 8.82 -13.89
CA ALA O 199 -12.46 9.19 -15.20
C ALA O 199 -13.55 9.79 -16.09
N SER O 200 -13.16 10.71 -16.98
CA SER O 200 -14.04 11.42 -17.95
C SER O 200 -13.28 11.66 -19.25
N MET O 201 -13.98 11.84 -20.37
CA MET O 201 -13.37 12.20 -21.67
C MET O 201 -14.44 12.76 -22.61
N LYS O 202 -14.06 13.73 -23.45
CA LYS O 202 -14.90 14.24 -24.57
C LYS O 202 -14.68 13.34 -25.79
N ARG O 203 -15.75 13.01 -26.51
CA ARG O 203 -15.70 12.37 -27.85
C ARG O 203 -16.13 13.40 -28.89
N GLN O 204 -15.53 13.38 -30.09
CA GLN O 204 -15.78 14.37 -31.17
C GLN O 204 -16.02 13.63 -32.49
N ALA O 205 -16.94 14.13 -33.31
CA ALA O 205 -17.25 13.61 -34.67
C ALA O 205 -16.21 14.13 -35.68
N LYS O 206 -16.21 13.59 -36.90
CA LYS O 206 -15.33 14.01 -38.01
C LYS O 206 -15.71 15.42 -38.45
N PRO O 207 -14.90 16.10 -39.31
CA PRO O 207 -15.18 17.48 -39.72
C PRO O 207 -16.62 17.82 -40.14
N GLY O 208 -17.38 16.83 -40.63
CA GLY O 208 -18.73 17.03 -41.23
C GLY O 208 -19.88 16.51 -40.37
N GLU O 209 -19.74 15.31 -39.79
CA GLU O 209 -20.88 14.51 -39.24
C GLU O 209 -21.16 14.88 -37.78
N PHE O 210 -22.15 14.21 -37.17
CA PHE O 210 -22.69 14.47 -35.80
C PHE O 210 -22.45 13.25 -34.89
N ARG O 211 -22.11 12.08 -35.47
CA ARG O 211 -21.97 10.79 -34.72
C ARG O 211 -20.61 10.79 -34.01
N SER O 212 -20.64 10.95 -32.67
CA SER O 212 -19.45 11.18 -31.81
C SER O 212 -18.70 9.88 -31.48
N ASN O 213 -19.27 8.72 -31.82
CA ASN O 213 -18.75 7.36 -31.50
C ASN O 213 -17.24 7.28 -31.79
N LEU O 214 -16.49 6.59 -30.91
CA LEU O 214 -15.01 6.40 -31.00
C LEU O 214 -14.68 5.52 -32.22
N HIS O 215 -15.47 4.47 -32.46
CA HIS O 215 -15.28 3.45 -33.53
C HIS O 215 -16.01 3.88 -34.82
N ARG O 216 -15.95 5.17 -35.17
CA ARG O 216 -16.55 5.74 -36.41
C ARG O 216 -15.67 6.89 -36.94
N GLY O 217 -14.35 6.82 -36.73
CA GLY O 217 -13.39 7.88 -37.06
C GLY O 217 -13.61 9.13 -36.22
N GLY O 218 -13.37 9.02 -34.90
CA GLY O 218 -13.73 10.03 -33.89
C GLY O 218 -12.65 10.22 -32.84
N SER O 219 -12.20 11.45 -32.64
CA SER O 219 -11.15 11.88 -31.67
C SER O 219 -11.74 11.90 -30.24
N ALA O 220 -11.00 11.37 -29.26
CA ALA O 220 -11.27 11.48 -27.82
C ALA O 220 -10.18 12.34 -27.17
N SER O 221 -10.52 13.12 -26.15
CA SER O 221 -9.58 14.04 -25.45
C SER O 221 -9.97 14.19 -23.98
N LEU O 222 -9.02 14.68 -23.17
CA LEU O 222 -9.22 14.98 -21.72
C LEU O 222 -10.19 16.15 -21.60
N ILE O 223 -10.98 16.21 -20.52
CA ILE O 223 -11.95 17.31 -20.25
C ILE O 223 -12.16 17.44 -18.73
N LYS O 224 -12.12 18.67 -18.21
CA LYS O 224 -12.53 19.01 -16.82
C LYS O 224 -14.05 19.12 -16.82
N ILE O 225 -14.75 18.23 -16.11
CA ILE O 225 -16.23 18.23 -16.02
C ILE O 225 -16.69 19.18 -14.92
N THR O 226 -17.84 19.83 -15.12
CA THR O 226 -18.47 20.77 -14.16
C THR O 226 -18.97 19.98 -12.95
N PRO O 227 -19.15 20.61 -11.78
CA PRO O 227 -19.74 19.93 -10.61
C PRO O 227 -21.13 19.36 -10.89
N GLU O 228 -21.93 20.00 -11.76
CA GLU O 228 -23.32 19.57 -12.06
C GLU O 228 -23.29 18.37 -13.02
N GLU O 229 -22.27 18.29 -13.88
CA GLU O 229 -22.06 17.15 -14.81
C GLU O 229 -21.67 15.90 -14.01
N ARG O 230 -20.77 16.06 -13.04
CA ARG O 230 -20.37 15.00 -12.09
C ARG O 230 -21.62 14.51 -11.33
N MET O 231 -22.36 15.44 -10.76
CA MET O 231 -23.56 15.17 -9.92
C MET O 231 -24.61 14.42 -10.75
N THR O 232 -24.78 14.79 -12.02
CA THR O 232 -25.75 14.18 -12.98
C THR O 232 -25.35 12.72 -13.24
N ALA O 233 -24.07 12.47 -13.51
CA ALA O 233 -23.51 11.14 -13.81
C ALA O 233 -23.74 10.19 -12.63
N LEU O 234 -23.42 10.63 -11.42
CA LEU O 234 -23.58 9.84 -10.17
C LEU O 234 -25.06 9.55 -9.94
N ARG O 235 -25.92 10.55 -10.09
CA ARG O 235 -27.39 10.43 -9.86
C ARG O 235 -28.00 9.47 -10.88
N ALA O 236 -27.57 9.55 -12.14
CA ALA O 236 -28.05 8.68 -13.24
C ALA O 236 -27.75 7.22 -12.89
N ALA O 237 -26.52 6.94 -12.47
CA ALA O 237 -26.05 5.59 -12.08
C ALA O 237 -26.83 5.09 -10.86
N LYS O 238 -27.10 5.97 -9.89
CA LYS O 238 -27.78 5.61 -8.61
C LYS O 238 -29.25 5.27 -8.89
N VAL O 239 -29.89 5.99 -9.81
CA VAL O 239 -31.31 5.76 -10.24
C VAL O 239 -31.42 4.36 -10.88
N MET O 240 -30.45 3.98 -11.71
CA MET O 240 -30.41 2.63 -12.35
C MET O 240 -30.04 1.58 -11.29
N GLY O 241 -29.35 1.99 -10.22
CA GLY O 241 -28.89 1.12 -9.13
C GLY O 241 -27.59 0.40 -9.47
N LEU O 242 -26.74 1.05 -10.27
CA LEU O 242 -25.44 0.49 -10.74
C LEU O 242 -24.32 1.03 -9.86
N SER O 243 -23.36 0.18 -9.51
CA SER O 243 -22.12 0.55 -8.78
C SER O 243 -21.05 1.00 -9.78
N VAL O 244 -21.00 0.35 -10.95
CA VAL O 244 -20.09 0.69 -12.07
C VAL O 244 -20.93 0.96 -13.32
N ALA O 245 -20.75 2.13 -13.94
CA ALA O 245 -21.51 2.54 -15.14
C ALA O 245 -20.73 3.58 -15.95
N GLY O 246 -20.92 3.56 -17.26
CA GLY O 246 -20.58 4.68 -18.16
C GLY O 246 -21.81 5.52 -18.45
N VAL O 247 -21.75 6.82 -18.17
CA VAL O 247 -22.87 7.78 -18.40
C VAL O 247 -22.45 8.75 -19.50
N ASP O 248 -23.16 8.73 -20.64
CA ASP O 248 -22.93 9.67 -21.77
C ASP O 248 -23.78 10.92 -21.55
N ILE O 249 -23.19 12.10 -21.68
CA ILE O 249 -23.81 13.42 -21.36
C ILE O 249 -23.59 14.37 -22.54
N LEU O 250 -24.60 15.19 -22.86
CA LEU O 250 -24.54 16.30 -23.85
C LEU O 250 -24.52 17.63 -23.09
N ARG O 251 -23.58 18.51 -23.42
CA ARG O 251 -23.56 19.91 -22.95
C ARG O 251 -24.58 20.70 -23.78
N SER O 252 -25.71 21.07 -23.18
CA SER O 252 -26.81 21.82 -23.84
C SER O 252 -26.93 23.22 -23.23
N ASN O 253 -27.69 24.10 -23.89
CA ASN O 253 -27.98 25.48 -23.44
C ASN O 253 -28.65 25.46 -22.06
N HIS O 254 -29.48 24.43 -21.79
CA HIS O 254 -30.28 24.31 -20.54
C HIS O 254 -29.68 23.25 -19.60
N GLY O 255 -28.37 23.00 -19.71
CA GLY O 255 -27.60 22.16 -18.76
C GLY O 255 -27.19 20.81 -19.33
N PRO O 256 -26.63 19.91 -18.50
CA PRO O 256 -26.23 18.58 -18.95
C PRO O 256 -27.42 17.64 -19.13
N LEU O 257 -27.44 16.90 -20.24
CA LEU O 257 -28.52 15.95 -20.63
C LEU O 257 -27.91 14.55 -20.81
N VAL O 258 -28.46 13.55 -20.14
CA VAL O 258 -28.00 12.13 -20.20
C VAL O 258 -28.52 11.50 -21.50
N MET O 259 -27.64 10.86 -22.27
CA MET O 259 -27.97 10.13 -23.52
C MET O 259 -28.19 8.65 -23.20
N GLU O 260 -27.21 8.03 -22.53
CA GLU O 260 -27.21 6.58 -22.22
C GLU O 260 -26.58 6.35 -20.84
N VAL O 261 -26.98 5.27 -20.17
CA VAL O 261 -26.31 4.71 -18.98
C VAL O 261 -26.00 3.25 -19.28
N ASN O 262 -24.71 2.91 -19.40
CA ASN O 262 -24.20 1.59 -19.83
C ASN O 262 -23.72 0.83 -18.58
N SER O 263 -24.25 -0.36 -18.34
CA SER O 263 -24.01 -1.18 -17.12
C SER O 263 -22.67 -1.92 -17.23
N SER O 264 -22.11 -2.07 -18.43
CA SER O 264 -20.75 -2.65 -18.65
C SER O 264 -20.01 -1.82 -19.70
N PRO O 265 -19.50 -0.62 -19.33
CA PRO O 265 -18.87 0.27 -20.30
C PRO O 265 -17.49 -0.24 -20.75
N GLY O 266 -17.13 0.01 -22.01
CA GLY O 266 -15.80 -0.31 -22.55
C GLY O 266 -14.69 0.42 -21.80
N LEU O 267 -13.48 -0.15 -21.78
CA LEU O 267 -12.33 0.38 -21.00
C LEU O 267 -11.26 0.95 -21.93
N GLU O 268 -11.19 0.51 -23.19
CA GLU O 268 -10.10 0.90 -24.13
C GLU O 268 -10.09 2.41 -24.33
N GLY O 269 -11.23 2.99 -24.72
CA GLY O 269 -11.37 4.44 -24.98
C GLY O 269 -10.90 5.26 -23.80
N ILE O 270 -11.49 5.02 -22.62
CA ILE O 270 -11.26 5.84 -21.39
C ILE O 270 -9.81 5.69 -20.92
N GLU O 271 -9.23 4.48 -20.98
CA GLU O 271 -7.88 4.20 -20.42
C GLU O 271 -6.80 4.80 -21.32
N VAL O 272 -6.92 4.64 -22.64
CA VAL O 272 -5.96 5.20 -23.64
C VAL O 272 -5.89 6.72 -23.48
N THR O 273 -7.04 7.37 -23.27
CA THR O 273 -7.18 8.85 -23.23
C THR O 273 -6.63 9.41 -21.91
N THR O 274 -6.96 8.77 -20.77
CA THR O 274 -6.69 9.30 -19.41
C THR O 274 -5.41 8.70 -18.80
N SER O 275 -4.97 7.54 -19.30
CA SER O 275 -3.81 6.77 -18.78
C SER O 275 -4.06 6.34 -17.33
N LYS O 276 -5.33 6.19 -16.94
CA LYS O 276 -5.74 5.74 -15.58
C LYS O 276 -5.95 4.22 -15.60
N ASP O 277 -5.63 3.56 -14.48
CA ASP O 277 -5.88 2.11 -14.27
C ASP O 277 -7.34 1.94 -13.84
N VAL O 278 -8.27 2.06 -14.78
CA VAL O 278 -9.74 1.97 -14.54
C VAL O 278 -10.07 0.53 -14.13
N ALA O 279 -9.55 -0.45 -14.88
CA ALA O 279 -9.64 -1.90 -14.55
C ALA O 279 -9.22 -2.12 -13.10
N GLY O 280 -8.10 -1.50 -12.69
CA GLY O 280 -7.56 -1.58 -11.32
C GLY O 280 -8.53 -1.09 -10.28
N MET O 281 -9.14 0.08 -10.52
CA MET O 281 -10.05 0.75 -9.56
C MET O 281 -11.35 -0.06 -9.40
N ILE O 282 -11.78 -0.75 -10.46
CA ILE O 282 -12.95 -1.67 -10.44
C ILE O 282 -12.62 -2.84 -9.49
N ILE O 283 -11.45 -3.45 -9.64
CA ILE O 283 -10.97 -4.58 -8.78
C ILE O 283 -10.84 -4.07 -7.35
N GLU O 284 -10.31 -2.86 -7.19
CA GLU O 284 -10.11 -2.18 -5.87
C GLU O 284 -11.46 -1.96 -5.19
N TYR O 285 -12.51 -1.67 -5.96
CA TYR O 285 -13.90 -1.48 -5.45
C TYR O 285 -14.43 -2.82 -4.92
N LEU O 286 -14.22 -3.92 -5.66
CA LEU O 286 -14.64 -5.28 -5.26
C LEU O 286 -13.96 -5.64 -3.94
N GLU O 287 -12.68 -5.31 -3.78
CA GLU O 287 -11.86 -5.62 -2.57
C GLU O 287 -12.53 -5.04 -1.32
N LYS O 288 -13.09 -3.83 -1.42
CA LYS O 288 -13.62 -3.05 -0.28
C LYS O 288 -15.07 -3.46 0.05
N ASN O 289 -15.91 -3.64 -0.99
CA ASN O 289 -17.38 -3.81 -0.85
C ASN O 289 -17.78 -5.29 -0.91
N SER O 290 -16.83 -6.19 -1.22
CA SER O 290 -17.04 -7.67 -1.17
C SER O 290 -17.25 -8.08 0.29
N MET P 1 -65.69 4.37 -13.32
CA MET P 1 -64.24 4.35 -13.69
C MET P 1 -64.08 4.34 -15.21
N LYS P 2 -63.02 4.97 -15.72
CA LYS P 2 -62.54 4.80 -17.12
C LYS P 2 -61.37 3.80 -17.06
N ILE P 3 -61.48 2.67 -17.75
CA ILE P 3 -60.51 1.53 -17.68
C ILE P 3 -59.97 1.25 -19.09
N ALA P 4 -58.65 1.24 -19.23
CA ALA P 4 -57.93 0.82 -20.46
C ALA P 4 -57.70 -0.70 -20.38
N VAL P 5 -57.90 -1.40 -21.51
CA VAL P 5 -57.60 -2.85 -21.66
C VAL P 5 -56.55 -2.98 -22.75
N LEU P 6 -55.30 -3.25 -22.36
CA LEU P 6 -54.14 -3.41 -23.28
C LEU P 6 -54.20 -4.81 -23.91
N SER P 7 -54.76 -4.93 -25.12
CA SER P 7 -54.95 -6.21 -25.83
C SER P 7 -54.64 -6.05 -27.32
N ARG P 8 -53.88 -6.98 -27.89
CA ARG P 8 -53.51 -7.03 -29.32
C ARG P 8 -54.77 -7.35 -30.15
N ASN P 9 -55.72 -8.11 -29.60
CA ASN P 9 -56.95 -8.55 -30.30
C ASN P 9 -58.17 -8.34 -29.40
N PRO P 10 -59.05 -7.36 -29.73
CA PRO P 10 -60.25 -7.09 -28.93
C PRO P 10 -61.39 -8.11 -29.17
N ARG P 11 -61.24 -9.01 -30.14
CA ARG P 11 -62.27 -9.99 -30.55
C ARG P 11 -62.02 -11.34 -29.86
N LEU P 12 -60.97 -11.46 -29.05
CA LEU P 12 -60.65 -12.67 -28.26
C LEU P 12 -61.54 -12.73 -27.01
N TYR P 13 -61.97 -13.94 -26.62
CA TYR P 13 -62.96 -14.19 -25.53
C TYR P 13 -62.63 -13.35 -24.30
N SER P 14 -61.40 -13.45 -23.80
CA SER P 14 -60.95 -12.89 -22.50
C SER P 14 -61.06 -11.35 -22.50
N THR P 15 -60.74 -10.70 -23.63
CA THR P 15 -60.81 -9.23 -23.76
C THR P 15 -62.28 -8.79 -23.85
N ARG P 16 -63.07 -9.44 -24.72
CA ARG P 16 -64.53 -9.21 -24.86
C ARG P 16 -65.19 -9.27 -23.48
N ARG P 17 -64.91 -10.33 -22.72
CA ARG P 17 -65.52 -10.59 -21.38
C ARG P 17 -65.14 -9.47 -20.41
N LEU P 18 -63.91 -8.95 -20.49
CA LEU P 18 -63.43 -7.88 -19.56
C LEU P 18 -64.16 -6.56 -19.87
N VAL P 19 -64.45 -6.26 -21.15
CA VAL P 19 -65.19 -5.01 -21.52
C VAL P 19 -66.65 -5.20 -21.13
N GLU P 20 -67.24 -6.38 -21.39
CA GLU P 20 -68.64 -6.71 -20.97
C GLU P 20 -68.81 -6.43 -19.49
N ALA P 21 -68.08 -7.17 -18.64
CA ALA P 21 -68.13 -7.09 -17.16
C ALA P 21 -68.01 -5.64 -16.70
N GLY P 22 -67.13 -4.88 -17.36
CA GLY P 22 -66.91 -3.44 -17.08
C GLY P 22 -68.12 -2.61 -17.42
N ILE P 23 -68.60 -2.71 -18.67
CA ILE P 23 -69.79 -1.97 -19.19
C ILE P 23 -70.99 -2.31 -18.29
N GLU P 24 -71.20 -3.61 -18.03
CA GLU P 24 -72.27 -4.14 -17.14
C GLU P 24 -72.28 -3.40 -15.80
N ARG P 25 -71.10 -3.05 -15.27
CA ARG P 25 -70.92 -2.45 -13.93
C ARG P 25 -70.74 -0.94 -14.03
N GLY P 26 -71.02 -0.37 -15.21
CA GLY P 26 -71.23 1.08 -15.43
C GLY P 26 -69.95 1.83 -15.72
N HIS P 27 -68.88 1.11 -16.07
CA HIS P 27 -67.53 1.68 -16.35
C HIS P 27 -67.38 1.97 -17.85
N GLU P 28 -66.49 2.90 -18.22
CA GLU P 28 -66.11 3.21 -19.62
C GLU P 28 -64.88 2.37 -19.98
N MET P 29 -65.03 1.44 -20.91
CA MET P 29 -63.98 0.45 -21.28
C MET P 29 -63.42 0.81 -22.65
N VAL P 30 -62.09 1.05 -22.72
CA VAL P 30 -61.36 1.37 -23.98
C VAL P 30 -60.31 0.28 -24.20
N VAL P 31 -60.35 -0.37 -25.37
CA VAL P 31 -59.35 -1.40 -25.80
C VAL P 31 -58.24 -0.68 -26.58
N ILE P 32 -56.99 -0.87 -26.14
CA ILE P 32 -55.76 -0.22 -26.70
C ILE P 32 -54.82 -1.31 -27.20
N ASP P 33 -54.53 -1.32 -28.52
CA ASP P 33 -53.42 -2.12 -29.11
C ASP P 33 -52.11 -1.37 -28.77
N THR P 34 -51.34 -1.89 -27.81
CA THR P 34 -50.17 -1.20 -27.21
C THR P 34 -49.20 -0.73 -28.30
N LEU P 35 -49.04 -1.50 -29.38
CA LEU P 35 -48.09 -1.18 -30.49
C LEU P 35 -48.51 0.12 -31.20
N ARG P 36 -49.81 0.42 -31.24
CA ARG P 36 -50.38 1.59 -31.96
C ARG P 36 -50.41 2.82 -31.04
N ALA P 37 -50.08 2.63 -29.76
CA ALA P 37 -49.81 3.72 -28.78
C ALA P 37 -48.39 4.24 -29.01
N TYR P 38 -48.23 5.57 -28.99
CA TYR P 38 -46.93 6.27 -29.05
C TYR P 38 -46.94 7.36 -27.98
N MET P 39 -45.78 7.70 -27.43
CA MET P 39 -45.72 8.55 -26.21
C MET P 39 -44.49 9.46 -26.24
N ASN P 40 -44.59 10.54 -25.48
CA ASN P 40 -43.50 11.50 -25.14
C ASN P 40 -43.21 11.28 -23.65
N ILE P 41 -41.98 10.93 -23.30
CA ILE P 41 -41.52 10.80 -21.88
C ILE P 41 -41.03 12.17 -21.42
N ALA P 42 -41.42 12.57 -20.22
CA ALA P 42 -41.19 13.94 -19.69
C ALA P 42 -41.58 14.00 -18.20
N SER P 43 -40.83 14.76 -17.40
CA SER P 43 -41.08 14.98 -15.95
C SER P 43 -42.47 15.60 -15.75
N HIS P 44 -42.70 16.79 -16.31
CA HIS P 44 -43.95 17.59 -16.17
C HIS P 44 -45.13 16.85 -16.83
N LYS P 45 -45.35 17.06 -18.13
CA LYS P 45 -46.58 16.62 -18.85
C LYS P 45 -46.26 15.43 -19.76
N PRO P 46 -46.13 14.19 -19.23
CA PRO P 46 -45.90 13.01 -20.06
C PRO P 46 -47.19 12.55 -20.77
N GLN P 47 -47.13 12.38 -22.08
CA GLN P 47 -48.31 12.09 -22.95
C GLN P 47 -48.25 10.65 -23.47
N ILE P 48 -49.42 10.01 -23.57
CA ILE P 48 -49.67 8.84 -24.48
C ILE P 48 -50.72 9.28 -25.49
N HIS P 49 -50.42 9.14 -26.79
CA HIS P 49 -51.34 9.38 -27.92
C HIS P 49 -51.69 8.04 -28.57
N TYR P 50 -52.84 7.99 -29.26
CA TYR P 50 -53.40 6.78 -29.91
C TYR P 50 -54.29 7.22 -31.09
N ARG P 51 -53.91 6.86 -32.31
CA ARG P 51 -54.61 7.23 -33.56
C ARG P 51 -54.90 8.73 -33.60
N GLY P 52 -53.91 9.56 -33.24
CA GLY P 52 -53.93 11.02 -33.44
C GLY P 52 -54.41 11.78 -32.21
N LYS P 53 -55.16 11.12 -31.31
CA LYS P 53 -55.78 11.74 -30.11
C LYS P 53 -55.05 11.29 -28.85
N PRO P 54 -54.99 12.14 -27.80
CA PRO P 54 -54.37 11.75 -26.53
C PRO P 54 -55.24 10.79 -25.71
N LEU P 55 -54.62 9.92 -24.89
CA LEU P 55 -55.29 9.03 -23.91
C LEU P 55 -55.23 9.71 -22.53
N GLU P 56 -56.37 10.21 -22.04
CA GLU P 56 -56.47 10.99 -20.78
C GLU P 56 -57.51 10.35 -19.84
N GLY P 57 -57.47 10.74 -18.57
CA GLY P 57 -58.55 10.53 -17.58
C GLY P 57 -58.82 9.07 -17.29
N PHE P 58 -57.84 8.19 -17.54
CA PHE P 58 -57.92 6.74 -17.22
C PHE P 58 -57.68 6.56 -15.73
N ASP P 59 -58.50 5.74 -15.07
CA ASP P 59 -58.44 5.46 -13.62
C ASP P 59 -57.65 4.16 -13.37
N ALA P 60 -57.79 3.18 -14.27
CA ALA P 60 -57.14 1.86 -14.15
C ALA P 60 -56.83 1.30 -15.55
N VAL P 61 -55.87 0.38 -15.60
CA VAL P 61 -55.43 -0.32 -16.85
C VAL P 61 -55.31 -1.81 -16.54
N ILE P 62 -55.87 -2.66 -17.40
CA ILE P 62 -55.77 -4.14 -17.34
C ILE P 62 -54.78 -4.59 -18.42
N PRO P 63 -53.52 -4.92 -18.05
CA PRO P 63 -52.53 -5.35 -19.04
C PRO P 63 -52.75 -6.82 -19.41
N ARG P 64 -53.12 -7.08 -20.67
CA ARG P 64 -53.17 -8.43 -21.27
C ARG P 64 -52.04 -8.55 -22.29
N ILE P 65 -50.79 -8.53 -21.83
CA ILE P 65 -49.57 -8.55 -22.68
C ILE P 65 -49.37 -9.99 -23.17
N GLY P 66 -49.26 -10.17 -24.49
CA GLY P 66 -49.04 -11.47 -25.14
C GLY P 66 -47.57 -11.87 -25.10
N ALA P 67 -47.28 -13.14 -25.38
CA ALA P 67 -45.91 -13.72 -25.41
C ALA P 67 -45.25 -13.39 -26.76
N SER P 68 -44.98 -12.10 -26.99
CA SER P 68 -44.37 -11.55 -28.23
C SER P 68 -42.93 -11.10 -27.94
N VAL P 69 -42.24 -10.50 -28.93
CA VAL P 69 -40.89 -9.86 -28.77
C VAL P 69 -41.13 -8.40 -28.33
N THR P 70 -41.92 -8.21 -27.26
CA THR P 70 -42.61 -6.94 -26.91
C THR P 70 -42.09 -6.41 -25.57
N PHE P 71 -40.93 -5.76 -25.60
CA PHE P 71 -40.43 -4.82 -24.56
C PHE P 71 -41.31 -3.55 -24.58
N TYR P 72 -41.89 -3.23 -25.75
CA TYR P 72 -42.70 -2.00 -25.99
C TYR P 72 -43.99 -2.04 -25.16
N GLY P 73 -44.67 -3.19 -25.14
CA GLY P 73 -45.91 -3.40 -24.37
C GLY P 73 -45.75 -3.02 -22.90
N CYS P 74 -44.67 -3.48 -22.27
CA CYS P 74 -44.32 -3.16 -20.86
C CYS P 74 -44.07 -1.64 -20.72
N ALA P 75 -43.46 -1.01 -21.73
CA ALA P 75 -43.14 0.43 -21.75
C ALA P 75 -44.43 1.26 -21.73
N VAL P 76 -45.43 0.84 -22.52
CA VAL P 76 -46.77 1.51 -22.60
C VAL P 76 -47.45 1.37 -21.23
N LEU P 77 -47.41 0.18 -20.62
CA LEU P 77 -47.96 -0.06 -19.26
C LEU P 77 -47.25 0.83 -18.24
N ARG P 78 -45.93 0.96 -18.37
CA ARG P 78 -45.09 1.76 -17.44
C ARG P 78 -45.51 3.23 -17.51
N GLN P 79 -45.72 3.78 -18.71
CA GLN P 79 -46.19 5.20 -18.89
C GLN P 79 -47.49 5.40 -18.10
N PHE P 80 -48.46 4.50 -18.28
CA PHE P 80 -49.78 4.54 -17.60
C PHE P 80 -49.52 4.63 -16.08
N GLU P 81 -48.68 3.74 -15.54
CA GLU P 81 -48.32 3.67 -14.10
C GLU P 81 -47.77 5.01 -13.64
N MET P 82 -46.82 5.56 -14.40
CA MET P 82 -46.09 6.82 -14.08
C MET P 82 -47.03 8.02 -14.21
N MET P 83 -48.08 7.90 -15.04
CA MET P 83 -49.11 8.95 -15.22
C MET P 83 -50.25 8.77 -14.20
N GLY P 84 -50.07 7.89 -13.21
CA GLY P 84 -50.93 7.76 -12.02
C GLY P 84 -52.03 6.73 -12.16
N VAL P 85 -52.16 6.10 -13.34
CA VAL P 85 -53.21 5.07 -13.64
C VAL P 85 -52.90 3.80 -12.85
N PHE P 86 -53.89 3.22 -12.18
CA PHE P 86 -53.76 2.00 -11.35
C PHE P 86 -53.70 0.77 -12.25
N PRO P 87 -52.62 -0.03 -12.19
CA PRO P 87 -52.53 -1.27 -12.95
C PRO P 87 -53.09 -2.48 -12.19
N LEU P 88 -53.78 -3.39 -12.89
CA LEU P 88 -54.29 -4.66 -12.31
C LEU P 88 -53.10 -5.47 -11.78
N ASN P 89 -52.06 -5.59 -12.62
CA ASN P 89 -50.73 -6.15 -12.28
C ASN P 89 -49.66 -5.13 -12.67
N GLU P 90 -48.70 -4.88 -11.77
CA GLU P 90 -47.59 -3.90 -11.98
C GLU P 90 -46.66 -4.43 -13.07
N SER P 91 -46.11 -3.54 -13.90
CA SER P 91 -45.14 -3.86 -14.97
C SER P 91 -43.96 -4.65 -14.41
N VAL P 92 -43.50 -4.27 -13.21
CA VAL P 92 -42.36 -4.92 -12.48
C VAL P 92 -42.66 -6.42 -12.36
N ALA P 93 -43.86 -6.75 -11.88
CA ALA P 93 -44.33 -8.13 -11.60
C ALA P 93 -44.47 -8.90 -12.93
N ILE P 94 -45.00 -8.27 -13.97
CA ILE P 94 -45.27 -8.91 -15.29
C ILE P 94 -43.93 -9.32 -15.92
N ALA P 95 -42.92 -8.45 -15.84
CA ALA P 95 -41.54 -8.69 -16.33
C ALA P 95 -40.94 -9.92 -15.63
N ARG P 96 -41.17 -10.07 -14.33
CA ARG P 96 -40.72 -11.24 -13.52
C ARG P 96 -41.36 -12.53 -14.06
N SER P 97 -42.68 -12.52 -14.32
CA SER P 97 -43.50 -13.68 -14.73
C SER P 97 -43.12 -14.17 -16.12
N ARG P 98 -42.90 -13.23 -17.06
CA ARG P 98 -42.74 -13.55 -18.50
C ARG P 98 -41.35 -14.17 -18.73
N ASP P 99 -40.36 -13.83 -17.89
CA ASP P 99 -39.02 -14.46 -17.92
C ASP P 99 -39.12 -15.78 -17.14
N LYS P 100 -39.37 -16.89 -17.85
CA LYS P 100 -39.66 -18.22 -17.23
C LYS P 100 -38.45 -18.69 -16.42
N LEU P 101 -37.23 -18.43 -16.90
CA LEU P 101 -35.96 -18.76 -16.18
C LEU P 101 -35.95 -18.04 -14.83
N ARG P 102 -36.11 -16.72 -14.85
CA ARG P 102 -36.09 -15.85 -13.66
C ARG P 102 -37.22 -16.25 -12.71
N SER P 103 -38.40 -16.53 -13.27
CA SER P 103 -39.63 -16.90 -12.53
C SER P 103 -39.36 -18.12 -11.65
N LEU P 104 -38.83 -19.20 -12.24
CA LEU P 104 -38.55 -20.48 -11.54
C LEU P 104 -37.44 -20.26 -10.50
N GLN P 105 -36.41 -19.49 -10.83
CA GLN P 105 -35.30 -19.16 -9.89
C GLN P 105 -35.87 -18.48 -8.64
N LEU P 106 -36.84 -17.58 -8.82
CA LEU P 106 -37.40 -16.75 -7.72
C LEU P 106 -38.29 -17.63 -6.82
N LEU P 107 -39.09 -18.50 -7.44
CA LEU P 107 -39.97 -19.47 -6.73
C LEU P 107 -39.10 -20.45 -5.94
N SER P 108 -38.01 -20.94 -6.55
CA SER P 108 -37.05 -21.89 -5.94
C SER P 108 -36.43 -21.27 -4.69
N ARG P 109 -36.02 -20.00 -4.76
CA ARG P 109 -35.30 -19.32 -3.65
C ARG P 109 -36.25 -19.11 -2.47
N ARG P 110 -37.54 -18.87 -2.72
CA ARG P 110 -38.56 -18.62 -1.66
C ARG P 110 -39.20 -19.95 -1.20
N GLY P 111 -38.67 -21.10 -1.67
CA GLY P 111 -39.00 -22.44 -1.16
C GLY P 111 -40.35 -22.96 -1.63
N ILE P 112 -40.88 -22.43 -2.75
CA ILE P 112 -42.09 -22.97 -3.43
C ILE P 112 -41.70 -24.32 -4.05
N GLY P 113 -42.54 -25.34 -3.87
CA GLY P 113 -42.30 -26.67 -4.46
C GLY P 113 -42.25 -26.59 -5.97
N LEU P 114 -41.15 -27.03 -6.57
CA LEU P 114 -40.98 -27.16 -8.05
C LEU P 114 -40.52 -28.56 -8.39
N PRO P 115 -40.69 -29.02 -9.65
CA PRO P 115 -39.99 -30.21 -10.12
C PRO P 115 -38.48 -29.92 -10.08
N VAL P 116 -37.66 -30.96 -9.97
CA VAL P 116 -36.18 -30.83 -10.13
C VAL P 116 -35.94 -30.30 -11.54
N THR P 117 -35.20 -29.19 -11.66
CA THR P 117 -35.12 -28.38 -12.91
C THR P 117 -33.68 -27.97 -13.20
N GLY P 118 -33.28 -28.08 -14.46
CA GLY P 118 -31.98 -27.63 -14.99
C GLY P 118 -32.16 -26.68 -16.15
N PHE P 119 -31.22 -25.74 -16.33
CA PHE P 119 -31.15 -24.80 -17.47
C PHE P 119 -29.83 -25.00 -18.22
N ALA P 120 -29.85 -24.78 -19.53
CA ALA P 120 -28.69 -24.90 -20.44
C ALA P 120 -28.94 -24.03 -21.68
N HIS P 121 -27.87 -23.67 -22.40
CA HIS P 121 -27.95 -23.04 -23.75
C HIS P 121 -27.00 -23.78 -24.69
N SER P 122 -25.70 -23.71 -24.41
CA SER P 122 -24.61 -24.35 -25.18
C SER P 122 -23.74 -25.18 -24.25
N PRO P 123 -24.32 -26.18 -23.54
CA PRO P 123 -23.54 -27.04 -22.65
C PRO P 123 -22.57 -27.94 -23.44
N ASP P 124 -21.35 -28.12 -22.93
CA ASP P 124 -20.29 -28.94 -23.58
C ASP P 124 -20.41 -30.39 -23.10
N ASP P 125 -20.87 -30.61 -21.86
CA ASP P 125 -21.05 -31.95 -21.24
C ASP P 125 -22.53 -32.17 -20.94
N ILE P 126 -23.30 -32.63 -21.93
CA ILE P 126 -24.76 -32.86 -21.83
C ILE P 126 -25.04 -34.01 -20.86
N PRO P 127 -24.27 -35.13 -20.90
CA PRO P 127 -24.42 -36.18 -19.89
C PRO P 127 -24.36 -35.62 -18.45
N ASP P 128 -23.49 -34.63 -18.20
CA ASP P 128 -23.32 -33.98 -16.88
C ASP P 128 -24.61 -33.23 -16.51
N LEU P 129 -25.20 -32.51 -17.47
CA LEU P 129 -26.49 -31.79 -17.30
C LEU P 129 -27.57 -32.78 -16.88
N ILE P 130 -27.67 -33.91 -17.59
CA ILE P 130 -28.70 -34.97 -17.36
C ILE P 130 -28.51 -35.54 -15.95
N GLN P 131 -27.27 -35.82 -15.55
CA GLN P 131 -26.89 -36.37 -14.22
C GLN P 131 -27.34 -35.40 -13.11
N MET P 132 -27.21 -34.08 -13.34
CA MET P 132 -27.52 -33.02 -12.35
C MET P 132 -29.01 -32.99 -12.01
N VAL P 133 -29.86 -33.53 -12.90
CA VAL P 133 -31.36 -33.49 -12.78
C VAL P 133 -31.86 -34.92 -12.49
N ASN P 134 -31.00 -35.79 -11.93
CA ASN P 134 -31.32 -37.16 -11.48
C ASN P 134 -31.70 -38.05 -12.67
N GLY P 135 -31.22 -37.73 -13.88
CA GLY P 135 -31.31 -38.59 -15.08
C GLY P 135 -32.72 -38.72 -15.62
N ALA P 136 -32.89 -39.59 -16.63
CA ALA P 136 -34.15 -39.88 -17.33
C ALA P 136 -35.09 -40.64 -16.39
N PRO P 137 -36.44 -40.60 -16.60
CA PRO P 137 -37.05 -39.85 -17.69
C PRO P 137 -37.08 -38.33 -17.40
N LEU P 138 -36.82 -37.53 -18.44
CA LEU P 138 -36.73 -36.05 -18.37
C LEU P 138 -37.70 -35.45 -19.39
N VAL P 139 -38.39 -34.37 -18.98
CA VAL P 139 -39.15 -33.48 -19.90
C VAL P 139 -38.21 -32.35 -20.32
N ILE P 140 -38.17 -32.05 -21.62
CA ILE P 140 -37.22 -31.08 -22.24
C ILE P 140 -38.04 -30.04 -23.02
N LYS P 141 -38.09 -28.81 -22.50
CA LYS P 141 -38.81 -27.65 -23.11
C LYS P 141 -37.78 -26.72 -23.74
N VAL P 142 -38.12 -26.13 -24.89
CA VAL P 142 -37.37 -24.99 -25.51
C VAL P 142 -38.10 -23.71 -25.09
N LEU P 143 -37.35 -22.61 -24.96
CA LEU P 143 -37.89 -21.26 -24.59
C LEU P 143 -37.54 -20.26 -25.68
N GLU P 144 -38.55 -19.61 -26.26
CA GLU P 144 -38.40 -18.44 -27.18
C GLU P 144 -38.89 -17.19 -26.45
N GLY P 145 -38.12 -16.73 -25.45
CA GLY P 145 -38.44 -15.58 -24.59
C GLY P 145 -39.41 -15.96 -23.48
N THR P 146 -40.71 -15.88 -23.77
CA THR P 146 -41.85 -16.10 -22.82
C THR P 146 -42.49 -17.47 -23.04
N GLN P 147 -42.66 -17.88 -24.31
CA GLN P 147 -43.38 -19.12 -24.71
C GLN P 147 -42.46 -20.33 -24.50
N GLY P 148 -43.04 -21.44 -23.99
CA GLY P 148 -42.39 -22.77 -23.88
C GLY P 148 -42.69 -23.59 -25.13
N ILE P 149 -42.11 -23.17 -26.28
CA ILE P 149 -42.62 -23.43 -27.66
C ILE P 149 -42.83 -24.93 -27.88
N GLY P 150 -41.85 -25.77 -27.53
CA GLY P 150 -41.88 -27.22 -27.71
C GLY P 150 -41.63 -27.95 -26.40
N VAL P 151 -42.21 -29.15 -26.23
CA VAL P 151 -42.08 -30.01 -25.02
C VAL P 151 -41.95 -31.47 -25.48
N VAL P 152 -40.91 -32.17 -25.01
CA VAL P 152 -40.62 -33.59 -25.38
C VAL P 152 -40.35 -34.38 -24.10
N LEU P 153 -41.05 -35.50 -23.90
CA LEU P 153 -40.71 -36.52 -22.88
C LEU P 153 -39.63 -37.44 -23.46
N CYS P 154 -38.49 -37.54 -22.78
CA CYS P 154 -37.34 -38.41 -23.16
C CYS P 154 -37.19 -39.50 -22.09
N GLU P 155 -37.40 -40.77 -22.49
CA GLU P 155 -37.49 -41.94 -21.58
C GLU P 155 -36.10 -42.36 -21.13
N THR P 156 -35.11 -42.29 -22.03
CA THR P 156 -33.70 -42.71 -21.83
C THR P 156 -32.77 -41.50 -21.94
N ALA P 157 -31.59 -41.56 -21.32
CA ALA P 157 -30.56 -40.50 -21.35
C ALA P 157 -30.02 -40.31 -22.77
N THR P 158 -30.05 -41.36 -23.60
CA THR P 158 -29.65 -41.33 -25.04
C THR P 158 -30.57 -40.35 -25.79
N ALA P 159 -31.89 -40.51 -25.63
CA ALA P 159 -32.93 -39.67 -26.26
C ALA P 159 -32.81 -38.23 -25.74
N ALA P 160 -32.63 -38.06 -24.43
CA ALA P 160 -32.45 -36.75 -23.77
C ALA P 160 -31.27 -36.01 -24.43
N GLU P 161 -30.12 -36.67 -24.52
CA GLU P 161 -28.87 -36.11 -25.10
C GLU P 161 -29.12 -35.73 -26.57
N SER P 162 -29.80 -36.59 -27.32
CA SER P 162 -30.07 -36.44 -28.77
C SER P 162 -30.96 -35.22 -29.02
N VAL P 163 -31.98 -35.01 -28.17
CA VAL P 163 -32.98 -33.91 -28.29
C VAL P 163 -32.33 -32.58 -27.87
N ILE P 164 -31.54 -32.58 -26.78
CA ILE P 164 -30.85 -31.37 -26.27
C ILE P 164 -29.90 -30.86 -27.36
N GLU P 165 -29.15 -31.77 -28.00
CA GLU P 165 -28.18 -31.45 -29.08
C GLU P 165 -28.91 -30.77 -30.24
N ALA P 166 -30.11 -31.24 -30.57
CA ALA P 166 -30.95 -30.70 -31.66
C ALA P 166 -31.34 -29.25 -31.33
N PHE P 167 -31.84 -29.02 -30.12
CA PHE P 167 -32.34 -27.70 -29.65
C PHE P 167 -31.17 -26.71 -29.52
N MET P 168 -29.99 -27.21 -29.12
CA MET P 168 -28.72 -26.43 -29.11
C MET P 168 -28.48 -25.83 -30.49
N GLY P 169 -28.61 -26.65 -31.54
CA GLY P 169 -28.47 -26.24 -32.95
C GLY P 169 -29.31 -25.02 -33.28
N LEU P 170 -30.50 -24.90 -32.66
CA LEU P 170 -31.47 -23.80 -32.93
C LEU P 170 -31.15 -22.57 -32.04
N LYS P 171 -30.05 -22.61 -31.29
CA LYS P 171 -29.53 -21.51 -30.45
C LYS P 171 -30.62 -21.00 -29.50
N GLN P 172 -31.40 -21.92 -28.91
CA GLN P 172 -32.53 -21.61 -27.99
C GLN P 172 -32.14 -21.97 -26.56
N ASP P 173 -32.63 -21.22 -25.58
CA ASP P 173 -32.53 -21.54 -24.13
C ASP P 173 -33.28 -22.85 -23.88
N ILE P 174 -32.65 -23.82 -23.22
CA ILE P 174 -33.19 -25.19 -23.00
C ILE P 174 -33.49 -25.38 -21.51
N MET P 175 -34.66 -25.94 -21.21
CA MET P 175 -35.08 -26.31 -19.83
C MET P 175 -35.23 -27.83 -19.75
N VAL P 176 -34.56 -28.43 -18.75
CA VAL P 176 -34.57 -29.90 -18.48
C VAL P 176 -35.24 -30.10 -17.12
N GLN P 177 -36.30 -30.91 -17.07
CA GLN P 177 -37.18 -31.03 -15.89
C GLN P 177 -37.49 -32.50 -15.58
N GLU P 178 -37.42 -32.87 -14.30
CA GLU P 178 -37.86 -34.16 -13.71
C GLU P 178 -39.29 -34.43 -14.20
N TYR P 179 -39.51 -35.59 -14.84
CA TYR P 179 -40.86 -36.05 -15.28
C TYR P 179 -41.63 -36.63 -14.08
N ILE P 180 -42.81 -36.09 -13.80
CA ILE P 180 -43.69 -36.48 -12.66
C ILE P 180 -44.82 -37.35 -13.22
N LYS P 181 -44.56 -38.66 -13.29
CA LYS P 181 -45.45 -39.69 -13.92
C LYS P 181 -46.73 -39.86 -13.08
N GLU P 182 -46.69 -39.55 -11.78
CA GLU P 182 -47.82 -39.75 -10.83
C GLU P 182 -49.01 -38.87 -11.21
N ALA P 183 -48.75 -37.71 -11.86
CA ALA P 183 -49.74 -36.70 -12.26
C ALA P 183 -50.76 -37.28 -13.26
N GLY P 184 -50.34 -38.24 -14.08
CA GLY P 184 -51.18 -38.93 -15.08
C GLY P 184 -51.57 -38.01 -16.21
N GLY P 185 -50.71 -37.04 -16.54
CA GLY P 185 -50.97 -36.01 -17.56
C GLY P 185 -52.12 -35.09 -17.17
N ALA P 186 -52.15 -34.67 -15.90
CA ALA P 186 -53.21 -33.78 -15.33
C ALA P 186 -52.55 -32.71 -14.47
N ASP P 187 -53.10 -31.49 -14.50
CA ASP P 187 -52.64 -30.35 -13.67
C ASP P 187 -53.87 -29.61 -13.13
N ILE P 188 -53.70 -28.96 -11.98
CA ILE P 188 -54.68 -28.02 -11.36
C ILE P 188 -54.30 -26.62 -11.84
N ARG P 189 -55.22 -25.90 -12.50
CA ARG P 189 -55.08 -24.45 -12.79
C ARG P 189 -55.88 -23.68 -11.74
N CYS P 190 -55.19 -23.03 -10.79
CA CYS P 190 -55.78 -22.15 -9.75
C CYS P 190 -55.75 -20.70 -10.23
N PHE P 191 -56.84 -19.98 -10.02
CA PHE P 191 -57.07 -18.61 -10.53
C PHE P 191 -57.09 -17.64 -9.34
N VAL P 192 -56.04 -16.82 -9.22
CA VAL P 192 -55.82 -15.89 -8.07
C VAL P 192 -56.33 -14.49 -8.45
N VAL P 193 -57.11 -13.87 -7.56
CA VAL P 193 -57.49 -12.43 -7.59
C VAL P 193 -57.39 -11.90 -6.16
N GLY P 194 -56.49 -10.95 -5.90
CA GLY P 194 -56.17 -10.47 -4.55
C GLY P 194 -55.61 -11.60 -3.70
N ASP P 195 -56.15 -11.80 -2.49
CA ASP P 195 -55.64 -12.76 -1.48
C ASP P 195 -56.41 -14.09 -1.56
N LYS P 196 -57.11 -14.36 -2.67
CA LYS P 196 -58.09 -15.47 -2.78
C LYS P 196 -57.90 -16.22 -4.10
N VAL P 197 -57.99 -17.56 -4.04
CA VAL P 197 -58.19 -18.46 -5.21
C VAL P 197 -59.70 -18.50 -5.47
N ILE P 198 -60.17 -17.74 -6.46
CA ILE P 198 -61.62 -17.50 -6.72
C ILE P 198 -62.20 -18.67 -7.54
N ALA P 199 -61.36 -19.40 -8.27
CA ALA P 199 -61.77 -20.50 -9.17
C ALA P 199 -60.59 -21.46 -9.40
N SER P 200 -60.89 -22.74 -9.63
CA SER P 200 -59.91 -23.83 -9.89
C SER P 200 -60.51 -24.81 -10.89
N MET P 201 -59.67 -25.58 -11.59
CA MET P 201 -60.13 -26.66 -12.50
C MET P 201 -58.98 -27.62 -12.80
N LYS P 202 -59.29 -28.91 -12.94
CA LYS P 202 -58.35 -29.96 -13.40
C LYS P 202 -58.37 -29.99 -14.92
N ARG P 203 -57.19 -30.09 -15.55
CA ARG P 203 -57.05 -30.33 -17.01
C ARG P 203 -56.52 -31.75 -17.19
N GLN P 204 -56.94 -32.45 -18.26
CA GLN P 204 -56.58 -33.87 -18.53
C GLN P 204 -56.12 -34.00 -20.00
N ALA P 205 -55.12 -34.84 -20.25
CA ALA P 205 -54.59 -35.17 -21.59
C ALA P 205 -55.51 -36.21 -22.26
N LYS P 206 -55.29 -36.45 -23.56
CA LYS P 206 -56.05 -37.44 -24.39
C LYS P 206 -55.73 -38.85 -23.89
N PRO P 207 -56.47 -39.90 -24.35
CA PRO P 207 -56.23 -41.28 -23.92
C PRO P 207 -54.76 -41.75 -23.86
N GLY P 208 -53.87 -41.18 -24.69
CA GLY P 208 -52.48 -41.63 -24.87
C GLY P 208 -51.43 -40.71 -24.28
N GLU P 209 -51.57 -39.39 -24.48
CA GLU P 209 -50.47 -38.40 -24.30
C GLU P 209 -50.39 -37.92 -22.84
N PHE P 210 -49.44 -37.01 -22.57
CA PHE P 210 -49.12 -36.43 -21.24
C PHE P 210 -49.36 -34.91 -21.26
N GLY P 217 -59.03 -31.86 -27.97
CA GLY P 217 -58.96 -33.13 -27.24
C GLY P 217 -58.16 -33.01 -25.93
N GLY P 218 -58.63 -32.18 -24.99
CA GLY P 218 -58.26 -32.24 -23.56
C GLY P 218 -59.42 -31.79 -22.69
N SER P 219 -59.89 -32.66 -21.78
CA SER P 219 -61.05 -32.41 -20.87
C SER P 219 -60.63 -31.51 -19.71
N ALA P 220 -61.45 -30.53 -19.34
CA ALA P 220 -61.38 -29.75 -18.08
C ALA P 220 -62.60 -30.11 -17.22
N SER P 221 -62.44 -30.10 -15.90
CA SER P 221 -63.51 -30.48 -14.93
C SER P 221 -63.31 -29.73 -13.61
N LEU P 222 -64.37 -29.69 -12.78
CA LEU P 222 -64.36 -29.09 -11.42
C LEU P 222 -63.44 -29.93 -10.52
N ILE P 223 -62.79 -29.32 -9.53
CA ILE P 223 -61.90 -30.02 -8.55
C ILE P 223 -61.89 -29.24 -7.22
N LYS P 224 -62.07 -29.95 -6.10
CA LYS P 224 -61.86 -29.41 -4.74
C LYS P 224 -60.34 -29.44 -4.47
N ILE P 225 -59.73 -28.28 -4.31
CA ILE P 225 -58.26 -28.14 -4.05
C ILE P 225 -58.02 -28.26 -2.55
N THR P 226 -56.87 -28.84 -2.16
CA THR P 226 -56.41 -29.01 -0.76
C THR P 226 -56.06 -27.64 -0.20
N PRO P 227 -56.05 -27.46 1.14
CA PRO P 227 -55.61 -26.20 1.74
C PRO P 227 -54.17 -25.82 1.37
N GLU P 228 -53.28 -26.82 1.16
CA GLU P 228 -51.85 -26.58 0.85
C GLU P 228 -51.71 -26.19 -0.63
N GLU P 229 -52.61 -26.67 -1.50
CA GLU P 229 -52.65 -26.29 -2.94
C GLU P 229 -53.10 -24.84 -3.08
N ARG P 230 -54.13 -24.44 -2.33
CA ARG P 230 -54.61 -23.03 -2.24
C ARG P 230 -53.45 -22.15 -1.77
N MET P 231 -52.81 -22.52 -0.66
CA MET P 231 -51.72 -21.77 0.00
C MET P 231 -50.55 -21.60 -0.97
N THR P 232 -50.22 -22.64 -1.75
CA THR P 232 -49.12 -22.66 -2.75
C THR P 232 -49.42 -21.66 -3.87
N ALA P 233 -50.64 -21.67 -4.40
CA ALA P 233 -51.11 -20.80 -5.50
C ALA P 233 -50.98 -19.33 -5.08
N LEU P 234 -51.48 -18.99 -3.89
CA LEU P 234 -51.46 -17.60 -3.35
C LEU P 234 -50.00 -17.16 -3.13
N ARG P 235 -49.16 -18.02 -2.55
CA ARG P 235 -47.74 -17.74 -2.23
C ARG P 235 -46.95 -17.53 -3.55
N ALA P 236 -47.22 -18.37 -4.56
CA ALA P 236 -46.57 -18.29 -5.89
C ALA P 236 -46.84 -16.92 -6.51
N ALA P 237 -48.10 -16.49 -6.50
CA ALA P 237 -48.56 -15.19 -7.04
C ALA P 237 -47.92 -14.04 -6.26
N LYS P 238 -47.81 -14.17 -4.93
CA LYS P 238 -47.29 -13.10 -4.05
C LYS P 238 -45.79 -12.92 -4.28
N VAL P 239 -45.06 -14.02 -4.49
CA VAL P 239 -43.60 -14.04 -4.78
C VAL P 239 -43.33 -13.29 -6.09
N MET P 240 -44.17 -13.50 -7.12
CA MET P 240 -44.07 -12.79 -8.43
C MET P 240 -44.52 -11.34 -8.25
N GLY P 241 -45.37 -11.07 -7.25
CA GLY P 241 -45.93 -9.74 -6.95
C GLY P 241 -47.12 -9.42 -7.82
N LEU P 242 -47.90 -10.44 -8.19
CA LEU P 242 -49.10 -10.32 -9.06
C LEU P 242 -50.36 -10.28 -8.18
N SER P 243 -51.31 -9.43 -8.53
CA SER P 243 -52.65 -9.35 -7.88
C SER P 243 -53.61 -10.34 -8.56
N VAL P 244 -53.47 -10.50 -9.88
CA VAL P 244 -54.26 -11.48 -10.69
C VAL P 244 -53.28 -12.39 -11.42
N ALA P 245 -53.43 -13.70 -11.27
CA ALA P 245 -52.54 -14.71 -11.88
C ALA P 245 -53.24 -16.06 -12.00
N GLY P 246 -52.88 -16.82 -13.03
CA GLY P 246 -53.14 -18.27 -13.14
C GLY P 246 -51.92 -19.06 -12.72
N VAL P 247 -52.07 -19.95 -11.72
CA VAL P 247 -50.96 -20.80 -11.21
C VAL P 247 -51.27 -22.25 -11.58
N ASP P 248 -50.44 -22.89 -12.40
CA ASP P 248 -50.55 -24.31 -12.79
C ASP P 248 -49.78 -25.15 -11.76
N ILE P 249 -50.41 -26.23 -11.26
CA ILE P 249 -49.89 -27.07 -10.15
C ILE P 249 -49.99 -28.55 -10.57
N LEU P 250 -48.99 -29.35 -10.23
CA LEU P 250 -48.98 -30.83 -10.39
C LEU P 250 -49.15 -31.47 -9.01
N ARG P 251 -50.10 -32.41 -8.88
CA ARG P 251 -50.22 -33.29 -7.69
C ARG P 251 -49.14 -34.37 -7.80
N SER P 252 -48.12 -34.28 -6.94
CA SER P 252 -46.97 -35.23 -6.88
C SER P 252 -47.02 -36.00 -5.56
N ASN P 253 -46.24 -37.09 -5.47
CA ASN P 253 -46.10 -37.93 -4.26
C ASN P 253 -45.62 -37.09 -3.08
N HIS P 254 -44.78 -36.08 -3.33
CA HIS P 254 -44.15 -35.22 -2.28
C HIS P 254 -44.82 -33.83 -2.24
N GLY P 255 -46.07 -33.72 -2.66
CA GLY P 255 -46.91 -32.52 -2.48
C GLY P 255 -47.15 -31.76 -3.79
N PRO P 256 -47.75 -30.55 -3.72
CA PRO P 256 -48.02 -29.75 -4.91
C PRO P 256 -46.76 -29.07 -5.45
N LEU P 257 -46.56 -29.13 -6.77
CA LEU P 257 -45.41 -28.53 -7.51
C LEU P 257 -45.94 -27.53 -8.53
N VAL P 258 -45.44 -26.29 -8.50
CA VAL P 258 -45.84 -25.20 -9.44
C VAL P 258 -45.11 -25.41 -10.78
N MET P 259 -45.87 -25.39 -11.88
CA MET P 259 -45.35 -25.51 -13.26
C MET P 259 -45.10 -24.11 -13.83
N GLU P 260 -46.12 -23.27 -13.80
CA GLU P 260 -46.10 -21.91 -14.40
C GLU P 260 -46.91 -20.95 -13.52
N VAL P 261 -46.54 -19.66 -13.56
CA VAL P 261 -47.35 -18.53 -13.01
C VAL P 261 -47.55 -17.54 -14.16
N ASN P 262 -48.79 -17.39 -14.63
CA ASN P 262 -49.19 -16.60 -15.81
C ASN P 262 -49.81 -15.28 -15.32
N SER P 263 -49.26 -14.15 -15.77
CA SER P 263 -49.62 -12.78 -15.32
C SER P 263 -50.90 -12.30 -16.00
N SER P 264 -51.30 -12.91 -17.12
CA SER P 264 -52.59 -12.64 -17.80
C SER P 264 -53.23 -13.95 -18.25
N PRO P 265 -53.83 -14.72 -17.32
CA PRO P 265 -54.39 -16.03 -17.66
C PRO P 265 -55.66 -15.95 -18.50
N GLY P 266 -55.88 -16.90 -19.40
CA GLY P 266 -57.12 -17.01 -20.21
C GLY P 266 -58.34 -17.18 -19.33
N LEU P 267 -59.51 -16.75 -19.81
CA LEU P 267 -60.78 -16.75 -19.03
C LEU P 267 -61.76 -17.79 -19.58
N GLU P 268 -61.65 -18.19 -20.86
CA GLU P 268 -62.65 -19.09 -21.51
C GLU P 268 -62.70 -20.43 -20.78
N GLY P 269 -61.55 -21.08 -20.61
CA GLY P 269 -61.43 -22.40 -19.93
C GLY P 269 -62.07 -22.37 -18.55
N ILE P 270 -61.64 -21.46 -17.68
CA ILE P 270 -62.04 -21.40 -16.25
C ILE P 270 -63.55 -21.06 -16.14
N GLU P 271 -64.05 -20.15 -16.98
CA GLU P 271 -65.44 -19.64 -16.87
C GLU P 271 -66.44 -20.71 -17.36
N VAL P 272 -66.15 -21.36 -18.49
CA VAL P 272 -67.00 -22.44 -19.09
C VAL P 272 -67.13 -23.58 -18.06
N THR P 273 -66.05 -23.93 -17.37
CA THR P 273 -65.97 -25.08 -16.44
C THR P 273 -66.70 -24.77 -15.12
N THR P 274 -66.50 -23.58 -14.55
CA THR P 274 -66.95 -23.20 -13.18
C THR P 274 -68.28 -22.42 -13.23
N SER P 275 -68.61 -21.79 -14.36
CA SER P 275 -69.80 -20.91 -14.55
C SER P 275 -69.71 -19.70 -13.62
N LYS P 276 -68.49 -19.30 -13.24
CA LYS P 276 -68.24 -18.11 -12.38
C LYS P 276 -67.96 -16.89 -13.27
N ASP P 277 -68.39 -15.70 -12.83
CA ASP P 277 -68.11 -14.40 -13.50
C ASP P 277 -66.71 -13.95 -13.06
N VAL P 278 -65.67 -14.58 -13.62
CA VAL P 278 -64.24 -14.30 -13.29
C VAL P 278 -63.90 -12.89 -13.78
N ALA P 279 -64.26 -12.56 -15.02
CA ALA P 279 -64.14 -11.20 -15.61
C ALA P 279 -64.75 -10.18 -14.63
N GLY P 280 -65.93 -10.47 -14.10
CA GLY P 280 -66.65 -9.62 -13.13
C GLY P 280 -65.83 -9.37 -11.87
N MET P 281 -65.27 -10.43 -11.29
CA MET P 281 -64.51 -10.38 -10.01
C MET P 281 -63.21 -9.58 -10.19
N ILE P 282 -62.62 -9.63 -11.38
CA ILE P 282 -61.41 -8.82 -11.76
C ILE P 282 -61.81 -7.34 -11.72
N ILE P 283 -62.92 -6.99 -12.37
CA ILE P 283 -63.43 -5.58 -12.42
C ILE P 283 -63.78 -5.15 -10.99
N GLU P 284 -64.38 -6.06 -10.21
CA GLU P 284 -64.79 -5.82 -8.80
C GLU P 284 -63.55 -5.55 -7.95
N TYR P 285 -62.42 -6.21 -8.24
CA TYR P 285 -61.13 -6.01 -7.53
C TYR P 285 -60.60 -4.60 -7.83
N LEU P 286 -60.66 -4.17 -9.09
CA LEU P 286 -60.22 -2.81 -9.51
C LEU P 286 -61.05 -1.75 -8.76
N GLU P 287 -62.36 -1.99 -8.61
CA GLU P 287 -63.31 -1.05 -7.95
C GLU P 287 -62.84 -0.77 -6.51
N LYS P 288 -62.33 -1.78 -5.80
CA LYS P 288 -62.00 -1.72 -4.36
C LYS P 288 -60.59 -1.16 -4.15
N ASN P 289 -59.62 -1.58 -4.96
CA ASN P 289 -58.17 -1.31 -4.75
C ASN P 289 -57.69 -0.14 -5.62
N SER P 290 -58.54 0.39 -6.51
CA SER P 290 -58.27 1.61 -7.31
C SER P 290 -58.13 2.82 -6.37
N GLY P 291 -58.93 2.87 -5.29
CA GLY P 291 -58.86 3.90 -4.24
C GLY P 291 -59.44 5.23 -4.72
N PRO P 292 -58.95 6.38 -4.19
CA PRO P 292 -59.43 7.69 -4.63
C PRO P 292 -59.47 7.83 -6.16
#